data_7LAN
#
_entry.id   7LAN
#
_cell.length_a   144.211
_cell.length_b   150.388
_cell.length_c   231.006
_cell.angle_alpha   90.000
_cell.angle_beta   90.000
_cell.angle_gamma   90.000
#
_symmetry.space_group_name_H-M   'C 2 2 21'
#
loop_
_entity.id
_entity.type
_entity.pdbx_description
1 polymer 'Myeloperoxidase light chain'
2 polymer 'Isoform H14 of Myeloperoxidase'
3 branched 2-acetamido-2-deoxy-beta-D-glucopyranose-(1-4)-2-acetamido-2-deoxy-beta-D-glucopyranose
4 branched alpha-D-mannopyranose-(1-3)-[alpha-D-mannopyranose-(1-6)]beta-D-mannopyranose-(1-4)-2-acetamido-2-deoxy-beta-D-glucopyranose-(1-4)-[alpha-L-fucopyranose-(1-6)]2-acetamido-2-deoxy-beta-D-glucopyranose
5 non-polymer 'CHLORIDE ION'
6 non-polymer 'PROTOPORPHYRIN IX CONTAINING FE'
7 non-polymer 2-acetamido-2-deoxy-beta-D-glucopyranose
8 non-polymer 'CALCIUM ION'
9 non-polymer 7-[(3R,4S,6S,10R)-4-benzyl-2-oxa-7,13,14-triazatetracyclo[14.3.1.1~3,6~.1~11,14~]docosa-1(20),11(21),12,16,18-pentaen-10-yl]-3H-[1,2,3]triazolo[4,5-b]pyridin-5-amine
10 water water
#
loop_
_entity_poly.entity_id
_entity_poly.type
_entity_poly.pdbx_seq_one_letter_code
_entity_poly.pdbx_strand_id
1 'polypeptide(L)'
;CPEQDKYRTITGMCNNRRSPTLGASNRAFVRWLPAEYEDGFSLPYGWTPGVKRNGFPVALARAVSNEIVRFPTDQLTPDQ
ERSLMFMQWGQLLDHDLDFTPEPAA
;
A,D,F,H
2 'polypeptide(L)'
;VNCETSCVQQPPCFPLKIPPNDPRIKNQADCIPFFRSCPACPGSNITIRNQINALTSFVDASMVYGSEEPLARNLRNMSN
QLGLLAVNQRFQDNGRALLPFDNLHDDPCLLTNRSARIPCFLAGDTRSSEMPELTSMHTLLLREHNRLATELKSLNPRWD
GERLYQEARKIVGAMVQIITYRDYLPLVLGPTAMRKYLPTYRSYNDSVDPRIANVFTNAFRYGHTLIQPFMFRLDNRYQP
MEPNPRVPLSRVFFASWRVVLEGGIDPILRGLMATPAKLNRQNQIAVDEIRERLFEQVMRIGLDLPALNMQRSRDHGLPG
YNAWRRFCGLPQPETVGQLGTVLRNLKLARKLMEQYGTPNNIDIWMGGVSEPLKRKGRVGPLLACIIGTQFRKLRDGDRF
WWENEGVFSMQQRQALAQISLPRIICDNTGITTVSKNNIFMSNSYPRDFVNCSTLPALNLASWREA
;
B,E,G,I
#
loop_
_chem_comp.id
_chem_comp.type
_chem_comp.name
_chem_comp.formula
BMA D-saccharide, beta linking beta-D-mannopyranose 'C6 H12 O6'
CA non-polymer 'CALCIUM ION' 'Ca 2'
CL non-polymer 'CHLORIDE ION' 'Cl -1'
FUC L-saccharide, alpha linking alpha-L-fucopyranose 'C6 H12 O5'
HEM non-polymer 'PROTOPORPHYRIN IX CONTAINING FE' 'C34 H32 Fe N4 O4'
MAN D-saccharide, alpha linking alpha-D-mannopyranose 'C6 H12 O6'
NAG D-saccharide, beta linking 2-acetamido-2-deoxy-beta-D-glucopyranose 'C8 H15 N O6'
XS1 non-polymer 7-[(3R,4S,6S,10R)-4-benzyl-2-oxa-7,13,14-triazatetracyclo[14.3.1.1~3,6~.1~11,14~]docosa-1(20),11(21),12,16,18-pentaen-10-yl]-3H-[1,2,3]triazolo[4,5-b]pyridin-5-amine 'C30 H32 N8 O'
#
# COMPACT_ATOMS: atom_id res chain seq x y z
N CYS A 1 15.70 -19.80 23.36
CA CYS A 1 14.88 -20.87 23.94
C CYS A 1 15.64 -21.65 25.03
N PRO A 2 15.41 -21.36 26.34
CA PRO A 2 16.17 -22.06 27.40
C PRO A 2 15.92 -23.56 27.53
N GLU A 3 16.99 -24.29 27.87
CA GLU A 3 17.04 -25.75 28.05
C GLU A 3 16.22 -26.25 29.24
N GLN A 4 16.07 -25.41 30.28
CA GLN A 4 15.28 -25.73 31.47
C GLN A 4 14.60 -24.46 31.97
N ASP A 5 13.32 -24.59 32.37
CA ASP A 5 12.48 -23.50 32.87
C ASP A 5 11.46 -24.03 33.87
N LYS A 6 10.87 -23.15 34.69
CA LYS A 6 9.89 -23.57 35.69
C LYS A 6 8.53 -22.97 35.40
N TYR A 7 8.51 -21.80 34.75
CA TYR A 7 7.28 -21.08 34.46
C TYR A 7 7.13 -20.75 32.99
N ARG A 8 5.89 -20.58 32.57
CA ARG A 8 5.54 -20.16 31.22
C ARG A 8 6.02 -18.75 31.00
N THR A 9 6.34 -18.41 29.76
CA THR A 9 6.63 -17.04 29.38
C THR A 9 5.21 -16.42 29.28
N ILE A 10 5.15 -15.09 29.20
CA ILE A 10 3.88 -14.39 29.08
C ILE A 10 3.29 -14.55 27.66
N THR A 11 4.14 -14.50 26.64
CA THR A 11 3.75 -14.58 25.24
C THR A 11 3.40 -16.00 24.79
N GLY A 12 3.78 -17.02 25.55
CA GLY A 12 3.56 -18.41 25.19
C GLY A 12 4.73 -19.00 24.43
N MET A 13 5.68 -18.13 24.01
CA MET A 13 6.91 -18.47 23.31
C MET A 13 7.68 -19.51 24.15
N CYS A 14 8.26 -20.52 23.49
CA CYS A 14 9.08 -21.59 24.09
C CYS A 14 8.31 -22.69 24.75
N ASN A 15 6.96 -22.64 24.73
CA ASN A 15 6.18 -23.75 25.29
C ASN A 15 6.55 -25.00 24.43
N ASN A 16 6.53 -24.87 23.09
CA ASN A 16 6.98 -25.94 22.20
C ASN A 16 8.42 -25.63 21.84
N ARG A 17 9.37 -26.47 22.25
CA ARG A 17 10.79 -26.21 22.01
C ARG A 17 11.26 -26.40 20.56
N ARG A 18 10.60 -27.26 19.75
CA ARG A 18 10.98 -27.45 18.36
C ARG A 18 10.47 -26.34 17.44
N SER A 19 9.27 -25.79 17.73
CA SER A 19 8.68 -24.70 16.95
C SER A 19 8.18 -23.71 18.03
N PRO A 20 9.12 -22.86 18.55
CA PRO A 20 8.79 -22.05 19.75
C PRO A 20 7.74 -20.97 19.62
N THR A 21 7.20 -20.67 18.43
CA THR A 21 6.12 -19.67 18.34
C THR A 21 4.75 -20.36 18.46
N LEU A 22 4.68 -21.70 18.45
CA LEU A 22 3.39 -22.40 18.48
C LEU A 22 2.61 -22.16 19.76
N GLY A 23 1.45 -21.55 19.63
CA GLY A 23 0.62 -21.22 20.79
C GLY A 23 0.95 -19.85 21.36
N ALA A 24 2.03 -19.20 20.85
CA ALA A 24 2.47 -17.87 21.29
C ALA A 24 1.59 -16.81 20.65
N SER A 25 1.50 -15.65 21.30
CA SER A 25 0.64 -14.54 20.90
C SER A 25 1.12 -13.82 19.69
N ASN A 26 0.20 -13.11 19.01
CA ASN A 26 0.49 -12.32 17.83
C ASN A 26 1.06 -13.15 16.67
N ARG A 27 0.47 -14.33 16.44
CA ARG A 27 0.83 -15.20 15.31
C ARG A 27 -0.43 -15.59 14.57
N ALA A 28 -0.28 -15.93 13.28
CA ALA A 28 -1.35 -16.39 12.40
C ALA A 28 -2.02 -17.64 13.00
N PHE A 29 -3.35 -17.76 12.84
CA PHE A 29 -4.09 -18.95 13.28
C PHE A 29 -3.62 -20.12 12.42
N VAL A 30 -3.73 -21.34 12.94
CA VAL A 30 -3.45 -22.49 12.08
C VAL A 30 -4.78 -22.71 11.28
N ARG A 31 -4.71 -23.28 10.10
CA ARG A 31 -5.90 -23.63 9.35
C ARG A 31 -6.05 -25.13 9.28
N TRP A 32 -7.26 -25.64 9.53
CA TRP A 32 -7.55 -27.06 9.43
C TRP A 32 -8.04 -27.40 8.04
N LEU A 33 -8.53 -26.40 7.29
CA LEU A 33 -8.96 -26.55 5.90
C LEU A 33 -8.47 -25.35 5.09
N PRO A 34 -8.16 -25.50 3.78
CA PRO A 34 -7.73 -24.33 2.97
C PRO A 34 -8.83 -23.26 2.93
N ALA A 35 -8.46 -21.98 2.94
CA ALA A 35 -9.43 -20.89 2.93
C ALA A 35 -10.17 -20.81 1.62
N GLU A 36 -11.37 -20.22 1.66
CA GLU A 36 -12.22 -20.06 0.51
C GLU A 36 -12.62 -18.63 0.41
N TYR A 37 -12.00 -17.98 -0.56
CA TYR A 37 -12.21 -16.58 -0.88
C TYR A 37 -12.70 -16.49 -2.31
N GLU A 38 -13.50 -15.44 -2.59
CA GLU A 38 -14.08 -15.10 -3.88
C GLU A 38 -13.03 -15.11 -5.01
N ASP A 39 -11.83 -14.56 -4.75
CA ASP A 39 -10.70 -14.51 -5.71
C ASP A 39 -9.66 -15.62 -5.43
N GLY A 40 -9.99 -16.54 -4.51
CA GLY A 40 -9.11 -17.64 -4.11
C GLY A 40 -8.09 -17.29 -3.04
N PHE A 41 -7.80 -15.98 -2.81
CA PHE A 41 -6.74 -15.69 -1.84
C PHE A 41 -7.01 -14.54 -0.85
N SER A 42 -8.00 -13.66 -1.08
CA SER A 42 -8.21 -12.56 -0.12
C SER A 42 -9.64 -12.00 0.02
N LEU A 43 -10.40 -11.92 -1.07
CA LEU A 43 -11.73 -11.29 -1.04
C LEU A 43 -12.81 -12.20 -0.50
N PRO A 44 -13.59 -11.73 0.48
CA PRO A 44 -14.60 -12.60 1.10
C PRO A 44 -15.79 -12.84 0.22
N TYR A 45 -16.45 -14.01 0.37
CA TYR A 45 -17.67 -14.25 -0.37
C TYR A 45 -18.71 -13.18 0.06
N GLY A 46 -19.38 -12.61 -0.93
CA GLY A 46 -20.33 -11.52 -0.72
C GLY A 46 -19.75 -10.17 -1.04
N TRP A 47 -18.39 -10.08 -1.19
CA TRP A 47 -17.69 -8.83 -1.53
C TRP A 47 -18.18 -8.24 -2.85
N THR A 48 -18.25 -9.08 -3.91
CA THR A 48 -18.63 -8.62 -5.24
C THR A 48 -20.08 -8.98 -5.60
N PRO A 49 -20.90 -7.94 -5.91
CA PRO A 49 -22.29 -8.20 -6.32
C PRO A 49 -22.36 -9.10 -7.53
N GLY A 50 -23.19 -10.13 -7.44
CA GLY A 50 -23.39 -11.08 -8.52
C GLY A 50 -22.49 -12.30 -8.50
N VAL A 51 -21.35 -12.20 -7.80
CA VAL A 51 -20.43 -13.33 -7.73
C VAL A 51 -21.00 -14.43 -6.82
N LYS A 52 -21.35 -15.55 -7.43
CA LYS A 52 -21.90 -16.71 -6.75
C LYS A 52 -20.83 -17.50 -6.03
N ARG A 53 -21.24 -18.27 -5.02
CA ARG A 53 -20.37 -19.16 -4.29
C ARG A 53 -20.87 -20.55 -4.62
N ASN A 54 -20.02 -21.36 -5.30
CA ASN A 54 -20.32 -22.75 -5.65
C ASN A 54 -21.69 -22.88 -6.36
N GLY A 55 -21.98 -21.97 -7.29
CA GLY A 55 -23.21 -21.98 -8.07
C GLY A 55 -24.45 -21.33 -7.46
N PHE A 56 -24.33 -20.76 -6.25
CA PHE A 56 -25.45 -20.12 -5.61
C PHE A 56 -25.18 -18.72 -5.16
N PRO A 57 -26.18 -17.80 -5.21
CA PRO A 57 -25.96 -16.44 -4.71
C PRO A 57 -25.61 -16.45 -3.22
N VAL A 58 -24.82 -15.47 -2.80
CA VAL A 58 -24.44 -15.34 -1.41
C VAL A 58 -25.60 -14.65 -0.65
N ALA A 59 -26.05 -15.28 0.45
CA ALA A 59 -27.10 -14.72 1.29
C ALA A 59 -26.54 -13.60 2.16
N LEU A 60 -27.28 -12.51 2.34
CA LEU A 60 -26.84 -11.42 3.20
C LEU A 60 -26.84 -11.92 4.64
N ALA A 61 -25.78 -11.68 5.42
CA ALA A 61 -25.65 -12.14 6.80
C ALA A 61 -26.86 -11.64 7.66
N ARG A 62 -27.28 -10.40 7.44
CA ARG A 62 -28.44 -9.80 8.11
C ARG A 62 -29.77 -10.53 7.73
N ALA A 63 -29.92 -10.93 6.44
CA ALA A 63 -31.10 -11.68 5.99
C ALA A 63 -31.18 -13.03 6.68
N VAL A 64 -30.04 -13.75 6.82
CA VAL A 64 -29.98 -15.05 7.49
C VAL A 64 -30.39 -14.88 8.94
N SER A 65 -29.84 -13.85 9.60
CA SER A 65 -30.16 -13.54 10.97
C SER A 65 -31.68 -13.27 11.15
N ASN A 66 -32.27 -12.45 10.26
CA ASN A 66 -33.71 -12.08 10.27
C ASN A 66 -34.61 -13.28 10.04
N GLU A 67 -34.24 -14.14 9.09
CA GLU A 67 -35.03 -15.29 8.69
C GLU A 67 -34.86 -16.55 9.53
N ILE A 68 -33.68 -16.78 10.14
CA ILE A 68 -33.42 -18.02 10.87
C ILE A 68 -33.22 -17.81 12.36
N VAL A 69 -32.53 -16.73 12.76
CA VAL A 69 -32.15 -16.51 14.15
C VAL A 69 -33.25 -15.82 14.95
N ARG A 70 -33.85 -14.77 14.38
CA ARG A 70 -34.89 -13.97 15.01
C ARG A 70 -36.02 -14.82 15.59
N PHE A 71 -36.39 -14.55 16.86
CA PHE A 71 -37.49 -15.23 17.55
C PHE A 71 -38.07 -14.31 18.62
N PRO A 72 -39.36 -14.46 19.02
CA PRO A 72 -39.94 -13.56 20.04
C PRO A 72 -39.31 -13.80 21.39
N THR A 73 -38.77 -12.75 22.03
CA THR A 73 -38.10 -12.83 23.35
C THR A 73 -38.97 -13.52 24.42
N ASP A 74 -40.31 -13.28 24.38
CA ASP A 74 -41.28 -13.85 25.32
C ASP A 74 -41.30 -15.38 25.29
N GLN A 75 -40.88 -15.99 24.16
CA GLN A 75 -40.84 -17.43 23.92
C GLN A 75 -39.63 -18.15 24.51
N LEU A 76 -38.59 -17.40 24.93
CA LEU A 76 -37.34 -17.94 25.49
C LEU A 76 -37.54 -19.17 26.41
N THR A 77 -36.75 -20.22 26.18
CA THR A 77 -36.80 -21.43 26.99
C THR A 77 -35.62 -21.46 27.96
N PRO A 78 -35.86 -21.44 29.29
CA PRO A 78 -34.72 -21.52 30.21
C PRO A 78 -34.17 -22.94 30.20
N ASP A 79 -32.86 -23.08 30.35
CA ASP A 79 -32.26 -24.40 30.39
C ASP A 79 -32.35 -24.91 31.82
N GLN A 80 -33.11 -25.99 32.03
CA GLN A 80 -33.29 -26.59 33.36
C GLN A 80 -32.00 -27.15 33.95
N GLU A 81 -31.00 -27.45 33.09
CA GLU A 81 -29.76 -28.07 33.53
C GLU A 81 -28.49 -27.20 33.37
N ARG A 82 -28.62 -25.91 33.03
CA ARG A 82 -27.43 -25.05 32.92
C ARG A 82 -27.65 -23.69 33.56
N SER A 83 -26.63 -23.19 34.30
CA SER A 83 -26.64 -21.86 34.92
C SER A 83 -26.13 -20.84 33.91
N LEU A 84 -26.37 -19.53 34.18
CA LEU A 84 -25.81 -18.47 33.33
C LEU A 84 -24.29 -18.46 33.50
N MET A 85 -23.79 -19.04 34.61
CA MET A 85 -22.36 -19.21 34.88
C MET A 85 -21.73 -20.09 33.77
N PHE A 86 -22.52 -21.03 33.21
CA PHE A 86 -22.08 -21.88 32.09
C PHE A 86 -21.79 -21.02 30.85
N MET A 87 -22.65 -20.02 30.60
CA MET A 87 -22.50 -19.07 29.52
C MET A 87 -21.31 -18.16 29.83
N GLN A 88 -21.24 -17.63 31.08
CA GLN A 88 -20.15 -16.68 31.40
C GLN A 88 -18.75 -17.33 31.37
N TRP A 89 -18.59 -18.57 31.89
CA TRP A 89 -17.28 -19.23 31.85
C TRP A 89 -16.83 -19.41 30.41
N GLY A 90 -17.78 -19.71 29.51
CA GLY A 90 -17.49 -19.87 28.09
C GLY A 90 -16.81 -18.66 27.49
N GLN A 91 -17.40 -17.45 27.66
CA GLN A 91 -16.82 -16.20 27.18
C GLN A 91 -15.49 -15.92 27.88
N LEU A 92 -15.40 -16.20 29.21
CA LEU A 92 -14.16 -15.95 29.96
C LEU A 92 -13.02 -16.81 29.38
N LEU A 93 -13.30 -18.10 29.13
CA LEU A 93 -12.39 -19.11 28.57
C LEU A 93 -11.99 -18.72 27.17
N ASP A 94 -12.97 -18.31 26.33
CA ASP A 94 -12.74 -17.81 24.97
C ASP A 94 -11.68 -16.69 24.99
N HIS A 95 -11.74 -15.83 26.05
CA HIS A 95 -10.87 -14.66 26.20
C HIS A 95 -9.48 -15.04 26.71
N ASP A 96 -9.27 -16.34 27.06
CA ASP A 96 -7.96 -16.88 27.39
C ASP A 96 -7.36 -17.51 26.08
N LEU A 97 -8.22 -17.84 25.08
CA LEU A 97 -7.79 -18.55 23.87
C LEU A 97 -7.53 -17.70 22.64
N ASP A 98 -8.48 -16.83 22.25
CA ASP A 98 -8.33 -16.04 21.04
C ASP A 98 -8.91 -14.65 21.07
N PHE A 99 -8.20 -13.73 20.41
CA PHE A 99 -8.64 -12.36 20.14
C PHE A 99 -8.09 -12.06 18.78
N THR A 100 -8.98 -11.86 17.82
CA THR A 100 -8.62 -11.58 16.44
C THR A 100 -8.60 -10.07 16.24
N PRO A 101 -7.42 -9.43 16.13
CA PRO A 101 -7.42 -7.96 15.97
C PRO A 101 -7.99 -7.45 14.65
N GLU A 102 -8.51 -6.22 14.73
CA GLU A 102 -9.08 -5.45 13.63
C GLU A 102 -8.25 -4.15 13.52
N PRO A 103 -8.30 -3.43 12.38
CA PRO A 103 -7.54 -2.15 12.28
C PRO A 103 -7.93 -1.08 13.31
N ASN B 2 -13.54 5.59 7.62
CA ASN B 2 -14.11 5.24 8.92
C ASN B 2 -15.19 4.15 8.72
N CYS B 3 -14.89 2.86 9.06
CA CYS B 3 -15.85 1.72 8.98
C CYS B 3 -17.03 1.98 9.90
N GLU B 4 -16.77 2.69 11.03
CA GLU B 4 -17.75 3.07 12.05
C GLU B 4 -18.89 3.90 11.49
N THR B 5 -18.62 4.75 10.48
CA THR B 5 -19.64 5.65 9.93
C THR B 5 -19.89 5.55 8.43
N SER B 6 -19.01 4.87 7.68
CA SER B 6 -19.20 4.73 6.22
C SER B 6 -19.93 3.40 5.86
N CYS B 7 -20.61 3.38 4.70
CA CYS B 7 -21.25 2.16 4.18
C CYS B 7 -20.56 1.74 2.89
N VAL B 8 -19.48 2.44 2.53
CA VAL B 8 -18.72 2.17 1.32
C VAL B 8 -17.85 0.93 1.57
N GLN B 9 -17.92 -0.04 0.67
CA GLN B 9 -17.10 -1.24 0.76
C GLN B 9 -15.69 -0.92 0.16
N GLN B 10 -14.83 -0.39 1.02
CA GLN B 10 -13.46 -0.05 0.69
C GLN B 10 -12.60 -0.69 1.78
N PRO B 11 -11.53 -1.43 1.43
CA PRO B 11 -10.69 -2.02 2.48
C PRO B 11 -10.24 -1.01 3.53
N PRO B 12 -10.27 -1.32 4.82
CA PRO B 12 -10.59 -2.61 5.46
C PRO B 12 -12.05 -2.81 5.87
N CYS B 13 -13.00 -2.08 5.24
CA CYS B 13 -14.43 -2.15 5.55
C CYS B 13 -15.13 -3.23 4.76
N PHE B 14 -15.97 -4.03 5.43
CA PHE B 14 -16.80 -5.03 4.75
C PHE B 14 -18.21 -4.93 5.37
N PRO B 15 -18.88 -3.75 5.23
CA PRO B 15 -20.17 -3.54 5.90
C PRO B 15 -21.24 -4.53 5.49
N LEU B 16 -22.10 -4.89 6.46
CA LEU B 16 -23.20 -5.82 6.22
C LEU B 16 -24.32 -5.01 5.57
N LYS B 17 -24.76 -5.43 4.41
CA LYS B 17 -25.84 -4.78 3.67
C LYS B 17 -27.18 -5.07 4.34
N ILE B 18 -28.17 -4.19 4.10
CA ILE B 18 -29.51 -4.30 4.68
C ILE B 18 -30.50 -4.90 3.69
N PRO B 19 -31.16 -6.02 4.03
CA PRO B 19 -32.13 -6.60 3.10
C PRO B 19 -33.44 -5.81 3.05
N PRO B 20 -34.27 -6.01 2.00
CA PRO B 20 -35.57 -5.33 1.98
C PRO B 20 -36.45 -5.92 3.08
N ASN B 21 -37.37 -5.11 3.64
CA ASN B 21 -38.30 -5.51 4.71
C ASN B 21 -37.57 -5.97 5.99
N ASP B 22 -36.48 -5.28 6.37
CA ASP B 22 -35.75 -5.55 7.59
C ASP B 22 -36.65 -5.14 8.77
N PRO B 23 -36.76 -5.94 9.84
CA PRO B 23 -37.63 -5.56 10.96
C PRO B 23 -37.18 -4.33 11.76
N ARG B 24 -35.92 -3.89 11.60
CA ARG B 24 -35.41 -2.75 12.36
C ARG B 24 -34.81 -1.63 11.51
N ILE B 25 -33.96 -1.96 10.53
CA ILE B 25 -33.31 -0.96 9.67
C ILE B 25 -34.09 -0.75 8.38
N LYS B 26 -34.89 0.35 8.34
CA LYS B 26 -35.75 0.69 7.21
C LYS B 26 -34.97 1.36 6.09
N ASN B 27 -33.87 2.06 6.42
CA ASN B 27 -33.03 2.71 5.42
C ASN B 27 -32.08 1.69 4.74
N GLN B 28 -32.41 1.27 3.51
CA GLN B 28 -31.58 0.30 2.78
C GLN B 28 -30.22 0.86 2.31
N ALA B 29 -30.01 2.19 2.46
CA ALA B 29 -28.73 2.80 2.14
C ALA B 29 -27.81 2.78 3.36
N ASP B 30 -28.30 2.29 4.51
CA ASP B 30 -27.53 2.17 5.75
C ASP B 30 -26.87 0.79 5.74
N CYS B 31 -26.12 0.43 6.81
CA CYS B 31 -25.42 -0.83 6.92
C CYS B 31 -25.08 -1.11 8.38
N ILE B 32 -24.67 -2.34 8.66
CA ILE B 32 -24.15 -2.70 9.98
C ILE B 32 -22.62 -2.63 9.79
N PRO B 33 -21.94 -1.73 10.56
CA PRO B 33 -20.48 -1.57 10.36
C PRO B 33 -19.69 -2.85 10.64
N PHE B 34 -18.58 -3.03 9.90
CA PHE B 34 -17.74 -4.21 10.00
C PHE B 34 -16.35 -3.91 9.46
N PHE B 35 -15.32 -4.18 10.29
CA PHE B 35 -13.91 -4.03 9.93
C PHE B 35 -13.41 -5.45 9.68
N ARG B 36 -12.72 -5.68 8.57
CA ARG B 36 -12.11 -6.97 8.27
C ARG B 36 -11.03 -7.23 9.31
N SER B 37 -10.84 -8.46 9.72
CA SER B 37 -9.78 -8.77 10.67
C SER B 37 -8.41 -8.49 9.99
N CYS B 38 -7.43 -8.05 10.80
CA CYS B 38 -6.08 -7.76 10.34
C CYS B 38 -5.47 -8.94 9.58
N PRO B 39 -4.93 -8.74 8.36
CA PRO B 39 -4.31 -9.87 7.65
C PRO B 39 -2.96 -10.22 8.25
N ALA B 40 -2.59 -11.52 8.29
CA ALA B 40 -1.28 -11.91 8.83
C ALA B 40 -0.14 -11.40 7.93
N CYS B 41 -0.40 -11.28 6.62
CA CYS B 41 0.55 -10.76 5.64
C CYS B 41 -0.10 -9.61 4.84
N PRO B 42 -0.03 -8.36 5.35
CA PRO B 42 -0.68 -7.23 4.65
C PRO B 42 -0.24 -6.96 3.21
N GLY B 43 -1.23 -6.81 2.33
CA GLY B 43 -1.09 -6.48 0.91
C GLY B 43 -0.69 -7.59 -0.06
N SER B 44 -0.35 -8.79 0.45
CA SER B 44 0.14 -9.91 -0.36
C SER B 44 -0.83 -10.43 -1.38
N ASN B 45 -0.31 -10.66 -2.60
CA ASN B 45 -1.02 -11.26 -3.70
C ASN B 45 -0.55 -12.70 -3.87
N ILE B 46 0.37 -13.15 -3.00
CA ILE B 46 0.96 -14.49 -3.01
C ILE B 46 0.28 -15.39 -1.97
N THR B 47 0.27 -14.95 -0.73
CA THR B 47 -0.25 -15.76 0.37
C THR B 47 -1.78 -15.82 0.37
N ILE B 48 -2.33 -16.90 0.91
CA ILE B 48 -3.79 -16.98 1.06
C ILE B 48 -4.07 -16.24 2.37
N ARG B 49 -4.88 -15.16 2.31
CA ARG B 49 -5.17 -14.33 3.48
C ARG B 49 -5.50 -15.17 4.72
N ASN B 50 -4.88 -14.82 5.82
CA ASN B 50 -5.13 -15.46 7.10
C ASN B 50 -5.17 -14.37 8.19
N GLN B 51 -5.67 -14.71 9.38
CA GLN B 51 -5.88 -13.77 10.46
C GLN B 51 -4.93 -14.05 11.62
N ILE B 52 -4.94 -13.16 12.63
CA ILE B 52 -4.00 -13.23 13.73
C ILE B 52 -4.68 -13.49 15.05
N ASN B 53 -4.01 -14.28 15.91
CA ASN B 53 -4.42 -14.51 17.27
C ASN B 53 -3.49 -13.64 18.12
N ALA B 54 -4.04 -12.59 18.78
CA ALA B 54 -3.28 -11.70 19.66
C ALA B 54 -2.98 -12.34 21.01
N LEU B 55 -3.56 -13.50 21.31
CA LEU B 55 -3.40 -14.13 22.61
C LEU B 55 -2.62 -15.41 22.57
N THR B 56 -2.19 -15.91 23.76
CA THR B 56 -1.55 -17.23 23.87
C THR B 56 -2.70 -18.23 23.76
N SER B 57 -2.53 -19.27 22.95
CA SER B 57 -3.60 -20.25 22.74
C SER B 57 -3.82 -21.08 24.01
N PHE B 58 -2.79 -21.25 24.82
CA PHE B 58 -2.82 -22.08 26.02
C PHE B 58 -3.86 -21.64 27.03
N VAL B 59 -4.40 -22.62 27.75
CA VAL B 59 -5.34 -22.38 28.83
C VAL B 59 -4.39 -22.05 30.01
N ASP B 60 -3.91 -20.80 30.02
CA ASP B 60 -2.88 -20.31 30.96
C ASP B 60 -3.27 -19.05 31.73
N ALA B 61 -4.57 -18.70 31.73
CA ALA B 61 -5.11 -17.52 32.39
C ALA B 61 -4.48 -16.23 31.86
N SER B 62 -4.23 -16.19 30.54
CA SER B 62 -3.67 -14.99 29.89
C SER B 62 -4.68 -13.84 29.91
N MET B 63 -5.96 -14.14 30.16
CA MET B 63 -6.99 -13.10 30.26
C MET B 63 -6.82 -12.35 31.61
N VAL B 64 -6.06 -12.96 32.53
CA VAL B 64 -5.73 -12.36 33.83
C VAL B 64 -4.37 -11.65 33.72
N TYR B 65 -3.33 -12.35 33.22
CA TYR B 65 -1.96 -11.85 33.20
C TYR B 65 -1.51 -11.09 31.98
N GLY B 66 -2.21 -11.26 30.86
CA GLY B 66 -1.81 -10.63 29.61
C GLY B 66 -1.00 -11.61 28.77
N SER B 67 -0.91 -11.36 27.47
CA SER B 67 -0.22 -12.17 26.46
C SER B 67 0.98 -11.43 25.88
N GLU B 68 1.22 -10.18 26.36
CA GLU B 68 2.32 -9.32 25.95
C GLU B 68 3.04 -8.80 27.19
N GLU B 69 4.40 -8.79 27.17
CA GLU B 69 5.25 -8.43 28.31
C GLU B 69 5.02 -6.99 28.85
N PRO B 70 4.95 -5.89 28.04
CA PRO B 70 4.70 -4.57 28.66
C PRO B 70 3.40 -4.54 29.47
N LEU B 71 2.28 -5.09 28.90
CA LEU B 71 0.99 -5.18 29.58
C LEU B 71 1.09 -6.02 30.85
N ALA B 72 1.77 -7.18 30.78
CA ALA B 72 1.91 -8.07 31.95
C ALA B 72 2.61 -7.38 33.12
N ARG B 73 3.63 -6.55 32.81
CA ARG B 73 4.40 -5.76 33.79
C ARG B 73 3.45 -4.75 34.45
N ASN B 74 2.75 -3.94 33.62
CA ASN B 74 1.77 -2.93 34.02
C ASN B 74 0.62 -3.44 34.89
N LEU B 75 0.21 -4.72 34.73
CA LEU B 75 -0.87 -5.30 35.52
C LEU B 75 -0.38 -5.74 36.90
N ARG B 76 0.95 -5.76 37.11
CA ARG B 76 1.54 -6.16 38.39
C ARG B 76 1.68 -4.99 39.37
N ASN B 77 1.61 -5.30 40.70
CA ASN B 77 1.83 -4.29 41.74
C ASN B 77 3.32 -4.31 42.03
N MET B 78 4.06 -3.38 41.36
CA MET B 78 5.52 -3.25 41.42
C MET B 78 6.00 -2.36 42.59
N SER B 79 5.08 -1.95 43.49
CA SER B 79 5.36 -1.10 44.65
C SER B 79 5.93 -1.86 45.85
N ASN B 80 6.01 -3.20 45.76
CA ASN B 80 6.56 -4.04 46.82
C ASN B 80 7.03 -5.40 46.27
N GLN B 81 7.40 -6.33 47.16
CA GLN B 81 7.85 -7.67 46.81
C GLN B 81 6.86 -8.74 47.28
N LEU B 82 5.55 -8.46 47.16
CA LEU B 82 4.50 -9.41 47.57
C LEU B 82 3.95 -10.25 46.39
N GLY B 83 4.42 -9.95 45.16
CA GLY B 83 4.04 -10.64 43.93
C GLY B 83 2.56 -10.56 43.62
N LEU B 84 1.96 -9.38 43.85
CA LEU B 84 0.53 -9.15 43.65
C LEU B 84 0.25 -8.46 42.33
N LEU B 85 -1.00 -8.56 41.88
CA LEU B 85 -1.47 -7.86 40.70
C LEU B 85 -2.03 -6.53 41.19
N ALA B 86 -1.93 -5.49 40.37
CA ALA B 86 -2.43 -4.17 40.67
C ALA B 86 -3.94 -4.19 40.92
N VAL B 87 -4.41 -3.38 41.87
CA VAL B 87 -5.83 -3.26 42.20
C VAL B 87 -6.27 -1.82 42.04
N ASN B 88 -7.60 -1.57 41.92
CA ASN B 88 -8.12 -0.21 41.78
C ASN B 88 -7.74 0.62 43.01
N GLN B 89 -7.22 1.83 42.79
CA GLN B 89 -6.78 2.72 43.86
C GLN B 89 -7.89 3.68 44.32
N ARG B 90 -8.82 4.05 43.42
CA ARG B 90 -9.96 4.91 43.72
C ARG B 90 -11.13 4.15 44.41
N PHE B 91 -11.50 2.95 43.94
CA PHE B 91 -12.66 2.23 44.49
C PHE B 91 -12.38 0.83 45.01
N GLN B 92 -13.28 0.36 45.87
CA GLN B 92 -13.29 -0.96 46.48
C GLN B 92 -14.71 -1.51 46.46
N ASP B 93 -14.86 -2.83 46.66
CA ASP B 93 -16.15 -3.50 46.66
C ASP B 93 -16.32 -4.15 48.02
N ASN B 94 -16.97 -3.42 48.97
CA ASN B 94 -17.13 -3.84 50.37
C ASN B 94 -15.77 -4.21 50.96
N GLY B 95 -14.78 -3.34 50.71
CA GLY B 95 -13.41 -3.51 51.15
C GLY B 95 -12.59 -4.51 50.37
N ARG B 96 -13.12 -5.01 49.23
CA ARG B 96 -12.44 -5.98 48.36
C ARG B 96 -11.98 -5.34 47.07
N ALA B 97 -10.88 -5.87 46.52
CA ALA B 97 -10.27 -5.37 45.30
C ALA B 97 -11.17 -5.33 44.06
N LEU B 98 -11.00 -4.30 43.26
CA LEU B 98 -11.62 -4.13 41.97
C LEU B 98 -10.45 -4.03 41.00
N LEU B 99 -10.69 -4.32 39.71
CA LEU B 99 -9.66 -4.24 38.69
C LEU B 99 -9.20 -2.77 38.58
N PRO B 100 -7.93 -2.47 38.22
CA PRO B 100 -7.57 -1.07 38.01
C PRO B 100 -8.32 -0.57 36.78
N PHE B 101 -8.35 0.75 36.58
CA PHE B 101 -8.99 1.31 35.41
C PHE B 101 -7.95 1.40 34.30
N ASP B 102 -8.40 1.44 33.05
CA ASP B 102 -7.50 1.56 31.91
C ASP B 102 -7.38 3.05 31.68
N ASN B 103 -6.31 3.48 31.04
CA ASN B 103 -6.14 4.89 30.74
C ASN B 103 -6.44 5.10 29.26
N LEU B 104 -7.63 4.68 28.81
CA LEU B 104 -8.03 4.81 27.40
C LEU B 104 -8.36 6.24 27.02
N HIS B 105 -7.95 6.63 25.79
CA HIS B 105 -8.24 7.94 25.21
C HIS B 105 -9.69 7.93 24.78
N ASP B 106 -10.11 6.88 24.01
CA ASP B 106 -11.51 6.70 23.58
C ASP B 106 -12.10 5.55 24.42
N ASP B 107 -12.68 5.89 25.56
CA ASP B 107 -13.26 4.94 26.51
C ASP B 107 -14.76 4.74 26.23
N PRO B 108 -15.16 3.51 25.78
CA PRO B 108 -16.60 3.27 25.50
C PRO B 108 -17.47 3.25 26.74
N CYS B 109 -16.90 2.82 27.88
CA CYS B 109 -17.57 2.73 29.18
C CYS B 109 -18.09 4.04 29.72
N LEU B 110 -17.43 5.15 29.36
CA LEU B 110 -17.83 6.49 29.77
C LEU B 110 -19.14 6.92 29.11
N LEU B 111 -19.47 6.36 27.93
CA LEU B 111 -20.70 6.66 27.20
C LEU B 111 -21.92 5.86 27.73
N THR B 112 -21.71 4.84 28.56
CA THR B 112 -22.83 4.02 29.08
C THR B 112 -23.64 4.76 30.18
N ASN B 113 -22.98 5.69 30.89
CA ASN B 113 -23.59 6.57 31.88
C ASN B 113 -22.75 7.83 31.90
N ARG B 114 -23.23 8.87 31.23
CA ARG B 114 -22.56 10.16 31.07
C ARG B 114 -22.17 10.83 32.40
N SER B 115 -23.01 10.71 33.46
CA SER B 115 -22.75 11.34 34.76
C SER B 115 -21.82 10.55 35.65
N ALA B 116 -21.95 9.19 35.68
CA ALA B 116 -21.15 8.28 36.50
C ALA B 116 -19.66 8.45 36.30
N ARG B 117 -19.23 8.72 35.04
CA ARG B 117 -17.83 8.92 34.66
C ARG B 117 -16.91 7.75 35.13
N ILE B 118 -17.38 6.50 34.97
CA ILE B 118 -16.58 5.33 35.35
C ILE B 118 -15.98 4.74 34.06
N PRO B 119 -14.63 4.78 33.92
CA PRO B 119 -14.02 4.26 32.68
C PRO B 119 -13.88 2.73 32.70
N CYS B 120 -13.40 2.15 31.59
CA CYS B 120 -13.16 0.71 31.42
C CYS B 120 -12.15 0.18 32.42
N PHE B 121 -12.26 -1.10 32.75
CA PHE B 121 -11.29 -1.74 33.62
C PHE B 121 -10.05 -2.16 32.80
N LEU B 122 -8.98 -2.60 33.50
CA LEU B 122 -7.76 -3.07 32.87
C LEU B 122 -7.50 -4.48 33.36
N ALA B 123 -7.48 -5.43 32.41
CA ALA B 123 -7.22 -6.83 32.71
C ALA B 123 -6.26 -7.42 31.66
N GLY B 124 -5.95 -8.71 31.77
CA GLY B 124 -5.06 -9.42 30.85
C GLY B 124 -5.55 -9.41 29.42
N ASP B 125 -6.89 -9.47 29.22
CA ASP B 125 -7.53 -9.39 27.92
C ASP B 125 -8.24 -8.03 27.84
N THR B 126 -8.21 -7.38 26.67
CA THR B 126 -8.78 -6.07 26.42
C THR B 126 -10.31 -5.97 26.50
N ARG B 127 -11.03 -7.09 26.38
CA ARG B 127 -12.50 -7.09 26.35
C ARG B 127 -13.17 -7.16 27.73
N SER B 128 -12.38 -7.04 28.83
CA SER B 128 -12.83 -7.22 30.21
C SER B 128 -14.07 -6.43 30.63
N SER B 129 -14.41 -5.33 29.92
CA SER B 129 -15.57 -4.48 30.23
C SER B 129 -16.78 -4.63 29.29
N GLU B 130 -16.77 -5.56 28.31
CA GLU B 130 -17.85 -5.77 27.35
C GLU B 130 -19.19 -6.09 28.05
N MET B 131 -19.17 -6.82 29.17
CA MET B 131 -20.38 -7.04 29.96
C MET B 131 -19.98 -7.19 31.46
N PRO B 132 -20.76 -6.65 32.43
CA PRO B 132 -20.34 -6.69 33.85
C PRO B 132 -20.14 -8.08 34.43
N GLU B 133 -20.81 -9.08 33.86
CA GLU B 133 -20.70 -10.47 34.26
C GLU B 133 -19.31 -10.97 33.91
N LEU B 134 -18.76 -10.51 32.77
CA LEU B 134 -17.40 -10.87 32.35
C LEU B 134 -16.40 -10.14 33.28
N THR B 135 -16.64 -8.83 33.51
CA THR B 135 -15.83 -8.03 34.45
C THR B 135 -15.74 -8.71 35.82
N SER B 136 -16.87 -9.25 36.34
CA SER B 136 -16.95 -9.91 37.64
C SER B 136 -16.07 -11.13 37.72
N MET B 137 -16.01 -11.91 36.63
CA MET B 137 -15.18 -13.12 36.56
C MET B 137 -13.70 -12.74 36.55
N HIS B 138 -13.36 -11.67 35.83
CA HIS B 138 -11.98 -11.13 35.78
C HIS B 138 -11.55 -10.65 37.17
N THR B 139 -12.45 -9.93 37.89
CA THR B 139 -12.23 -9.40 39.25
C THR B 139 -12.02 -10.57 40.21
N LEU B 140 -12.91 -11.58 40.13
CA LEU B 140 -12.80 -12.77 40.97
C LEU B 140 -11.37 -13.40 40.87
N LEU B 141 -10.86 -13.56 39.64
CA LEU B 141 -9.56 -14.17 39.39
C LEU B 141 -8.39 -13.29 39.84
N LEU B 142 -8.53 -11.96 39.71
CA LEU B 142 -7.56 -10.98 40.18
C LEU B 142 -7.39 -11.17 41.70
N ARG B 143 -8.53 -11.27 42.43
CA ARG B 143 -8.55 -11.47 43.87
C ARG B 143 -7.94 -12.80 44.25
N GLU B 144 -8.22 -13.85 43.45
CA GLU B 144 -7.68 -15.19 43.72
C GLU B 144 -6.14 -15.21 43.60
N HIS B 145 -5.57 -14.45 42.64
CA HIS B 145 -4.11 -14.40 42.52
C HIS B 145 -3.51 -13.77 43.80
N ASN B 146 -4.00 -12.58 44.19
CA ASN B 146 -3.55 -11.87 45.38
C ASN B 146 -3.73 -12.68 46.66
N ARG B 147 -4.85 -13.40 46.79
CA ARG B 147 -5.12 -14.26 47.93
C ARG B 147 -4.07 -15.38 47.99
N LEU B 148 -3.71 -15.95 46.81
CA LEU B 148 -2.70 -17.02 46.72
C LEU B 148 -1.30 -16.49 47.03
N ALA B 149 -0.96 -15.30 46.48
CA ALA B 149 0.32 -14.61 46.66
C ALA B 149 0.57 -14.19 48.14
N THR B 150 -0.51 -13.98 48.90
CA THR B 150 -0.48 -13.61 50.31
C THR B 150 -0.26 -14.90 51.13
N GLU B 151 -1.03 -15.96 50.83
CA GLU B 151 -0.99 -17.26 51.48
C GLU B 151 0.36 -17.99 51.28
N LEU B 152 1.08 -17.69 50.16
CA LEU B 152 2.40 -18.25 49.84
C LEU B 152 3.51 -17.46 50.55
N LYS B 153 3.33 -16.13 50.75
CA LYS B 153 4.30 -15.27 51.46
C LYS B 153 4.42 -15.72 52.92
N SER B 154 3.28 -16.05 53.57
CA SER B 154 3.28 -16.53 54.97
C SER B 154 3.90 -17.94 55.08
N LEU B 155 3.78 -18.77 54.03
CA LEU B 155 4.37 -20.12 54.02
C LEU B 155 5.87 -20.04 53.73
N ASN B 156 6.26 -19.15 52.80
CA ASN B 156 7.65 -18.99 52.38
C ASN B 156 8.06 -17.52 52.43
N PRO B 157 8.48 -17.01 53.62
CA PRO B 157 8.88 -15.59 53.71
C PRO B 157 10.13 -15.25 52.92
N ARG B 158 10.97 -16.27 52.61
CA ARG B 158 12.21 -16.11 51.84
C ARG B 158 11.98 -15.78 50.36
N TRP B 159 10.82 -16.17 49.79
CA TRP B 159 10.45 -15.94 48.38
C TRP B 159 10.24 -14.44 48.11
N ASP B 160 10.84 -13.94 47.03
CA ASP B 160 10.72 -12.54 46.64
C ASP B 160 9.42 -12.33 45.86
N GLY B 161 9.24 -11.14 45.29
CA GLY B 161 8.07 -10.77 44.50
C GLY B 161 7.86 -11.72 43.34
N GLU B 162 8.84 -11.75 42.40
CA GLU B 162 8.87 -12.57 41.18
C GLU B 162 8.44 -14.01 41.42
N ARG B 163 9.03 -14.67 42.43
CA ARG B 163 8.69 -16.06 42.80
C ARG B 163 7.23 -16.18 43.28
N LEU B 164 6.77 -15.20 44.07
CA LEU B 164 5.39 -15.20 44.57
C LEU B 164 4.39 -15.01 43.43
N TYR B 165 4.65 -14.06 42.52
CA TYR B 165 3.82 -13.79 41.35
C TYR B 165 3.73 -15.03 40.46
N GLN B 166 4.89 -15.62 40.08
CA GLN B 166 4.96 -16.79 39.22
C GLN B 166 4.30 -18.03 39.79
N GLU B 167 4.48 -18.28 41.10
CA GLU B 167 3.88 -19.45 41.75
C GLU B 167 2.37 -19.34 41.87
N ALA B 168 1.86 -18.11 42.09
CA ALA B 168 0.42 -17.84 42.19
C ALA B 168 -0.20 -17.90 40.76
N ARG B 169 0.52 -17.35 39.77
CA ARG B 169 0.14 -17.37 38.35
C ARG B 169 -0.04 -18.83 37.88
N LYS B 170 0.92 -19.70 38.25
CA LYS B 170 0.95 -21.12 37.95
C LYS B 170 -0.27 -21.83 38.54
N ILE B 171 -0.68 -21.46 39.77
CA ILE B 171 -1.85 -22.07 40.41
C ILE B 171 -3.14 -21.63 39.72
N VAL B 172 -3.26 -20.32 39.42
CA VAL B 172 -4.43 -19.74 38.76
C VAL B 172 -4.65 -20.40 37.38
N GLY B 173 -3.54 -20.52 36.63
CA GLY B 173 -3.49 -21.17 35.32
C GLY B 173 -4.06 -22.58 35.40
N ALA B 174 -3.61 -23.36 36.42
CA ALA B 174 -4.03 -24.74 36.70
C ALA B 174 -5.53 -24.83 37.10
N MET B 175 -6.03 -23.82 37.85
CA MET B 175 -7.43 -23.78 38.28
C MET B 175 -8.34 -23.60 37.05
N VAL B 176 -7.94 -22.70 36.12
CA VAL B 176 -8.66 -22.47 34.86
C VAL B 176 -8.73 -23.79 34.04
N GLN B 177 -7.61 -24.55 34.00
CA GLN B 177 -7.54 -25.83 33.30
C GLN B 177 -8.46 -26.86 33.92
N ILE B 178 -8.40 -27.00 35.28
CA ILE B 178 -9.23 -27.95 36.01
C ILE B 178 -10.72 -27.65 35.81
N ILE B 179 -11.13 -26.40 36.06
CA ILE B 179 -12.54 -26.02 35.89
C ILE B 179 -13.01 -26.27 34.44
N THR B 180 -12.18 -25.88 33.44
CA THR B 180 -12.50 -26.04 32.02
C THR B 180 -12.70 -27.50 31.60
N TYR B 181 -11.74 -28.36 31.91
CA TYR B 181 -11.74 -29.75 31.46
C TYR B 181 -12.52 -30.71 32.36
N ARG B 182 -12.54 -30.47 33.68
CA ARG B 182 -13.29 -31.34 34.59
C ARG B 182 -14.79 -30.96 34.61
N ASP B 183 -15.13 -29.65 34.63
CA ASP B 183 -16.51 -29.23 34.81
C ASP B 183 -17.20 -28.65 33.59
N TYR B 184 -16.51 -27.79 32.83
CA TYR B 184 -17.11 -27.09 31.71
C TYR B 184 -17.30 -27.95 30.44
N LEU B 185 -16.21 -28.42 29.85
CA LEU B 185 -16.22 -29.18 28.58
C LEU B 185 -17.13 -30.43 28.60
N PRO B 186 -17.19 -31.28 29.68
CA PRO B 186 -18.14 -32.40 29.64
C PRO B 186 -19.58 -31.94 29.43
N LEU B 187 -19.91 -30.72 29.91
CA LEU B 187 -21.27 -30.19 29.81
C LEU B 187 -21.51 -29.49 28.48
N VAL B 188 -20.43 -29.13 27.76
CA VAL B 188 -20.57 -28.55 26.41
C VAL B 188 -20.74 -29.71 25.43
N LEU B 189 -19.83 -30.70 25.52
CA LEU B 189 -19.73 -31.81 24.56
C LEU B 189 -20.70 -32.95 24.76
N GLY B 190 -20.99 -33.27 26.02
CA GLY B 190 -21.78 -34.44 26.37
C GLY B 190 -20.80 -35.59 26.59
N PRO B 191 -21.22 -36.70 27.24
CA PRO B 191 -20.24 -37.77 27.55
C PRO B 191 -19.67 -38.52 26.34
N THR B 192 -20.44 -38.75 25.27
CA THR B 192 -19.87 -39.51 24.15
C THR B 192 -18.77 -38.70 23.40
N ALA B 193 -19.01 -37.41 23.12
CA ALA B 193 -18.02 -36.54 22.47
C ALA B 193 -16.83 -36.32 23.38
N MET B 194 -17.06 -36.30 24.72
CA MET B 194 -15.99 -36.11 25.70
C MET B 194 -15.00 -37.27 25.65
N ARG B 195 -15.49 -38.52 25.55
CA ARG B 195 -14.66 -39.72 25.46
C ARG B 195 -13.97 -39.78 24.10
N LYS B 196 -14.69 -39.37 23.04
CA LYS B 196 -14.15 -39.42 21.69
C LYS B 196 -13.01 -38.40 21.48
N TYR B 197 -13.23 -37.13 21.82
CA TYR B 197 -12.21 -36.09 21.59
C TYR B 197 -11.30 -35.81 22.74
N LEU B 198 -11.68 -36.16 23.98
CA LEU B 198 -10.80 -35.89 25.12
C LEU B 198 -10.59 -37.15 25.94
N PRO B 199 -9.93 -38.20 25.38
CA PRO B 199 -9.70 -39.42 26.17
C PRO B 199 -8.73 -39.12 27.30
N THR B 200 -8.66 -40.00 28.33
CA THR B 200 -7.81 -39.84 29.51
C THR B 200 -6.44 -39.30 29.13
N TYR B 201 -5.99 -38.23 29.83
CA TYR B 201 -4.69 -37.62 29.60
C TYR B 201 -3.57 -38.63 29.86
N ARG B 202 -2.54 -38.64 29.01
CA ARG B 202 -1.39 -39.54 29.18
C ARG B 202 -0.19 -38.71 29.61
N SER B 203 0.32 -37.86 28.71
CA SER B 203 1.45 -36.97 28.98
C SER B 203 1.61 -35.97 27.85
N TYR B 204 2.50 -35.01 28.05
CA TYR B 204 2.79 -34.02 27.03
C TYR B 204 3.32 -34.73 25.77
N ASN B 205 2.96 -34.20 24.62
CA ASN B 205 3.43 -34.67 23.33
C ASN B 205 3.80 -33.40 22.55
N ASP B 206 5.11 -33.22 22.29
CA ASP B 206 5.65 -32.03 21.60
C ASP B 206 5.34 -31.98 20.08
N SER B 207 4.66 -32.99 19.55
CA SER B 207 4.28 -33.03 18.13
C SER B 207 2.81 -32.63 17.92
N VAL B 208 2.13 -32.24 19.01
CA VAL B 208 0.73 -31.82 18.95
C VAL B 208 0.72 -30.31 18.79
N ASP B 209 0.24 -29.83 17.64
CA ASP B 209 0.22 -28.39 17.37
C ASP B 209 -0.82 -27.70 18.32
N PRO B 210 -0.38 -26.81 19.23
CA PRO B 210 -1.34 -26.21 20.17
C PRO B 210 -2.00 -24.92 19.68
N ARG B 211 -1.81 -24.54 18.42
CA ARG B 211 -2.41 -23.29 17.94
C ARG B 211 -3.93 -23.33 17.85
N ILE B 212 -4.56 -22.15 17.94
CA ILE B 212 -6.00 -22.04 17.75
C ILE B 212 -6.21 -22.12 16.25
N ALA B 213 -7.16 -22.97 15.82
CA ALA B 213 -7.52 -23.05 14.41
C ALA B 213 -8.46 -21.89 14.12
N ASN B 214 -8.33 -21.29 12.95
CA ASN B 214 -9.16 -20.19 12.51
C ASN B 214 -10.65 -20.53 12.69
N VAL B 215 -11.09 -21.75 12.27
CA VAL B 215 -12.50 -22.16 12.42
C VAL B 215 -13.01 -22.09 13.90
N PHE B 216 -12.14 -22.44 14.89
CA PHE B 216 -12.51 -22.41 16.30
C PHE B 216 -13.01 -21.01 16.75
N THR B 217 -12.41 -19.92 16.21
CA THR B 217 -12.78 -18.56 16.56
C THR B 217 -14.24 -18.27 16.22
N ASN B 218 -14.79 -18.99 15.23
CA ASN B 218 -16.18 -18.82 14.83
C ASN B 218 -17.06 -19.93 15.47
N ALA B 219 -16.56 -21.18 15.50
CA ALA B 219 -17.30 -22.31 16.08
C ALA B 219 -17.56 -22.14 17.59
N PHE B 220 -16.58 -21.56 18.34
CA PHE B 220 -16.75 -21.38 19.80
C PHE B 220 -17.76 -20.29 20.14
N ARG B 221 -18.23 -19.55 19.12
CA ARG B 221 -19.28 -18.54 19.26
C ARG B 221 -20.66 -19.21 19.43
N TYR B 222 -20.69 -20.56 19.57
CA TYR B 222 -21.94 -21.30 19.86
C TYR B 222 -22.56 -20.69 21.18
N GLY B 223 -21.70 -20.14 22.05
CA GLY B 223 -22.07 -19.55 23.32
C GLY B 223 -23.08 -18.42 23.19
N HIS B 224 -23.14 -17.78 21.99
CA HIS B 224 -24.10 -16.71 21.73
C HIS B 224 -25.56 -17.21 21.88
N THR B 225 -25.79 -18.55 21.70
CA THR B 225 -27.11 -19.17 21.85
C THR B 225 -27.52 -19.36 23.33
N LEU B 226 -26.58 -19.18 24.26
CA LEU B 226 -26.79 -19.35 25.69
C LEU B 226 -27.17 -18.05 26.39
N ILE B 227 -26.94 -16.92 25.71
CA ILE B 227 -27.11 -15.59 26.26
C ILE B 227 -28.56 -15.22 26.59
N GLN B 228 -28.80 -14.80 27.84
CA GLN B 228 -30.11 -14.30 28.31
C GLN B 228 -30.26 -12.81 27.95
N PRO B 229 -31.50 -12.32 27.70
CA PRO B 229 -31.66 -10.90 27.35
C PRO B 229 -31.49 -9.92 28.52
N PHE B 230 -31.16 -10.41 29.72
CA PHE B 230 -30.94 -9.53 30.87
C PHE B 230 -29.72 -9.93 31.68
N MET B 231 -29.24 -8.99 32.52
CA MET B 231 -28.24 -9.23 33.54
C MET B 231 -29.09 -9.27 34.82
N PHE B 232 -28.99 -10.38 35.54
CA PHE B 232 -29.75 -10.66 36.74
C PHE B 232 -28.91 -10.39 37.98
N ARG B 233 -29.43 -9.55 38.89
CA ARG B 233 -28.72 -9.26 40.14
C ARG B 233 -29.54 -9.68 41.34
N LEU B 234 -28.91 -10.39 42.26
CA LEU B 234 -29.58 -10.90 43.46
C LEU B 234 -28.84 -10.51 44.75
N ASP B 235 -29.62 -10.23 45.83
CA ASP B 235 -29.08 -9.85 47.15
C ASP B 235 -28.55 -11.09 47.91
N ASN B 236 -28.02 -10.91 49.14
CA ASN B 236 -27.50 -11.99 50.00
C ASN B 236 -28.49 -13.14 50.29
N ARG B 237 -29.79 -12.90 50.05
CA ARG B 237 -30.84 -13.91 50.27
C ARG B 237 -31.27 -14.54 48.92
N TYR B 238 -30.53 -14.20 47.84
CA TYR B 238 -30.73 -14.66 46.46
C TYR B 238 -32.08 -14.27 45.90
N GLN B 239 -32.54 -13.08 46.29
CA GLN B 239 -33.82 -12.53 45.88
C GLN B 239 -33.55 -11.38 44.92
N PRO B 240 -34.48 -11.06 43.98
CA PRO B 240 -34.24 -9.94 43.05
C PRO B 240 -33.77 -8.67 43.77
N MET B 241 -32.61 -8.15 43.36
CA MET B 241 -32.07 -6.95 43.97
C MET B 241 -32.71 -5.71 43.38
N GLU B 242 -33.73 -5.18 44.07
CA GLU B 242 -34.46 -3.98 43.65
C GLU B 242 -33.66 -2.74 44.04
N PRO B 243 -33.61 -1.68 43.20
CA PRO B 243 -34.26 -1.55 41.89
C PRO B 243 -33.43 -2.18 40.76
N ASN B 244 -34.09 -2.43 39.62
CA ASN B 244 -33.50 -3.01 38.40
C ASN B 244 -32.78 -4.37 38.64
N PRO B 245 -33.50 -5.43 39.08
CA PRO B 245 -32.82 -6.73 39.24
C PRO B 245 -32.57 -7.44 37.88
N ARG B 246 -33.27 -7.02 36.80
CA ARG B 246 -33.21 -7.57 35.44
C ARG B 246 -32.91 -6.43 34.46
N VAL B 247 -31.64 -6.09 34.27
CA VAL B 247 -31.32 -5.01 33.35
C VAL B 247 -31.12 -5.56 31.92
N PRO B 248 -31.82 -5.00 30.90
CA PRO B 248 -31.63 -5.50 29.53
C PRO B 248 -30.16 -5.42 29.12
N LEU B 249 -29.68 -6.43 28.38
CA LEU B 249 -28.29 -6.54 27.95
C LEU B 249 -27.78 -5.31 27.20
N SER B 250 -28.63 -4.69 26.38
CA SER B 250 -28.30 -3.47 25.62
C SER B 250 -28.07 -2.26 26.53
N ARG B 251 -28.21 -2.45 27.85
CA ARG B 251 -27.96 -1.40 28.85
C ARG B 251 -26.81 -1.76 29.78
N VAL B 252 -26.19 -2.98 29.60
CA VAL B 252 -25.04 -3.43 30.40
C VAL B 252 -23.68 -3.44 29.62
N PHE B 253 -23.72 -3.44 28.27
CA PHE B 253 -22.49 -3.50 27.46
C PHE B 253 -21.57 -2.33 27.78
N PHE B 254 -20.36 -2.60 28.28
CA PHE B 254 -19.36 -1.59 28.67
C PHE B 254 -19.81 -0.76 29.85
N ALA B 255 -20.77 -1.23 30.64
CA ALA B 255 -21.24 -0.48 31.80
C ALA B 255 -20.46 -0.87 33.03
N SER B 256 -19.17 -0.45 33.06
CA SER B 256 -18.25 -0.67 34.19
C SER B 256 -18.80 0.05 35.44
N TRP B 257 -19.52 1.20 35.25
CA TRP B 257 -20.18 1.96 36.32
C TRP B 257 -21.07 1.10 37.18
N ARG B 258 -21.80 0.14 36.56
CA ARG B 258 -22.72 -0.77 37.25
C ARG B 258 -21.96 -1.63 38.26
N VAL B 259 -20.66 -1.90 38.03
CA VAL B 259 -19.87 -2.67 39.00
C VAL B 259 -19.40 -1.77 40.20
N VAL B 260 -19.06 -0.52 39.91
CA VAL B 260 -18.57 0.43 40.91
C VAL B 260 -19.70 1.02 41.81
N LEU B 261 -20.79 1.50 41.17
CA LEU B 261 -21.91 2.18 41.82
C LEU B 261 -23.17 1.35 42.07
N GLU B 262 -23.31 0.13 41.49
CA GLU B 262 -24.55 -0.62 41.68
C GLU B 262 -24.37 -1.94 42.40
N GLY B 263 -23.46 -1.96 43.38
CA GLY B 263 -23.31 -3.13 44.26
C GLY B 263 -22.11 -4.04 44.19
N GLY B 264 -21.15 -3.74 43.33
CA GLY B 264 -19.99 -4.62 43.21
C GLY B 264 -20.29 -5.88 42.41
N ILE B 265 -19.47 -6.93 42.60
CA ILE B 265 -19.56 -8.16 41.82
C ILE B 265 -20.44 -9.25 42.46
N ASP B 266 -20.61 -9.25 43.81
CA ASP B 266 -21.42 -10.27 44.53
C ASP B 266 -22.87 -10.40 43.98
N PRO B 267 -23.64 -9.31 43.71
CA PRO B 267 -24.99 -9.49 43.13
C PRO B 267 -24.96 -10.10 41.73
N ILE B 268 -23.89 -9.79 40.96
CA ILE B 268 -23.68 -10.30 39.58
C ILE B 268 -23.37 -11.79 39.61
N LEU B 269 -22.41 -12.21 40.45
CA LEU B 269 -22.05 -13.63 40.58
C LEU B 269 -23.23 -14.49 41.03
N ARG B 270 -24.08 -13.95 41.93
CA ARG B 270 -25.29 -14.60 42.48
C ARG B 270 -26.29 -14.80 41.38
N GLY B 271 -26.45 -13.80 40.55
CA GLY B 271 -27.34 -13.87 39.39
C GLY B 271 -26.83 -14.90 38.40
N LEU B 272 -25.49 -15.03 38.24
CA LEU B 272 -24.94 -16.04 37.30
C LEU B 272 -25.21 -17.45 37.81
N MET B 273 -25.04 -17.67 39.12
CA MET B 273 -25.22 -18.98 39.73
C MET B 273 -26.67 -19.43 39.83
N ALA B 274 -27.59 -18.51 40.13
CA ALA B 274 -29.00 -18.85 40.41
C ALA B 274 -29.99 -18.59 39.28
N THR B 275 -29.51 -18.20 38.10
CA THR B 275 -30.39 -17.99 36.96
C THR B 275 -30.03 -19.03 35.91
N PRO B 276 -31.02 -19.66 35.23
CA PRO B 276 -30.68 -20.62 34.18
C PRO B 276 -30.16 -19.91 32.93
N ALA B 277 -29.30 -20.62 32.17
CA ALA B 277 -28.84 -20.11 30.87
C ALA B 277 -30.00 -20.21 29.89
N LYS B 278 -29.96 -19.48 28.77
CA LYS B 278 -30.96 -19.65 27.72
C LYS B 278 -30.60 -21.00 27.04
N LEU B 279 -31.61 -21.77 26.66
CA LEU B 279 -31.37 -23.03 25.96
C LEU B 279 -31.40 -22.77 24.46
N ASN B 280 -30.44 -23.35 23.73
CA ASN B 280 -30.44 -23.24 22.26
C ASN B 280 -31.52 -24.21 21.74
N ARG B 281 -32.47 -23.69 20.98
CA ARG B 281 -33.56 -24.46 20.36
C ARG B 281 -33.57 -24.06 18.91
N GLN B 282 -33.95 -24.97 18.02
CA GLN B 282 -33.85 -24.76 16.58
C GLN B 282 -34.70 -23.62 16.06
N ASN B 283 -35.70 -23.17 16.83
CA ASN B 283 -36.54 -22.03 16.44
C ASN B 283 -36.38 -20.87 17.44
N GLN B 284 -35.39 -20.99 18.35
CA GLN B 284 -35.04 -19.98 19.37
C GLN B 284 -33.49 -19.93 19.50
N ILE B 285 -32.82 -19.53 18.43
CA ILE B 285 -31.36 -19.58 18.36
C ILE B 285 -30.68 -18.48 19.19
N ALA B 286 -30.99 -17.19 18.96
CA ALA B 286 -30.34 -16.09 19.71
C ALA B 286 -31.27 -14.91 19.90
N VAL B 287 -31.19 -14.24 21.07
CA VAL B 287 -32.09 -13.15 21.48
C VAL B 287 -31.82 -11.80 20.78
N ASP B 288 -32.87 -10.98 20.67
CA ASP B 288 -32.80 -9.67 20.04
C ASP B 288 -31.91 -8.66 20.80
N GLU B 289 -31.59 -8.88 22.09
CA GLU B 289 -30.69 -7.97 22.79
C GLU B 289 -29.31 -7.97 22.13
N ILE B 290 -28.89 -9.14 21.55
CA ILE B 290 -27.60 -9.26 20.82
C ILE B 290 -27.81 -9.21 19.30
N ARG B 291 -29.00 -9.62 18.82
CA ARG B 291 -29.33 -9.68 17.41
C ARG B 291 -29.81 -8.35 16.83
N GLU B 292 -30.28 -7.44 17.70
CA GLU B 292 -30.81 -6.14 17.29
C GLU B 292 -30.17 -4.96 18.02
N ARG B 293 -29.77 -5.18 19.27
CA ARG B 293 -29.34 -4.09 20.12
C ARG B 293 -27.91 -4.21 20.66
N LEU B 294 -27.04 -4.96 19.94
CA LEU B 294 -25.67 -5.13 20.40
C LEU B 294 -24.94 -3.79 20.41
N PHE B 295 -24.47 -3.40 21.61
CA PHE B 295 -23.70 -2.18 21.88
C PHE B 295 -24.42 -0.88 21.45
N GLU B 296 -25.78 -0.87 21.41
CA GLU B 296 -26.54 0.28 20.91
C GLU B 296 -26.30 1.61 21.67
N GLN B 297 -25.94 1.60 22.97
CA GLN B 297 -25.75 2.90 23.61
C GLN B 297 -24.34 3.50 23.40
N VAL B 298 -23.38 2.73 22.83
CA VAL B 298 -22.04 3.28 22.54
C VAL B 298 -21.81 3.56 21.04
N MET B 299 -22.75 3.19 20.14
CA MET B 299 -22.58 3.29 18.69
C MET B 299 -23.73 3.98 17.98
N ARG B 300 -23.51 4.30 16.68
CA ARG B 300 -24.49 4.96 15.82
C ARG B 300 -25.68 4.05 15.47
N ILE B 301 -25.51 2.73 15.63
CA ILE B 301 -26.54 1.74 15.31
C ILE B 301 -26.31 0.47 16.14
N GLY B 302 -27.40 -0.18 16.54
CA GLY B 302 -27.32 -1.45 17.23
C GLY B 302 -26.81 -2.52 16.25
N LEU B 303 -25.91 -3.37 16.70
CA LEU B 303 -25.38 -4.39 15.80
C LEU B 303 -26.15 -5.68 15.96
N ASP B 304 -25.83 -6.67 15.11
CA ASP B 304 -26.44 -8.00 15.08
C ASP B 304 -25.31 -9.01 15.22
N LEU B 305 -25.09 -9.51 16.44
CA LEU B 305 -24.02 -10.47 16.74
C LEU B 305 -24.10 -11.73 15.83
N PRO B 306 -25.25 -12.43 15.67
CA PRO B 306 -25.28 -13.59 14.76
C PRO B 306 -24.83 -13.25 13.33
N ALA B 307 -25.30 -12.13 12.80
CA ALA B 307 -24.97 -11.65 11.45
C ALA B 307 -23.48 -11.33 11.38
N LEU B 308 -22.92 -10.70 12.46
CA LEU B 308 -21.50 -10.40 12.54
C LEU B 308 -20.68 -11.70 12.47
N ASN B 309 -21.12 -12.77 13.16
CA ASN B 309 -20.47 -14.08 13.16
C ASN B 309 -20.34 -14.62 11.74
N MET B 310 -21.42 -14.51 10.96
CA MET B 310 -21.50 -15.01 9.59
C MET B 310 -20.62 -14.20 8.64
N GLN B 311 -20.64 -12.87 8.79
CA GLN B 311 -19.82 -11.98 7.98
C GLN B 311 -18.32 -12.22 8.33
N ARG B 312 -18.04 -12.51 9.61
CA ARG B 312 -16.68 -12.79 10.11
C ARG B 312 -16.13 -14.10 9.51
N SER B 313 -16.99 -15.14 9.42
CA SER B 313 -16.55 -16.42 8.85
C SER B 313 -16.21 -16.25 7.36
N ARG B 314 -16.88 -15.30 6.67
CA ARG B 314 -16.64 -14.99 5.26
C ARG B 314 -15.36 -14.17 5.14
N ASP B 315 -15.18 -13.19 6.03
CA ASP B 315 -13.99 -12.35 6.16
C ASP B 315 -12.75 -13.28 6.31
N HIS B 316 -12.87 -14.32 7.16
CA HIS B 316 -11.84 -15.30 7.47
C HIS B 316 -11.71 -16.39 6.41
N GLY B 317 -12.52 -16.31 5.35
CA GLY B 317 -12.49 -17.30 4.27
C GLY B 317 -12.76 -18.72 4.72
N LEU B 318 -13.61 -18.89 5.73
CA LEU B 318 -13.87 -20.25 6.22
C LEU B 318 -14.71 -21.04 5.23
N PRO B 319 -14.36 -22.32 4.97
CA PRO B 319 -15.23 -23.16 4.14
C PRO B 319 -16.62 -23.32 4.78
N GLY B 320 -17.60 -23.73 3.97
CA GLY B 320 -18.97 -23.89 4.42
C GLY B 320 -19.20 -25.14 5.24
N TYR B 321 -20.44 -25.28 5.72
CA TYR B 321 -20.94 -26.37 6.54
C TYR B 321 -20.50 -27.78 6.09
N ASN B 322 -20.76 -28.19 4.81
CA ASN B 322 -20.42 -29.54 4.31
C ASN B 322 -18.94 -29.84 4.38
N ALA B 323 -18.11 -28.88 3.97
CA ALA B 323 -16.63 -29.08 4.05
C ALA B 323 -16.22 -29.40 5.51
N TRP B 324 -16.81 -28.69 6.49
CA TRP B 324 -16.52 -28.96 7.91
C TRP B 324 -17.09 -30.32 8.39
N ARG B 325 -18.33 -30.68 7.94
CA ARG B 325 -18.93 -32.00 8.24
C ARG B 325 -17.97 -33.10 7.68
N ARG B 326 -17.45 -32.91 6.47
CA ARG B 326 -16.48 -33.84 5.86
C ARG B 326 -15.16 -33.86 6.64
N PHE B 327 -14.65 -32.69 7.06
CA PHE B 327 -13.43 -32.65 7.89
C PHE B 327 -13.60 -33.52 9.14
N CYS B 328 -14.79 -33.45 9.76
CA CYS B 328 -15.11 -34.18 10.98
C CYS B 328 -15.44 -35.68 10.78
N GLY B 329 -15.64 -36.10 9.52
CA GLY B 329 -15.99 -37.48 9.23
C GLY B 329 -17.46 -37.72 9.43
N LEU B 330 -18.25 -36.69 9.14
CA LEU B 330 -19.68 -36.66 9.30
C LEU B 330 -20.35 -36.56 7.94
N PRO B 331 -21.54 -37.17 7.75
CA PRO B 331 -22.22 -37.11 6.43
C PRO B 331 -22.48 -35.69 5.96
N GLN B 332 -22.43 -35.46 4.63
CA GLN B 332 -22.61 -34.13 4.04
C GLN B 332 -23.91 -34.02 3.29
N PRO B 333 -24.95 -33.40 3.90
CA PRO B 333 -26.24 -33.30 3.22
C PRO B 333 -26.15 -32.42 1.98
N GLU B 334 -26.67 -32.91 0.85
CA GLU B 334 -26.57 -32.19 -0.41
C GLU B 334 -27.82 -31.42 -0.74
N THR B 335 -28.93 -31.72 -0.05
CA THR B 335 -30.22 -31.08 -0.35
C THR B 335 -31.09 -30.80 0.89
N VAL B 336 -32.28 -30.18 0.69
CA VAL B 336 -33.23 -29.87 1.76
C VAL B 336 -33.72 -31.13 2.47
N GLY B 337 -33.89 -32.24 1.74
CA GLY B 337 -34.35 -33.49 2.32
C GLY B 337 -33.28 -34.13 3.16
N GLN B 338 -32.05 -34.07 2.68
CA GLN B 338 -30.87 -34.60 3.35
C GLN B 338 -30.52 -33.82 4.62
N LEU B 339 -30.61 -32.51 4.54
CA LEU B 339 -30.31 -31.59 5.65
C LEU B 339 -31.39 -31.82 6.75
N GLY B 340 -32.64 -32.03 6.31
CA GLY B 340 -33.79 -32.30 7.18
C GLY B 340 -33.51 -33.46 8.09
N THR B 341 -32.92 -34.52 7.54
CA THR B 341 -32.53 -35.70 8.30
C THR B 341 -31.45 -35.36 9.34
N VAL B 342 -30.35 -34.69 8.90
CA VAL B 342 -29.19 -34.33 9.75
C VAL B 342 -29.66 -33.47 10.92
N LEU B 343 -30.48 -32.48 10.64
CA LEU B 343 -31.02 -31.55 11.62
C LEU B 343 -32.19 -32.11 12.39
N ARG B 344 -32.76 -33.28 11.94
CA ARG B 344 -33.97 -33.88 12.51
C ARG B 344 -35.00 -32.75 12.58
N ASN B 345 -35.05 -31.89 11.51
CA ASN B 345 -35.91 -30.72 11.53
C ASN B 345 -36.03 -30.17 10.14
N LEU B 346 -37.12 -30.54 9.45
CA LEU B 346 -37.40 -30.16 8.06
C LEU B 346 -37.69 -28.67 7.91
N LYS B 347 -38.45 -28.07 8.85
CA LYS B 347 -38.74 -26.64 8.77
C LYS B 347 -37.42 -25.85 8.74
N LEU B 348 -36.49 -26.14 9.68
CA LEU B 348 -35.17 -25.50 9.73
C LEU B 348 -34.35 -25.72 8.44
N ALA B 349 -34.31 -26.96 7.90
CA ALA B 349 -33.61 -27.25 6.65
C ALA B 349 -34.13 -26.39 5.50
N ARG B 350 -35.47 -26.29 5.38
CA ARG B 350 -36.17 -25.48 4.37
C ARG B 350 -35.74 -24.03 4.47
N LYS B 351 -35.65 -23.51 5.70
CA LYS B 351 -35.28 -22.11 5.93
C LYS B 351 -33.81 -21.89 5.52
N LEU B 352 -32.94 -22.84 5.89
CA LEU B 352 -31.50 -22.79 5.57
C LEU B 352 -31.26 -22.81 4.05
N MET B 353 -31.87 -23.77 3.36
CA MET B 353 -31.84 -23.95 1.91
C MET B 353 -32.37 -22.76 1.14
N GLU B 354 -33.44 -22.14 1.62
CA GLU B 354 -34.01 -20.94 0.99
C GLU B 354 -32.94 -19.83 0.99
N GLN B 355 -32.22 -19.69 2.13
CA GLN B 355 -31.19 -18.65 2.26
C GLN B 355 -29.93 -18.98 1.47
N TYR B 356 -29.41 -20.20 1.60
CA TYR B 356 -28.11 -20.62 1.07
C TYR B 356 -28.06 -21.36 -0.27
N GLY B 357 -29.15 -22.05 -0.64
CA GLY B 357 -29.23 -22.79 -1.91
C GLY B 357 -28.62 -24.17 -1.83
N THR B 358 -27.53 -24.33 -1.05
CA THR B 358 -26.85 -25.62 -0.89
C THR B 358 -26.29 -25.72 0.54
N PRO B 359 -26.29 -26.90 1.20
CA PRO B 359 -25.62 -26.99 2.52
C PRO B 359 -24.10 -26.77 2.45
N ASN B 360 -23.55 -26.68 1.21
CA ASN B 360 -22.12 -26.41 0.99
C ASN B 360 -21.78 -24.98 1.40
N ASN B 361 -22.77 -24.07 1.30
CA ASN B 361 -22.61 -22.65 1.56
C ASN B 361 -23.08 -22.18 2.92
N ILE B 362 -23.73 -23.04 3.73
CA ILE B 362 -24.19 -22.61 5.05
C ILE B 362 -22.95 -22.22 5.87
N ASP B 363 -22.95 -21.00 6.40
CA ASP B 363 -21.86 -20.46 7.23
C ASP B 363 -21.69 -21.36 8.44
N ILE B 364 -20.43 -21.65 8.80
CA ILE B 364 -20.08 -22.56 9.89
C ILE B 364 -20.85 -22.29 11.22
N TRP B 365 -20.97 -21.03 11.69
CA TRP B 365 -21.70 -20.77 12.94
C TRP B 365 -23.16 -21.14 12.80
N MET B 366 -23.83 -20.70 11.71
CA MET B 366 -25.23 -20.95 11.39
C MET B 366 -25.56 -22.42 11.33
N GLY B 367 -24.76 -23.20 10.59
CA GLY B 367 -24.95 -24.64 10.49
C GLY B 367 -24.67 -25.35 11.79
N GLY B 368 -23.61 -24.94 12.47
CA GLY B 368 -23.19 -25.50 13.74
C GLY B 368 -24.25 -25.40 14.84
N VAL B 369 -24.85 -24.22 15.02
CA VAL B 369 -25.86 -23.94 16.07
C VAL B 369 -27.25 -24.49 15.71
N SER B 370 -27.49 -24.75 14.40
CA SER B 370 -28.72 -25.35 13.84
C SER B 370 -28.81 -26.86 14.22
N GLU B 371 -27.70 -27.53 14.43
CA GLU B 371 -27.71 -28.98 14.68
C GLU B 371 -28.36 -29.37 16.01
N PRO B 372 -29.10 -30.52 16.04
CA PRO B 372 -29.70 -30.95 17.32
C PRO B 372 -28.61 -31.23 18.33
N LEU B 373 -28.85 -30.94 19.60
CA LEU B 373 -27.83 -31.06 20.64
C LEU B 373 -27.54 -32.47 21.01
N LYS B 374 -26.26 -32.77 21.29
CA LYS B 374 -25.87 -34.11 21.71
C LYS B 374 -26.39 -34.31 23.14
N ARG B 375 -26.71 -35.58 23.48
CA ARG B 375 -27.24 -35.97 24.78
C ARG B 375 -26.31 -35.47 25.88
N LYS B 376 -26.87 -34.66 26.80
CA LYS B 376 -26.18 -34.06 27.95
C LYS B 376 -25.09 -33.06 27.51
N GLY B 377 -25.20 -32.58 26.27
CA GLY B 377 -24.28 -31.60 25.69
C GLY B 377 -25.08 -30.41 25.21
N ARG B 378 -24.39 -29.33 24.80
CA ARG B 378 -25.09 -28.13 24.36
C ARG B 378 -24.65 -27.70 22.92
N VAL B 379 -24.08 -28.67 22.19
CA VAL B 379 -23.66 -28.53 20.79
C VAL B 379 -24.00 -29.82 20.06
N GLY B 380 -24.16 -29.70 18.75
CA GLY B 380 -24.39 -30.86 17.88
C GLY B 380 -23.10 -31.55 17.49
N PRO B 381 -23.16 -32.59 16.64
CA PRO B 381 -21.91 -33.33 16.28
C PRO B 381 -20.79 -32.50 15.64
N LEU B 382 -21.13 -31.56 14.74
CA LEU B 382 -20.15 -30.73 14.06
C LEU B 382 -19.33 -29.85 15.03
N LEU B 383 -20.03 -29.08 15.90
CA LEU B 383 -19.38 -28.23 16.88
C LEU B 383 -18.65 -29.04 17.94
N ALA B 384 -19.19 -30.19 18.35
CA ALA B 384 -18.53 -31.08 19.32
C ALA B 384 -17.17 -31.52 18.76
N CYS B 385 -17.12 -31.82 17.44
CA CYS B 385 -15.87 -32.19 16.79
C CYS B 385 -14.87 -31.05 16.76
N ILE B 386 -15.27 -29.86 16.27
CA ILE B 386 -14.38 -28.71 16.19
C ILE B 386 -13.87 -28.31 17.57
N ILE B 387 -14.79 -28.16 18.54
CA ILE B 387 -14.44 -27.76 19.91
C ILE B 387 -13.61 -28.82 20.61
N GLY B 388 -14.04 -30.08 20.57
CA GLY B 388 -13.30 -31.19 21.17
C GLY B 388 -11.90 -31.35 20.62
N THR B 389 -11.75 -31.27 19.27
CA THR B 389 -10.42 -31.38 18.62
C THR B 389 -9.50 -30.23 19.09
N GLN B 390 -10.03 -29.00 19.18
CA GLN B 390 -9.24 -27.86 19.62
C GLN B 390 -8.72 -28.05 21.05
N PHE B 391 -9.62 -28.41 22.00
CA PHE B 391 -9.24 -28.56 23.40
C PHE B 391 -8.33 -29.73 23.63
N ARG B 392 -8.40 -30.80 22.81
CA ARG B 392 -7.41 -31.87 22.96
C ARG B 392 -6.02 -31.32 22.59
N LYS B 393 -5.94 -30.51 21.54
CA LYS B 393 -4.66 -29.95 21.12
C LYS B 393 -4.07 -29.00 22.18
N LEU B 394 -4.92 -28.16 22.80
CA LEU B 394 -4.51 -27.22 23.88
C LEU B 394 -4.03 -27.96 25.13
N ARG B 395 -4.51 -29.19 25.34
CA ARG B 395 -4.14 -30.02 26.47
C ARG B 395 -2.91 -30.89 26.18
N ASP B 396 -2.95 -31.71 25.12
CA ASP B 396 -1.82 -32.57 24.77
C ASP B 396 -0.63 -31.79 24.24
N GLY B 397 -0.88 -30.58 23.70
CA GLY B 397 0.18 -29.75 23.15
C GLY B 397 0.78 -28.71 24.09
N ASP B 398 0.35 -28.68 25.35
CA ASP B 398 0.82 -27.72 26.37
C ASP B 398 1.84 -28.36 27.29
N ARG B 399 3.09 -27.90 27.23
CA ARG B 399 4.18 -28.42 28.07
C ARG B 399 3.94 -28.15 29.57
N PHE B 400 3.22 -27.06 29.86
CA PHE B 400 2.89 -26.63 31.21
C PHE B 400 1.50 -27.04 31.64
N TRP B 401 0.92 -28.09 31.00
CA TRP B 401 -0.38 -28.64 31.40
C TRP B 401 -0.20 -29.11 32.86
N TRP B 402 -1.20 -28.83 33.73
CA TRP B 402 -1.11 -29.08 35.17
C TRP B 402 -0.75 -30.54 35.55
N GLU B 403 -1.20 -31.54 34.75
CA GLU B 403 -0.90 -32.95 35.01
C GLU B 403 0.42 -33.43 34.40
N ASN B 404 1.09 -32.59 33.60
CA ASN B 404 2.33 -33.02 32.96
C ASN B 404 3.46 -33.16 33.99
N GLU B 405 4.23 -34.28 33.91
CA GLU B 405 5.37 -34.57 34.80
C GLU B 405 6.33 -33.39 34.85
N GLY B 406 6.65 -32.96 36.08
CA GLY B 406 7.58 -31.86 36.33
C GLY B 406 6.97 -30.49 36.50
N VAL B 407 5.68 -30.30 36.14
CA VAL B 407 5.01 -29.01 36.30
C VAL B 407 4.71 -28.82 37.80
N PHE B 408 4.00 -29.77 38.40
CA PHE B 408 3.67 -29.80 39.81
C PHE B 408 4.14 -31.14 40.38
N SER B 409 4.25 -31.23 41.73
CA SER B 409 4.61 -32.47 42.41
C SER B 409 3.35 -33.31 42.56
N MET B 410 3.49 -34.61 42.89
CA MET B 410 2.35 -35.53 43.11
C MET B 410 1.40 -34.93 44.16
N GLN B 411 1.97 -34.37 45.25
CA GLN B 411 1.23 -33.76 46.36
C GLN B 411 0.50 -32.49 45.95
N GLN B 412 1.18 -31.60 45.20
CA GLN B 412 0.59 -30.36 44.69
C GLN B 412 -0.60 -30.67 43.78
N ARG B 413 -0.50 -31.73 42.96
CA ARG B 413 -1.57 -32.17 42.05
C ARG B 413 -2.76 -32.70 42.83
N GLN B 414 -2.49 -33.46 43.91
CA GLN B 414 -3.53 -34.02 44.79
C GLN B 414 -4.30 -32.87 45.47
N ALA B 415 -3.57 -31.82 45.89
CA ALA B 415 -4.13 -30.59 46.48
C ALA B 415 -4.98 -29.81 45.45
N LEU B 416 -4.45 -29.59 44.22
CA LEU B 416 -5.13 -28.89 43.12
C LEU B 416 -6.42 -29.54 42.68
N ALA B 417 -6.51 -30.88 42.76
CA ALA B 417 -7.71 -31.64 42.40
C ALA B 417 -8.94 -31.25 43.22
N GLN B 418 -8.73 -30.63 44.40
CA GLN B 418 -9.76 -30.20 45.33
C GLN B 418 -10.38 -28.85 45.00
N ILE B 419 -9.79 -28.11 44.05
CA ILE B 419 -10.31 -26.78 43.70
C ILE B 419 -11.66 -26.87 42.98
N SER B 420 -12.41 -25.77 43.00
CA SER B 420 -13.69 -25.62 42.33
C SER B 420 -13.98 -24.13 42.22
N LEU B 421 -14.76 -23.74 41.20
CA LEU B 421 -15.16 -22.34 41.00
C LEU B 421 -16.04 -21.85 42.19
N PRO B 422 -17.01 -22.64 42.74
CA PRO B 422 -17.74 -22.17 43.94
C PRO B 422 -16.81 -21.83 45.11
N ARG B 423 -15.78 -22.66 45.43
CA ARG B 423 -14.82 -22.38 46.50
C ARG B 423 -14.01 -21.10 46.23
N ILE B 424 -13.71 -20.80 44.93
CA ILE B 424 -12.99 -19.57 44.55
C ILE B 424 -13.88 -18.37 44.90
N ILE B 425 -15.19 -18.49 44.64
CA ILE B 425 -16.19 -17.46 44.94
C ILE B 425 -16.22 -17.19 46.48
N CYS B 426 -16.13 -18.25 47.32
CA CYS B 426 -16.15 -18.19 48.79
C CYS B 426 -14.99 -17.45 49.42
N ASP B 427 -13.79 -17.65 48.84
CA ASP B 427 -12.51 -17.09 49.29
C ASP B 427 -12.26 -15.66 48.79
N ASN B 428 -13.14 -15.14 47.92
CA ASN B 428 -12.85 -13.83 47.37
C ASN B 428 -14.05 -12.87 47.31
N THR B 429 -15.18 -13.26 47.89
CA THR B 429 -16.37 -12.41 47.93
C THR B 429 -17.04 -12.51 49.31
N GLY B 430 -18.14 -11.77 49.47
CA GLY B 430 -18.95 -11.81 50.68
C GLY B 430 -20.06 -12.85 50.59
N ILE B 431 -20.09 -13.65 49.48
CA ILE B 431 -21.08 -14.69 49.27
C ILE B 431 -20.75 -15.91 50.15
N THR B 432 -21.74 -16.36 50.93
CA THR B 432 -21.62 -17.43 51.91
C THR B 432 -22.35 -18.69 51.49
N THR B 433 -23.25 -18.57 50.51
CA THR B 433 -24.06 -19.66 49.97
C THR B 433 -23.85 -19.70 48.45
N VAL B 434 -23.12 -20.73 47.97
CA VAL B 434 -22.78 -20.89 46.55
C VAL B 434 -23.40 -22.14 45.96
N SER B 435 -23.27 -22.30 44.64
CA SER B 435 -23.76 -23.45 43.87
C SER B 435 -23.07 -24.71 44.31
N LYS B 436 -23.80 -25.82 44.30
CA LYS B 436 -23.25 -27.13 44.58
C LYS B 436 -22.54 -27.53 43.29
N ASN B 437 -21.51 -28.40 43.38
CA ASN B 437 -20.83 -28.90 42.18
C ASN B 437 -21.84 -29.82 41.48
N ASN B 438 -22.01 -29.71 40.16
CA ASN B 438 -21.28 -28.89 39.20
C ASN B 438 -21.92 -27.50 39.07
N ILE B 439 -21.15 -26.44 39.31
CA ILE B 439 -21.58 -25.03 39.19
C ILE B 439 -22.24 -24.70 37.84
N PHE B 440 -21.83 -25.40 36.75
CA PHE B 440 -22.39 -25.11 35.40
C PHE B 440 -23.76 -25.73 35.19
N MET B 441 -24.08 -26.76 35.97
CA MET B 441 -25.36 -27.42 35.98
C MET B 441 -26.33 -26.75 37.00
N SER B 442 -25.88 -26.59 38.27
CA SER B 442 -26.63 -25.98 39.38
C SER B 442 -27.18 -24.61 38.99
N ASN B 443 -28.51 -24.40 39.04
CA ASN B 443 -29.10 -23.11 38.66
C ASN B 443 -30.34 -22.68 39.49
N SER B 444 -30.73 -23.47 40.51
CA SER B 444 -31.92 -23.12 41.29
C SER B 444 -31.65 -22.94 42.77
N TYR B 445 -31.96 -21.72 43.29
CA TYR B 445 -31.82 -21.39 44.72
C TYR B 445 -33.15 -21.69 45.43
N PRO B 446 -33.14 -22.38 46.58
CA PRO B 446 -31.99 -22.94 47.31
C PRO B 446 -31.61 -24.38 46.99
N ARG B 447 -32.45 -25.09 46.19
CA ARG B 447 -32.26 -26.51 45.84
C ARG B 447 -30.81 -26.92 45.48
N ASP B 448 -30.12 -26.13 44.63
CA ASP B 448 -28.78 -26.47 44.18
C ASP B 448 -27.67 -25.68 44.86
N PHE B 449 -27.96 -25.14 46.05
CA PHE B 449 -26.98 -24.31 46.76
C PHE B 449 -26.54 -24.92 48.07
N VAL B 450 -25.31 -24.58 48.51
CA VAL B 450 -24.68 -25.12 49.71
C VAL B 450 -23.93 -24.02 50.46
N ASN B 451 -23.45 -24.34 51.69
CA ASN B 451 -22.70 -23.37 52.48
C ASN B 451 -21.23 -23.58 52.22
N CYS B 452 -20.48 -22.47 52.12
CA CYS B 452 -19.04 -22.40 51.90
C CYS B 452 -18.21 -23.28 52.83
N SER B 453 -18.61 -23.36 54.13
CA SER B 453 -17.96 -24.17 55.16
C SER B 453 -17.85 -25.66 54.77
N THR B 454 -18.85 -26.15 54.01
CA THR B 454 -18.89 -27.54 53.54
C THR B 454 -17.86 -27.78 52.40
N LEU B 455 -17.47 -26.70 51.70
CA LEU B 455 -16.54 -26.78 50.56
C LEU B 455 -15.09 -26.80 51.01
N PRO B 456 -14.31 -27.83 50.58
CA PRO B 456 -12.89 -27.88 50.98
C PRO B 456 -12.06 -26.80 50.30
N ALA B 457 -11.14 -26.18 51.06
CA ALA B 457 -10.27 -25.13 50.50
C ALA B 457 -9.01 -25.77 49.91
N LEU B 458 -8.24 -24.97 49.16
CA LEU B 458 -7.00 -25.43 48.57
C LEU B 458 -5.92 -25.43 49.63
N ASN B 459 -5.43 -26.63 49.95
CA ASN B 459 -4.37 -26.82 50.92
C ASN B 459 -3.03 -26.56 50.23
N LEU B 460 -2.37 -25.46 50.63
CA LEU B 460 -1.08 -25.05 50.09
C LEU B 460 0.14 -25.63 50.81
N ALA B 461 -0.06 -26.56 51.76
CA ALA B 461 1.04 -27.18 52.53
C ALA B 461 2.19 -27.73 51.66
N SER B 462 1.85 -28.42 50.54
CA SER B 462 2.84 -28.99 49.63
C SER B 462 3.65 -27.95 48.84
N TRP B 463 3.38 -26.64 49.07
CA TRP B 463 4.13 -25.54 48.43
C TRP B 463 5.25 -25.00 49.36
N ARG B 464 5.37 -25.55 50.59
CA ARG B 464 6.40 -25.14 51.56
C ARG B 464 7.80 -25.55 51.11
N GLU B 465 8.72 -24.58 51.00
CA GLU B 465 10.10 -24.78 50.61
C GLU B 465 11.03 -24.57 51.81
N CYS C 1 -13.71 -17.49 -11.83
CA CYS C 1 -13.78 -18.96 -11.90
C CYS C 1 -14.99 -19.43 -12.75
N PRO C 2 -14.81 -19.81 -14.05
CA PRO C 2 -15.96 -20.23 -14.87
C PRO C 2 -16.66 -21.51 -14.42
N GLU C 3 -18.00 -21.53 -14.60
CA GLU C 3 -18.89 -22.65 -14.25
C GLU C 3 -18.68 -23.91 -15.08
N GLN C 4 -18.18 -23.76 -16.33
CA GLN C 4 -17.88 -24.88 -17.21
C GLN C 4 -16.63 -24.56 -18.02
N ASP C 5 -15.73 -25.56 -18.17
CA ASP C 5 -14.46 -25.48 -18.91
C ASP C 5 -14.09 -26.86 -19.47
N LYS C 6 -13.21 -26.93 -20.47
CA LYS C 6 -12.81 -28.22 -21.05
C LYS C 6 -11.31 -28.47 -20.84
N TYR C 7 -10.55 -27.40 -20.67
CA TYR C 7 -9.10 -27.49 -20.51
C TYR C 7 -8.62 -26.81 -19.26
N ARG C 8 -7.44 -27.26 -18.79
CA ARG C 8 -6.76 -26.66 -17.66
C ARG C 8 -6.34 -25.26 -18.04
N THR C 9 -6.28 -24.37 -17.07
CA THR C 9 -5.66 -23.05 -17.28
C THR C 9 -4.14 -23.37 -17.23
N ILE C 10 -3.32 -22.39 -17.60
CA ILE C 10 -1.87 -22.55 -17.60
C ILE C 10 -1.33 -22.47 -16.18
N THR C 11 -1.87 -21.55 -15.39
CA THR C 11 -1.44 -21.33 -13.99
C THR C 11 -1.91 -22.39 -13.02
N GLY C 12 -2.89 -23.22 -13.40
CA GLY C 12 -3.47 -24.24 -12.53
C GLY C 12 -4.68 -23.70 -11.74
N MET C 13 -4.91 -22.38 -11.84
CA MET C 13 -6.02 -21.67 -11.22
C MET C 13 -7.34 -22.30 -11.72
N CYS C 14 -8.31 -22.48 -10.80
CA CYS C 14 -9.66 -23.02 -11.05
C CYS C 14 -9.72 -24.52 -11.14
N ASN C 15 -8.59 -25.25 -10.99
CA ASN C 15 -8.66 -26.70 -11.00
C ASN C 15 -9.56 -27.11 -9.79
N ASN C 16 -9.32 -26.52 -8.60
CA ASN C 16 -10.17 -26.70 -7.43
C ASN C 16 -11.13 -25.52 -7.39
N ARG C 17 -12.43 -25.76 -7.61
CA ARG C 17 -13.41 -24.64 -7.67
C ARG C 17 -13.73 -23.97 -6.32
N ARG C 18 -13.63 -24.69 -5.20
CA ARG C 18 -13.87 -24.10 -3.87
C ARG C 18 -12.71 -23.22 -3.41
N SER C 19 -11.44 -23.62 -3.69
CA SER C 19 -10.25 -22.87 -3.29
C SER C 19 -9.39 -22.81 -4.58
N PRO C 20 -9.72 -21.86 -5.48
CA PRO C 20 -9.15 -21.91 -6.85
C PRO C 20 -7.66 -21.65 -7.00
N THR C 21 -6.91 -21.28 -5.93
CA THR C 21 -5.46 -21.15 -6.10
C THR C 21 -4.76 -22.48 -5.78
N LEU C 22 -5.48 -23.50 -5.28
CA LEU C 22 -4.82 -24.76 -4.87
C LEU C 22 -4.18 -25.50 -6.05
N GLY C 23 -2.86 -25.64 -5.98
CA GLY C 23 -2.10 -26.28 -7.05
C GLY C 23 -1.68 -25.29 -8.12
N ALA C 24 -2.15 -24.03 -8.03
CA ALA C 24 -1.80 -22.98 -8.99
C ALA C 24 -0.40 -22.45 -8.68
N SER C 25 0.25 -21.87 -9.69
CA SER C 25 1.63 -21.39 -9.64
C SER C 25 1.77 -20.11 -8.85
N ASN C 26 2.97 -19.88 -8.34
CA ASN C 26 3.36 -18.69 -7.58
C ASN C 26 2.54 -18.52 -6.30
N ARG C 27 2.40 -19.64 -5.57
CA ARG C 27 1.75 -19.67 -4.27
C ARG C 27 2.68 -20.35 -3.29
N ALA C 28 2.51 -20.06 -2.00
CA ALA C 28 3.26 -20.67 -0.90
C ALA C 28 3.01 -22.18 -0.88
N PHE C 29 4.03 -22.98 -0.51
CA PHE C 29 3.87 -24.43 -0.37
C PHE C 29 2.94 -24.72 0.78
N VAL C 30 2.29 -25.88 0.77
CA VAL C 30 1.52 -26.29 1.94
C VAL C 30 2.56 -26.89 2.91
N ARG C 31 2.30 -26.85 4.21
CA ARG C 31 3.18 -27.51 5.15
C ARG C 31 2.47 -28.68 5.79
N TRP C 32 3.14 -29.82 5.89
CA TRP C 32 2.58 -31.00 6.55
C TRP C 32 2.94 -31.03 8.02
N LEU C 33 3.99 -30.27 8.40
CA LEU C 33 4.47 -30.11 9.77
C LEU C 33 4.85 -28.67 10.02
N PRO C 34 4.65 -28.13 11.26
CA PRO C 34 5.04 -26.74 11.52
C PRO C 34 6.55 -26.53 11.31
N ALA C 35 6.95 -25.38 10.77
CA ALA C 35 8.37 -25.09 10.52
C ALA C 35 9.16 -24.97 11.83
N GLU C 36 10.46 -25.25 11.75
CA GLU C 36 11.39 -25.22 12.87
C GLU C 36 12.53 -24.35 12.45
N TYR C 37 12.53 -23.14 13.01
CA TYR C 37 13.54 -22.13 12.79
C TYR C 37 14.18 -21.83 14.15
N GLU C 38 15.44 -21.41 14.12
CA GLU C 38 16.28 -21.02 15.26
C GLU C 38 15.57 -19.99 16.17
N ASP C 39 14.88 -19.00 15.58
CA ASP C 39 14.10 -17.99 16.30
C ASP C 39 12.57 -18.31 16.32
N GLY C 40 12.20 -19.49 15.84
CA GLY C 40 10.81 -19.91 15.76
C GLY C 40 10.05 -19.45 14.53
N PHE C 41 10.53 -18.44 13.82
CA PHE C 41 9.74 -17.96 12.68
C PHE C 41 10.51 -17.63 11.38
N SER C 42 11.85 -17.49 11.41
CA SER C 42 12.54 -17.13 10.15
C SER C 42 13.98 -17.61 9.99
N LEU C 43 14.78 -17.60 11.05
CA LEU C 43 16.20 -17.92 10.96
C LEU C 43 16.48 -19.40 10.92
N PRO C 44 17.24 -19.86 9.92
CA PRO C 44 17.47 -21.31 9.79
C PRO C 44 18.43 -21.83 10.84
N TYR C 45 18.29 -23.11 11.22
CA TYR C 45 19.23 -23.72 12.12
C TYR C 45 20.59 -23.69 11.44
N GLY C 46 21.62 -23.31 12.18
CA GLY C 46 22.95 -23.15 11.63
C GLY C 46 23.30 -21.70 11.38
N TRP C 47 22.30 -20.80 11.37
CA TRP C 47 22.47 -19.36 11.16
C TRP C 47 23.39 -18.73 12.22
N THR C 48 23.13 -19.05 13.51
CA THR C 48 23.88 -18.48 14.60
C THR C 48 24.89 -19.48 15.21
N PRO C 49 26.20 -19.14 15.17
CA PRO C 49 27.21 -20.03 15.77
C PRO C 49 26.93 -20.25 17.26
N GLY C 50 27.00 -21.50 17.68
CA GLY C 50 26.76 -21.86 19.08
C GLY C 50 25.32 -22.18 19.42
N VAL C 51 24.36 -21.71 18.61
CA VAL C 51 22.94 -21.98 18.88
C VAL C 51 22.62 -23.41 18.54
N LYS C 52 22.33 -24.20 19.57
CA LYS C 52 22.03 -25.61 19.47
C LYS C 52 20.62 -25.84 18.95
N ARG C 53 20.39 -27.02 18.37
CA ARG C 53 19.08 -27.46 17.92
C ARG C 53 18.75 -28.62 18.80
N ASN C 54 17.68 -28.52 19.61
CA ASN C 54 17.20 -29.60 20.48
C ASN C 54 18.32 -30.18 21.36
N GLY C 55 19.16 -29.30 21.93
CA GLY C 55 20.26 -29.71 22.81
C GLY C 55 21.55 -30.16 22.17
N PHE C 56 21.64 -30.13 20.83
CA PHE C 56 22.85 -30.55 20.12
C PHE C 56 23.37 -29.52 19.15
N PRO C 57 24.71 -29.40 18.99
CA PRO C 57 25.24 -28.45 17.99
C PRO C 57 24.79 -28.79 16.58
N VAL C 58 24.65 -27.75 15.75
CA VAL C 58 24.24 -27.93 14.36
C VAL C 58 25.47 -28.30 13.53
N ALA C 59 25.40 -29.45 12.84
CA ALA C 59 26.47 -29.94 11.98
C ALA C 59 26.51 -29.14 10.70
N LEU C 60 27.69 -28.76 10.22
CA LEU C 60 27.81 -28.03 8.95
C LEU C 60 27.38 -28.98 7.82
N ALA C 61 26.56 -28.50 6.88
CA ALA C 61 26.05 -29.32 5.77
C ALA C 61 27.21 -29.93 4.98
N ARG C 62 28.29 -29.15 4.77
CA ARG C 62 29.50 -29.61 4.07
C ARG C 62 30.22 -30.73 4.86
N ALA C 63 30.26 -30.63 6.21
CA ALA C 63 30.87 -31.66 7.05
C ALA C 63 30.13 -32.99 6.94
N VAL C 64 28.78 -32.94 6.96
CA VAL C 64 27.92 -34.14 6.84
C VAL C 64 28.17 -34.77 5.47
N SER C 65 28.24 -33.95 4.43
CA SER C 65 28.48 -34.41 3.07
C SER C 65 29.87 -35.10 3.00
N ASN C 66 30.91 -34.49 3.60
CA ASN C 66 32.29 -35.03 3.62
C ASN C 66 32.39 -36.35 4.37
N GLU C 67 31.71 -36.44 5.53
CA GLU C 67 31.75 -37.59 6.41
C GLU C 67 30.80 -38.74 6.06
N ILE C 68 29.64 -38.46 5.45
CA ILE C 68 28.63 -39.49 5.18
C ILE C 68 28.42 -39.78 3.71
N VAL C 69 28.41 -38.72 2.88
CA VAL C 69 28.09 -38.86 1.46
C VAL C 69 29.29 -39.24 0.61
N ARG C 70 30.43 -38.57 0.82
CA ARG C 70 31.67 -38.79 0.06
C ARG C 70 32.04 -40.26 -0.06
N PHE C 71 32.31 -40.70 -1.29
CA PHE C 71 32.77 -42.07 -1.58
C PHE C 71 33.66 -42.07 -2.83
N PRO C 72 34.60 -43.04 -2.98
CA PRO C 72 35.43 -43.10 -4.20
C PRO C 72 34.61 -43.45 -5.42
N THR C 73 34.70 -42.63 -6.47
CA THR C 73 33.94 -42.81 -7.72
C THR C 73 34.11 -44.21 -8.33
N ASP C 74 35.34 -44.79 -8.23
CA ASP C 74 35.67 -46.13 -8.76
C ASP C 74 34.80 -47.24 -8.14
N GLN C 75 34.27 -46.99 -6.93
CA GLN C 75 33.44 -47.93 -6.18
C GLN C 75 31.96 -48.01 -6.63
N LEU C 76 31.49 -47.00 -7.40
CA LEU C 76 30.09 -46.92 -7.90
C LEU C 76 29.49 -48.27 -8.32
N THR C 77 28.28 -48.59 -7.84
CA THR C 77 27.59 -49.81 -8.21
C THR C 77 26.52 -49.50 -9.25
N PRO C 78 26.60 -50.06 -10.49
CA PRO C 78 25.51 -49.82 -11.44
C PRO C 78 24.26 -50.57 -10.98
N ASP C 79 23.08 -49.99 -11.19
CA ASP C 79 21.85 -50.66 -10.74
C ASP C 79 21.45 -51.64 -11.81
N GLN C 80 21.46 -52.94 -11.48
CA GLN C 80 21.13 -53.98 -12.46
C GLN C 80 19.67 -53.92 -12.95
N GLU C 81 18.79 -53.30 -12.16
CA GLU C 81 17.36 -53.23 -12.44
C GLU C 81 16.82 -51.84 -12.80
N ARG C 82 17.68 -50.82 -12.98
CA ARG C 82 17.18 -49.51 -13.39
C ARG C 82 18.04 -48.87 -14.48
N SER C 83 17.41 -48.18 -15.43
CA SER C 83 18.10 -47.43 -16.49
C SER C 83 18.42 -46.01 -16.01
N LEU C 84 19.33 -45.28 -16.68
CA LEU C 84 19.58 -43.88 -16.33
C LEU C 84 18.34 -43.05 -16.70
N MET C 85 17.47 -43.60 -17.57
CA MET C 85 16.19 -42.99 -17.94
C MET C 85 15.31 -42.88 -16.68
N PHE C 86 15.45 -43.81 -15.73
CA PHE C 86 14.75 -43.79 -14.44
C PHE C 86 15.13 -42.54 -13.63
N MET C 87 16.41 -42.13 -13.73
CA MET C 87 16.93 -40.96 -13.06
C MET C 87 16.36 -39.73 -13.76
N GLN C 88 16.52 -39.67 -15.09
CA GLN C 88 16.13 -38.54 -15.92
C GLN C 88 14.63 -38.27 -15.92
N TRP C 89 13.79 -39.31 -15.83
CA TRP C 89 12.33 -39.06 -15.76
C TRP C 89 12.04 -38.37 -14.44
N GLY C 90 12.71 -38.81 -13.37
CA GLY C 90 12.57 -38.24 -12.02
C GLY C 90 12.79 -36.75 -12.02
N GLN C 91 13.90 -36.30 -12.63
CA GLN C 91 14.20 -34.86 -12.71
C GLN C 91 13.19 -34.14 -13.57
N LEU C 92 12.84 -34.66 -14.74
CA LEU C 92 11.86 -34.05 -15.63
C LEU C 92 10.48 -33.91 -14.92
N LEU C 93 10.05 -34.96 -14.18
CA LEU C 93 8.81 -35.00 -13.40
C LEU C 93 8.85 -33.91 -12.30
N ASP C 94 9.96 -33.83 -11.57
CA ASP C 94 10.19 -32.81 -10.57
C ASP C 94 9.95 -31.44 -11.13
N HIS C 95 10.36 -31.24 -12.37
CA HIS C 95 10.27 -29.95 -13.04
C HIS C 95 8.86 -29.64 -13.53
N ASP C 96 7.94 -30.60 -13.39
CA ASP C 96 6.52 -30.41 -13.66
C ASP C 96 5.87 -30.02 -12.31
N LEU C 97 6.52 -30.37 -11.16
CA LEU C 97 5.92 -30.20 -9.82
C LEU C 97 6.34 -28.98 -9.03
N ASP C 98 7.67 -28.76 -8.89
CA ASP C 98 8.14 -27.63 -8.07
C ASP C 98 9.40 -26.95 -8.55
N PHE C 99 9.40 -25.63 -8.37
CA PHE C 99 10.56 -24.77 -8.56
C PHE C 99 10.42 -23.73 -7.47
N THR C 100 11.36 -23.72 -6.54
CA THR C 100 11.39 -22.79 -5.43
C THR C 100 12.26 -21.59 -5.80
N PRO C 101 11.71 -20.42 -6.12
CA PRO C 101 12.60 -19.30 -6.54
C PRO C 101 13.49 -18.75 -5.45
N GLU C 102 14.62 -18.19 -5.89
CA GLU C 102 15.57 -17.52 -5.01
C GLU C 102 15.75 -16.09 -5.53
N PRO C 103 16.21 -15.12 -4.69
CA PRO C 103 16.42 -13.77 -5.22
C PRO C 103 17.53 -13.67 -6.29
N ALA C 104 17.44 -12.60 -7.12
CA ALA C 104 18.45 -12.27 -8.13
C ALA C 104 19.62 -11.59 -7.43
N VAL D 1 24.89 -7.05 -0.41
CA VAL D 1 25.75 -8.25 -0.40
C VAL D 1 25.41 -9.19 -1.57
N ASN D 2 26.43 -9.65 -2.32
CA ASN D 2 26.27 -10.59 -3.45
C ASN D 2 26.62 -11.99 -2.94
N CYS D 3 25.60 -12.86 -2.89
CA CYS D 3 25.71 -14.23 -2.42
C CYS D 3 26.63 -15.07 -3.31
N GLU D 4 26.73 -14.70 -4.59
CA GLU D 4 27.59 -15.37 -5.56
C GLU D 4 29.07 -15.18 -5.23
N THR D 5 29.47 -13.95 -4.82
CA THR D 5 30.86 -13.58 -4.60
C THR D 5 31.31 -13.43 -3.13
N SER D 6 30.40 -13.14 -2.18
CA SER D 6 30.79 -12.95 -0.77
C SER D 6 30.48 -14.16 0.13
N CYS D 7 31.11 -14.21 1.32
CA CYS D 7 30.99 -15.22 2.35
C CYS D 7 30.34 -14.66 3.60
N VAL D 8 29.92 -13.40 3.52
CA VAL D 8 29.22 -12.68 4.58
C VAL D 8 27.79 -13.24 4.74
N GLN D 9 27.42 -13.66 5.95
CA GLN D 9 26.07 -14.12 6.24
C GLN D 9 25.15 -12.90 6.51
N GLN D 10 24.63 -12.32 5.44
CA GLN D 10 23.73 -11.18 5.49
C GLN D 10 22.54 -11.56 4.61
N PRO D 11 21.29 -11.39 5.10
CA PRO D 11 20.12 -11.72 4.27
C PRO D 11 20.17 -11.09 2.88
N PRO D 12 19.87 -11.82 1.79
CA PRO D 12 19.35 -13.20 1.70
C PRO D 12 20.39 -14.31 1.59
N CYS D 13 21.66 -14.06 1.98
CA CYS D 13 22.74 -15.04 1.89
C CYS D 13 22.80 -15.95 3.10
N PHE D 14 22.97 -17.26 2.87
CA PHE D 14 23.13 -18.23 3.95
C PHE D 14 24.27 -19.18 3.49
N PRO D 15 25.50 -18.63 3.29
CA PRO D 15 26.60 -19.46 2.77
C PRO D 15 26.95 -20.62 3.66
N LEU D 16 27.31 -21.74 3.00
CA LEU D 16 27.70 -22.96 3.70
C LEU D 16 29.13 -22.77 4.16
N LYS D 17 29.38 -22.92 5.45
CA LYS D 17 30.69 -22.80 6.04
C LYS D 17 31.52 -24.06 5.71
N ILE D 18 32.84 -23.90 5.75
CA ILE D 18 33.79 -24.95 5.42
C ILE D 18 34.35 -25.61 6.69
N PRO D 19 34.22 -26.95 6.82
CA PRO D 19 34.77 -27.62 8.01
C PRO D 19 36.31 -27.73 7.96
N PRO D 20 36.97 -28.02 9.10
CA PRO D 20 38.43 -28.23 9.05
C PRO D 20 38.72 -29.52 8.29
N ASN D 21 39.90 -29.61 7.63
CA ASN D 21 40.35 -30.78 6.85
C ASN D 21 39.36 -31.17 5.73
N ASP D 22 38.82 -30.16 5.03
CA ASP D 22 37.93 -30.40 3.90
C ASP D 22 38.76 -31.02 2.76
N PRO D 23 38.27 -32.06 2.07
CA PRO D 23 39.09 -32.67 1.00
C PRO D 23 39.34 -31.80 -0.24
N ARG D 24 38.63 -30.66 -0.38
CA ARG D 24 38.77 -29.79 -1.54
C ARG D 24 39.06 -28.32 -1.18
N ILE D 25 38.29 -27.72 -0.26
CA ILE D 25 38.44 -26.31 0.11
C ILE D 25 39.28 -26.17 1.38
N LYS D 26 40.56 -25.85 1.23
CA LYS D 26 41.50 -25.71 2.36
C LYS D 26 41.32 -24.39 3.12
N ASN D 27 40.89 -23.33 2.41
CA ASN D 27 40.65 -22.02 2.98
C ASN D 27 39.31 -22.02 3.78
N GLN D 28 39.38 -22.11 5.13
CA GLN D 28 38.19 -22.09 6.01
C GLN D 28 37.49 -20.72 6.04
N ALA D 29 38.05 -19.69 5.40
CA ALA D 29 37.42 -18.36 5.32
C ALA D 29 36.61 -18.26 4.01
N ASP D 30 36.66 -19.32 3.17
CA ASP D 30 35.86 -19.40 1.93
C ASP D 30 34.50 -20.03 2.33
N CYS D 31 33.61 -20.28 1.34
CA CYS D 31 32.29 -20.85 1.59
C CYS D 31 31.70 -21.37 0.29
N ILE D 32 30.63 -22.17 0.41
CA ILE D 32 29.86 -22.60 -0.76
C ILE D 32 28.66 -21.61 -0.82
N PRO D 33 28.52 -20.88 -1.93
CA PRO D 33 27.44 -19.87 -2.00
C PRO D 33 26.04 -20.45 -1.89
N PHE D 34 25.12 -19.67 -1.32
CA PHE D 34 23.74 -20.08 -1.09
C PHE D 34 22.86 -18.88 -0.86
N PHE D 35 21.77 -18.79 -1.64
CA PHE D 35 20.74 -17.75 -1.52
C PHE D 35 19.53 -18.43 -0.83
N ARG D 36 18.99 -17.81 0.20
CA ARG D 36 17.79 -18.31 0.86
C ARG D 36 16.63 -18.25 -0.13
N SER D 37 15.74 -19.24 -0.09
CA SER D 37 14.57 -19.21 -0.99
C SER D 37 13.69 -18.00 -0.65
N CYS D 38 13.06 -17.40 -1.66
CA CYS D 38 12.20 -16.25 -1.53
C CYS D 38 11.10 -16.51 -0.48
N PRO D 39 10.91 -15.61 0.52
CA PRO D 39 9.84 -15.85 1.51
C PRO D 39 8.46 -15.56 0.91
N ALA D 40 7.44 -16.34 1.29
CA ALA D 40 6.07 -16.07 0.77
C ALA D 40 5.54 -14.72 1.29
N CYS D 41 5.96 -14.34 2.52
CA CYS D 41 5.60 -13.06 3.13
C CYS D 41 6.87 -12.26 3.51
N PRO D 42 7.45 -11.48 2.57
CA PRO D 42 8.71 -10.76 2.87
C PRO D 42 8.69 -9.78 4.05
N GLY D 43 9.69 -9.91 4.92
CA GLY D 43 9.93 -9.05 6.07
C GLY D 43 9.10 -9.24 7.33
N SER D 44 8.04 -10.09 7.27
CA SER D 44 7.11 -10.32 8.37
C SER D 44 7.74 -10.86 9.64
N ASN D 45 7.34 -10.28 10.75
CA ASN D 45 7.73 -10.68 12.08
C ASN D 45 6.58 -11.46 12.72
N ILE D 46 5.46 -11.60 11.97
CA ILE D 46 4.24 -12.29 12.41
C ILE D 46 4.16 -13.72 11.88
N THR D 47 4.26 -13.87 10.57
CA THR D 47 4.10 -15.17 9.95
C THR D 47 5.34 -16.06 10.10
N ILE D 48 5.11 -17.38 10.09
CA ILE D 48 6.19 -18.35 10.11
C ILE D 48 6.64 -18.45 8.64
N ARG D 49 7.91 -18.08 8.39
CA ARG D 49 8.50 -18.08 7.05
C ARG D 49 8.17 -19.36 6.27
N ASN D 50 7.72 -19.16 5.04
CA ASN D 50 7.42 -20.25 4.10
C ASN D 50 7.96 -19.87 2.74
N GLN D 51 8.06 -20.84 1.83
CA GLN D 51 8.63 -20.66 0.50
C GLN D 51 7.58 -20.78 -0.58
N ILE D 52 7.94 -20.48 -1.83
CA ILE D 52 7.00 -20.40 -2.93
C ILE D 52 7.19 -21.47 -3.96
N ASN D 53 6.07 -21.96 -4.54
CA ASN D 53 6.09 -22.85 -5.67
C ASN D 53 5.75 -22.01 -6.90
N ALA D 54 6.71 -21.80 -7.82
CA ALA D 54 6.51 -21.04 -9.06
C ALA D 54 5.76 -21.84 -10.10
N LEU D 55 5.58 -23.14 -9.90
CA LEU D 55 4.94 -24.01 -10.87
C LEU D 55 3.58 -24.50 -10.45
N THR D 56 2.81 -25.08 -11.39
CA THR D 56 1.53 -25.72 -11.08
C THR D 56 1.91 -27.06 -10.47
N SER D 57 1.27 -27.44 -9.37
CA SER D 57 1.63 -28.69 -8.71
C SER D 57 1.18 -29.89 -9.52
N PHE D 58 0.14 -29.73 -10.34
CA PHE D 58 -0.44 -30.82 -11.14
C PHE D 58 0.54 -31.46 -12.11
N VAL D 59 0.38 -32.76 -12.30
CA VAL D 59 1.15 -33.52 -13.27
C VAL D 59 0.41 -33.18 -14.60
N ASP D 60 0.68 -31.98 -15.15
CA ASP D 60 0.05 -31.39 -16.31
C ASP D 60 0.99 -30.99 -17.44
N ALA D 61 2.25 -31.49 -17.39
CA ALA D 61 3.28 -31.17 -18.38
C ALA D 61 3.58 -29.65 -18.43
N SER D 62 3.55 -28.99 -17.26
CA SER D 62 3.81 -27.54 -17.22
C SER D 62 5.29 -27.27 -17.54
N MET D 63 6.14 -28.30 -17.46
CA MET D 63 7.56 -28.18 -17.81
C MET D 63 7.69 -28.05 -19.37
N VAL D 64 6.61 -28.41 -20.10
CA VAL D 64 6.52 -28.26 -21.54
C VAL D 64 5.81 -26.94 -21.88
N TYR D 65 4.64 -26.68 -21.28
CA TYR D 65 3.80 -25.54 -21.64
C TYR D 65 3.98 -24.25 -20.85
N GLY D 66 4.60 -24.28 -19.68
CA GLY D 66 4.72 -23.08 -18.86
C GLY D 66 3.67 -23.12 -17.77
N SER D 67 3.90 -22.38 -16.67
CA SER D 67 3.00 -22.23 -15.51
C SER D 67 2.49 -20.78 -15.39
N GLU D 68 2.87 -19.91 -16.33
CA GLU D 68 2.48 -18.49 -16.39
C GLU D 68 2.10 -18.16 -17.84
N GLU D 69 0.99 -17.38 -18.00
CA GLU D 69 0.40 -17.02 -19.29
C GLU D 69 1.34 -16.33 -20.28
N PRO D 70 2.13 -15.27 -19.94
CA PRO D 70 3.04 -14.69 -20.96
C PRO D 70 4.03 -15.73 -21.53
N LEU D 71 4.64 -16.57 -20.67
CA LEU D 71 5.55 -17.64 -21.10
C LEU D 71 4.84 -18.66 -21.98
N ALA D 72 3.63 -19.09 -21.58
CA ALA D 72 2.86 -20.08 -22.34
C ALA D 72 2.54 -19.60 -23.78
N ARG D 73 2.24 -18.30 -23.92
CA ARG D 73 1.97 -17.64 -25.21
C ARG D 73 3.23 -17.71 -26.07
N ASN D 74 4.38 -17.22 -25.51
CA ASN D 74 5.70 -17.17 -26.14
C ASN D 74 6.21 -18.52 -26.60
N LEU D 75 5.83 -19.62 -25.93
CA LEU D 75 6.28 -20.97 -26.31
C LEU D 75 5.50 -21.51 -27.51
N ARG D 76 4.39 -20.87 -27.86
CA ARG D 76 3.55 -21.32 -28.96
C ARG D 76 3.95 -20.71 -30.34
N ASN D 77 3.64 -21.45 -31.44
CA ASN D 77 3.84 -21.01 -32.82
C ASN D 77 2.57 -20.24 -33.21
N MET D 78 2.64 -18.90 -33.07
CA MET D 78 1.54 -17.98 -33.36
C MET D 78 1.49 -17.50 -34.83
N SER D 79 2.34 -18.10 -35.70
CA SER D 79 2.45 -17.79 -37.13
C SER D 79 1.39 -18.45 -38.01
N ASN D 80 0.64 -19.43 -37.45
CA ASN D 80 -0.40 -20.17 -38.17
C ASN D 80 -1.42 -20.81 -37.18
N GLN D 81 -2.42 -21.54 -37.71
CA GLN D 81 -3.48 -22.16 -36.92
C GLN D 81 -3.25 -23.64 -36.77
N LEU D 82 -1.98 -24.07 -36.70
CA LEU D 82 -1.69 -25.49 -36.57
C LEU D 82 -1.57 -25.94 -35.10
N GLY D 83 -1.65 -25.00 -34.15
CA GLY D 83 -1.59 -25.26 -32.72
C GLY D 83 -0.30 -25.91 -32.25
N LEU D 84 0.83 -25.50 -32.84
CA LEU D 84 2.14 -26.05 -32.56
C LEU D 84 2.89 -25.23 -31.56
N LEU D 85 3.90 -25.85 -30.93
CA LEU D 85 4.80 -25.13 -30.04
C LEU D 85 5.92 -24.63 -30.93
N ALA D 86 6.43 -23.44 -30.62
CA ALA D 86 7.56 -22.82 -31.33
C ALA D 86 8.78 -23.74 -31.25
N VAL D 87 9.53 -23.80 -32.36
CA VAL D 87 10.73 -24.63 -32.51
C VAL D 87 11.92 -23.71 -32.84
N ASN D 88 13.16 -24.22 -32.64
CA ASN D 88 14.37 -23.45 -32.95
C ASN D 88 14.37 -23.08 -34.44
N GLN D 89 14.64 -21.79 -34.73
CA GLN D 89 14.66 -21.29 -36.11
C GLN D 89 16.06 -21.34 -36.74
N ARG D 90 17.11 -21.32 -35.90
CA ARG D 90 18.51 -21.35 -36.31
C ARG D 90 19.06 -22.77 -36.53
N PHE D 91 18.60 -23.79 -35.75
CA PHE D 91 19.11 -25.16 -35.84
C PHE D 91 18.05 -26.27 -35.84
N GLN D 92 18.42 -27.44 -36.37
CA GLN D 92 17.62 -28.67 -36.43
C GLN D 92 18.50 -29.86 -36.04
N ASP D 93 17.88 -31.01 -35.72
CA ASP D 93 18.57 -32.22 -35.30
C ASP D 93 18.21 -33.30 -36.31
N ASN D 94 19.05 -33.44 -37.38
CA ASN D 94 18.80 -34.36 -38.49
C ASN D 94 17.39 -34.12 -39.04
N GLY D 95 17.08 -32.85 -39.27
CA GLY D 95 15.78 -32.40 -39.79
C GLY D 95 14.64 -32.42 -38.79
N ARG D 96 14.95 -32.63 -37.48
CA ARG D 96 13.94 -32.68 -36.43
C ARG D 96 14.06 -31.47 -35.51
N ALA D 97 12.93 -31.07 -34.93
CA ALA D 97 12.84 -29.88 -34.09
C ALA D 97 13.73 -29.87 -32.86
N LEU D 98 14.24 -28.70 -32.55
CA LEU D 98 15.00 -28.43 -31.32
C LEU D 98 14.23 -27.34 -30.60
N LEU D 99 14.41 -27.23 -29.28
CA LEU D 99 13.76 -26.20 -28.47
C LEU D 99 14.22 -24.83 -28.94
N PRO D 100 13.42 -23.74 -28.82
CA PRO D 100 13.98 -22.43 -29.22
C PRO D 100 14.99 -21.94 -28.19
N PHE D 101 15.78 -20.91 -28.51
CA PHE D 101 16.74 -20.34 -27.55
C PHE D 101 16.05 -19.31 -26.70
N ASP D 102 16.50 -19.18 -25.45
CA ASP D 102 16.01 -18.16 -24.53
C ASP D 102 16.83 -16.88 -24.81
N ASN D 103 16.49 -15.76 -24.17
CA ASN D 103 17.21 -14.51 -24.39
C ASN D 103 17.66 -13.95 -23.01
N LEU D 104 18.54 -14.69 -22.34
CA LEU D 104 19.02 -14.30 -21.01
C LEU D 104 20.11 -13.22 -21.07
N HIS D 105 20.06 -12.27 -20.11
CA HIS D 105 21.04 -11.19 -20.02
C HIS D 105 22.39 -11.82 -19.63
N ASP D 106 22.40 -12.60 -18.53
CA ASP D 106 23.55 -13.36 -18.05
C ASP D 106 23.21 -14.84 -18.34
N ASP D 107 23.61 -15.32 -19.53
CA ASP D 107 23.34 -16.66 -20.01
C ASP D 107 24.44 -17.64 -19.57
N PRO D 108 24.15 -18.62 -18.66
CA PRO D 108 25.20 -19.56 -18.22
C PRO D 108 25.65 -20.56 -19.29
N CYS D 109 24.82 -20.84 -20.31
CA CYS D 109 25.18 -21.78 -21.37
C CYS D 109 26.30 -21.27 -22.28
N LEU D 110 26.32 -19.94 -22.55
CA LEU D 110 27.37 -19.34 -23.39
C LEU D 110 28.74 -19.47 -22.76
N LEU D 111 28.81 -19.63 -21.42
CA LEU D 111 30.04 -19.75 -20.64
C LEU D 111 30.68 -21.11 -20.80
N THR D 112 29.91 -22.12 -21.19
CA THR D 112 30.42 -23.48 -21.32
C THR D 112 31.27 -23.65 -22.59
N ASN D 113 31.06 -22.77 -23.61
CA ASN D 113 31.82 -22.77 -24.87
C ASN D 113 31.63 -21.44 -25.61
N ARG D 114 32.64 -20.52 -25.50
CA ARG D 114 32.61 -19.19 -26.13
C ARG D 114 32.47 -19.21 -27.66
N SER D 115 33.26 -20.04 -28.37
CA SER D 115 33.17 -20.11 -29.86
C SER D 115 31.84 -20.65 -30.35
N ALA D 116 31.35 -21.76 -29.73
CA ALA D 116 30.06 -22.38 -30.07
C ALA D 116 28.91 -21.37 -29.99
N ARG D 117 28.97 -20.46 -28.98
CA ARG D 117 28.00 -19.37 -28.76
C ARG D 117 26.53 -19.86 -28.93
N ILE D 118 26.18 -20.93 -28.17
CA ILE D 118 24.85 -21.54 -28.16
C ILE D 118 24.22 -21.19 -26.81
N PRO D 119 23.17 -20.32 -26.82
CA PRO D 119 22.53 -19.94 -25.55
C PRO D 119 21.65 -21.06 -25.00
N CYS D 120 21.10 -20.83 -23.79
CA CYS D 120 20.19 -21.80 -23.18
C CYS D 120 18.93 -21.95 -23.98
N PHE D 121 18.33 -23.14 -23.90
CA PHE D 121 17.06 -23.39 -24.53
C PHE D 121 15.93 -22.79 -23.71
N LEU D 122 14.75 -22.68 -24.34
CA LEU D 122 13.53 -22.14 -23.74
C LEU D 122 12.51 -23.24 -23.76
N ALA D 123 11.98 -23.55 -22.59
CA ALA D 123 10.96 -24.57 -22.40
C ALA D 123 9.94 -24.08 -21.35
N GLY D 124 8.98 -24.92 -20.99
CA GLY D 124 7.96 -24.61 -19.98
C GLY D 124 8.54 -24.33 -18.60
N ASP D 125 9.63 -25.04 -18.24
CA ASP D 125 10.35 -24.83 -17.01
C ASP D 125 11.70 -24.21 -17.36
N THR D 126 12.18 -23.26 -16.52
CA THR D 126 13.42 -22.52 -16.72
C THR D 126 14.73 -23.34 -16.63
N ARG D 127 14.69 -24.52 -16.01
CA ARG D 127 15.89 -25.35 -15.80
C ARG D 127 16.22 -26.30 -16.96
N SER D 128 15.53 -26.17 -18.11
CA SER D 128 15.64 -27.07 -19.27
C SER D 128 17.07 -27.36 -19.79
N SER D 129 18.03 -26.46 -19.57
CA SER D 129 19.41 -26.62 -20.07
C SER D 129 20.40 -27.11 -19.00
N GLU D 130 19.93 -27.33 -17.76
CA GLU D 130 20.75 -27.74 -16.61
C GLU D 130 21.68 -28.94 -16.92
N MET D 131 21.21 -29.93 -17.68
CA MET D 131 21.99 -31.07 -18.15
C MET D 131 21.39 -31.53 -19.50
N PRO D 132 22.21 -31.93 -20.52
CA PRO D 132 21.66 -32.24 -21.85
C PRO D 132 20.65 -33.39 -21.91
N GLU D 133 20.72 -34.30 -20.94
CA GLU D 133 19.80 -35.44 -20.81
C GLU D 133 18.40 -34.90 -20.46
N LEU D 134 18.34 -33.81 -19.66
CA LEU D 134 17.08 -33.15 -19.30
C LEU D 134 16.58 -32.41 -20.56
N THR D 135 17.50 -31.67 -21.24
CA THR D 135 17.18 -30.96 -22.50
C THR D 135 16.56 -31.92 -23.52
N SER D 136 17.12 -33.13 -23.65
CA SER D 136 16.65 -34.15 -24.59
C SER D 136 15.23 -34.60 -24.32
N MET D 137 14.87 -34.74 -23.03
CA MET D 137 13.51 -35.13 -22.61
C MET D 137 12.52 -34.01 -22.94
N HIS D 138 12.93 -32.75 -22.72
CA HIS D 138 12.12 -31.56 -23.05
C HIS D 138 11.88 -31.48 -24.56
N THR D 139 12.94 -31.72 -25.37
CA THR D 139 12.88 -31.72 -26.84
C THR D 139 11.96 -32.83 -27.32
N LEU D 140 12.11 -34.04 -26.77
CA LEU D 140 11.26 -35.18 -27.11
C LEU D 140 9.77 -34.82 -26.95
N LEU D 141 9.41 -34.19 -25.82
CA LEU D 141 8.02 -33.81 -25.54
C LEU D 141 7.51 -32.69 -26.41
N LEU D 142 8.39 -31.73 -26.77
CA LEU D 142 8.08 -30.65 -27.69
C LEU D 142 7.68 -31.27 -29.04
N ARG D 143 8.47 -32.24 -29.52
CA ARG D 143 8.21 -32.96 -30.77
C ARG D 143 6.92 -33.74 -30.70
N GLU D 144 6.64 -34.38 -29.54
CA GLU D 144 5.43 -35.16 -29.36
C GLU D 144 4.16 -34.28 -29.43
N HIS D 145 4.21 -33.05 -28.90
CA HIS D 145 3.07 -32.14 -29.00
C HIS D 145 2.78 -31.81 -30.48
N ASN D 146 3.82 -31.36 -31.21
CA ASN D 146 3.72 -31.02 -32.64
C ASN D 146 3.26 -32.20 -33.48
N ARG D 147 3.76 -33.42 -33.21
CA ARG D 147 3.35 -34.65 -33.90
C ARG D 147 1.87 -34.94 -33.65
N LEU D 148 1.38 -34.66 -32.41
CA LEU D 148 -0.03 -34.86 -32.08
C LEU D 148 -0.91 -33.77 -32.74
N ALA D 149 -0.51 -32.48 -32.68
CA ALA D 149 -1.27 -31.38 -33.31
C ALA D 149 -1.34 -31.57 -34.87
N THR D 150 -0.30 -32.18 -35.48
CA THR D 150 -0.26 -32.46 -36.92
C THR D 150 -1.27 -33.56 -37.27
N GLU D 151 -1.27 -34.67 -36.51
CA GLU D 151 -2.17 -35.80 -36.66
C GLU D 151 -3.63 -35.40 -36.41
N LEU D 152 -3.87 -34.47 -35.47
CA LEU D 152 -5.21 -33.98 -35.15
C LEU D 152 -5.75 -33.06 -36.23
N LYS D 153 -4.86 -32.27 -36.89
CA LYS D 153 -5.24 -31.36 -37.99
C LYS D 153 -5.76 -32.16 -39.19
N SER D 154 -5.11 -33.30 -39.51
CA SER D 154 -5.54 -34.17 -40.60
C SER D 154 -6.85 -34.90 -40.27
N LEU D 155 -7.11 -35.18 -38.97
CA LEU D 155 -8.36 -35.81 -38.55
C LEU D 155 -9.50 -34.81 -38.52
N ASN D 156 -9.21 -33.58 -38.05
CA ASN D 156 -10.21 -32.52 -37.90
C ASN D 156 -9.69 -31.23 -38.55
N PRO D 157 -9.87 -31.06 -39.88
CA PRO D 157 -9.38 -29.85 -40.55
C PRO D 157 -10.09 -28.56 -40.11
N ARG D 158 -11.32 -28.70 -39.58
CA ARG D 158 -12.14 -27.58 -39.11
C ARG D 158 -11.62 -26.93 -37.80
N TRP D 159 -10.84 -27.70 -36.99
CA TRP D 159 -10.27 -27.21 -35.72
C TRP D 159 -9.23 -26.12 -35.96
N ASP D 160 -9.31 -25.01 -35.19
CA ASP D 160 -8.35 -23.90 -35.28
C ASP D 160 -7.08 -24.19 -34.45
N GLY D 161 -6.16 -23.22 -34.39
CA GLY D 161 -4.92 -23.34 -33.62
C GLY D 161 -5.13 -23.64 -32.15
N GLU D 162 -5.99 -22.83 -31.51
CA GLU D 162 -6.33 -22.97 -30.09
C GLU D 162 -6.82 -24.37 -29.73
N ARG D 163 -7.74 -24.93 -30.52
CA ARG D 163 -8.28 -26.25 -30.29
C ARG D 163 -7.23 -27.33 -30.49
N LEU D 164 -6.37 -27.17 -31.51
CA LEU D 164 -5.31 -28.14 -31.80
C LEU D 164 -4.27 -28.15 -30.69
N TYR D 165 -3.85 -26.94 -30.24
CA TYR D 165 -2.91 -26.77 -29.15
C TYR D 165 -3.43 -27.41 -27.84
N GLN D 166 -4.67 -27.06 -27.44
CA GLN D 166 -5.29 -27.57 -26.21
C GLN D 166 -5.50 -29.07 -26.22
N GLU D 167 -5.94 -29.63 -27.35
CA GLU D 167 -6.20 -31.07 -27.44
C GLU D 167 -4.90 -31.88 -27.41
N ALA D 168 -3.81 -31.34 -28.00
CA ALA D 168 -2.50 -32.00 -28.01
C ALA D 168 -1.87 -31.86 -26.60
N ARG D 169 -2.02 -30.67 -25.97
CA ARG D 169 -1.57 -30.39 -24.61
C ARG D 169 -2.19 -31.40 -23.63
N LYS D 170 -3.49 -31.65 -23.77
CA LYS D 170 -4.28 -32.55 -22.97
C LYS D 170 -3.75 -33.98 -23.08
N ILE D 171 -3.36 -34.42 -24.30
CA ILE D 171 -2.82 -35.76 -24.52
C ILE D 171 -1.43 -35.88 -23.89
N VAL D 172 -0.56 -34.87 -24.09
CA VAL D 172 0.81 -34.84 -23.54
C VAL D 172 0.77 -34.91 -21.99
N GLY D 173 -0.18 -34.17 -21.40
CA GLY D 173 -0.46 -34.12 -19.97
C GLY D 173 -0.79 -35.50 -19.45
N ALA D 174 -1.65 -36.20 -20.18
CA ALA D 174 -2.10 -37.54 -19.85
C ALA D 174 -0.99 -38.55 -19.98
N MET D 175 -0.09 -38.39 -20.99
CA MET D 175 1.04 -39.29 -21.23
C MET D 175 2.00 -39.22 -20.05
N VAL D 176 2.28 -37.97 -19.56
CA VAL D 176 3.15 -37.75 -18.39
C VAL D 176 2.54 -38.44 -17.16
N GLN D 177 1.20 -38.36 -16.97
CA GLN D 177 0.50 -39.00 -15.86
C GLN D 177 0.58 -40.50 -15.93
N ILE D 178 0.34 -41.09 -17.16
CA ILE D 178 0.36 -42.53 -17.35
C ILE D 178 1.77 -43.07 -17.11
N ILE D 179 2.80 -42.49 -17.76
CA ILE D 179 4.19 -42.93 -17.56
C ILE D 179 4.57 -42.83 -16.07
N THR D 180 4.27 -41.68 -15.41
CA THR D 180 4.60 -41.47 -13.99
C THR D 180 3.96 -42.50 -13.06
N TYR D 181 2.65 -42.69 -13.15
CA TYR D 181 1.92 -43.56 -12.21
C TYR D 181 1.89 -45.04 -12.58
N ARG D 182 1.91 -45.38 -13.88
CA ARG D 182 1.93 -46.78 -14.29
C ARG D 182 3.37 -47.35 -14.29
N ASP D 183 4.37 -46.58 -14.75
CA ASP D 183 5.73 -47.13 -14.89
C ASP D 183 6.77 -46.62 -13.90
N TYR D 184 6.78 -45.33 -13.62
CA TYR D 184 7.79 -44.71 -12.78
C TYR D 184 7.61 -44.97 -11.27
N LEU D 185 6.51 -44.48 -10.68
CA LEU D 185 6.25 -44.58 -9.23
C LEU D 185 6.29 -46.01 -8.68
N PRO D 186 5.74 -47.07 -9.33
CA PRO D 186 5.90 -48.43 -8.77
C PRO D 186 7.37 -48.82 -8.57
N LEU D 187 8.26 -48.30 -9.41
CA LEU D 187 9.68 -48.59 -9.38
C LEU D 187 10.43 -47.69 -8.39
N VAL D 188 9.84 -46.57 -8.00
CA VAL D 188 10.44 -45.73 -6.95
C VAL D 188 10.04 -46.31 -5.59
N LEU D 189 8.72 -46.56 -5.42
CA LEU D 189 8.14 -46.96 -4.15
C LEU D 189 8.25 -48.42 -3.78
N GLY D 190 8.17 -49.30 -4.78
CA GLY D 190 8.12 -50.72 -4.55
C GLY D 190 6.65 -51.12 -4.46
N PRO D 191 6.30 -52.41 -4.59
CA PRO D 191 4.87 -52.78 -4.58
C PRO D 191 4.12 -52.56 -3.26
N THR D 192 4.74 -52.77 -2.11
CA THR D 192 3.99 -52.59 -0.86
C THR D 192 3.64 -51.11 -0.61
N ALA D 193 4.58 -50.18 -0.84
CA ALA D 193 4.33 -48.75 -0.66
C ALA D 193 3.37 -48.24 -1.71
N MET D 194 3.41 -48.85 -2.92
CA MET D 194 2.52 -48.49 -4.03
C MET D 194 1.06 -48.76 -3.66
N ARG D 195 0.78 -49.93 -3.06
CA ARG D 195 -0.57 -50.32 -2.62
C ARG D 195 -1.00 -49.48 -1.41
N LYS D 196 -0.05 -49.18 -0.50
CA LYS D 196 -0.34 -48.41 0.69
C LYS D 196 -0.69 -46.96 0.36
N TYR D 197 0.15 -46.26 -0.42
CA TYR D 197 -0.08 -44.84 -0.70
C TYR D 197 -0.83 -44.54 -1.97
N LEU D 198 -0.84 -45.47 -2.93
CA LEU D 198 -1.54 -45.20 -4.18
C LEU D 198 -2.51 -46.33 -4.51
N PRO D 199 -3.58 -46.53 -3.68
CA PRO D 199 -4.56 -47.58 -4.00
C PRO D 199 -5.32 -47.20 -5.27
N THR D 200 -6.00 -48.17 -5.92
CA THR D 200 -6.73 -47.98 -7.18
C THR D 200 -7.54 -46.71 -7.16
N TYR D 201 -7.41 -45.90 -8.21
CA TYR D 201 -8.11 -44.64 -8.39
C TYR D 201 -9.61 -44.83 -8.37
N ARG D 202 -10.34 -43.92 -7.72
CA ARG D 202 -11.79 -43.99 -7.68
C ARG D 202 -12.39 -42.89 -8.57
N SER D 203 -12.23 -41.64 -8.16
CA SER D 203 -12.69 -40.46 -8.87
C SER D 203 -12.12 -39.19 -8.22
N TYR D 204 -12.28 -38.05 -8.88
CA TYR D 204 -11.82 -36.78 -8.36
C TYR D 204 -12.50 -36.47 -6.98
N ASN D 205 -11.70 -35.96 -6.02
CA ASN D 205 -12.24 -35.55 -4.72
C ASN D 205 -11.78 -34.11 -4.50
N ASP D 206 -12.72 -33.13 -4.60
CA ASP D 206 -12.39 -31.71 -4.46
C ASP D 206 -11.94 -31.28 -3.03
N SER D 207 -11.86 -32.23 -2.09
CA SER D 207 -11.44 -31.93 -0.71
C SER D 207 -9.98 -32.39 -0.48
N VAL D 208 -9.33 -32.87 -1.54
CA VAL D 208 -7.96 -33.32 -1.45
C VAL D 208 -7.09 -32.13 -1.89
N ASP D 209 -6.31 -31.60 -0.97
CA ASP D 209 -5.40 -30.50 -1.23
C ASP D 209 -4.29 -30.97 -2.23
N PRO D 210 -4.23 -30.40 -3.45
CA PRO D 210 -3.23 -30.87 -4.41
C PRO D 210 -1.89 -30.13 -4.36
N ARG D 211 -1.69 -29.23 -3.40
CA ARG D 211 -0.44 -28.48 -3.34
C ARG D 211 0.79 -29.33 -3.03
N ILE D 212 1.95 -28.85 -3.50
CA ILE D 212 3.21 -29.52 -3.15
C ILE D 212 3.50 -29.10 -1.70
N ALA D 213 3.84 -30.08 -0.87
CA ALA D 213 4.24 -29.84 0.50
C ALA D 213 5.70 -29.43 0.46
N ASN D 214 6.07 -28.49 1.33
CA ASN D 214 7.44 -28.00 1.44
C ASN D 214 8.44 -29.16 1.56
N VAL D 215 8.17 -30.16 2.43
CA VAL D 215 9.06 -31.33 2.61
C VAL D 215 9.33 -32.09 1.29
N PHE D 216 8.33 -32.19 0.38
CA PHE D 216 8.48 -32.93 -0.87
C PHE D 216 9.60 -32.37 -1.74
N THR D 217 9.76 -31.02 -1.78
CA THR D 217 10.82 -30.35 -2.53
C THR D 217 12.20 -30.84 -2.14
N ASN D 218 12.36 -31.31 -0.90
CA ASN D 218 13.65 -31.82 -0.42
C ASN D 218 13.67 -33.36 -0.48
N ALA D 219 12.56 -34.01 -0.08
CA ALA D 219 12.47 -35.48 -0.10
C ALA D 219 12.61 -36.07 -1.53
N PHE D 220 12.06 -35.37 -2.55
CA PHE D 220 12.12 -35.88 -3.92
C PHE D 220 13.52 -35.75 -4.53
N ARG D 221 14.45 -35.09 -3.81
CA ARG D 221 15.85 -34.98 -4.19
C ARG D 221 16.57 -36.31 -3.94
N TYR D 222 15.83 -37.39 -3.56
CA TYR D 222 16.41 -38.75 -3.41
C TYR D 222 17.10 -39.14 -4.75
N GLY D 223 16.59 -38.59 -5.86
CA GLY D 223 17.09 -38.81 -7.22
C GLY D 223 18.55 -38.48 -7.39
N HIS D 224 19.10 -37.59 -6.51
CA HIS D 224 20.52 -37.24 -6.56
C HIS D 224 21.42 -38.49 -6.32
N THR D 225 20.90 -39.53 -5.62
CA THR D 225 21.62 -40.78 -5.37
C THR D 225 21.66 -41.71 -6.61
N LEU D 226 20.89 -41.38 -7.66
CA LEU D 226 20.77 -42.18 -8.87
C LEU D 226 21.72 -41.70 -9.97
N ILE D 227 22.25 -40.48 -9.81
CA ILE D 227 23.07 -39.79 -10.78
C ILE D 227 24.45 -40.44 -11.04
N GLN D 228 24.73 -40.75 -12.31
CA GLN D 228 26.01 -41.29 -12.77
C GLN D 228 27.01 -40.13 -12.99
N PRO D 229 28.33 -40.35 -12.79
CA PRO D 229 29.29 -39.25 -12.96
C PRO D 229 29.58 -38.85 -14.40
N PHE D 230 28.88 -39.45 -15.39
CA PHE D 230 29.06 -39.08 -16.79
C PHE D 230 27.75 -39.00 -17.52
N MET D 231 27.78 -38.31 -18.68
CA MET D 231 26.72 -38.32 -19.67
C MET D 231 27.25 -39.33 -20.74
N PHE D 232 26.48 -40.36 -21.00
CA PHE D 232 26.82 -41.43 -21.91
C PHE D 232 26.11 -41.25 -23.20
N ARG D 233 26.87 -41.34 -24.31
CA ARG D 233 26.30 -41.19 -25.66
C ARG D 233 26.61 -42.41 -26.50
N LEU D 234 25.57 -42.97 -27.15
CA LEU D 234 25.69 -44.18 -27.96
C LEU D 234 25.15 -43.99 -29.38
N ASP D 235 25.81 -44.64 -30.37
CA ASP D 235 25.44 -44.59 -31.79
C ASP D 235 24.23 -45.49 -32.07
N ASN D 236 23.75 -45.56 -33.34
CA ASN D 236 22.60 -46.39 -33.76
C ASN D 236 22.76 -47.90 -33.47
N ARG D 237 23.99 -48.36 -33.16
CA ARG D 237 24.28 -49.76 -32.85
C ARG D 237 24.43 -49.96 -31.32
N TYR D 238 24.13 -48.87 -30.55
CA TYR D 238 24.18 -48.78 -29.08
C TYR D 238 25.60 -49.02 -28.55
N GLN D 239 26.58 -48.54 -29.29
CA GLN D 239 27.99 -48.66 -28.94
C GLN D 239 28.52 -47.29 -28.57
N PRO D 240 29.58 -47.18 -27.73
CA PRO D 240 30.11 -45.85 -27.37
C PRO D 240 30.34 -44.95 -28.57
N MET D 241 29.73 -43.75 -28.54
CA MET D 241 29.87 -42.82 -29.63
C MET D 241 31.14 -41.98 -29.47
N GLU D 242 32.20 -42.40 -30.18
CA GLU D 242 33.50 -41.71 -30.17
C GLU D 242 33.47 -40.49 -31.10
N PRO D 243 34.09 -39.35 -30.73
CA PRO D 243 34.86 -39.10 -29.50
C PRO D 243 33.97 -38.68 -28.33
N ASN D 244 34.52 -38.85 -27.11
CA ASN D 244 33.89 -38.50 -25.83
C ASN D 244 32.52 -39.20 -25.60
N PRO D 245 32.47 -40.55 -25.54
CA PRO D 245 31.18 -41.21 -25.28
C PRO D 245 30.74 -41.09 -23.81
N ARG D 246 31.67 -40.75 -22.90
CA ARG D 246 31.48 -40.61 -21.44
C ARG D 246 32.00 -39.25 -20.99
N VAL D 247 31.17 -38.20 -21.08
CA VAL D 247 31.63 -36.87 -20.68
C VAL D 247 31.35 -36.64 -19.18
N PRO D 248 32.36 -36.26 -18.36
CA PRO D 248 32.07 -36.01 -16.92
C PRO D 248 30.99 -34.94 -16.76
N LEU D 249 30.09 -35.11 -15.78
CA LEU D 249 28.96 -34.17 -15.56
C LEU D 249 29.37 -32.75 -15.38
N SER D 250 30.50 -32.53 -14.71
CA SER D 250 31.00 -31.17 -14.48
C SER D 250 31.36 -30.42 -15.78
N ARG D 251 31.20 -31.06 -16.94
CA ARG D 251 31.50 -30.49 -18.25
C ARG D 251 30.24 -30.49 -19.11
N VAL D 252 29.11 -31.02 -18.58
CA VAL D 252 27.82 -31.05 -19.32
C VAL D 252 26.79 -30.04 -18.77
N PHE D 253 26.97 -29.48 -17.53
CA PHE D 253 25.96 -28.54 -17.00
C PHE D 253 25.86 -27.26 -17.83
N PHE D 254 24.63 -26.91 -18.24
CA PHE D 254 24.36 -25.72 -19.08
C PHE D 254 25.03 -25.82 -20.49
N ALA D 255 25.46 -27.05 -20.90
CA ALA D 255 26.11 -27.25 -22.21
C ALA D 255 25.11 -27.50 -23.33
N SER D 256 24.25 -26.50 -23.63
CA SER D 256 23.27 -26.57 -24.73
C SER D 256 23.99 -26.77 -26.07
N TRP D 257 25.24 -26.27 -26.19
CA TRP D 257 26.06 -26.45 -27.38
C TRP D 257 26.23 -27.91 -27.78
N ARG D 258 26.29 -28.83 -26.78
CA ARG D 258 26.46 -30.27 -27.01
C ARG D 258 25.27 -30.88 -27.73
N VAL D 259 24.06 -30.46 -27.43
CA VAL D 259 22.87 -30.97 -28.11
C VAL D 259 22.89 -30.50 -29.60
N VAL D 260 23.20 -29.21 -29.83
CA VAL D 260 23.21 -28.59 -31.16
C VAL D 260 24.38 -29.12 -32.04
N LEU D 261 25.60 -29.14 -31.48
CA LEU D 261 26.83 -29.47 -32.21
C LEU D 261 27.42 -30.86 -32.00
N GLU D 262 26.94 -31.66 -31.03
CA GLU D 262 27.54 -32.98 -30.81
C GLU D 262 26.61 -34.15 -31.04
N GLY D 263 25.73 -34.03 -32.04
CA GLY D 263 24.86 -35.14 -32.46
C GLY D 263 23.39 -35.16 -32.13
N GLY D 264 22.88 -34.08 -31.56
CA GLY D 264 21.46 -34.00 -31.25
C GLY D 264 21.07 -34.82 -30.03
N ILE D 265 19.79 -35.21 -29.94
CA ILE D 265 19.26 -35.90 -28.76
C ILE D 265 19.29 -37.44 -28.84
N ASP D 266 19.28 -38.03 -30.06
CA ASP D 266 19.29 -39.49 -30.22
C ASP D 266 20.47 -40.20 -29.49
N PRO D 267 21.74 -39.74 -29.56
CA PRO D 267 22.80 -40.43 -28.80
C PRO D 267 22.59 -40.33 -27.28
N ILE D 268 21.98 -39.22 -26.81
CA ILE D 268 21.69 -38.96 -25.40
C ILE D 268 20.60 -39.91 -24.90
N LEU D 269 19.48 -39.99 -25.62
CA LEU D 269 18.37 -40.88 -25.28
C LEU D 269 18.80 -42.34 -25.23
N ARG D 270 19.69 -42.76 -26.15
CA ARG D 270 20.22 -44.13 -26.26
C ARG D 270 21.04 -44.45 -25.05
N GLY D 271 21.87 -43.50 -24.64
CA GLY D 271 22.69 -43.59 -23.45
C GLY D 271 21.80 -43.72 -22.23
N LEU D 272 20.65 -42.99 -22.18
CA LEU D 272 19.73 -43.07 -21.03
C LEU D 272 19.10 -44.43 -20.93
N MET D 273 18.69 -45.00 -22.09
CA MET D 273 18.04 -46.32 -22.13
C MET D 273 18.95 -47.50 -21.85
N ALA D 274 20.20 -47.46 -22.35
CA ALA D 274 21.12 -48.61 -22.28
C ALA D 274 22.20 -48.52 -21.22
N THR D 275 22.15 -47.51 -20.36
CA THR D 275 23.14 -47.39 -19.28
C THR D 275 22.39 -47.56 -17.98
N PRO D 276 22.92 -48.33 -17.00
CA PRO D 276 22.22 -48.44 -15.72
C PRO D 276 22.36 -47.15 -14.92
N ALA D 277 21.37 -46.89 -14.05
CA ALA D 277 21.42 -45.77 -13.12
C ALA D 277 22.42 -46.16 -12.03
N LYS D 278 22.93 -45.19 -11.28
CA LYS D 278 23.78 -45.49 -10.12
C LYS D 278 22.83 -46.02 -9.04
N LEU D 279 23.25 -47.02 -8.28
CA LEU D 279 22.46 -47.55 -7.18
C LEU D 279 22.84 -46.84 -5.90
N ASN D 280 21.84 -46.43 -5.12
CA ASN D 280 22.06 -45.83 -3.82
C ASN D 280 22.45 -46.96 -2.85
N ARG D 281 23.60 -46.83 -2.20
CA ARG D 281 24.11 -47.75 -1.20
C ARG D 281 24.56 -46.90 -0.06
N GLN D 282 24.41 -47.43 1.16
CA GLN D 282 24.69 -46.69 2.39
C GLN D 282 26.13 -46.10 2.46
N ASN D 283 27.10 -46.68 1.77
CA ASN D 283 28.48 -46.16 1.72
C ASN D 283 28.84 -45.62 0.33
N GLN D 284 27.83 -45.50 -0.57
CA GLN D 284 27.98 -44.96 -1.92
C GLN D 284 26.74 -44.08 -2.23
N ILE D 285 26.53 -43.01 -1.44
CA ILE D 285 25.31 -42.19 -1.53
C ILE D 285 25.28 -41.30 -2.78
N ALA D 286 26.26 -40.40 -2.96
CA ALA D 286 26.24 -39.51 -4.12
C ALA D 286 27.64 -39.22 -4.64
N VAL D 287 27.79 -39.11 -5.98
CA VAL D 287 29.08 -38.96 -6.66
C VAL D 287 29.70 -37.57 -6.55
N ASP D 288 31.05 -37.51 -6.63
CA ASP D 288 31.79 -36.26 -6.52
C ASP D 288 31.54 -35.30 -7.68
N GLU D 289 31.00 -35.77 -8.84
CA GLU D 289 30.68 -34.84 -9.94
C GLU D 289 29.63 -33.81 -9.48
N ILE D 290 28.70 -34.24 -8.56
CA ILE D 290 27.67 -33.33 -7.99
C ILE D 290 28.05 -32.86 -6.57
N ARG D 291 28.85 -33.66 -5.86
CA ARG D 291 29.26 -33.38 -4.48
C ARG D 291 30.47 -32.43 -4.38
N GLU D 292 31.28 -32.35 -5.45
CA GLU D 292 32.49 -31.52 -5.47
C GLU D 292 32.52 -30.54 -6.63
N ARG D 293 31.94 -30.94 -7.76
CA ARG D 293 32.09 -30.20 -9.01
C ARG D 293 30.80 -29.70 -9.63
N LEU D 294 29.70 -29.56 -8.83
CA LEU D 294 28.43 -29.07 -9.35
C LEU D 294 28.57 -27.63 -9.85
N PHE D 295 28.36 -27.47 -11.17
CA PHE D 295 28.45 -26.19 -11.90
C PHE D 295 29.82 -25.53 -11.80
N GLU D 296 30.90 -26.32 -11.68
CA GLU D 296 32.24 -25.73 -11.55
C GLU D 296 32.69 -24.87 -12.72
N GLN D 297 32.21 -25.19 -13.94
CA GLN D 297 32.56 -24.41 -15.11
C GLN D 297 32.15 -22.95 -15.05
N VAL D 298 30.91 -22.66 -14.61
CA VAL D 298 30.33 -21.33 -14.69
C VAL D 298 30.43 -20.53 -13.40
N MET D 299 30.90 -21.14 -12.31
CA MET D 299 30.95 -20.47 -11.01
C MET D 299 32.35 -20.31 -10.44
N ARG D 300 32.47 -19.46 -9.41
CA ARG D 300 33.74 -19.19 -8.73
C ARG D 300 34.26 -20.39 -7.93
N ILE D 301 33.37 -21.35 -7.64
CA ILE D 301 33.68 -22.55 -6.87
C ILE D 301 32.68 -23.67 -7.20
N GLY D 302 33.17 -24.90 -7.22
CA GLY D 302 32.34 -26.05 -7.44
C GLY D 302 31.41 -26.22 -6.25
N LEU D 303 30.13 -26.51 -6.53
CA LEU D 303 29.15 -26.65 -5.45
C LEU D 303 29.08 -28.09 -4.98
N ASP D 304 28.35 -28.33 -3.89
CA ASP D 304 28.11 -29.65 -3.30
C ASP D 304 26.58 -29.85 -3.19
N LEU D 305 25.98 -30.55 -4.17
CA LEU D 305 24.53 -30.78 -4.20
C LEU D 305 23.99 -31.43 -2.90
N PRO D 306 24.55 -32.54 -2.36
CA PRO D 306 24.04 -33.06 -1.08
C PRO D 306 24.05 -32.03 0.05
N ALA D 307 25.14 -31.24 0.18
CA ALA D 307 25.27 -30.21 1.19
C ALA D 307 24.24 -29.11 0.95
N LEU D 308 24.03 -28.73 -0.32
CA LEU D 308 23.01 -27.75 -0.68
C LEU D 308 21.61 -28.22 -0.22
N ASN D 309 21.31 -29.54 -0.40
CA ASN D 309 20.02 -30.13 -0.02
C ASN D 309 19.77 -29.95 1.46
N MET D 310 20.82 -30.20 2.29
CA MET D 310 20.75 -30.08 3.74
C MET D 310 20.62 -28.65 4.20
N GLN D 311 21.35 -27.72 3.56
CA GLN D 311 21.27 -26.29 3.87
C GLN D 311 19.89 -25.77 3.46
N ARG D 312 19.35 -26.28 2.32
CA ARG D 312 18.03 -25.90 1.82
C ARG D 312 16.91 -26.36 2.79
N SER D 313 17.03 -27.57 3.36
CA SER D 313 16.02 -28.06 4.30
C SER D 313 16.01 -27.20 5.58
N ARG D 314 17.16 -26.63 5.94
CA ARG D 314 17.31 -25.72 7.07
C ARG D 314 16.73 -24.37 6.74
N ASP D 315 17.05 -23.86 5.55
CA ASP D 315 16.53 -22.61 5.00
C ASP D 315 14.97 -22.66 5.05
N HIS D 316 14.40 -23.83 4.64
CA HIS D 316 12.95 -24.08 4.60
C HIS D 316 12.35 -24.41 5.96
N GLY D 317 13.17 -24.43 7.01
CA GLY D 317 12.71 -24.75 8.35
C GLY D 317 12.07 -26.12 8.50
N LEU D 318 12.59 -27.09 7.77
CA LEU D 318 12.00 -28.43 7.85
C LEU D 318 12.37 -29.15 9.11
N PRO D 319 11.39 -29.78 9.80
CA PRO D 319 11.73 -30.58 10.99
C PRO D 319 12.70 -31.72 10.62
N GLY D 320 13.36 -32.28 11.64
CA GLY D 320 14.31 -33.36 11.46
C GLY D 320 13.70 -34.71 11.18
N TYR D 321 14.57 -35.68 10.96
CA TYR D 321 14.27 -37.05 10.65
C TYR D 321 13.16 -37.68 11.53
N ASN D 322 13.32 -37.66 12.85
CA ASN D 322 12.35 -38.27 13.78
C ASN D 322 10.93 -37.67 13.71
N ALA D 323 10.82 -36.33 13.55
CA ALA D 323 9.51 -35.70 13.42
C ALA D 323 8.80 -36.24 12.13
N TRP D 324 9.58 -36.48 11.05
CA TRP D 324 9.01 -37.00 9.80
C TRP D 324 8.65 -38.45 9.93
N ARG D 325 9.46 -39.22 10.69
CA ARG D 325 9.16 -40.63 10.96
C ARG D 325 7.80 -40.70 11.69
N ARG D 326 7.61 -39.83 12.71
CA ARG D 326 6.39 -39.73 13.48
C ARG D 326 5.24 -39.40 12.56
N PHE D 327 5.41 -38.36 11.75
CA PHE D 327 4.40 -37.94 10.78
C PHE D 327 3.92 -39.14 9.94
N CYS D 328 4.86 -40.00 9.54
CA CYS D 328 4.60 -41.19 8.72
C CYS D 328 4.06 -42.39 9.50
N GLY D 329 4.05 -42.31 10.83
CA GLY D 329 3.63 -43.41 11.69
C GLY D 329 4.70 -44.46 11.83
N LEU D 330 5.97 -44.06 11.70
CA LEU D 330 7.12 -44.94 11.77
C LEU D 330 7.85 -44.77 13.09
N PRO D 331 8.48 -45.84 13.66
CA PRO D 331 9.19 -45.67 14.95
C PRO D 331 10.33 -44.67 14.85
N GLN D 332 10.52 -43.90 15.92
CA GLN D 332 11.54 -42.89 15.95
C GLN D 332 12.72 -43.39 16.78
N PRO D 333 13.87 -43.71 16.14
CA PRO D 333 15.03 -44.17 16.95
C PRO D 333 15.62 -43.01 17.79
N GLU D 334 15.94 -43.28 19.07
CA GLU D 334 16.47 -42.27 20.01
C GLU D 334 17.96 -42.45 20.24
N THR D 335 18.44 -43.69 20.27
CA THR D 335 19.85 -44.03 20.50
C THR D 335 20.53 -44.48 19.21
N VAL D 336 21.88 -44.54 19.25
CA VAL D 336 22.72 -45.01 18.17
C VAL D 336 22.33 -46.45 17.82
N GLY D 337 22.03 -47.26 18.85
CA GLY D 337 21.61 -48.65 18.70
C GLY D 337 20.32 -48.78 17.93
N GLN D 338 19.29 -47.98 18.33
CA GLN D 338 17.97 -47.99 17.69
C GLN D 338 18.08 -47.52 16.23
N LEU D 339 18.94 -46.50 15.98
CA LEU D 339 19.14 -46.03 14.61
C LEU D 339 19.84 -47.11 13.79
N GLY D 340 20.77 -47.84 14.41
CA GLY D 340 21.46 -48.97 13.80
C GLY D 340 20.45 -50.00 13.29
N THR D 341 19.39 -50.30 14.08
CA THR D 341 18.33 -51.25 13.69
C THR D 341 17.55 -50.70 12.48
N VAL D 342 17.09 -49.44 12.57
CA VAL D 342 16.37 -48.78 11.50
C VAL D 342 17.20 -48.84 10.20
N LEU D 343 18.52 -48.55 10.29
CA LEU D 343 19.39 -48.57 9.12
C LEU D 343 19.98 -49.92 8.76
N ARG D 344 19.80 -50.98 9.60
CA ARG D 344 20.45 -52.30 9.42
C ARG D 344 21.97 -52.03 9.24
N ASN D 345 22.48 -50.97 9.92
CA ASN D 345 23.85 -50.52 9.77
C ASN D 345 24.26 -49.67 10.97
N LEU D 346 25.01 -50.28 11.86
CA LEU D 346 25.47 -49.63 13.08
C LEU D 346 26.58 -48.59 12.82
N LYS D 347 27.46 -48.84 11.82
CA LYS D 347 28.53 -47.91 11.46
C LYS D 347 27.94 -46.60 10.91
N LEU D 348 26.91 -46.70 10.03
CA LEU D 348 26.25 -45.50 9.48
C LEU D 348 25.58 -44.75 10.61
N ALA D 349 24.84 -45.47 11.50
CA ALA D 349 24.17 -44.87 12.66
C ALA D 349 25.20 -44.13 13.52
N ARG D 350 26.36 -44.77 13.79
CA ARG D 350 27.47 -44.17 14.59
C ARG D 350 27.97 -42.89 13.90
N LYS D 351 28.21 -42.95 12.57
CA LYS D 351 28.66 -41.77 11.83
C LYS D 351 27.62 -40.67 11.85
N LEU D 352 26.32 -41.02 11.70
CA LEU D 352 25.26 -40.02 11.75
C LEU D 352 25.13 -39.37 13.15
N MET D 353 25.28 -40.20 14.21
CA MET D 353 25.18 -39.73 15.61
C MET D 353 26.31 -38.79 15.99
N GLU D 354 27.51 -39.03 15.44
CA GLU D 354 28.69 -38.20 15.61
C GLU D 354 28.42 -36.81 14.99
N GLN D 355 27.75 -36.78 13.80
CA GLN D 355 27.46 -35.53 13.11
C GLN D 355 26.32 -34.74 13.76
N TYR D 356 25.20 -35.42 14.03
CA TYR D 356 23.97 -34.81 14.50
C TYR D 356 23.67 -34.84 16.02
N GLY D 357 24.24 -35.81 16.73
CA GLY D 357 24.03 -35.95 18.17
C GLY D 357 22.76 -36.70 18.55
N THR D 358 21.71 -36.52 17.75
CA THR D 358 20.40 -37.17 17.98
C THR D 358 19.75 -37.46 16.63
N PRO D 359 19.02 -38.58 16.49
CA PRO D 359 18.30 -38.81 15.22
C PRO D 359 17.18 -37.78 14.99
N ASN D 360 16.88 -36.93 15.99
CA ASN D 360 15.87 -35.86 15.91
C ASN D 360 16.34 -34.74 14.99
N ASN D 361 17.66 -34.61 14.86
CA ASN D 361 18.29 -33.52 14.11
C ASN D 361 18.79 -33.90 12.73
N ILE D 362 18.77 -35.19 12.38
CA ILE D 362 19.22 -35.59 11.04
C ILE D 362 18.33 -34.88 10.00
N ASP D 363 18.96 -34.15 9.07
CA ASP D 363 18.29 -33.45 7.97
C ASP D 363 17.50 -34.46 7.14
N ILE D 364 16.25 -34.11 6.78
CA ILE D 364 15.33 -34.99 6.05
C ILE D 364 15.99 -35.72 4.83
N TRP D 365 16.69 -35.03 3.94
CA TRP D 365 17.31 -35.69 2.77
C TRP D 365 18.34 -36.74 3.22
N MET D 366 19.24 -36.36 4.14
CA MET D 366 20.29 -37.22 4.71
C MET D 366 19.74 -38.48 5.34
N GLY D 367 18.75 -38.34 6.21
CA GLY D 367 18.13 -39.50 6.86
C GLY D 367 17.37 -40.36 5.88
N GLY D 368 16.64 -39.71 4.98
CA GLY D 368 15.83 -40.38 3.97
C GLY D 368 16.63 -41.29 3.04
N VAL D 369 17.76 -40.79 2.51
CA VAL D 369 18.61 -41.53 1.57
C VAL D 369 19.50 -42.58 2.29
N SER D 370 19.63 -42.48 3.61
CA SER D 370 20.41 -43.42 4.43
C SER D 370 19.64 -44.70 4.70
N GLU D 371 18.32 -44.66 4.63
CA GLU D 371 17.50 -45.84 4.93
C GLU D 371 17.64 -46.93 3.90
N PRO D 372 17.64 -48.23 4.33
CA PRO D 372 17.70 -49.32 3.36
C PRO D 372 16.50 -49.26 2.44
N LEU D 373 16.71 -49.60 1.17
CA LEU D 373 15.69 -49.50 0.13
C LEU D 373 14.64 -50.56 0.26
N LYS D 374 13.38 -50.16 0.01
CA LYS D 374 12.25 -51.07 0.05
C LYS D 374 12.37 -52.03 -1.12
N ARG D 375 11.87 -53.27 -0.92
CA ARG D 375 11.93 -54.33 -1.93
C ARG D 375 11.34 -53.83 -3.24
N LYS D 376 12.14 -53.88 -4.34
CA LYS D 376 11.78 -53.45 -5.69
C LYS D 376 11.48 -51.96 -5.75
N GLY D 377 12.00 -51.22 -4.78
CA GLY D 377 11.86 -49.77 -4.72
C GLY D 377 13.24 -49.16 -4.65
N ARG D 378 13.33 -47.83 -4.73
CA ARG D 378 14.63 -47.17 -4.67
C ARG D 378 14.63 -46.08 -3.58
N VAL D 379 13.77 -46.24 -2.58
CA VAL D 379 13.68 -45.39 -1.40
C VAL D 379 13.35 -46.24 -0.20
N GLY D 380 13.68 -45.76 1.00
CA GLY D 380 13.32 -46.44 2.24
C GLY D 380 11.92 -46.07 2.70
N PRO D 381 11.49 -46.57 3.88
CA PRO D 381 10.11 -46.30 4.34
C PRO D 381 9.72 -44.81 4.47
N LEU D 382 10.62 -43.98 4.99
CA LEU D 382 10.35 -42.56 5.18
C LEU D 382 10.05 -41.82 3.87
N LEU D 383 10.97 -41.93 2.89
CA LEU D 383 10.78 -41.27 1.60
C LEU D 383 9.62 -41.86 0.84
N ALA D 384 9.39 -43.19 0.95
CA ALA D 384 8.22 -43.84 0.29
C ALA D 384 6.93 -43.18 0.80
N CYS D 385 6.89 -42.86 2.10
CA CYS D 385 5.72 -42.21 2.70
C CYS D 385 5.53 -40.81 2.20
N ILE D 386 6.58 -39.99 2.25
CA ILE D 386 6.50 -38.61 1.78
C ILE D 386 6.14 -38.55 0.28
N ILE D 387 6.84 -39.33 -0.55
CA ILE D 387 6.62 -39.34 -2.00
C ILE D 387 5.25 -39.92 -2.35
N GLY D 388 4.91 -41.07 -1.79
CA GLY D 388 3.62 -41.69 -2.03
C GLY D 388 2.44 -40.81 -1.63
N THR D 389 2.53 -40.16 -0.43
CA THR D 389 1.47 -39.25 0.03
C THR D 389 1.31 -38.07 -0.95
N GLN D 390 2.44 -37.49 -1.41
CA GLN D 390 2.36 -36.35 -2.34
C GLN D 390 1.65 -36.74 -3.66
N PHE D 391 2.08 -37.85 -4.27
CA PHE D 391 1.51 -38.29 -5.56
C PHE D 391 0.06 -38.73 -5.44
N ARG D 392 -0.39 -39.23 -4.27
CA ARG D 392 -1.81 -39.52 -4.12
C ARG D 392 -2.60 -38.21 -4.13
N LYS D 393 -2.07 -37.17 -3.50
CA LYS D 393 -2.74 -35.87 -3.49
C LYS D 393 -2.83 -35.24 -4.88
N LEU D 394 -1.73 -35.33 -5.67
CA LEU D 394 -1.67 -34.82 -7.04
C LEU D 394 -2.62 -35.58 -7.98
N ARG D 395 -2.94 -36.81 -7.63
CA ARG D 395 -3.85 -37.65 -8.42
C ARG D 395 -5.33 -37.44 -8.05
N ASP D 396 -5.73 -37.82 -6.82
CA ASP D 396 -7.08 -37.64 -6.25
C ASP D 396 -7.54 -36.17 -6.18
N GLY D 397 -6.61 -35.23 -6.21
CA GLY D 397 -6.93 -33.81 -6.10
C GLY D 397 -6.81 -33.04 -7.40
N ASP D 398 -6.72 -33.77 -8.53
CA ASP D 398 -6.64 -33.16 -9.85
C ASP D 398 -7.99 -33.31 -10.56
N ARG D 399 -8.67 -32.19 -10.87
CA ARG D 399 -9.96 -32.28 -11.57
C ARG D 399 -9.75 -32.79 -13.00
N PHE D 400 -8.58 -32.49 -13.59
CA PHE D 400 -8.21 -32.88 -14.94
C PHE D 400 -7.35 -34.13 -15.00
N TRP D 401 -7.36 -34.97 -13.95
CA TRP D 401 -6.68 -36.27 -13.94
C TRP D 401 -7.27 -37.08 -15.13
N TRP D 402 -6.41 -37.77 -15.91
CA TRP D 402 -6.79 -38.44 -17.16
C TRP D 402 -7.94 -39.46 -17.01
N GLU D 403 -8.05 -40.14 -15.85
CA GLU D 403 -9.12 -41.12 -15.62
C GLU D 403 -10.41 -40.49 -15.04
N ASN D 404 -10.40 -39.20 -14.72
CA ASN D 404 -11.58 -38.58 -14.15
C ASN D 404 -12.69 -38.45 -15.19
N GLU D 405 -13.95 -38.82 -14.81
CA GLU D 405 -15.11 -38.76 -15.71
C GLU D 405 -15.26 -37.35 -16.30
N GLY D 406 -15.41 -37.28 -17.62
CA GLY D 406 -15.55 -36.03 -18.33
C GLY D 406 -14.30 -35.44 -18.95
N VAL D 407 -13.10 -35.89 -18.50
CA VAL D 407 -11.83 -35.40 -19.05
C VAL D 407 -11.64 -36.01 -20.45
N PHE D 408 -11.69 -37.34 -20.52
CA PHE D 408 -11.60 -38.07 -21.77
C PHE D 408 -12.80 -39.01 -21.85
N SER D 409 -13.10 -39.52 -23.07
CA SER D 409 -14.19 -40.49 -23.26
C SER D 409 -13.64 -41.86 -22.91
N MET D 410 -14.52 -42.88 -22.75
CA MET D 410 -14.13 -44.26 -22.47
C MET D 410 -13.14 -44.74 -23.56
N GLN D 411 -13.42 -44.41 -24.84
CA GLN D 411 -12.63 -44.82 -26.00
C GLN D 411 -11.27 -44.12 -26.00
N GLN D 412 -11.23 -42.80 -25.75
CA GLN D 412 -10.00 -42.02 -25.67
C GLN D 412 -9.09 -42.59 -24.57
N ARG D 413 -9.67 -42.99 -23.42
CA ARG D 413 -8.93 -43.58 -22.30
C ARG D 413 -8.35 -44.94 -22.65
N GLN D 414 -9.14 -45.77 -23.40
CA GLN D 414 -8.72 -47.10 -23.85
C GLN D 414 -7.53 -46.95 -24.81
N ALA D 415 -7.57 -45.91 -25.68
CA ALA D 415 -6.49 -45.57 -26.62
C ALA D 415 -5.23 -45.11 -25.84
N LEU D 416 -5.40 -44.18 -24.86
CA LEU D 416 -4.31 -43.62 -24.03
C LEU D 416 -3.59 -44.67 -23.23
N ALA D 417 -4.28 -45.72 -22.78
CA ALA D 417 -3.68 -46.80 -22.01
C ALA D 417 -2.54 -47.53 -22.77
N GLN D 418 -2.50 -47.39 -24.11
CA GLN D 418 -1.52 -48.03 -24.99
C GLN D 418 -0.22 -47.25 -25.14
N ILE D 419 -0.17 -46.00 -24.64
CA ILE D 419 1.03 -45.19 -24.74
C ILE D 419 2.17 -45.74 -23.88
N SER D 420 3.40 -45.37 -24.24
CA SER D 420 4.61 -45.73 -23.50
C SER D 420 5.72 -44.77 -23.92
N LEU D 421 6.70 -44.55 -23.02
CA LEU D 421 7.83 -43.67 -23.31
C LEU D 421 8.67 -44.24 -24.48
N PRO D 422 8.96 -45.57 -24.58
CA PRO D 422 9.69 -46.08 -25.77
C PRO D 422 8.97 -45.73 -27.09
N ARG D 423 7.63 -45.90 -27.13
CA ARG D 423 6.83 -45.53 -28.29
C ARG D 423 6.98 -44.04 -28.65
N ILE D 424 7.01 -43.15 -27.64
CA ILE D 424 7.20 -41.70 -27.85
C ILE D 424 8.58 -41.43 -28.52
N ILE D 425 9.60 -42.18 -28.09
CA ILE D 425 10.96 -42.08 -28.61
C ILE D 425 10.97 -42.48 -30.12
N CYS D 426 10.32 -43.62 -30.43
CA CYS D 426 10.16 -44.19 -31.77
C CYS D 426 9.62 -43.19 -32.78
N ASP D 427 8.58 -42.46 -32.38
CA ASP D 427 7.83 -41.49 -33.16
C ASP D 427 8.45 -40.18 -33.40
N ASN D 428 9.43 -39.79 -32.58
CA ASN D 428 9.98 -38.42 -32.64
C ASN D 428 11.49 -38.35 -32.82
N THR D 429 12.14 -39.49 -33.04
CA THR D 429 13.59 -39.55 -33.22
C THR D 429 13.95 -40.51 -34.37
N GLY D 430 15.24 -40.64 -34.64
CA GLY D 430 15.77 -41.57 -35.62
C GLY D 430 16.07 -42.94 -35.01
N ILE D 431 15.75 -43.13 -33.72
CA ILE D 431 16.00 -44.38 -33.00
C ILE D 431 14.96 -45.42 -33.39
N THR D 432 15.42 -46.62 -33.79
CA THR D 432 14.56 -47.69 -34.30
C THR D 432 14.52 -48.92 -33.40
N THR D 433 15.38 -48.96 -32.39
CA THR D 433 15.41 -50.03 -31.40
C THR D 433 15.38 -49.36 -30.06
N VAL D 434 14.36 -49.69 -29.25
CA VAL D 434 14.14 -49.06 -27.95
C VAL D 434 13.94 -50.10 -26.86
N SER D 435 14.05 -49.63 -25.60
CA SER D 435 13.86 -50.43 -24.41
C SER D 435 12.52 -51.12 -24.43
N LYS D 436 12.50 -52.36 -23.95
CA LYS D 436 11.27 -53.10 -23.77
C LYS D 436 10.63 -52.51 -22.48
N ASN D 437 9.30 -52.59 -22.37
CA ASN D 437 8.60 -52.14 -21.17
C ASN D 437 9.02 -53.12 -20.06
N ASN D 438 9.38 -52.63 -18.86
CA ASN D 438 9.32 -51.24 -18.40
C ASN D 438 10.64 -50.52 -18.72
N ILE D 439 10.56 -49.38 -19.44
CA ILE D 439 11.72 -48.55 -19.81
C ILE D 439 12.62 -48.16 -18.61
N PHE D 440 12.03 -48.03 -17.40
CA PHE D 440 12.79 -47.63 -16.21
C PHE D 440 13.58 -48.78 -15.61
N MET D 441 13.18 -50.02 -15.93
CA MET D 441 13.86 -51.24 -15.48
C MET D 441 14.91 -51.68 -16.54
N SER D 442 14.48 -51.79 -17.83
CA SER D 442 15.32 -52.17 -18.98
C SER D 442 16.57 -51.31 -19.07
N ASN D 443 17.77 -51.91 -19.02
CA ASN D 443 19.03 -51.14 -19.08
C ASN D 443 20.20 -51.84 -19.83
N SER D 444 19.95 -53.03 -20.42
CA SER D 444 21.03 -53.75 -21.10
C SER D 444 20.74 -54.03 -22.56
N TYR D 445 21.60 -53.50 -23.46
CA TYR D 445 21.52 -53.73 -24.89
C TYR D 445 22.36 -54.96 -25.27
N PRO D 446 21.82 -55.91 -26.08
CA PRO D 446 20.49 -55.94 -26.69
C PRO D 446 19.40 -56.68 -25.89
N ARG D 447 19.78 -57.37 -24.80
CA ARG D 447 18.89 -58.19 -23.96
C ARG D 447 17.52 -57.53 -23.66
N ASP D 448 17.49 -56.24 -23.26
CA ASP D 448 16.22 -55.59 -22.89
C ASP D 448 15.69 -54.64 -23.95
N PHE D 449 16.09 -54.84 -25.21
CA PHE D 449 15.68 -53.97 -26.29
C PHE D 449 14.81 -54.67 -27.32
N VAL D 450 13.94 -53.91 -28.01
CA VAL D 450 13.00 -54.40 -29.03
C VAL D 450 12.87 -53.40 -30.16
N ASN D 451 12.34 -53.84 -31.31
CA ASN D 451 12.13 -52.99 -32.46
C ASN D 451 10.86 -52.19 -32.29
N CYS D 452 10.88 -50.94 -32.75
CA CYS D 452 9.76 -49.99 -32.72
C CYS D 452 8.47 -50.50 -33.34
N SER D 453 8.59 -51.32 -34.41
CA SER D 453 7.48 -51.96 -35.13
C SER D 453 6.64 -52.85 -34.22
N THR D 454 7.26 -53.45 -33.18
CA THR D 454 6.57 -54.32 -32.21
C THR D 454 5.65 -53.52 -31.27
N LEU D 455 5.99 -52.23 -31.07
CA LEU D 455 5.27 -51.33 -30.18
C LEU D 455 4.01 -50.74 -30.80
N PRO D 456 2.85 -50.89 -30.13
CA PRO D 456 1.61 -50.30 -30.68
C PRO D 456 1.63 -48.77 -30.59
N ALA D 457 1.12 -48.10 -31.65
CA ALA D 457 1.06 -46.64 -31.72
C ALA D 457 -0.21 -46.12 -31.03
N LEU D 458 -0.26 -44.80 -30.77
CA LEU D 458 -1.46 -44.21 -30.15
C LEU D 458 -2.47 -44.00 -31.25
N ASN D 459 -3.62 -44.67 -31.13
CA ASN D 459 -4.72 -44.58 -32.08
C ASN D 459 -5.58 -43.36 -31.71
N LEU D 460 -5.54 -42.35 -32.56
CA LEU D 460 -6.30 -41.11 -32.38
C LEU D 460 -7.72 -41.11 -32.97
N ALA D 461 -8.20 -42.26 -33.49
CA ALA D 461 -9.54 -42.39 -34.10
C ALA D 461 -10.67 -41.80 -33.25
N SER D 462 -10.66 -42.07 -31.92
CA SER D 462 -11.68 -41.58 -30.99
C SER D 462 -11.65 -40.07 -30.77
N TRP D 463 -10.72 -39.34 -31.42
CA TRP D 463 -10.64 -37.88 -31.35
C TRP D 463 -11.33 -37.19 -32.55
N ARG D 464 -11.86 -37.99 -33.50
CA ARG D 464 -12.54 -37.43 -34.69
C ARG D 464 -13.88 -36.80 -34.32
N GLU D 465 -14.07 -35.54 -34.70
CA GLU D 465 -15.28 -34.76 -34.44
C GLU D 465 -16.06 -34.53 -35.73
N CYS E 1 15.90 39.00 5.57
CA CYS E 1 15.65 37.83 6.42
C CYS E 1 16.76 37.63 7.48
N PRO E 2 16.57 38.09 8.74
CA PRO E 2 17.63 37.93 9.76
C PRO E 2 17.99 36.50 10.15
N GLU E 3 19.29 36.28 10.43
CA GLU E 3 19.91 35.00 10.81
C GLU E 3 19.46 34.49 12.17
N GLN E 4 19.10 35.40 13.09
CA GLN E 4 18.59 35.05 14.41
C GLN E 4 17.47 36.01 14.81
N ASP E 5 16.41 35.47 15.42
CA ASP E 5 15.23 36.20 15.89
C ASP E 5 14.61 35.46 17.07
N LYS E 6 13.80 36.16 17.87
CA LYS E 6 13.14 35.52 19.02
C LYS E 6 11.63 35.52 18.88
N TYR E 7 11.10 36.49 18.09
CA TYR E 7 9.65 36.64 17.89
C TYR E 7 9.25 36.63 16.44
N ARG E 8 8.00 36.24 16.19
CA ARG E 8 7.39 36.27 14.86
C ARG E 8 7.32 37.71 14.37
N THR E 9 7.39 37.88 13.06
CA THR E 9 7.10 39.18 12.46
C THR E 9 5.56 39.25 12.47
N ILE E 10 5.02 40.43 12.21
CA ILE E 10 3.59 40.64 12.16
C ILE E 10 3.00 40.06 10.87
N THR E 11 3.71 40.22 9.74
CA THR E 11 3.25 39.74 8.44
C THR E 11 3.41 38.25 8.23
N GLY E 12 4.19 37.57 9.08
CA GLY E 12 4.47 36.13 8.93
C GLY E 12 5.71 35.87 8.08
N MET E 13 6.25 36.94 7.45
CA MET E 13 7.46 36.95 6.65
C MET E 13 8.63 36.40 7.51
N CYS E 14 9.50 35.58 6.88
CA CYS E 14 10.71 35.00 7.52
C CYS E 14 10.44 33.81 8.42
N ASN E 15 9.19 33.39 8.62
CA ASN E 15 8.92 32.18 9.41
C ASN E 15 9.64 31.01 8.67
N ASN E 16 9.44 30.87 7.36
CA ASN E 16 10.17 29.89 6.55
C ASN E 16 11.36 30.63 5.94
N ARG E 17 12.59 30.28 6.34
CA ARG E 17 13.80 30.98 5.89
C ARG E 17 14.19 30.70 4.43
N ARG E 18 13.84 29.55 3.87
CA ARG E 18 14.13 29.25 2.46
C ARG E 18 13.18 29.95 1.48
N SER E 19 11.87 30.05 1.84
CA SER E 19 10.87 30.73 0.99
C SER E 19 10.11 31.64 1.98
N PRO E 20 10.71 32.84 2.25
CA PRO E 20 10.22 33.66 3.37
C PRO E 20 8.83 34.29 3.24
N THR E 21 8.11 34.12 2.09
CA THR E 21 6.74 34.66 2.04
C THR E 21 5.73 33.57 2.43
N LEU E 22 6.15 32.31 2.58
CA LEU E 22 5.21 31.22 2.89
C LEU E 22 4.51 31.41 4.25
N GLY E 23 3.20 31.52 4.20
CA GLY E 23 2.36 31.76 5.38
C GLY E 23 2.26 33.23 5.73
N ALA E 24 2.97 34.12 4.97
CA ALA E 24 2.94 35.56 5.19
C ALA E 24 1.65 36.12 4.55
N SER E 25 1.23 37.31 5.01
CA SER E 25 -0.01 37.97 4.60
C SER E 25 0.10 38.60 3.23
N ASN E 26 -1.05 38.79 2.58
CA ASN E 26 -1.19 39.38 1.27
C ASN E 26 -0.44 38.60 0.16
N ARG E 27 -0.62 37.28 0.16
CA ARG E 27 -0.03 36.40 -0.86
C ARG E 27 -1.12 35.50 -1.37
N ALA E 28 -0.93 34.94 -2.58
CA ALA E 28 -1.86 34.01 -3.20
C ALA E 28 -1.98 32.72 -2.38
N PHE E 29 -3.16 32.11 -2.35
CA PHE E 29 -3.38 30.81 -1.69
C PHE E 29 -2.61 29.73 -2.45
N VAL E 30 -2.25 28.66 -1.78
CA VAL E 30 -1.63 27.54 -2.48
C VAL E 30 -2.80 26.73 -3.04
N ARG E 31 -2.59 26.02 -4.17
CA ARG E 31 -3.61 25.16 -4.71
C ARG E 31 -3.19 23.71 -4.56
N TRP E 32 -4.08 22.88 -4.08
CA TRP E 32 -3.83 21.45 -3.95
C TRP E 32 -4.27 20.72 -5.20
N LEU E 33 -5.16 21.35 -6.01
CA LEU E 33 -5.66 20.81 -7.28
C LEU E 33 -5.72 21.93 -8.29
N PRO E 34 -5.50 21.65 -9.61
CA PRO E 34 -5.61 22.73 -10.61
C PRO E 34 -7.03 23.31 -10.67
N ALA E 35 -7.17 24.62 -10.85
CA ALA E 35 -8.46 25.29 -10.90
C ALA E 35 -9.27 24.87 -12.12
N GLU E 36 -10.60 25.00 -12.01
CA GLU E 36 -11.55 24.62 -13.03
C GLU E 36 -12.46 25.78 -13.27
N TYR E 37 -12.19 26.47 -14.38
CA TYR E 37 -12.94 27.62 -14.82
C TYR E 37 -13.57 27.27 -16.17
N GLU E 38 -14.71 27.92 -16.46
CA GLU E 38 -15.50 27.80 -17.70
C GLU E 38 -14.61 27.97 -18.97
N ASP E 39 -13.67 28.94 -18.93
CA ASP E 39 -12.74 29.21 -20.05
C ASP E 39 -11.33 28.61 -19.76
N GLY E 40 -11.21 27.83 -18.70
CA GLY E 40 -9.95 27.21 -18.29
C GLY E 40 -9.04 28.08 -17.45
N PHE E 41 -9.25 29.41 -17.41
CA PHE E 41 -8.31 30.24 -16.65
C PHE E 41 -8.91 31.38 -15.81
N SER E 42 -10.17 31.78 -16.02
CA SER E 42 -10.70 32.90 -15.20
C SER E 42 -12.20 32.92 -14.93
N LEU E 43 -13.03 32.53 -15.90
CA LEU E 43 -14.49 32.63 -15.77
C LEU E 43 -15.08 31.51 -14.97
N PRO E 44 -15.90 31.85 -13.97
CA PRO E 44 -16.47 30.80 -13.11
C PRO E 44 -17.56 30.02 -13.79
N TYR E 45 -17.73 28.75 -13.38
CA TYR E 45 -18.84 27.95 -13.89
C TYR E 45 -20.14 28.66 -13.50
N GLY E 46 -21.05 28.76 -14.47
CA GLY E 46 -22.31 29.47 -14.25
C GLY E 46 -22.31 30.86 -14.87
N TRP E 47 -21.12 31.41 -15.20
CA TRP E 47 -20.95 32.72 -15.82
C TRP E 47 -21.74 32.84 -17.14
N THR E 48 -21.58 31.86 -18.05
CA THR E 48 -22.20 31.90 -19.36
C THR E 48 -23.44 31.02 -19.46
N PRO E 49 -24.62 31.63 -19.78
CA PRO E 49 -25.86 30.85 -19.93
C PRO E 49 -25.72 29.73 -20.94
N GLY E 50 -26.13 28.53 -20.54
CA GLY E 50 -26.09 27.35 -21.41
C GLY E 50 -24.79 26.57 -21.38
N VAL E 51 -23.68 27.18 -20.92
CA VAL E 51 -22.39 26.48 -20.84
C VAL E 51 -22.44 25.44 -19.72
N LYS E 52 -22.35 24.17 -20.13
CA LYS E 52 -22.37 23.03 -19.22
C LYS E 52 -21.01 22.84 -18.56
N ARG E 53 -21.02 22.16 -17.40
CA ARG E 53 -19.81 21.78 -16.69
C ARG E 53 -19.77 20.26 -16.76
N ASN E 54 -18.73 19.71 -17.43
CA ASN E 54 -18.54 18.26 -17.56
C ASN E 54 -19.81 17.53 -18.06
N GLY E 55 -20.48 18.11 -19.05
CA GLY E 55 -21.68 17.53 -19.66
C GLY E 55 -23.00 17.77 -18.96
N PHE E 56 -23.01 18.53 -17.85
CA PHE E 56 -24.23 18.82 -17.12
C PHE E 56 -24.47 20.29 -16.90
N PRO E 57 -25.75 20.74 -16.91
CA PRO E 57 -26.03 22.17 -16.64
C PRO E 57 -25.54 22.55 -15.24
N VAL E 58 -25.13 23.80 -15.08
CA VAL E 58 -24.69 24.32 -13.79
C VAL E 58 -25.96 24.73 -13.00
N ALA E 59 -26.10 24.18 -11.79
CA ALA E 59 -27.24 24.47 -10.92
C ALA E 59 -27.00 25.82 -10.27
N LEU E 60 -28.05 26.64 -10.17
CA LEU E 60 -27.98 27.94 -9.50
C LEU E 60 -27.69 27.70 -8.02
N ALA E 61 -26.72 28.43 -7.45
CA ALA E 61 -26.33 28.26 -6.04
C ALA E 61 -27.57 28.42 -5.12
N ARG E 62 -28.46 29.40 -5.44
CA ARG E 62 -29.68 29.65 -4.69
C ARG E 62 -30.67 28.46 -4.80
N ALA E 63 -30.78 27.83 -5.98
CA ALA E 63 -31.64 26.67 -6.18
C ALA E 63 -31.17 25.49 -5.30
N VAL E 64 -29.84 25.25 -5.23
CA VAL E 64 -29.26 24.17 -4.42
C VAL E 64 -29.58 24.44 -2.95
N SER E 65 -29.40 25.69 -2.53
CA SER E 65 -29.67 26.10 -1.16
C SER E 65 -31.16 25.87 -0.82
N ASN E 66 -32.09 26.27 -1.74
CA ASN E 66 -33.54 26.10 -1.55
C ASN E 66 -33.95 24.65 -1.49
N GLU E 67 -33.37 23.81 -2.37
CA GLU E 67 -33.71 22.40 -2.49
C GLU E 67 -33.03 21.45 -1.52
N ILE E 68 -31.81 21.78 -1.04
CA ILE E 68 -31.04 20.85 -0.19
C ILE E 68 -30.82 21.38 1.21
N VAL E 69 -30.53 22.68 1.35
CA VAL E 69 -30.16 23.26 2.63
C VAL E 69 -31.37 23.70 3.47
N ARG E 70 -32.37 24.34 2.83
CA ARG E 70 -33.58 24.82 3.50
C ARG E 70 -34.25 23.76 4.38
N PHE E 71 -34.55 24.13 5.63
CA PHE E 71 -35.26 23.26 6.57
C PHE E 71 -36.06 24.09 7.57
N PRO E 72 -37.16 23.54 8.18
CA PRO E 72 -37.94 24.35 9.15
C PRO E 72 -37.15 24.56 10.43
N THR E 73 -37.01 25.81 10.85
CA THR E 73 -36.26 26.20 12.06
C THR E 73 -36.71 25.43 13.31
N ASP E 74 -38.02 25.15 13.44
CA ASP E 74 -38.62 24.41 14.57
C ASP E 74 -38.04 22.98 14.72
N GLN E 75 -37.52 22.40 13.61
CA GLN E 75 -36.96 21.07 13.54
C GLN E 75 -35.50 20.95 14.04
N LEU E 76 -34.77 22.10 14.21
CA LEU E 76 -33.38 22.16 14.65
C LEU E 76 -33.05 21.15 15.78
N THR E 77 -31.97 20.38 15.62
CA THR E 77 -31.55 19.43 16.64
C THR E 77 -30.40 20.01 17.43
N PRO E 78 -30.54 20.23 18.76
CA PRO E 78 -29.38 20.75 19.52
C PRO E 78 -28.35 19.64 19.67
N ASP E 79 -27.07 20.00 19.65
CA ASP E 79 -26.03 18.98 19.73
C ASP E 79 -25.81 18.67 21.19
N GLN E 80 -26.10 17.43 21.61
CA GLN E 80 -25.95 17.02 23.01
C GLN E 80 -24.50 17.05 23.49
N GLU E 81 -23.53 16.99 22.53
CA GLU E 81 -22.11 16.93 22.88
C GLU E 81 -21.28 18.13 22.45
N ARG E 82 -21.91 19.25 21.99
CA ARG E 82 -21.12 20.44 21.64
C ARG E 82 -21.75 21.73 22.14
N SER E 83 -20.94 22.66 22.66
CA SER E 83 -21.40 23.99 23.08
C SER E 83 -21.42 24.96 21.90
N LEU E 84 -22.10 26.14 22.06
CA LEU E 84 -22.06 27.16 21.02
C LEU E 84 -20.65 27.72 20.96
N MET E 85 -19.88 27.54 22.07
CA MET E 85 -18.47 27.95 22.14
C MET E 85 -17.66 27.19 21.06
N PHE E 86 -18.10 25.97 20.71
CA PHE E 86 -17.46 25.15 19.66
C PHE E 86 -17.59 25.84 18.30
N MET E 87 -18.78 26.40 17.99
CA MET E 87 -19.03 27.14 16.76
C MET E 87 -18.16 28.40 16.78
N GLN E 88 -18.23 29.21 17.86
CA GLN E 88 -17.53 30.49 17.91
C GLN E 88 -15.99 30.38 17.91
N TRP E 89 -15.42 29.33 18.55
CA TRP E 89 -13.94 29.19 18.47
C TRP E 89 -13.57 28.96 17.00
N GLY E 90 -14.41 28.20 16.29
CA GLY E 90 -14.24 27.89 14.87
C GLY E 90 -14.12 29.15 14.04
N GLN E 91 -15.10 30.07 14.22
CA GLN E 91 -15.06 31.32 13.46
C GLN E 91 -13.85 32.17 13.83
N LEU E 92 -13.58 32.31 15.14
CA LEU E 92 -12.45 33.09 15.62
C LEU E 92 -11.11 32.52 15.07
N LEU E 93 -10.97 31.19 15.05
CA LEU E 93 -9.78 30.47 14.51
C LEU E 93 -9.66 30.75 12.99
N ASP E 94 -10.76 30.65 12.24
CA ASP E 94 -10.79 30.99 10.81
C ASP E 94 -10.23 32.39 10.60
N HIS E 95 -10.60 33.31 11.51
CA HIS E 95 -10.19 34.72 11.38
C HIS E 95 -8.73 34.93 11.75
N ASP E 96 -8.05 33.88 12.21
CA ASP E 96 -6.59 33.88 12.43
C ASP E 96 -5.92 33.31 11.14
N LEU E 97 -6.69 32.54 10.32
CA LEU E 97 -6.15 31.81 9.16
C LEU E 97 -6.31 32.45 7.81
N ASP E 98 -7.54 32.89 7.44
CA ASP E 98 -7.79 33.45 6.11
C ASP E 98 -8.85 34.51 6.04
N PHE E 99 -8.59 35.49 5.16
CA PHE E 99 -9.50 36.54 4.76
C PHE E 99 -9.20 36.75 3.31
N THR E 100 -10.17 36.43 2.44
CA THR E 100 -10.05 36.58 1.00
C THR E 100 -10.64 37.97 0.61
N PRO E 101 -9.81 38.98 0.29
CA PRO E 101 -10.37 40.30 -0.06
C PRO E 101 -11.17 40.34 -1.35
N GLU E 102 -12.13 41.26 -1.38
CA GLU E 102 -13.04 41.52 -2.50
C GLU E 102 -12.82 42.98 -2.91
N PRO E 103 -13.13 43.39 -4.16
CA PRO E 103 -12.89 44.80 -4.55
C PRO E 103 -13.76 45.81 -3.79
N ASN F 2 -21.95 48.75 -9.77
CA ASN F 2 -22.08 48.55 -8.32
C ASN F 2 -22.66 47.18 -8.02
N CYS F 3 -21.81 46.27 -7.50
CA CYS F 3 -22.22 44.89 -7.18
C CYS F 3 -23.31 44.85 -6.11
N GLU F 4 -23.30 45.86 -5.23
CA GLU F 4 -24.27 46.04 -4.15
C GLU F 4 -25.70 46.29 -4.65
N THR F 5 -25.84 47.03 -5.78
CA THR F 5 -27.20 47.41 -6.28
C THR F 5 -27.57 46.92 -7.65
N SER F 6 -26.61 46.53 -8.47
CA SER F 6 -26.96 46.07 -9.79
C SER F 6 -27.05 44.55 -9.84
N CYS F 7 -27.82 44.00 -10.79
CA CYS F 7 -27.95 42.57 -11.08
C CYS F 7 -27.23 42.25 -12.37
N VAL F 8 -26.54 43.25 -12.92
CA VAL F 8 -25.78 43.12 -14.17
C VAL F 8 -24.51 42.28 -13.89
N GLN F 9 -24.30 41.22 -14.66
CA GLN F 9 -23.09 40.41 -14.54
C GLN F 9 -21.97 41.09 -15.35
N GLN F 10 -21.30 42.05 -14.72
CA GLN F 10 -20.17 42.76 -15.30
C GLN F 10 -19.04 42.67 -14.27
N PRO F 11 -17.80 42.29 -14.69
CA PRO F 11 -16.70 42.21 -13.73
C PRO F 11 -16.54 43.47 -12.90
N PRO F 12 -16.35 43.40 -11.56
CA PRO F 12 -16.10 42.21 -10.74
C PRO F 12 -17.34 41.57 -10.10
N CYS F 13 -18.55 41.79 -10.68
CA CYS F 13 -19.80 41.27 -10.16
C CYS F 13 -20.12 39.90 -10.70
N PHE F 14 -20.56 38.98 -9.80
CA PHE F 14 -20.98 37.65 -10.22
C PHE F 14 -22.27 37.34 -9.42
N PRO F 15 -23.35 38.17 -9.63
CA PRO F 15 -24.56 37.98 -8.84
C PRO F 15 -25.20 36.62 -8.96
N LEU F 16 -25.77 36.14 -7.87
CA LEU F 16 -26.46 34.85 -7.82
C LEU F 16 -27.84 35.07 -8.42
N LYS F 17 -28.18 34.31 -9.44
CA LYS F 17 -29.48 34.39 -10.09
C LYS F 17 -30.54 33.68 -9.23
N ILE F 18 -31.80 34.07 -9.42
CA ILE F 18 -32.93 33.58 -8.63
C ILE F 18 -33.69 32.48 -9.39
N PRO F 19 -33.89 31.30 -8.75
CA PRO F 19 -34.65 30.24 -9.42
C PRO F 19 -36.15 30.52 -9.44
N PRO F 20 -36.94 29.84 -10.30
CA PRO F 20 -38.40 30.00 -10.24
C PRO F 20 -38.92 29.39 -8.93
N ASN F 21 -40.02 29.94 -8.39
CA ASN F 21 -40.69 29.52 -7.15
C ASN F 21 -39.74 29.55 -5.92
N ASP F 22 -38.97 30.63 -5.82
CA ASP F 22 -38.08 30.86 -4.69
C ASP F 22 -38.99 31.15 -3.47
N PRO F 23 -38.69 30.59 -2.29
CA PRO F 23 -39.57 30.84 -1.12
C PRO F 23 -39.54 32.27 -0.58
N ARG F 24 -38.58 33.13 -1.02
CA ARG F 24 -38.44 34.49 -0.52
C ARG F 24 -38.40 35.56 -1.63
N ILE F 25 -37.57 35.36 -2.67
CA ILE F 25 -37.40 36.34 -3.76
C ILE F 25 -38.29 35.96 -4.95
N LYS F 26 -39.43 36.64 -5.07
CA LYS F 26 -40.41 36.35 -6.13
C LYS F 26 -40.02 36.94 -7.47
N ASN F 27 -39.30 38.08 -7.44
CA ASN F 27 -38.83 38.78 -8.63
C ASN F 27 -37.58 38.07 -9.21
N GLN F 28 -37.77 37.26 -10.30
CA GLN F 28 -36.67 36.55 -10.95
C GLN F 28 -35.69 37.48 -11.69
N ALA F 29 -35.97 38.79 -11.76
CA ALA F 29 -35.05 39.76 -12.36
C ALA F 29 -34.17 40.39 -11.29
N ASP F 30 -34.38 40.01 -10.01
CA ASP F 30 -33.57 40.45 -8.87
C ASP F 30 -32.41 39.41 -8.74
N CYS F 31 -31.53 39.56 -7.73
CA CYS F 31 -30.36 38.70 -7.52
C CYS F 31 -29.83 38.86 -6.11
N ILE F 32 -28.95 37.93 -5.72
CA ILE F 32 -28.23 38.04 -4.46
C ILE F 32 -26.87 38.64 -4.85
N PRO F 33 -26.50 39.81 -4.32
CA PRO F 33 -25.23 40.44 -4.72
C PRO F 33 -24.00 39.61 -4.37
N PHE F 34 -22.96 39.73 -5.21
CA PHE F 34 -21.73 38.95 -5.06
C PHE F 34 -20.60 39.62 -5.82
N PHE F 35 -19.49 39.89 -5.13
CA PHE F 35 -18.27 40.47 -5.70
C PHE F 35 -17.31 39.30 -5.81
N ARG F 36 -16.66 39.14 -6.97
CA ARG F 36 -15.64 38.13 -7.18
C ARG F 36 -14.47 38.48 -6.27
N SER F 37 -13.82 37.48 -5.70
CA SER F 37 -12.62 37.73 -4.88
C SER F 37 -11.52 38.34 -5.73
N CYS F 38 -10.69 39.22 -5.14
CA CYS F 38 -9.60 39.91 -5.82
C CYS F 38 -8.64 38.89 -6.47
N PRO F 39 -8.28 39.06 -7.78
CA PRO F 39 -7.38 38.08 -8.41
C PRO F 39 -5.93 38.34 -7.98
N ALA F 40 -5.12 37.29 -7.80
CA ALA F 40 -3.70 37.50 -7.38
C ALA F 40 -2.90 38.14 -8.52
N CYS F 41 -3.31 37.89 -9.78
CA CYS F 41 -2.70 38.49 -10.97
C CYS F 41 -3.78 39.20 -11.82
N PRO F 42 -4.11 40.47 -11.50
CA PRO F 42 -5.19 41.19 -12.24
C PRO F 42 -4.99 41.34 -13.76
N GLY F 43 -6.02 41.01 -14.52
CA GLY F 43 -6.07 41.16 -15.97
C GLY F 43 -5.36 40.14 -16.85
N SER F 44 -4.61 39.20 -16.24
CA SER F 44 -3.83 38.19 -16.94
C SER F 44 -4.65 37.22 -17.76
N ASN F 45 -4.18 36.97 -18.97
CA ASN F 45 -4.77 36.00 -19.87
C ASN F 45 -3.83 34.77 -19.93
N ILE F 46 -2.74 34.82 -19.15
CA ILE F 46 -1.71 33.78 -19.08
C ILE F 46 -1.93 32.90 -17.86
N THR F 47 -1.99 33.50 -16.66
CA THR F 47 -2.09 32.73 -15.43
C THR F 47 -3.52 32.18 -15.22
N ILE F 48 -3.62 31.10 -14.47
CA ILE F 48 -4.90 30.54 -14.06
C ILE F 48 -5.27 31.33 -12.82
N ARG F 49 -6.39 32.05 -12.87
CA ARG F 49 -6.86 32.93 -11.80
C ARG F 49 -6.75 32.29 -10.44
N ASN F 50 -6.20 33.02 -9.49
CA ASN F 50 -6.09 32.60 -8.10
C ASN F 50 -6.46 33.75 -7.16
N GLN F 51 -6.73 33.46 -5.88
CA GLN F 51 -7.19 34.43 -4.90
C GLN F 51 -6.14 34.71 -3.85
N ILE F 52 -6.39 35.73 -3.01
CA ILE F 52 -5.40 36.21 -2.04
C ILE F 52 -5.78 35.93 -0.61
N ASN F 53 -4.76 35.63 0.23
CA ASN F 53 -4.98 35.51 1.68
C ASN F 53 -4.42 36.78 2.28
N ALA F 54 -5.28 37.65 2.87
CA ALA F 54 -4.84 38.89 3.50
C ALA F 54 -4.18 38.67 4.86
N LEU F 55 -4.29 37.45 5.41
CA LEU F 55 -3.78 37.16 6.76
C LEU F 55 -2.58 36.24 6.78
N THR F 56 -1.88 36.18 7.95
CA THR F 56 -0.79 35.21 8.16
C THR F 56 -1.50 33.86 8.33
N SER F 57 -1.02 32.81 7.64
CA SER F 57 -1.68 31.52 7.75
C SER F 57 -1.45 30.89 9.13
N PHE F 58 -0.36 31.25 9.80
CA PHE F 58 0.02 30.68 11.10
C PHE F 58 -1.03 30.88 12.18
N VAL F 59 -1.10 29.90 13.09
CA VAL F 59 -1.99 30.00 14.24
C VAL F 59 -1.15 30.82 15.22
N ASP F 60 -1.13 32.15 15.00
CA ASP F 60 -0.30 33.12 15.73
C ASP F 60 -1.08 34.28 16.39
N ALA F 61 -2.41 34.13 16.53
CA ALA F 61 -3.31 35.12 17.09
C ALA F 61 -3.25 36.44 16.29
N SER F 62 -3.17 36.33 14.95
CA SER F 62 -3.13 37.52 14.09
C SER F 62 -4.49 38.22 14.09
N MET F 63 -5.53 37.52 14.55
CA MET F 63 -6.87 38.13 14.68
C MET F 63 -6.87 39.11 15.88
N VAL F 64 -5.85 39.00 16.74
CA VAL F 64 -5.67 39.91 17.88
C VAL F 64 -4.68 41.00 17.48
N TYR F 65 -3.50 40.62 16.95
CA TYR F 65 -2.41 41.58 16.69
C TYR F 65 -2.36 42.21 15.31
N GLY F 66 -3.04 41.61 14.35
CA GLY F 66 -3.01 42.10 12.98
C GLY F 66 -1.97 41.37 12.14
N SER F 67 -2.13 41.41 10.81
CA SER F 67 -1.26 40.74 9.84
C SER F 67 -0.46 41.72 9.01
N GLU F 68 -0.61 43.04 9.27
CA GLU F 68 0.08 44.14 8.59
C GLU F 68 0.61 45.12 9.66
N GLU F 69 1.85 45.61 9.45
CA GLU F 69 2.59 46.47 10.39
C GLU F 69 1.89 47.79 10.75
N PRO F 70 1.34 48.62 9.83
CA PRO F 70 0.65 49.85 10.30
C PRO F 70 -0.51 49.56 11.26
N LEU F 71 -1.35 48.55 10.95
CA LEU F 71 -2.46 48.12 11.80
C LEU F 71 -1.95 47.61 13.14
N ALA F 72 -0.88 46.78 13.15
CA ALA F 72 -0.32 46.23 14.39
C ALA F 72 0.15 47.33 15.34
N ARG F 73 0.74 48.41 14.79
CA ARG F 73 1.24 49.55 15.54
C ARG F 73 0.05 50.27 16.18
N ASN F 74 -0.98 50.59 15.37
CA ASN F 74 -2.22 51.25 15.76
C ASN F 74 -3.01 50.53 16.84
N LEU F 75 -2.93 49.19 16.89
CA LEU F 75 -3.63 48.39 17.91
C LEU F 75 -2.94 48.44 19.26
N ARG F 76 -1.67 48.91 19.30
CA ARG F 76 -0.90 48.99 20.53
C ARG F 76 -1.08 50.29 21.30
N ASN F 77 -0.89 50.25 22.63
CA ASN F 77 -0.92 51.43 23.49
C ASN F 77 0.51 52.00 23.48
N MET F 78 0.74 52.99 22.63
CA MET F 78 2.05 53.63 22.47
C MET F 78 2.24 54.86 23.42
N SER F 79 1.31 55.07 24.36
CA SER F 79 1.34 56.16 25.34
C SER F 79 2.25 55.85 26.56
N ASN F 80 2.84 54.64 26.62
CA ASN F 80 3.71 54.21 27.72
C ASN F 80 4.59 53.00 27.32
N GLN F 81 5.29 52.41 28.30
CA GLN F 81 6.18 51.28 28.11
C GLN F 81 5.66 50.05 28.85
N LEU F 82 4.33 49.85 28.83
CA LEU F 82 3.73 48.69 29.52
C LEU F 82 3.45 47.50 28.57
N GLY F 83 3.67 47.71 27.27
CA GLY F 83 3.48 46.72 26.22
C GLY F 83 2.05 46.24 26.09
N LEU F 84 1.08 47.16 26.23
CA LEU F 84 -0.34 46.82 26.21
C LEU F 84 -0.96 47.10 24.86
N LEU F 85 -2.11 46.46 24.61
CA LEU F 85 -2.89 46.75 23.42
C LEU F 85 -3.85 47.86 23.79
N ALA F 86 -4.17 48.74 22.85
CA ALA F 86 -5.07 49.86 23.03
C ALA F 86 -6.47 49.36 23.40
N VAL F 87 -7.13 50.06 24.35
CA VAL F 87 -8.48 49.71 24.83
C VAL F 87 -9.44 50.87 24.54
N ASN F 88 -10.76 50.60 24.55
CA ASN F 88 -11.77 51.64 24.33
C ASN F 88 -11.62 52.74 25.38
N GLN F 89 -11.62 54.00 24.92
CA GLN F 89 -11.44 55.17 25.80
C GLN F 89 -12.77 55.74 26.25
N ARG F 90 -13.85 55.51 25.46
CA ARG F 90 -15.21 55.98 25.72
C ARG F 90 -16.03 55.07 26.63
N PHE F 91 -15.85 53.72 26.52
CA PHE F 91 -16.62 52.74 27.31
C PHE F 91 -15.81 51.64 27.97
N GLN F 92 -16.40 51.04 29.02
CA GLN F 92 -15.87 49.93 29.81
C GLN F 92 -17.00 48.93 30.07
N ASP F 93 -16.65 47.68 30.45
CA ASP F 93 -17.60 46.62 30.72
C ASP F 93 -17.40 46.21 32.16
N ASN F 94 -18.18 46.82 33.09
CA ASN F 94 -18.08 46.63 34.55
C ASN F 94 -16.62 46.86 34.99
N GLY F 95 -16.03 47.95 34.48
CA GLY F 95 -14.66 48.34 34.76
C GLY F 95 -13.60 47.56 33.99
N ARG F 96 -14.03 46.75 33.01
CA ARG F 96 -13.10 45.93 32.21
C ARG F 96 -13.02 46.45 30.79
N ALA F 97 -11.85 46.26 30.16
CA ALA F 97 -11.55 46.74 28.82
C ALA F 97 -12.48 46.24 27.72
N LEU F 98 -12.74 47.12 26.77
CA LEU F 98 -13.50 46.83 25.55
C LEU F 98 -12.56 47.17 24.42
N LEU F 99 -12.79 46.60 23.24
CA LEU F 99 -11.94 46.86 22.08
C LEU F 99 -12.05 48.32 21.68
N PRO F 100 -10.98 48.93 21.10
CA PRO F 100 -11.11 50.32 20.59
C PRO F 100 -12.12 50.38 19.45
N PHE F 101 -12.64 51.56 19.16
CA PHE F 101 -13.59 51.67 18.04
C PHE F 101 -12.83 51.89 16.76
N ASP F 102 -13.37 51.40 15.67
CA ASP F 102 -12.76 51.64 14.37
C ASP F 102 -13.27 52.97 13.82
N ASN F 103 -12.48 53.56 12.90
CA ASN F 103 -12.73 54.85 12.28
C ASN F 103 -13.07 54.64 10.82
N LEU F 104 -14.14 53.89 10.56
CA LEU F 104 -14.59 53.57 9.19
C LEU F 104 -15.31 54.75 8.57
N HIS F 105 -15.17 54.91 7.25
CA HIS F 105 -15.86 55.97 6.50
C HIS F 105 -17.32 55.54 6.34
N ASP F 106 -17.58 54.29 5.87
CA ASP F 106 -18.93 53.74 5.75
C ASP F 106 -19.05 52.63 6.84
N ASP F 107 -19.58 53.00 8.03
CA ASP F 107 -19.69 52.08 9.18
C ASP F 107 -21.01 51.30 9.17
N PRO F 108 -20.94 49.95 9.04
CA PRO F 108 -22.18 49.15 9.01
C PRO F 108 -22.80 48.93 10.39
N CYS F 109 -22.02 49.10 11.47
CA CYS F 109 -22.53 48.91 12.83
C CYS F 109 -23.48 49.98 13.25
N LEU F 110 -23.15 51.24 12.92
CA LEU F 110 -23.95 52.41 13.18
C LEU F 110 -25.38 52.21 12.72
N LEU F 111 -25.55 51.50 11.60
CA LEU F 111 -26.83 51.20 10.98
C LEU F 111 -27.70 50.25 11.78
N THR F 112 -27.11 49.42 12.67
CA THR F 112 -27.90 48.44 13.44
C THR F 112 -28.80 49.11 14.49
N ASN F 113 -28.38 50.25 15.05
CA ASN F 113 -29.18 51.04 16.00
C ASN F 113 -28.75 52.48 15.84
N ARG F 114 -29.62 53.33 15.22
CA ARG F 114 -29.29 54.73 14.94
C ARG F 114 -29.00 55.55 16.19
N SER F 115 -29.86 55.46 17.22
CA SER F 115 -29.72 56.26 18.44
C SER F 115 -28.51 55.89 19.30
N ALA F 116 -28.16 54.57 19.37
CA ALA F 116 -27.01 54.08 20.12
C ALA F 116 -25.69 54.72 19.68
N ARG F 117 -25.55 54.98 18.36
CA ARG F 117 -24.36 55.59 17.77
C ARG F 117 -23.05 54.86 18.17
N ILE F 118 -23.10 53.51 18.24
CA ILE F 118 -21.90 52.73 18.62
C ILE F 118 -21.22 52.25 17.30
N PRO F 119 -20.01 52.76 16.96
CA PRO F 119 -19.33 52.30 15.74
C PRO F 119 -18.82 50.86 15.83
N CYS F 120 -18.20 50.36 14.71
CA CYS F 120 -17.60 49.02 14.66
C CYS F 120 -16.34 49.04 15.53
N PHE F 121 -16.01 47.91 16.16
CA PHE F 121 -14.79 47.80 16.96
C PHE F 121 -13.58 47.53 16.02
N LEU F 122 -12.38 47.82 16.51
CA LEU F 122 -11.13 47.55 15.79
C LEU F 122 -10.35 46.47 16.52
N ALA F 123 -9.94 45.43 15.79
CA ALA F 123 -9.15 44.28 16.25
C ALA F 123 -8.14 43.88 15.17
N GLY F 124 -7.38 42.79 15.40
CA GLY F 124 -6.38 42.29 14.47
C GLY F 124 -6.94 41.88 13.12
N ASP F 125 -8.16 41.33 13.13
CA ASP F 125 -8.89 40.95 11.93
C ASP F 125 -10.05 41.95 11.76
N THR F 126 -10.35 42.33 10.51
CA THR F 126 -11.36 43.32 10.16
C THR F 126 -12.83 42.91 10.45
N ARG F 127 -13.11 41.61 10.55
CA ARG F 127 -14.47 41.10 10.75
C ARG F 127 -14.94 41.03 12.22
N SER F 128 -14.18 41.60 13.16
CA SER F 128 -14.41 41.53 14.61
C SER F 128 -15.83 41.88 15.12
N SER F 129 -16.63 42.64 14.34
CA SER F 129 -18.00 43.02 14.70
C SER F 129 -19.05 42.21 13.95
N GLU F 130 -18.64 41.19 13.20
CA GLU F 130 -19.62 40.45 12.40
C GLU F 130 -20.78 39.88 13.25
N MET F 131 -20.50 39.40 14.47
CA MET F 131 -21.50 38.92 15.42
C MET F 131 -20.97 39.18 16.83
N PRO F 132 -21.81 39.64 17.81
CA PRO F 132 -21.26 40.02 19.13
C PRO F 132 -20.54 38.91 19.86
N GLU F 133 -20.86 37.64 19.53
CA GLU F 133 -20.22 36.45 20.10
C GLU F 133 -18.75 36.39 19.64
N LEU F 134 -18.49 36.84 18.38
CA LEU F 134 -17.13 36.92 17.83
C LEU F 134 -16.43 38.08 18.53
N THR F 135 -17.11 39.25 18.63
CA THR F 135 -16.57 40.43 19.31
C THR F 135 -16.13 40.07 20.74
N SER F 136 -16.96 39.30 21.47
CA SER F 136 -16.67 38.89 22.86
C SER F 136 -15.39 38.07 22.97
N MET F 137 -15.13 37.18 21.98
CA MET F 137 -13.93 36.36 21.96
C MET F 137 -12.71 37.23 21.72
N HIS F 138 -12.83 38.22 20.82
CA HIS F 138 -11.76 39.19 20.52
C HIS F 138 -11.44 40.02 21.76
N THR F 139 -12.49 40.49 22.49
CA THR F 139 -12.36 41.29 23.72
C THR F 139 -11.67 40.45 24.79
N LEU F 140 -12.12 39.19 24.98
CA LEU F 140 -11.51 38.27 25.95
C LEU F 140 -9.98 38.17 25.74
N LEU F 141 -9.54 37.99 24.48
CA LEU F 141 -8.12 37.86 24.14
C LEU F 141 -7.35 39.15 24.29
N LEU F 142 -7.99 40.30 24.01
CA LEU F 142 -7.40 41.64 24.21
C LEU F 142 -7.07 41.78 25.72
N ARG F 143 -8.03 41.42 26.59
CA ARG F 143 -7.86 41.48 28.05
C ARG F 143 -6.77 40.52 28.51
N GLU F 144 -6.70 39.32 27.91
CA GLU F 144 -5.68 38.33 28.27
C GLU F 144 -4.28 38.84 27.95
N HIS F 145 -4.09 39.57 26.81
CA HIS F 145 -2.78 40.13 26.49
C HIS F 145 -2.36 41.13 27.58
N ASN F 146 -3.24 42.12 27.86
CA ASN F 146 -2.98 43.16 28.86
C ASN F 146 -2.73 42.58 30.25
N ARG F 147 -3.51 41.54 30.65
CA ARG F 147 -3.36 40.86 31.95
C ARG F 147 -1.95 40.24 31.99
N LEU F 148 -1.51 39.61 30.86
CA LEU F 148 -0.18 38.98 30.79
C LEU F 148 0.94 40.01 30.81
N ALA F 149 0.81 41.09 30.04
CA ALA F 149 1.80 42.18 29.99
C ALA F 149 1.97 42.86 31.36
N THR F 150 0.87 42.96 32.15
CA THR F 150 0.87 43.55 33.49
C THR F 150 1.62 42.62 34.46
N GLU F 151 1.30 41.31 34.44
CA GLU F 151 1.91 40.29 35.29
C GLU F 151 3.42 40.15 34.98
N LEU F 152 3.81 40.32 33.71
CA LEU F 152 5.21 40.24 33.30
C LEU F 152 6.01 41.47 33.75
N LYS F 153 5.36 42.66 33.79
CA LYS F 153 5.98 43.91 34.24
C LYS F 153 6.37 43.81 35.72
N SER F 154 5.48 43.22 36.55
CA SER F 154 5.75 43.02 37.98
C SER F 154 6.85 41.96 38.22
N LEU F 155 6.98 40.97 37.31
CA LEU F 155 8.01 39.94 37.42
C LEU F 155 9.36 40.48 36.92
N ASN F 156 9.33 41.27 35.84
CA ASN F 156 10.53 41.85 35.22
C ASN F 156 10.37 43.35 35.02
N PRO F 157 10.67 44.18 36.06
CA PRO F 157 10.50 45.63 35.90
C PRO F 157 11.46 46.27 34.90
N ARG F 158 12.59 45.59 34.61
CA ARG F 158 13.61 46.07 33.68
C ARG F 158 13.18 46.00 32.18
N TRP F 159 12.20 45.13 31.86
CA TRP F 159 11.66 44.95 30.51
C TRP F 159 10.90 46.19 30.05
N ASP F 160 11.18 46.65 28.81
CA ASP F 160 10.50 47.80 28.20
C ASP F 160 9.15 47.38 27.53
N GLY F 161 8.47 48.33 26.91
CA GLY F 161 7.20 48.09 26.22
C GLY F 161 7.26 47.02 25.15
N GLU F 162 8.23 47.15 24.24
CA GLU F 162 8.45 46.19 23.15
C GLU F 162 8.61 44.76 23.65
N ARG F 163 9.45 44.55 24.67
CA ARG F 163 9.69 43.24 25.24
C ARG F 163 8.44 42.67 25.87
N LEU F 164 7.69 43.51 26.65
CA LEU F 164 6.45 43.13 27.32
C LEU F 164 5.37 42.74 26.31
N TYR F 165 5.20 43.56 25.24
CA TYR F 165 4.24 43.30 24.16
C TYR F 165 4.55 41.97 23.48
N GLN F 166 5.82 41.78 23.05
CA GLN F 166 6.25 40.56 22.35
C GLN F 166 6.12 39.29 23.18
N GLU F 167 6.47 39.36 24.47
CA GLU F 167 6.40 38.19 25.36
C GLU F 167 4.98 37.78 25.67
N ALA F 168 4.07 38.77 25.79
CA ALA F 168 2.65 38.52 26.04
C ALA F 168 2.00 38.00 24.73
N ARG F 169 2.37 38.60 23.57
CA ARG F 169 1.93 38.18 22.23
C ARG F 169 2.27 36.69 22.01
N LYS F 170 3.50 36.29 22.37
CA LYS F 170 4.03 34.94 22.25
C LYS F 170 3.20 33.97 23.08
N ILE F 171 2.78 34.37 24.30
CA ILE F 171 1.96 33.51 25.18
C ILE F 171 0.55 33.35 24.60
N VAL F 172 -0.06 34.47 24.16
CA VAL F 172 -1.41 34.47 23.58
C VAL F 172 -1.47 33.54 22.35
N GLY F 173 -0.45 33.65 21.49
CA GLY F 173 -0.32 32.80 20.32
C GLY F 173 -0.27 31.33 20.68
N ALA F 174 0.49 31.01 21.73
CA ALA F 174 0.63 29.64 22.22
C ALA F 174 -0.68 29.12 22.79
N MET F 175 -1.45 29.98 23.47
CA MET F 175 -2.75 29.61 24.06
C MET F 175 -3.74 29.25 22.94
N VAL F 176 -3.76 30.06 21.84
CA VAL F 176 -4.60 29.80 20.67
C VAL F 176 -4.24 28.42 20.06
N GLN F 177 -2.93 28.12 19.95
CA GLN F 177 -2.43 26.84 19.43
C GLN F 177 -2.85 25.68 20.31
N ILE F 178 -2.67 25.81 21.65
CA ILE F 178 -3.02 24.75 22.61
C ILE F 178 -4.51 24.47 22.57
N ILE F 179 -5.35 25.53 22.72
CA ILE F 179 -6.82 25.34 22.68
C ILE F 179 -7.25 24.70 21.36
N THR F 180 -6.71 25.20 20.22
CA THR F 180 -7.06 24.66 18.88
C THR F 180 -6.73 23.18 18.71
N TYR F 181 -5.49 22.78 19.00
CA TYR F 181 -5.02 21.42 18.73
C TYR F 181 -5.31 20.43 19.83
N ARG F 182 -5.32 20.85 21.11
CA ARG F 182 -5.63 19.95 22.22
C ARG F 182 -7.15 19.79 22.39
N ASP F 183 -7.95 20.88 22.27
CA ASP F 183 -9.38 20.80 22.56
C ASP F 183 -10.33 20.89 21.40
N TYR F 184 -10.05 21.80 20.44
CA TYR F 184 -10.97 22.05 19.33
C TYR F 184 -10.92 20.98 18.22
N LEU F 185 -9.77 20.82 17.56
CA LEU F 185 -9.62 19.90 16.43
C LEU F 185 -10.00 18.45 16.73
N PRO F 186 -9.68 17.83 17.91
CA PRO F 186 -10.15 16.45 18.14
C PRO F 186 -11.68 16.34 18.06
N LEU F 187 -12.40 17.44 18.42
CA LEU F 187 -13.87 17.45 18.41
C LEU F 187 -14.43 17.80 17.05
N VAL F 188 -13.59 18.36 16.14
CA VAL F 188 -14.05 18.60 14.77
C VAL F 188 -13.86 17.31 13.98
N LEU F 189 -12.65 16.74 14.06
CA LEU F 189 -12.22 15.58 13.27
C LEU F 189 -12.66 14.23 13.77
N GLY F 190 -12.71 14.05 15.09
CA GLY F 190 -12.98 12.76 15.69
C GLY F 190 -11.65 12.07 15.92
N PRO F 191 -11.58 11.01 16.73
CA PRO F 191 -10.28 10.40 17.04
C PRO F 191 -9.55 9.71 15.89
N THR F 192 -10.25 9.03 14.99
CA THR F 192 -9.53 8.33 13.91
C THR F 192 -8.89 9.33 12.92
N ALA F 193 -9.61 10.40 12.53
CA ALA F 193 -9.07 11.42 11.62
C ALA F 193 -7.97 12.22 12.33
N MET F 194 -8.08 12.39 13.66
CA MET F 194 -7.08 13.10 14.46
C MET F 194 -5.75 12.38 14.43
N ARG F 195 -5.75 11.04 14.56
CA ARG F 195 -4.54 10.21 14.51
C ARG F 195 -3.98 10.15 13.08
N LYS F 196 -4.88 10.09 12.09
CA LYS F 196 -4.48 10.02 10.68
C LYS F 196 -3.82 11.33 10.20
N TYR F 197 -4.48 12.48 10.43
CA TYR F 197 -3.95 13.75 9.92
C TYR F 197 -3.09 14.53 10.89
N LEU F 198 -3.24 14.29 12.18
CA LEU F 198 -2.45 15.04 13.15
C LEU F 198 -1.73 14.10 14.11
N PRO F 199 -0.75 13.29 13.63
CA PRO F 199 -0.02 12.38 14.56
C PRO F 199 0.83 13.22 15.49
N THR F 200 1.31 12.64 16.60
CA THR F 200 2.12 13.31 17.62
C THR F 200 3.18 14.19 16.98
N TYR F 201 3.28 15.44 17.45
CA TYR F 201 4.26 16.40 16.96
C TYR F 201 5.70 15.89 17.19
N ARG F 202 6.60 16.12 16.22
CA ARG F 202 7.99 15.73 16.33
C ARG F 202 8.83 17.00 16.49
N SER F 203 8.93 17.83 15.42
CA SER F 203 9.65 19.10 15.43
C SER F 203 9.36 19.89 14.15
N TYR F 204 9.86 21.12 14.08
CA TYR F 204 9.71 21.97 12.92
C TYR F 204 10.42 21.36 11.69
N ASN F 205 9.67 21.24 10.59
CA ASN F 205 10.14 20.76 9.31
C ASN F 205 9.96 21.92 8.32
N ASP F 206 11.08 22.47 7.83
CA ASP F 206 11.08 23.64 6.94
C ASP F 206 10.65 23.33 5.51
N SER F 207 10.19 22.11 5.21
CA SER F 207 9.75 21.71 3.87
C SER F 207 8.24 21.48 3.90
N VAL F 208 7.63 21.79 5.04
CA VAL F 208 6.19 21.72 5.16
C VAL F 208 5.65 23.10 4.74
N ASP F 209 4.98 23.17 3.57
CA ASP F 209 4.39 24.43 3.07
C ASP F 209 3.26 24.86 4.03
N PRO F 210 3.40 25.99 4.76
CA PRO F 210 2.37 26.37 5.73
C PRO F 210 1.23 27.23 5.17
N ARG F 211 1.16 27.45 3.86
CA ARG F 211 0.12 28.32 3.30
C ARG F 211 -1.28 27.72 3.43
N ILE F 212 -2.29 28.60 3.42
CA ILE F 212 -3.67 28.14 3.38
C ILE F 212 -3.93 27.73 1.95
N ALA F 213 -4.52 26.54 1.76
CA ALA F 213 -4.91 26.08 0.44
C ALA F 213 -6.25 26.75 0.12
N ASN F 214 -6.45 27.12 -1.15
CA ASN F 214 -7.66 27.74 -1.63
C ASN F 214 -8.91 26.95 -1.17
N VAL F 215 -8.90 25.61 -1.33
CA VAL F 215 -10.02 24.76 -0.92
C VAL F 215 -10.42 24.93 0.57
N PHE F 216 -9.42 25.14 1.48
CA PHE F 216 -9.67 25.24 2.91
C PHE F 216 -10.59 26.41 3.23
N THR F 217 -10.45 27.54 2.49
CA THR F 217 -11.29 28.75 2.67
C THR F 217 -12.77 28.43 2.50
N ASN F 218 -13.08 27.41 1.71
CA ASN F 218 -14.46 26.96 1.49
C ASN F 218 -14.82 25.78 2.37
N ALA F 219 -13.91 24.82 2.50
CA ALA F 219 -14.14 23.63 3.34
C ALA F 219 -14.33 23.95 4.83
N PHE F 220 -13.58 24.96 5.35
CA PHE F 220 -13.70 25.31 6.77
C PHE F 220 -15.02 26.02 7.10
N ARG F 221 -15.80 26.37 6.06
CA ARG F 221 -17.12 26.94 6.22
C ARG F 221 -18.14 25.86 6.65
N TYR F 222 -17.66 24.62 6.98
CA TYR F 222 -18.53 23.56 7.52
C TYR F 222 -19.24 24.13 8.80
N GLY F 223 -18.58 25.08 9.47
CA GLY F 223 -19.03 25.74 10.69
C GLY F 223 -20.37 26.41 10.56
N HIS F 224 -20.75 26.77 9.30
CA HIS F 224 -22.06 27.38 9.05
C HIS F 224 -23.22 26.41 9.45
N THR F 225 -22.96 25.08 9.46
CA THR F 225 -23.95 24.07 9.88
C THR F 225 -24.12 24.00 11.42
N LEU F 226 -23.26 24.69 12.17
CA LEU F 226 -23.27 24.69 13.64
C LEU F 226 -24.03 25.86 14.21
N ILE F 227 -24.30 26.86 13.37
CA ILE F 227 -24.89 28.13 13.76
C ILE F 227 -26.36 28.02 14.23
N GLN F 228 -26.62 28.54 15.44
CA GLN F 228 -27.98 28.61 16.01
C GLN F 228 -28.68 29.86 15.48
N PRO F 229 -30.03 29.86 15.34
CA PRO F 229 -30.72 31.05 14.82
C PRO F 229 -30.82 32.22 15.80
N PHE F 230 -30.24 32.12 16.99
CA PHE F 230 -30.27 33.21 17.98
C PHE F 230 -28.92 33.40 18.66
N MET F 231 -28.75 34.57 19.28
CA MET F 231 -27.67 34.90 20.18
C MET F 231 -28.33 34.77 21.58
N PHE F 232 -27.76 33.88 22.42
CA PHE F 232 -28.26 33.54 23.74
C PHE F 232 -27.50 34.28 24.81
N ARG F 233 -28.23 35.00 25.68
CA ARG F 233 -27.61 35.73 26.79
C ARG F 233 -28.13 35.22 28.10
N LEU F 234 -27.22 34.97 29.04
CA LEU F 234 -27.55 34.45 30.35
C LEU F 234 -26.94 35.28 31.49
N ASP F 235 -27.68 35.45 32.60
CA ASP F 235 -27.24 36.21 33.77
C ASP F 235 -26.24 35.38 34.62
N ASN F 236 -25.74 35.94 35.75
CA ASN F 236 -24.79 35.28 36.67
C ASN F 236 -25.29 33.94 37.26
N ARG F 237 -26.59 33.63 37.12
CA ARG F 237 -27.17 32.37 37.60
C ARG F 237 -27.42 31.41 36.42
N TYR F 238 -26.92 31.80 35.22
CA TYR F 238 -27.02 31.08 33.94
C TYR F 238 -28.46 30.87 33.51
N GLN F 239 -29.31 31.85 33.80
CA GLN F 239 -30.72 31.83 33.45
C GLN F 239 -30.96 32.83 32.33
N PRO F 240 -32.00 32.63 31.47
CA PRO F 240 -32.25 33.61 30.39
C PRO F 240 -32.24 35.04 30.87
N MET F 241 -31.40 35.88 30.26
CA MET F 241 -31.30 37.27 30.66
C MET F 241 -32.41 38.10 30.02
N GLU F 242 -33.49 38.34 30.78
CA GLU F 242 -34.64 39.11 30.31
C GLU F 242 -34.32 40.63 30.43
N PRO F 243 -34.76 41.46 29.47
CA PRO F 243 -35.52 41.13 28.25
C PRO F 243 -34.60 40.69 27.11
N ASN F 244 -35.20 40.02 26.11
CA ASN F 244 -34.50 39.52 24.90
C ASN F 244 -33.31 38.57 25.21
N PRO F 245 -33.55 37.41 25.86
CA PRO F 245 -32.44 36.48 26.08
C PRO F 245 -32.02 35.71 24.82
N ARG F 246 -32.90 35.67 23.81
CA ARG F 246 -32.72 34.97 22.53
C ARG F 246 -32.97 35.96 21.38
N VAL F 247 -31.93 36.70 20.98
CA VAL F 247 -32.09 37.65 19.88
C VAL F 247 -31.82 36.96 18.51
N PRO F 248 -32.77 37.04 17.53
CA PRO F 248 -32.50 36.41 16.22
C PRO F 248 -31.23 36.94 15.60
N LEU F 249 -30.44 36.05 15.00
CA LEU F 249 -29.14 36.39 14.41
C LEU F 249 -29.21 37.54 13.43
N SER F 250 -30.26 37.60 12.58
CA SER F 250 -30.46 38.70 11.61
C SER F 250 -30.57 40.08 12.27
N ARG F 251 -30.59 40.13 13.62
CA ARG F 251 -30.65 41.41 14.31
C ARG F 251 -29.39 41.67 15.18
N VAL F 252 -28.35 40.77 15.08
CA VAL F 252 -27.08 40.90 15.82
C VAL F 252 -25.88 41.21 14.90
N PHE F 253 -26.00 40.95 13.56
CA PHE F 253 -24.93 41.19 12.61
C PHE F 253 -24.52 42.64 12.62
N PHE F 254 -23.26 42.90 13.05
CA PHE F 254 -22.67 44.24 13.14
C PHE F 254 -23.26 45.02 14.34
N ALA F 255 -23.96 44.34 15.23
CA ALA F 255 -24.55 45.02 16.39
C ALA F 255 -23.55 45.24 17.54
N SER F 256 -22.48 45.99 17.29
CA SER F 256 -21.51 46.33 18.32
C SER F 256 -22.20 47.00 19.51
N TRP F 257 -23.31 47.77 19.24
CA TRP F 257 -24.08 48.48 20.29
C TRP F 257 -24.55 47.55 21.37
N ARG F 258 -24.95 46.31 20.99
CA ARG F 258 -25.45 45.30 21.94
C ARG F 258 -24.40 44.94 22.96
N VAL F 259 -23.11 45.01 22.57
CA VAL F 259 -22.01 44.73 23.50
C VAL F 259 -21.90 45.87 24.54
N VAL F 260 -21.88 47.13 24.08
CA VAL F 260 -21.68 48.32 24.91
C VAL F 260 -22.89 48.61 25.86
N LEU F 261 -24.11 48.54 25.31
CA LEU F 261 -25.33 48.90 26.01
C LEU F 261 -26.21 47.75 26.51
N GLU F 262 -25.94 46.49 26.12
CA GLU F 262 -26.82 45.42 26.56
C GLU F 262 -26.15 44.38 27.46
N GLY F 263 -25.22 44.82 28.31
CA GLY F 263 -24.61 43.94 29.30
C GLY F 263 -23.15 43.53 29.20
N GLY F 264 -22.43 44.02 28.20
CA GLY F 264 -21.03 43.62 28.03
C GLY F 264 -20.87 42.22 27.47
N ILE F 265 -19.72 41.59 27.70
CA ILE F 265 -19.41 40.27 27.10
C ILE F 265 -19.77 39.07 27.99
N ASP F 266 -19.82 39.24 29.34
CA ASP F 266 -20.14 38.14 30.28
C ASP F 266 -21.49 37.41 29.96
N PRO F 267 -22.62 38.09 29.67
CA PRO F 267 -23.85 37.34 29.29
C PRO F 267 -23.71 36.58 27.98
N ILE F 268 -22.89 37.11 27.04
CA ILE F 268 -22.62 36.48 25.74
C ILE F 268 -21.77 35.21 25.92
N LEU F 269 -20.67 35.32 26.67
CA LEU F 269 -19.79 34.16 26.95
C LEU F 269 -20.51 33.03 27.65
N ARG F 270 -21.43 33.38 28.59
CA ARG F 270 -22.26 32.44 29.36
C ARG F 270 -23.19 31.69 28.45
N GLY F 271 -23.80 32.42 27.53
CA GLY F 271 -24.67 31.86 26.50
C GLY F 271 -23.89 30.93 25.60
N LEU F 272 -22.64 31.26 25.28
CA LEU F 272 -21.81 30.37 24.43
C LEU F 272 -21.48 29.05 25.15
N MET F 273 -21.15 29.16 26.44
CA MET F 273 -20.81 27.98 27.25
C MET F 273 -21.98 27.06 27.59
N ALA F 274 -23.16 27.62 27.88
CA ALA F 274 -24.31 26.85 28.37
C ALA F 274 -25.40 26.59 27.37
N THR F 275 -25.18 26.92 26.08
CA THR F 275 -26.18 26.62 25.07
C THR F 275 -25.54 25.61 24.12
N PRO F 276 -26.27 24.58 23.66
CA PRO F 276 -25.69 23.65 22.69
C PRO F 276 -25.58 24.30 21.29
N ALA F 277 -24.61 23.83 20.51
CA ALA F 277 -24.47 24.23 19.11
C ALA F 277 -25.59 23.51 18.33
N LYS F 278 -25.90 23.98 17.13
CA LYS F 278 -26.83 23.27 16.26
C LYS F 278 -26.05 22.06 15.73
N LEU F 279 -26.74 20.93 15.56
CA LEU F 279 -26.14 19.75 15.01
C LEU F 279 -26.41 19.71 13.52
N ASN F 280 -25.38 19.38 12.72
CA ASN F 280 -25.53 19.21 11.28
C ASN F 280 -26.19 17.86 11.04
N ARG F 281 -27.32 17.87 10.34
CA ARG F 281 -28.07 16.66 9.98
C ARG F 281 -28.38 16.80 8.52
N GLN F 282 -28.51 15.68 7.82
CA GLN F 282 -28.68 15.64 6.36
C GLN F 282 -29.89 16.41 5.84
N ASN F 283 -30.91 16.55 6.68
CA ASN F 283 -32.13 17.27 6.31
C ASN F 283 -32.29 18.53 7.14
N GLN F 284 -31.24 18.92 7.90
CA GLN F 284 -31.19 20.13 8.73
C GLN F 284 -29.77 20.73 8.61
N ILE F 285 -29.39 21.14 7.39
CA ILE F 285 -28.03 21.60 7.12
C ILE F 285 -27.74 22.99 7.68
N ALA F 286 -28.50 24.03 7.30
CA ALA F 286 -28.24 25.38 7.80
C ALA F 286 -29.53 26.18 7.97
N VAL F 287 -29.59 27.01 9.02
CA VAL F 287 -30.77 27.79 9.40
C VAL F 287 -31.06 28.99 8.50
N ASP F 288 -32.35 29.36 8.41
CA ASP F 288 -32.80 30.49 7.60
C ASP F 288 -32.30 31.85 8.09
N GLU F 289 -31.82 31.97 9.34
CA GLU F 289 -31.24 33.26 9.78
C GLU F 289 -30.01 33.62 8.93
N ILE F 290 -29.25 32.60 8.45
CA ILE F 290 -28.07 32.80 7.58
C ILE F 290 -28.40 32.48 6.12
N ARG F 291 -29.39 31.59 5.88
CA ARG F 291 -29.81 31.17 4.54
C ARG F 291 -30.78 32.15 3.84
N GLU F 292 -31.48 32.98 4.64
CA GLU F 292 -32.48 33.92 4.12
C GLU F 292 -32.24 35.35 4.58
N ARG F 293 -31.68 35.52 5.77
CA ARG F 293 -31.63 36.82 6.41
C ARG F 293 -30.24 37.30 6.76
N LEU F 294 -29.22 36.74 6.08
CA LEU F 294 -27.84 37.16 6.30
C LEU F 294 -27.65 38.62 5.97
N PHE F 295 -27.25 39.37 6.99
CA PHE F 295 -27.00 40.80 6.92
C PHE F 295 -28.27 41.58 6.46
N GLU F 296 -29.47 40.97 6.70
CA GLU F 296 -30.82 41.48 6.39
C GLU F 296 -30.92 42.97 6.63
N GLN F 297 -30.44 43.42 7.80
CA GLN F 297 -30.51 44.80 8.24
C GLN F 297 -29.76 45.78 7.38
N VAL F 298 -28.47 45.52 7.14
CA VAL F 298 -27.52 46.45 6.53
C VAL F 298 -27.41 46.40 5.00
N MET F 299 -28.41 45.81 4.31
CA MET F 299 -28.35 45.68 2.86
C MET F 299 -29.72 45.74 2.23
N ARG F 300 -29.74 45.89 0.90
CA ARG F 300 -30.96 45.97 0.11
C ARG F 300 -31.72 44.64 0.08
N ILE F 301 -31.03 43.53 0.40
CA ILE F 301 -31.62 42.20 0.37
C ILE F 301 -30.85 41.27 1.31
N GLY F 302 -31.58 40.36 1.95
CA GLY F 302 -30.96 39.38 2.84
C GLY F 302 -30.18 38.41 1.99
N LEU F 303 -28.93 38.13 2.39
CA LEU F 303 -28.12 37.16 1.63
C LEU F 303 -28.39 35.73 2.11
N ASP F 304 -27.84 34.76 1.36
CA ASP F 304 -27.92 33.32 1.62
C ASP F 304 -26.49 32.79 1.76
N LEU F 305 -26.00 32.64 3.01
CA LEU F 305 -24.65 32.17 3.28
C LEU F 305 -24.32 30.82 2.59
N PRO F 306 -25.14 29.75 2.68
CA PRO F 306 -24.82 28.53 1.92
C PRO F 306 -24.65 28.75 0.42
N ALA F 307 -25.53 29.53 -0.18
CA ALA F 307 -25.50 29.83 -1.62
C ALA F 307 -24.25 30.65 -1.93
N LEU F 308 -23.88 31.60 -1.05
CA LEU F 308 -22.66 32.38 -1.19
C LEU F 308 -21.43 31.45 -1.21
N ASN F 309 -21.41 30.42 -0.33
CA ASN F 309 -20.31 29.46 -0.23
C ASN F 309 -20.11 28.73 -1.56
N MET F 310 -21.24 28.32 -2.21
CA MET F 310 -21.21 27.60 -3.46
C MET F 310 -20.78 28.49 -4.61
N GLN F 311 -21.29 29.75 -4.66
CA GLN F 311 -20.92 30.71 -5.68
C GLN F 311 -19.44 31.08 -5.51
N ARG F 312 -18.95 31.14 -4.25
CA ARG F 312 -17.55 31.46 -3.93
C ARG F 312 -16.61 30.34 -4.40
N SER F 313 -17.02 29.07 -4.25
CA SER F 313 -16.19 27.96 -4.68
C SER F 313 -16.05 27.97 -6.22
N ARG F 314 -17.07 28.50 -6.92
CA ARG F 314 -17.08 28.63 -8.39
C ARG F 314 -16.19 29.80 -8.80
N ASP F 315 -16.33 30.92 -8.07
CA ASP F 315 -15.52 32.13 -8.23
C ASP F 315 -14.02 31.74 -8.14
N HIS F 316 -13.69 30.88 -7.14
CA HIS F 316 -12.34 30.39 -6.85
C HIS F 316 -11.90 29.26 -7.76
N GLY F 317 -12.76 28.83 -8.68
CA GLY F 317 -12.47 27.74 -9.61
C GLY F 317 -12.16 26.41 -8.95
N LEU F 318 -12.79 26.15 -7.80
CA LEU F 318 -12.54 24.89 -7.12
C LEU F 318 -13.15 23.71 -7.83
N PRO F 319 -12.37 22.59 -7.97
CA PRO F 319 -12.95 21.38 -8.57
C PRO F 319 -14.13 20.86 -7.74
N GLY F 320 -14.94 20.02 -8.35
CA GLY F 320 -16.11 19.42 -7.71
C GLY F 320 -15.78 18.35 -6.69
N TYR F 321 -16.83 17.87 -6.04
CA TYR F 321 -16.84 16.86 -4.98
C TYR F 321 -15.97 15.65 -5.29
N ASN F 322 -16.21 14.97 -6.47
CA ASN F 322 -15.47 13.78 -6.84
C ASN F 322 -13.98 13.97 -6.93
N ALA F 323 -13.50 15.09 -7.54
CA ALA F 323 -12.09 15.40 -7.64
C ALA F 323 -11.46 15.52 -6.24
N TRP F 324 -12.16 16.17 -5.28
CA TRP F 324 -11.65 16.29 -3.91
C TRP F 324 -11.62 14.95 -3.17
N ARG F 325 -12.64 14.11 -3.41
CA ARG F 325 -12.69 12.75 -2.87
C ARG F 325 -11.46 11.98 -3.34
N ARG F 326 -11.10 12.13 -4.64
CA ARG F 326 -9.95 11.49 -5.28
C ARG F 326 -8.68 12.00 -4.63
N PHE F 327 -8.55 13.33 -4.46
CA PHE F 327 -7.42 13.98 -3.83
C PHE F 327 -7.17 13.36 -2.45
N CYS F 328 -8.25 13.09 -1.71
CA CYS F 328 -8.21 12.54 -0.36
C CYS F 328 -8.00 11.03 -0.29
N GLY F 329 -8.05 10.35 -1.42
CA GLY F 329 -7.93 8.90 -1.46
C GLY F 329 -9.23 8.24 -1.11
N LEU F 330 -10.35 8.97 -1.28
CA LEU F 330 -11.70 8.46 -0.98
C LEU F 330 -12.42 7.97 -2.23
N PRO F 331 -13.27 6.95 -2.18
CA PRO F 331 -13.98 6.51 -3.41
C PRO F 331 -14.87 7.60 -3.99
N GLN F 332 -14.98 7.64 -5.32
CA GLN F 332 -15.72 8.65 -6.03
C GLN F 332 -16.97 8.06 -6.65
N PRO F 333 -18.17 8.30 -6.05
CA PRO F 333 -19.41 7.73 -6.62
C PRO F 333 -19.78 8.34 -7.97
N GLU F 334 -20.23 7.50 -8.92
CA GLU F 334 -20.66 7.93 -10.27
C GLU F 334 -22.18 7.96 -10.38
N THR F 335 -22.87 6.95 -9.83
CA THR F 335 -24.31 6.87 -9.91
C THR F 335 -24.97 7.34 -8.62
N VAL F 336 -26.29 7.59 -8.67
CA VAL F 336 -27.11 8.02 -7.52
C VAL F 336 -27.10 6.96 -6.40
N GLY F 337 -27.09 5.68 -6.81
CA GLY F 337 -27.04 4.55 -5.89
C GLY F 337 -25.75 4.54 -5.12
N GLN F 338 -24.64 4.77 -5.83
CA GLN F 338 -23.29 4.86 -5.28
C GLN F 338 -23.17 6.06 -4.35
N LEU F 339 -23.77 7.22 -4.74
CA LEU F 339 -23.76 8.41 -3.90
C LEU F 339 -24.60 8.17 -2.65
N GLY F 340 -25.65 7.35 -2.80
CA GLY F 340 -26.52 6.89 -1.71
C GLY F 340 -25.71 6.18 -0.67
N THR F 341 -24.88 5.20 -1.08
CA THR F 341 -24.00 4.42 -0.19
C THR F 341 -23.04 5.33 0.59
N VAL F 342 -22.38 6.27 -0.10
CA VAL F 342 -21.49 7.27 0.51
C VAL F 342 -22.26 8.10 1.58
N LEU F 343 -23.48 8.54 1.25
CA LEU F 343 -24.23 9.41 2.15
C LEU F 343 -25.13 8.71 3.14
N ARG F 344 -25.25 7.37 3.07
CA ARG F 344 -26.18 6.55 3.88
C ARG F 344 -27.62 7.16 3.73
N ASN F 345 -27.90 7.76 2.55
CA ASN F 345 -29.12 8.49 2.27
C ASN F 345 -29.40 8.58 0.78
N LEU F 346 -30.22 7.67 0.26
CA LEU F 346 -30.60 7.61 -1.14
C LEU F 346 -31.48 8.83 -1.55
N LYS F 347 -32.30 9.37 -0.61
CA LYS F 347 -33.17 10.53 -0.90
C LYS F 347 -32.30 11.77 -1.17
N LEU F 348 -31.30 12.00 -0.30
CA LEU F 348 -30.36 13.11 -0.43
C LEU F 348 -29.55 12.96 -1.72
N ALA F 349 -29.11 11.72 -2.03
CA ALA F 349 -28.36 11.43 -3.25
C ALA F 349 -29.20 11.78 -4.47
N ARG F 350 -30.52 11.40 -4.49
CA ARG F 350 -31.42 11.75 -5.61
C ARG F 350 -31.62 13.26 -5.73
N LYS F 351 -31.79 13.96 -4.59
CA LYS F 351 -31.92 15.41 -4.59
C LYS F 351 -30.65 16.05 -5.17
N LEU F 352 -29.46 15.63 -4.69
CA LEU F 352 -28.20 16.17 -5.21
C LEU F 352 -28.04 15.95 -6.71
N MET F 353 -28.46 14.77 -7.19
CA MET F 353 -28.36 14.42 -8.60
C MET F 353 -29.33 15.24 -9.45
N GLU F 354 -30.55 15.54 -8.95
CA GLU F 354 -31.52 16.38 -9.67
C GLU F 354 -30.95 17.78 -9.82
N GLN F 355 -30.20 18.23 -8.80
CA GLN F 355 -29.53 19.51 -8.83
C GLN F 355 -28.33 19.52 -9.75
N TYR F 356 -27.35 18.63 -9.52
CA TYR F 356 -26.03 18.61 -10.18
C TYR F 356 -25.84 17.69 -11.39
N GLY F 357 -26.63 16.64 -11.52
CA GLY F 357 -26.54 15.68 -12.63
C GLY F 357 -25.46 14.62 -12.47
N THR F 358 -24.34 14.97 -11.79
CA THR F 358 -23.22 14.04 -11.54
C THR F 358 -22.56 14.41 -10.22
N PRO F 359 -22.04 13.44 -9.41
CA PRO F 359 -21.34 13.82 -8.18
C PRO F 359 -20.04 14.58 -8.47
N ASN F 360 -19.58 14.57 -9.76
CA ASN F 360 -18.38 15.29 -10.21
C ASN F 360 -18.55 16.78 -10.05
N ASN F 361 -19.82 17.27 -10.14
CA ASN F 361 -20.16 18.69 -10.14
C ASN F 361 -20.66 19.23 -8.84
N ILE F 362 -20.88 18.36 -7.83
CA ILE F 362 -21.35 18.86 -6.53
C ILE F 362 -20.28 19.80 -5.97
N ASP F 363 -20.67 21.04 -5.62
CA ASP F 363 -19.78 22.05 -5.04
C ASP F 363 -19.20 21.51 -3.74
N ILE F 364 -17.89 21.74 -3.52
CA ILE F 364 -17.15 21.25 -2.38
C ILE F 364 -17.88 21.46 -1.00
N TRP F 365 -18.38 22.67 -0.69
CA TRP F 365 -19.06 22.88 0.61
C TRP F 365 -20.31 22.00 0.73
N MET F 366 -21.14 21.98 -0.32
CA MET F 366 -22.40 21.22 -0.39
C MET F 366 -22.16 19.74 -0.18
N GLY F 367 -21.23 19.16 -0.93
CA GLY F 367 -20.90 17.74 -0.80
C GLY F 367 -20.28 17.43 0.55
N GLY F 368 -19.41 18.31 1.01
CA GLY F 368 -18.70 18.16 2.27
C GLY F 368 -19.61 18.08 3.48
N VAL F 369 -20.57 19.03 3.58
CA VAL F 369 -21.54 19.09 4.70
C VAL F 369 -22.65 18.02 4.60
N SER F 370 -22.82 17.44 3.40
CA SER F 370 -23.83 16.40 3.20
C SER F 370 -23.37 15.03 3.77
N GLU F 371 -22.06 14.81 3.88
CA GLU F 371 -21.54 13.51 4.31
C GLU F 371 -21.87 13.20 5.77
N PRO F 372 -22.14 11.90 6.10
CA PRO F 372 -22.36 11.52 7.52
C PRO F 372 -21.16 11.86 8.38
N LEU F 373 -21.42 12.30 9.60
CA LEU F 373 -20.35 12.74 10.48
C LEU F 373 -19.52 11.58 11.01
N LYS F 374 -18.21 11.80 11.12
CA LYS F 374 -17.32 10.77 11.66
C LYS F 374 -17.60 10.69 13.18
N ARG F 375 -17.42 9.48 13.76
CA ARG F 375 -17.66 9.21 15.18
C ARG F 375 -16.87 10.18 16.01
N LYS F 376 -17.59 10.91 16.89
CA LYS F 376 -17.08 11.93 17.81
C LYS F 376 -16.50 13.12 17.06
N GLY F 377 -16.86 13.26 15.79
CA GLY F 377 -16.42 14.38 14.95
C GLY F 377 -17.63 15.12 14.45
N ARG F 378 -17.43 16.28 13.80
CA ARG F 378 -18.57 17.06 13.29
C ARG F 378 -18.44 17.34 11.78
N VAL F 379 -17.62 16.50 11.10
CA VAL F 379 -17.40 16.52 9.66
C VAL F 379 -17.31 15.09 9.17
N GLY F 380 -17.61 14.90 7.89
CA GLY F 380 -17.48 13.63 7.22
C GLY F 380 -16.05 13.39 6.75
N PRO F 381 -15.81 12.26 6.08
CA PRO F 381 -14.43 11.93 5.64
C PRO F 381 -13.72 12.98 4.77
N LEU F 382 -14.44 13.55 3.79
CA LEU F 382 -13.90 14.57 2.88
C LEU F 382 -13.39 15.82 3.60
N LEU F 383 -14.25 16.45 4.43
CA LEU F 383 -13.86 17.63 5.18
C LEU F 383 -12.80 17.33 6.23
N ALA F 384 -12.87 16.15 6.88
CA ALA F 384 -11.85 15.75 7.87
C ALA F 384 -10.47 15.73 7.18
N CYS F 385 -10.44 15.25 5.93
CA CYS F 385 -9.19 15.21 5.16
C CYS F 385 -8.66 16.59 4.82
N ILE F 386 -9.52 17.44 4.25
CA ILE F 386 -9.11 18.81 3.89
C ILE F 386 -8.66 19.60 5.14
N ILE F 387 -9.48 19.58 6.21
CA ILE F 387 -9.20 20.33 7.45
C ILE F 387 -7.99 19.76 8.16
N GLY F 388 -7.95 18.45 8.37
CA GLY F 388 -6.80 17.80 9.01
C GLY F 388 -5.48 18.04 8.29
N THR F 389 -5.47 17.91 6.92
CA THR F 389 -4.25 18.17 6.14
C THR F 389 -3.80 19.63 6.34
N GLN F 390 -4.74 20.60 6.32
CA GLN F 390 -4.39 22.00 6.50
C GLN F 390 -3.71 22.27 7.85
N PHE F 391 -4.34 21.81 8.95
CA PHE F 391 -3.82 22.02 10.30
C PHE F 391 -2.51 21.29 10.57
N ARG F 392 -2.26 20.16 9.90
CA ARG F 392 -0.93 19.54 10.07
C ARG F 392 0.14 20.43 9.46
N LYS F 393 -0.17 21.04 8.29
CA LYS F 393 0.76 21.95 7.63
C LYS F 393 1.05 23.18 8.45
N LEU F 394 0.01 23.74 9.09
CA LEU F 394 0.13 24.94 9.96
C LEU F 394 0.96 24.67 11.21
N ARG F 395 0.94 23.44 11.70
CA ARG F 395 1.68 23.05 12.89
C ARG F 395 3.14 22.64 12.55
N ASP F 396 3.32 21.65 11.68
CA ASP F 396 4.65 21.17 11.31
C ASP F 396 5.48 22.18 10.48
N GLY F 397 4.80 23.09 9.78
CA GLY F 397 5.47 24.10 8.95
C GLY F 397 5.71 25.42 9.65
N ASP F 398 5.37 25.50 10.96
CA ASP F 398 5.51 26.73 11.76
C ASP F 398 6.79 26.69 12.59
N ARG F 399 7.70 27.64 12.34
CA ARG F 399 8.97 27.73 13.06
C ARG F 399 8.75 28.13 14.53
N PHE F 400 7.71 28.95 14.76
CA PHE F 400 7.38 29.45 16.09
C PHE F 400 6.26 28.65 16.77
N TRP F 401 5.99 27.41 16.32
CA TRP F 401 5.05 26.49 16.96
C TRP F 401 5.50 26.36 18.44
N TRP F 402 4.55 26.42 19.40
CA TRP F 402 4.84 26.46 20.84
C TRP F 402 5.72 25.30 21.36
N GLU F 403 5.60 24.09 20.79
CA GLU F 403 6.41 22.93 21.18
C GLU F 403 7.76 22.84 20.46
N ASN F 404 8.03 23.73 19.48
CA ASN F 404 9.28 23.66 18.75
C ASN F 404 10.45 24.07 19.64
N GLU F 405 11.55 23.29 19.62
CA GLU F 405 12.76 23.53 20.40
C GLU F 405 13.26 24.96 20.19
N GLY F 406 13.47 25.67 21.30
CA GLY F 406 13.98 27.04 21.26
C GLY F 406 12.94 28.14 21.33
N VAL F 407 11.65 27.82 21.10
CA VAL F 407 10.57 28.84 21.15
C VAL F 407 10.31 29.15 22.64
N PHE F 408 10.01 28.11 23.43
CA PHE F 408 9.85 28.21 24.88
C PHE F 408 10.81 27.24 25.55
N SER F 409 11.06 27.45 26.87
CA SER F 409 11.90 26.55 27.66
C SER F 409 11.04 25.37 28.08
N MET F 410 11.67 24.27 28.56
CA MET F 410 10.97 23.08 29.05
C MET F 410 9.94 23.50 30.14
N GLN F 411 10.36 24.42 31.04
CA GLN F 411 9.55 24.89 32.17
C GLN F 411 8.37 25.74 31.69
N GLN F 412 8.63 26.68 30.74
CA GLN F 412 7.59 27.52 30.14
C GLN F 412 6.53 26.65 29.46
N ARG F 413 6.94 25.57 28.77
CA ARG F 413 6.03 24.63 28.10
C ARG F 413 5.19 23.85 29.10
N GLN F 414 5.80 23.42 30.23
CA GLN F 414 5.13 22.70 31.31
C GLN F 414 4.05 23.61 31.93
N ALA F 415 4.36 24.91 32.11
CA ALA F 415 3.45 25.94 32.61
C ALA F 415 2.29 26.19 31.60
N LEU F 416 2.62 26.36 30.29
CA LEU F 416 1.64 26.57 29.21
C LEU F 416 0.65 25.45 29.05
N ALA F 417 1.06 24.20 29.31
CA ALA F 417 0.20 23.02 29.19
C ALA F 417 -1.03 23.08 30.12
N GLN F 418 -0.96 23.94 31.16
CA GLN F 418 -2.01 24.12 32.15
C GLN F 418 -3.10 25.09 31.73
N ILE F 419 -2.88 25.84 30.63
CA ILE F 419 -3.88 26.80 30.16
C ILE F 419 -5.13 26.12 29.62
N SER F 420 -6.24 26.84 29.65
CA SER F 420 -7.52 26.39 29.13
C SER F 420 -8.38 27.63 28.86
N LEU F 421 -9.34 27.52 27.90
CA LEU F 421 -10.22 28.62 27.58
C LEU F 421 -11.11 28.97 28.81
N PRO F 422 -11.68 28.00 29.59
CA PRO F 422 -12.43 28.38 30.80
C PRO F 422 -11.60 29.23 31.77
N ARG F 423 -10.32 28.87 32.01
CA ARG F 423 -9.44 29.67 32.88
C ARG F 423 -9.23 31.10 32.34
N ILE F 424 -9.13 31.25 31.01
CA ILE F 424 -8.95 32.56 30.38
C ILE F 424 -10.20 33.42 30.66
N ILE F 425 -11.39 32.80 30.59
CA ILE F 425 -12.67 33.44 30.90
C ILE F 425 -12.68 33.92 32.39
N CYS F 426 -12.20 33.07 33.33
CA CYS F 426 -12.09 33.35 34.77
C CYS F 426 -11.25 34.58 35.05
N ASP F 427 -10.08 34.67 34.40
CA ASP F 427 -9.08 35.71 34.59
C ASP F 427 -9.43 37.05 34.01
N ASN F 428 -10.42 37.12 33.11
CA ASN F 428 -10.66 38.36 32.40
C ASN F 428 -12.14 38.83 32.38
N THR F 429 -13.01 38.15 33.16
CA THR F 429 -14.41 38.52 33.25
C THR F 429 -14.87 38.44 34.71
N GLY F 430 -16.15 38.76 34.92
CA GLY F 430 -16.79 38.65 36.24
C GLY F 430 -17.43 37.29 36.43
N ILE F 431 -17.26 36.36 35.44
CA ILE F 431 -17.82 35.01 35.50
C ILE F 431 -16.99 34.16 36.48
N THR F 432 -17.68 33.52 37.43
CA THR F 432 -17.09 32.74 38.53
C THR F 432 -17.30 31.24 38.40
N THR F 433 -18.27 30.84 37.56
CA THR F 433 -18.54 29.44 37.29
C THR F 433 -18.48 29.25 35.76
N VAL F 434 -17.56 28.38 35.30
CA VAL F 434 -17.33 28.14 33.86
C VAL F 434 -17.47 26.67 33.54
N SER F 435 -17.44 26.35 32.24
CA SER F 435 -17.54 25.00 31.70
C SER F 435 -16.39 24.13 32.19
N LYS F 436 -16.69 22.86 32.42
CA LYS F 436 -15.72 21.83 32.75
C LYS F 436 -14.97 21.55 31.42
N ASN F 437 -13.67 21.19 31.49
CA ASN F 437 -12.94 20.78 30.30
C ASN F 437 -13.59 19.46 29.88
N ASN F 438 -13.88 19.26 28.58
CA ASN F 438 -13.57 20.12 27.44
C ASN F 438 -14.70 21.16 27.24
N ILE F 439 -14.36 22.46 27.23
CA ILE F 439 -15.29 23.60 26.99
C ILE F 439 -16.14 23.44 25.71
N PHE F 440 -15.60 22.77 24.67
CA PHE F 440 -16.30 22.61 23.40
C PHE F 440 -17.35 21.51 23.47
N MET F 441 -17.22 20.60 24.41
CA MET F 441 -18.16 19.50 24.65
C MET F 441 -19.22 19.93 25.70
N SER F 442 -18.76 20.45 26.87
CA SER F 442 -19.60 20.94 27.98
C SER F 442 -20.64 21.96 27.49
N ASN F 443 -21.94 21.70 27.71
CA ASN F 443 -23.00 22.61 27.24
C ASN F 443 -24.24 22.72 28.15
N SER F 444 -24.25 22.01 29.31
CA SER F 444 -25.43 22.03 30.19
C SER F 444 -25.14 22.54 31.59
N TYR F 445 -25.82 23.64 31.98
CA TYR F 445 -25.70 24.23 33.31
C TYR F 445 -26.77 23.62 34.24
N PRO F 446 -26.43 23.18 35.47
CA PRO F 446 -25.09 23.22 36.11
C PRO F 446 -24.25 21.96 35.92
N ARG F 447 -24.84 20.91 35.32
CA ARG F 447 -24.23 19.59 35.09
C ARG F 447 -22.76 19.61 34.63
N ASP F 448 -22.42 20.45 33.62
CA ASP F 448 -21.06 20.53 33.04
C ASP F 448 -20.29 21.75 33.47
N PHE F 449 -20.67 22.35 34.61
CA PHE F 449 -20.01 23.56 35.08
C PHE F 449 -19.27 23.37 36.39
N VAL F 450 -18.22 24.15 36.59
CA VAL F 450 -17.40 24.14 37.79
C VAL F 450 -17.09 25.58 38.16
N ASN F 451 -16.63 25.78 39.40
CA ASN F 451 -16.22 27.07 39.91
C ASN F 451 -14.78 27.31 39.49
N CYS F 452 -14.45 28.57 39.14
CA CYS F 452 -13.12 29.04 38.71
C CYS F 452 -11.96 28.65 39.62
N SER F 453 -12.19 28.67 40.94
CA SER F 453 -11.21 28.37 41.99
C SER F 453 -10.55 27.00 41.81
N THR F 454 -11.28 26.01 41.24
CA THR F 454 -10.77 24.66 41.02
C THR F 454 -9.78 24.62 39.83
N LEU F 455 -9.89 25.60 38.91
CA LEU F 455 -9.06 25.71 37.71
C LEU F 455 -7.69 26.30 37.99
N PRO F 456 -6.60 25.59 37.61
CA PRO F 456 -5.26 26.12 37.83
C PRO F 456 -4.95 27.31 36.92
N ALA F 457 -4.26 28.32 37.46
CA ALA F 457 -3.87 29.52 36.74
C ALA F 457 -2.54 29.29 36.02
N LEU F 458 -2.17 30.22 35.12
CA LEU F 458 -0.92 30.12 34.40
C LEU F 458 0.18 30.68 35.29
N ASN F 459 1.11 29.80 35.67
CA ASN F 459 2.25 30.16 36.49
C ASN F 459 3.32 30.75 35.58
N LEU F 460 3.58 32.05 35.73
CA LEU F 460 4.57 32.79 34.95
C LEU F 460 5.98 32.83 35.56
N ALA F 461 6.22 32.08 36.67
CA ALA F 461 7.54 32.01 37.35
C ALA F 461 8.72 31.75 36.39
N SER F 462 8.57 30.81 35.45
CA SER F 462 9.64 30.47 34.48
C SER F 462 9.95 31.57 33.46
N TRP F 463 9.23 32.72 33.53
CA TRP F 463 9.47 33.88 32.67
C TRP F 463 10.37 34.93 33.34
N ARG F 464 10.75 34.71 34.62
CA ARG F 464 11.60 35.63 35.40
C ARG F 464 13.03 35.67 34.84
N GLU F 465 13.50 36.88 34.51
CA GLU F 465 14.84 37.14 34.00
C GLU F 465 15.68 37.85 35.05
N CYS G 1 -14.97 24.16 -25.15
CA CYS G 1 -14.45 22.79 -25.03
C CYS G 1 -15.41 21.73 -25.61
N PRO G 2 -15.19 21.25 -26.87
CA PRO G 2 -16.15 20.29 -27.47
C PRO G 2 -16.25 18.93 -26.78
N GLU G 3 -17.49 18.38 -26.77
CA GLU G 3 -17.86 17.09 -26.16
C GLU G 3 -17.24 15.88 -26.84
N GLN G 4 -16.96 15.99 -28.15
CA GLN G 4 -16.33 14.93 -28.94
C GLN G 4 -15.35 15.54 -29.94
N ASP G 5 -14.19 14.87 -30.09
CA ASP G 5 -13.10 15.28 -30.99
C ASP G 5 -12.28 14.07 -31.40
N LYS G 6 -11.52 14.17 -32.51
CA LYS G 6 -10.70 13.06 -33.00
C LYS G 6 -9.22 13.39 -32.95
N TYR G 7 -8.90 14.68 -33.04
CA TYR G 7 -7.52 15.14 -33.04
C TYR G 7 -7.22 16.15 -31.96
N ARG G 8 -5.95 16.26 -31.60
CA ARG G 8 -5.48 17.25 -30.65
C ARG G 8 -5.61 18.61 -31.28
N THR G 9 -5.77 19.64 -30.45
CA THR G 9 -5.70 21.01 -30.92
C THR G 9 -4.18 21.27 -31.04
N ILE G 10 -3.79 22.37 -31.67
CA ILE G 10 -2.40 22.74 -31.82
C ILE G 10 -1.82 23.28 -30.51
N THR G 11 -2.61 24.06 -29.77
CA THR G 11 -2.18 24.68 -28.52
C THR G 11 -2.17 23.73 -27.35
N GLY G 12 -2.83 22.58 -27.45
CA GLY G 12 -2.91 21.61 -26.37
C GLY G 12 -4.15 21.83 -25.52
N MET G 13 -4.85 22.95 -25.77
CA MET G 13 -6.11 23.32 -25.12
C MET G 13 -7.13 22.20 -25.32
N CYS G 14 -7.92 21.87 -24.28
CA CYS G 14 -8.98 20.85 -24.29
C CYS G 14 -8.50 19.43 -24.19
N ASN G 15 -7.17 19.17 -24.10
CA ASN G 15 -6.70 17.80 -23.88
C ASN G 15 -7.28 17.33 -22.53
N ASN G 16 -7.15 18.17 -21.47
CA ASN G 16 -7.79 17.88 -20.18
C ASN G 16 -9.12 18.65 -20.18
N ARG G 17 -10.25 17.95 -20.17
CA ARG G 17 -11.57 18.59 -20.25
C ARG G 17 -12.01 19.33 -18.97
N ARG G 18 -11.55 18.90 -17.78
CA ARG G 18 -11.88 19.57 -16.52
C ARG G 18 -11.09 20.87 -16.30
N SER G 19 -9.81 20.90 -16.72
CA SER G 19 -8.97 22.09 -16.59
C SER G 19 -8.30 22.24 -17.98
N PRO G 20 -9.03 22.85 -18.94
CA PRO G 20 -8.60 22.76 -20.35
C PRO G 20 -7.31 23.49 -20.74
N THR G 21 -6.67 24.28 -19.87
CA THR G 21 -5.38 24.88 -20.25
C THR G 21 -4.21 23.96 -19.86
N LEU G 22 -4.46 22.87 -19.13
CA LEU G 22 -3.35 22.03 -18.64
C LEU G 22 -2.60 21.34 -19.78
N GLY G 23 -1.32 21.66 -19.91
CA GLY G 23 -0.50 21.09 -20.97
C GLY G 23 -0.52 21.98 -22.20
N ALA G 24 -1.40 23.02 -22.21
CA ALA G 24 -1.53 23.95 -23.33
C ALA G 24 -0.39 24.97 -23.29
N SER G 25 -0.07 25.53 -24.47
CA SER G 25 1.04 26.46 -24.66
C SER G 25 0.76 27.83 -24.08
N ASN G 26 1.84 28.58 -23.82
CA ASN G 26 1.80 29.93 -23.28
C ASN G 26 1.08 30.02 -21.90
N ARG G 27 1.41 29.08 -21.00
CA ARG G 27 0.91 29.06 -19.63
C ARG G 27 2.11 28.92 -18.71
N ALA G 28 1.96 29.38 -17.45
CA ALA G 28 2.99 29.27 -16.42
C ALA G 28 3.28 27.77 -16.14
N PHE G 29 4.55 27.46 -15.81
CA PHE G 29 4.94 26.09 -15.41
C PHE G 29 4.23 25.75 -14.09
N VAL G 30 4.00 24.47 -13.85
CA VAL G 30 3.50 24.03 -12.55
C VAL G 30 4.78 23.98 -11.65
N ARG G 31 4.64 24.19 -10.35
CA ARG G 31 5.76 24.07 -9.42
C ARG G 31 5.57 22.87 -8.54
N TRP G 32 6.63 22.08 -8.36
CA TRP G 32 6.57 20.91 -7.48
C TRP G 32 7.01 21.27 -6.08
N LEU G 33 7.75 22.38 -5.94
CA LEU G 33 8.22 22.95 -4.68
C LEU G 33 8.08 24.47 -4.71
N PRO G 34 7.85 25.14 -3.56
CA PRO G 34 7.74 26.62 -3.58
C PRO G 34 9.05 27.26 -4.02
N ALA G 35 8.98 28.38 -4.74
CA ALA G 35 10.18 29.06 -5.25
C ALA G 35 10.98 29.68 -4.14
N GLU G 36 12.27 29.90 -4.38
CA GLU G 36 13.18 30.48 -3.42
C GLU G 36 13.91 31.61 -4.09
N TYR G 37 13.52 32.80 -3.70
CA TYR G 37 14.05 34.05 -4.18
C TYR G 37 14.63 34.81 -3.01
N GLU G 38 15.64 35.65 -3.29
CA GLU G 38 16.35 36.51 -2.33
C GLU G 38 15.38 37.36 -1.48
N ASP G 39 14.30 37.90 -2.10
CA ASP G 39 13.27 38.71 -1.43
C ASP G 39 11.99 37.87 -1.16
N GLY G 40 12.07 36.57 -1.38
CA GLY G 40 10.93 35.67 -1.20
C GLY G 40 9.98 35.58 -2.37
N PHE G 41 10.00 36.53 -3.32
CA PHE G 41 8.99 36.46 -4.37
C PHE G 41 9.45 36.79 -5.80
N SER G 42 10.63 37.41 -6.00
CA SER G 42 11.05 37.75 -7.37
C SER G 42 12.55 37.82 -7.65
N LEU G 43 13.35 38.33 -6.72
CA LEU G 43 14.79 38.53 -6.96
C LEU G 43 15.60 37.27 -6.83
N PRO G 44 16.40 36.93 -7.84
CA PRO G 44 17.17 35.68 -7.80
C PRO G 44 18.33 35.74 -6.83
N TYR G 45 18.72 34.59 -6.29
CA TYR G 45 19.89 34.53 -5.43
C TYR G 45 21.11 34.94 -6.27
N GLY G 46 21.90 35.83 -5.70
CA GLY G 46 23.06 36.40 -6.36
C GLY G 46 22.80 37.80 -6.84
N TRP G 47 21.50 38.23 -6.89
CA TRP G 47 21.12 39.57 -7.34
C TRP G 47 21.78 40.68 -6.50
N THR G 48 21.69 40.58 -5.17
CA THR G 48 22.22 41.60 -4.28
C THR G 48 23.57 41.21 -3.65
N PRO G 49 24.62 42.04 -3.88
CA PRO G 49 25.93 41.77 -3.26
C PRO G 49 25.84 41.69 -1.74
N GLY G 50 26.42 40.64 -1.17
CA GLY G 50 26.44 40.40 0.27
C GLY G 50 25.27 39.62 0.81
N VAL G 51 24.18 39.53 0.05
CA VAL G 51 23.02 38.77 0.52
C VAL G 51 23.30 37.27 0.39
N LYS G 52 23.40 36.62 1.55
CA LYS G 52 23.65 35.19 1.66
C LYS G 52 22.40 34.39 1.40
N ARG G 53 22.59 33.13 1.02
CA ARG G 53 21.51 32.18 0.80
C ARG G 53 21.68 31.16 1.90
N ASN G 54 20.69 31.06 2.81
CA ASN G 54 20.68 30.07 3.90
C ASN G 54 22.00 30.08 4.71
N GLY G 55 22.52 31.27 5.02
CA GLY G 55 23.74 31.45 5.80
C GLY G 55 25.07 31.37 5.07
N PHE G 56 25.05 31.17 3.73
CA PHE G 56 26.27 31.08 2.95
C PHE G 56 26.31 32.00 1.77
N PRO G 57 27.50 32.55 1.41
CA PRO G 57 27.59 33.40 0.21
C PRO G 57 27.17 32.65 -1.04
N VAL G 58 26.61 33.38 -2.00
CA VAL G 58 26.19 32.78 -3.27
C VAL G 58 27.42 32.58 -4.17
N ALA G 59 27.60 31.36 -4.68
CA ALA G 59 28.73 31.08 -5.57
C ALA G 59 28.40 31.61 -6.98
N LEU G 60 29.34 32.30 -7.65
CA LEU G 60 29.13 32.79 -9.01
C LEU G 60 29.00 31.58 -9.91
N ALA G 61 27.97 31.54 -10.80
CA ALA G 61 27.73 30.41 -11.69
C ALA G 61 28.99 30.10 -12.53
N ARG G 62 29.69 31.16 -13.02
CA ARG G 62 30.92 31.01 -13.80
C ARG G 62 32.07 30.39 -12.96
N ALA G 63 32.17 30.75 -11.66
CA ALA G 63 33.19 30.17 -10.75
C ALA G 63 32.95 28.67 -10.58
N VAL G 64 31.68 28.26 -10.38
CA VAL G 64 31.31 26.84 -10.24
C VAL G 64 31.68 26.09 -11.50
N SER G 65 31.36 26.68 -12.66
CA SER G 65 31.67 26.07 -13.94
C SER G 65 33.21 25.88 -14.11
N ASN G 66 34.00 26.91 -13.76
CA ASN G 66 35.45 26.89 -13.85
C ASN G 66 36.08 25.85 -12.93
N GLU G 67 35.58 25.76 -11.69
CA GLU G 67 36.11 24.89 -10.67
C GLU G 67 35.61 23.45 -10.69
N ILE G 68 34.40 23.19 -11.20
CA ILE G 68 33.82 21.83 -11.15
C ILE G 68 33.61 21.22 -12.50
N VAL G 69 33.16 22.02 -13.49
CA VAL G 69 32.78 21.51 -14.79
C VAL G 69 33.96 21.40 -15.76
N ARG G 70 34.82 22.42 -15.79
CA ARG G 70 35.96 22.49 -16.69
C ARG G 70 36.86 21.22 -16.60
N PHE G 71 37.21 20.66 -17.76
CA PHE G 71 38.11 19.51 -17.89
C PHE G 71 38.87 19.57 -19.24
N PRO G 72 40.06 18.92 -19.38
CA PRO G 72 40.78 18.96 -20.67
C PRO G 72 40.03 18.16 -21.73
N THR G 73 39.75 18.79 -22.86
CA THR G 73 39.01 18.17 -23.98
C THR G 73 39.63 16.84 -24.44
N ASP G 74 40.97 16.74 -24.44
CA ASP G 74 41.72 15.54 -24.85
C ASP G 74 41.39 14.31 -24.00
N GLN G 75 40.93 14.52 -22.76
CA GLN G 75 40.57 13.50 -21.79
C GLN G 75 39.18 12.87 -22.00
N LEU G 76 38.29 13.51 -22.80
CA LEU G 76 36.92 13.05 -23.11
C LEU G 76 36.79 11.52 -23.20
N THR G 77 35.81 10.96 -22.50
CA THR G 77 35.51 9.53 -22.50
C THR G 77 34.31 9.26 -23.38
N PRO G 78 34.46 8.50 -24.48
CA PRO G 78 33.28 8.17 -25.28
C PRO G 78 32.44 7.12 -24.54
N ASP G 79 31.13 7.18 -24.68
CA ASP G 79 30.27 6.21 -24.02
C ASP G 79 30.21 4.98 -24.92
N GLN G 80 30.73 3.85 -24.43
CA GLN G 80 30.75 2.60 -25.21
C GLN G 80 29.34 2.06 -25.52
N GLU G 81 28.33 2.48 -24.74
CA GLU G 81 26.96 1.99 -24.90
C GLU G 81 25.94 3.02 -25.37
N ARG G 82 26.36 4.22 -25.81
CA ARG G 82 25.39 5.20 -26.32
C ARG G 82 25.90 5.90 -27.57
N SER G 83 25.00 6.10 -28.55
CA SER G 83 25.26 6.85 -29.79
C SER G 83 25.09 8.35 -29.52
N LEU G 84 25.64 9.23 -30.40
CA LEU G 84 25.40 10.67 -30.25
C LEU G 84 23.93 10.93 -30.58
N MET G 85 23.25 9.97 -31.28
CA MET G 85 21.81 10.06 -31.57
C MET G 85 21.04 10.09 -30.22
N PHE G 86 21.58 9.42 -29.17
CA PHE G 86 20.99 9.43 -27.82
C PHE G 86 20.94 10.86 -27.25
N MET G 87 21.99 11.65 -27.51
CA MET G 87 22.10 13.05 -27.12
C MET G 87 21.09 13.85 -27.97
N GLN G 88 21.12 13.70 -29.31
CA GLN G 88 20.27 14.44 -30.24
C GLN G 88 18.77 14.18 -30.06
N TRP G 89 18.35 12.94 -29.75
CA TRP G 89 16.93 12.70 -29.49
C TRP G 89 16.50 13.48 -28.26
N GLY G 90 17.37 13.54 -27.26
CA GLY G 90 17.14 14.28 -26.03
C GLY G 90 16.78 15.73 -26.26
N GLN G 91 17.60 16.45 -27.05
CA GLN G 91 17.36 17.85 -27.38
C GLN G 91 16.06 18.04 -28.14
N LEU G 92 15.83 17.20 -29.17
CA LEU G 92 14.64 17.22 -30.00
C LEU G 92 13.38 16.96 -29.18
N LEU G 93 13.47 16.06 -28.22
CA LEU G 93 12.35 15.72 -27.34
C LEU G 93 12.10 16.93 -26.41
N ASP G 94 13.15 17.51 -25.84
CA ASP G 94 13.07 18.69 -25.01
C ASP G 94 12.36 19.82 -25.76
N HIS G 95 12.58 19.91 -27.09
CA HIS G 95 12.00 20.96 -27.91
C HIS G 95 10.52 20.68 -28.25
N ASP G 96 10.01 19.51 -27.86
CA ASP G 96 8.59 19.16 -27.95
C ASP G 96 7.90 19.49 -26.56
N LEU G 97 8.72 19.60 -25.48
CA LEU G 97 8.22 19.76 -24.12
C LEU G 97 8.21 21.17 -23.57
N ASP G 98 9.35 21.90 -23.64
CA ASP G 98 9.44 23.23 -23.06
C ASP G 98 10.31 24.21 -23.78
N PHE G 99 9.86 25.46 -23.76
CA PHE G 99 10.61 26.61 -24.26
C PHE G 99 10.21 27.73 -23.37
N THR G 100 11.15 28.25 -22.58
CA THR G 100 10.92 29.31 -21.63
C THR G 100 11.27 30.63 -22.31
N PRO G 101 10.30 31.46 -22.69
CA PRO G 101 10.65 32.71 -23.38
C PRO G 101 11.39 33.74 -22.56
N GLU G 102 12.19 34.54 -23.27
CA GLU G 102 12.99 35.65 -22.78
C GLU G 102 12.49 36.92 -23.47
N PRO G 103 12.77 38.14 -22.93
CA PRO G 103 12.29 39.37 -23.59
C PRO G 103 12.81 39.60 -25.00
N ASN H 2 20.30 47.04 -22.85
CA ASN H 2 20.48 45.88 -23.73
C ASN H 2 21.27 44.82 -23.00
N CYS H 3 20.65 43.68 -22.66
CA CYS H 3 21.32 42.56 -21.93
C CYS H 3 22.45 41.97 -22.74
N GLU H 4 22.31 42.04 -24.06
CA GLU H 4 23.27 41.55 -25.03
C GLU H 4 24.60 42.30 -24.93
N THR H 5 24.59 43.60 -24.58
CA THR H 5 25.81 44.41 -24.57
C THR H 5 26.11 45.10 -23.23
N SER H 6 25.18 45.07 -22.28
CA SER H 6 25.43 45.73 -20.98
C SER H 6 25.79 44.72 -19.87
N CYS H 7 26.57 45.20 -18.91
CA CYS H 7 26.96 44.43 -17.73
C CYS H 7 26.27 44.96 -16.47
N VAL H 8 25.41 45.96 -16.66
CA VAL H 8 24.64 46.57 -15.60
C VAL H 8 23.48 45.62 -15.24
N GLN H 9 23.32 45.34 -13.96
CA GLN H 9 22.24 44.52 -13.47
C GLN H 9 20.99 45.41 -13.29
N GLN H 10 20.23 45.55 -14.37
CA GLN H 10 18.99 46.30 -14.42
C GLN H 10 17.97 45.41 -15.07
N PRO H 11 16.77 45.22 -14.45
CA PRO H 11 15.76 44.35 -15.05
C PRO H 11 15.51 44.69 -16.53
N PRO H 12 15.40 43.70 -17.44
CA PRO H 12 15.37 42.25 -17.20
C PRO H 12 16.73 41.53 -17.28
N CYS H 13 17.84 42.25 -17.08
CA CYS H 13 19.21 41.71 -17.18
C CYS H 13 19.67 41.12 -15.87
N PHE H 14 20.29 39.91 -15.92
CA PHE H 14 20.87 39.28 -14.74
C PHE H 14 22.23 38.72 -15.19
N PRO H 15 23.16 39.61 -15.63
CA PRO H 15 24.44 39.12 -16.17
C PRO H 15 25.27 38.31 -15.19
N LEU H 16 25.98 37.31 -15.71
CA LEU H 16 26.86 36.45 -14.89
C LEU H 16 28.15 37.20 -14.69
N LYS H 17 28.53 37.43 -13.43
CA LYS H 17 29.76 38.13 -13.08
C LYS H 17 30.99 37.23 -13.31
N ILE H 18 32.15 37.85 -13.52
CA ILE H 18 33.41 37.17 -13.85
C ILE H 18 34.30 37.05 -12.62
N PRO H 19 34.71 35.81 -12.26
CA PRO H 19 35.58 35.67 -11.08
C PRO H 19 37.03 36.10 -11.38
N PRO H 20 37.86 36.37 -10.34
CA PRO H 20 39.27 36.66 -10.62
C PRO H 20 39.94 35.37 -11.13
N ASN H 21 40.98 35.50 -11.96
CA ASN H 21 41.75 34.38 -12.54
C ASN H 21 40.87 33.42 -13.37
N ASP H 22 39.96 34.00 -14.17
CA ASP H 22 39.10 33.23 -15.07
C ASP H 22 40.02 32.70 -16.18
N PRO H 23 39.87 31.42 -16.60
CA PRO H 23 40.76 30.90 -17.66
C PRO H 23 40.58 31.53 -19.04
N ARG H 24 39.49 32.30 -19.28
CA ARG H 24 39.22 32.90 -20.59
C ARG H 24 38.95 34.41 -20.55
N ILE H 25 38.09 34.89 -19.63
CA ILE H 25 37.72 36.31 -19.54
C ILE H 25 38.57 37.02 -18.50
N LYS H 26 39.59 37.75 -18.98
CA LYS H 26 40.54 38.47 -18.14
C LYS H 26 39.99 39.78 -17.64
N ASN H 27 39.06 40.39 -18.41
CA ASN H 27 38.42 41.64 -18.04
C ASN H 27 37.30 41.37 -16.99
N GLN H 28 37.58 41.64 -15.70
CA GLN H 28 36.58 41.45 -14.63
C GLN H 28 35.44 42.48 -14.67
N ALA H 29 35.51 43.48 -15.58
CA ALA H 29 34.42 44.47 -15.76
C ALA H 29 33.47 43.98 -16.86
N ASP H 30 33.80 42.83 -17.48
CA ASP H 30 32.95 42.20 -18.51
C ASP H 30 31.99 41.23 -17.77
N CYS H 31 31.12 40.53 -18.52
CA CYS H 31 30.13 39.59 -17.98
C CYS H 31 29.67 38.66 -19.07
N ILE H 32 29.00 37.59 -18.68
CA ILE H 32 28.35 36.69 -19.64
C ILE H 32 26.87 37.18 -19.67
N PRO H 33 26.38 37.61 -20.85
CA PRO H 33 25.02 38.15 -20.93
C PRO H 33 23.95 37.18 -20.53
N PHE H 34 22.84 37.71 -19.96
CA PHE H 34 21.73 36.87 -19.48
C PHE H 34 20.47 37.72 -19.32
N PHE H 35 19.37 37.25 -19.90
CA PHE H 35 18.05 37.87 -19.80
C PHE H 35 17.27 36.98 -18.89
N ARG H 36 16.62 37.56 -17.88
CA ARG H 36 15.74 36.80 -16.99
C ARG H 36 14.57 36.27 -17.83
N SER H 37 14.08 35.07 -17.51
CA SER H 37 12.94 34.52 -18.24
C SER H 37 11.70 35.40 -17.98
N CYS H 38 10.81 35.51 -18.97
CA CYS H 38 9.58 36.32 -18.91
C CYS H 38 8.75 35.89 -17.70
N PRO H 39 8.33 36.83 -16.83
CA PRO H 39 7.49 36.43 -15.68
C PRO H 39 6.05 36.10 -16.11
N ALA H 40 5.39 35.10 -15.50
CA ALA H 40 4.01 34.78 -15.86
C ALA H 40 3.07 35.92 -15.44
N CYS H 41 3.42 36.68 -14.38
CA CYS H 41 2.65 37.84 -13.90
C CYS H 41 3.55 39.07 -13.80
N PRO H 42 3.74 39.81 -14.92
CA PRO H 42 4.66 40.98 -14.89
C PRO H 42 4.33 42.09 -13.87
N GLY H 43 5.35 42.53 -13.15
CA GLY H 43 5.25 43.63 -12.17
C GLY H 43 4.65 43.35 -10.80
N SER H 44 4.09 42.16 -10.58
CA SER H 44 3.43 41.78 -9.33
C SER H 44 4.34 41.72 -8.12
N ASN H 45 3.87 42.32 -7.03
CA ASN H 45 4.52 42.28 -5.75
C ASN H 45 3.79 41.29 -4.85
N ILE H 46 2.70 40.67 -5.38
CA ILE H 46 1.83 39.72 -4.68
C ILE H 46 2.19 38.28 -4.99
N THR H 47 2.23 37.93 -6.27
CA THR H 47 2.50 36.56 -6.66
C THR H 47 3.96 36.18 -6.55
N ILE H 48 4.24 34.89 -6.37
CA ILE H 48 5.63 34.42 -6.34
C ILE H 48 6.00 34.24 -7.83
N ARG H 49 7.04 34.95 -8.28
CA ARG H 49 7.48 34.91 -9.67
C ARG H 49 7.58 33.51 -10.23
N ASN H 50 6.96 33.30 -11.40
CA ASN H 50 7.02 32.03 -12.12
C ASN H 50 7.27 32.32 -13.61
N GLN H 51 7.61 31.28 -14.38
CA GLN H 51 8.02 31.39 -15.79
C GLN H 51 7.02 30.73 -16.69
N ILE H 52 7.17 30.94 -18.00
CA ILE H 52 6.18 30.46 -18.97
C ILE H 52 6.67 29.33 -19.86
N ASN H 53 5.77 28.41 -20.20
CA ASN H 53 6.07 27.38 -21.15
C ASN H 53 5.35 27.78 -22.44
N ALA H 54 6.12 28.13 -23.50
CA ALA H 54 5.57 28.53 -24.83
C ALA H 54 5.09 27.37 -25.62
N LEU H 55 5.37 26.12 -25.17
CA LEU H 55 5.01 24.92 -25.92
C LEU H 55 3.95 24.09 -25.26
N THR H 56 3.38 23.12 -26.02
CA THR H 56 2.43 22.15 -25.46
C THR H 56 3.30 21.15 -24.71
N SER H 57 2.92 20.78 -23.49
CA SER H 57 3.75 19.88 -22.70
C SER H 57 3.71 18.48 -23.24
N PHE H 58 2.63 18.12 -23.93
CA PHE H 58 2.43 16.79 -24.48
C PHE H 58 3.51 16.36 -25.47
N VAL H 59 3.82 15.06 -25.47
CA VAL H 59 4.75 14.47 -26.42
C VAL H 59 3.85 14.28 -27.65
N ASP H 60 3.65 15.39 -28.39
CA ASP H 60 2.73 15.48 -29.53
C ASP H 60 3.38 15.97 -30.85
N ALA H 61 4.73 15.98 -30.89
CA ALA H 61 5.52 16.43 -32.04
C ALA H 61 5.22 17.90 -32.36
N SER H 62 5.04 18.73 -31.29
CA SER H 62 4.78 20.17 -31.48
C SER H 62 6.04 20.87 -31.99
N MET H 63 7.20 20.20 -31.90
CA MET H 63 8.43 20.77 -32.46
C MET H 63 8.39 20.66 -34.01
N VAL H 64 7.47 19.83 -34.53
CA VAL H 64 7.25 19.68 -35.97
C VAL H 64 6.10 20.60 -36.39
N TYR H 65 4.94 20.52 -35.69
CA TYR H 65 3.72 21.22 -36.10
C TYR H 65 3.50 22.63 -35.53
N GLY H 66 4.20 22.99 -34.47
CA GLY H 66 3.99 24.27 -33.80
C GLY H 66 3.06 24.06 -32.62
N SER H 67 3.00 25.04 -31.71
CA SER H 67 2.18 25.09 -30.48
C SER H 67 1.16 26.25 -30.51
N GLU H 68 1.12 27.02 -31.61
CA GLU H 68 0.28 28.18 -31.82
C GLU H 68 -0.31 28.09 -33.24
N GLU H 69 -1.62 28.41 -33.39
CA GLU H 69 -2.38 28.29 -34.64
C GLU H 69 -1.82 29.10 -35.81
N PRO H 70 -1.44 30.41 -35.73
CA PRO H 70 -0.87 31.08 -36.91
C PRO H 70 0.37 30.35 -37.46
N LEU H 71 1.32 29.98 -36.58
CA LEU H 71 2.52 29.23 -36.94
C LEU H 71 2.18 27.88 -37.56
N ALA H 72 1.24 27.13 -36.96
CA ALA H 72 0.85 25.83 -37.47
C ALA H 72 0.30 25.91 -38.91
N ARG H 73 -0.47 26.98 -39.23
CA ARG H 73 -1.03 27.19 -40.58
C ARG H 73 0.10 27.48 -41.54
N ASN H 74 0.99 28.42 -41.17
CA ASN H 74 2.17 28.82 -41.95
C ASN H 74 3.13 27.67 -42.29
N LEU H 75 3.23 26.66 -41.42
CA LEU H 75 4.11 25.50 -41.65
C LEU H 75 3.47 24.50 -42.63
N ARG H 76 2.19 24.63 -42.92
CA ARG H 76 1.48 23.74 -43.84
C ARG H 76 1.57 24.20 -45.29
N ASN H 77 1.46 23.22 -46.21
CA ASN H 77 1.40 23.48 -47.65
C ASN H 77 -0.07 23.68 -47.95
N MET H 78 -0.47 24.94 -48.07
CA MET H 78 -1.85 25.35 -48.31
C MET H 78 -2.18 25.53 -49.81
N SER H 79 -1.21 25.19 -50.71
CA SER H 79 -1.35 25.31 -52.17
C SER H 79 -2.13 24.16 -52.81
N ASN H 80 -2.52 23.14 -52.02
CA ASN H 80 -3.27 21.98 -52.51
C ASN H 80 -4.04 21.26 -51.39
N GLN H 81 -4.61 20.08 -51.69
CA GLN H 81 -5.36 19.27 -50.73
C GLN H 81 -4.63 17.96 -50.40
N LEU H 82 -3.30 17.99 -50.35
CA LEU H 82 -2.51 16.80 -50.04
C LEU H 82 -2.12 16.66 -48.55
N GLY H 83 -2.46 17.67 -47.74
CA GLY H 83 -2.19 17.70 -46.30
C GLY H 83 -0.73 17.61 -45.93
N LEU H 84 0.12 18.31 -46.69
CA LEU H 84 1.56 18.27 -46.52
C LEU H 84 2.06 19.46 -45.75
N LEU H 85 3.26 19.35 -45.20
CA LEU H 85 3.92 20.46 -44.55
C LEU H 85 4.74 21.15 -45.62
N ALA H 86 4.82 22.48 -45.55
CA ALA H 86 5.60 23.30 -46.46
C ALA H 86 7.06 22.80 -46.46
N VAL H 87 7.72 22.89 -47.63
CA VAL H 87 9.13 22.49 -47.81
C VAL H 87 9.90 23.66 -48.41
N ASN H 88 11.24 23.64 -48.30
CA ASN H 88 12.07 24.70 -48.86
C ASN H 88 11.84 24.80 -50.38
N GLN H 89 11.62 26.02 -50.87
CA GLN H 89 11.35 26.29 -52.28
C GLN H 89 12.62 26.62 -53.06
N ARG H 90 13.67 27.11 -52.37
CA ARG H 90 14.96 27.49 -52.94
C ARG H 90 15.95 26.31 -53.04
N PHE H 91 15.94 25.37 -52.07
CA PHE H 91 16.89 24.24 -52.05
C PHE H 91 16.30 22.87 -51.75
N GLN H 92 17.03 21.82 -52.16
CA GLN H 92 16.70 20.40 -51.94
C GLN H 92 17.96 19.66 -51.49
N ASP H 93 17.81 18.45 -50.93
CA ASP H 93 18.91 17.62 -50.45
C ASP H 93 18.85 16.32 -51.25
N ASN H 94 19.60 16.26 -52.39
CA ASN H 94 19.59 15.12 -53.33
C ASN H 94 18.14 14.80 -53.72
N GLY H 95 17.40 15.85 -54.06
CA GLY H 95 15.99 15.77 -54.44
C GLY H 95 15.01 15.56 -53.31
N ARG H 96 15.50 15.65 -52.05
CA ARG H 96 14.65 15.47 -50.87
C ARG H 96 14.42 16.77 -50.16
N ALA H 97 13.25 16.88 -49.51
CA ALA H 97 12.82 18.09 -48.81
C ALA H 97 13.74 18.59 -47.74
N LEU H 98 13.84 19.91 -47.66
CA LEU H 98 14.55 20.64 -46.61
C LEU H 98 13.48 21.52 -45.97
N LEU H 99 13.72 21.92 -44.71
CA LEU H 99 12.76 22.75 -44.00
C LEU H 99 12.66 24.10 -44.71
N PRO H 100 11.48 24.76 -44.67
CA PRO H 100 11.39 26.10 -45.26
C PRO H 100 12.32 27.05 -44.50
N PHE H 101 12.74 28.14 -45.13
CA PHE H 101 13.55 29.15 -44.46
C PHE H 101 12.60 30.07 -43.70
N ASP H 102 13.02 30.58 -42.54
CA ASP H 102 12.20 31.52 -41.79
C ASP H 102 12.43 32.91 -42.42
N ASN H 103 11.65 33.92 -42.04
CA ASN H 103 11.79 35.27 -42.57
C ASN H 103 12.18 36.22 -41.42
N LEU H 104 13.28 35.93 -40.72
CA LEU H 104 13.72 36.74 -39.58
C LEU H 104 14.38 38.02 -40.04
N HIS H 105 14.13 39.13 -39.32
CA HIS H 105 14.79 40.41 -39.62
C HIS H 105 16.21 40.35 -39.03
N ASP H 106 16.35 39.89 -37.76
CA ASP H 106 17.63 39.72 -37.08
C ASP H 106 17.86 38.20 -37.01
N ASP H 107 18.51 37.67 -38.04
CA ASP H 107 18.78 36.26 -38.24
C ASP H 107 20.21 35.86 -37.78
N PRO H 108 20.37 34.95 -36.77
CA PRO H 108 21.74 34.58 -36.32
C PRO H 108 22.52 33.73 -37.33
N CYS H 109 21.83 32.93 -38.17
CA CYS H 109 22.41 32.01 -39.16
C CYS H 109 23.24 32.70 -40.24
N LEU H 110 22.89 33.95 -40.60
CA LEU H 110 23.63 34.69 -41.63
C LEU H 110 25.01 35.08 -41.16
N LEU H 111 25.20 35.14 -39.84
CA LEU H 111 26.47 35.51 -39.21
C LEU H 111 27.50 34.40 -39.17
N THR H 112 27.05 33.13 -39.35
CA THR H 112 27.92 31.95 -39.28
C THR H 112 28.75 31.76 -40.56
N ASN H 113 28.27 32.31 -41.69
CA ASN H 113 28.93 32.36 -42.99
C ASN H 113 28.35 33.53 -43.76
N ARG H 114 29.13 34.61 -43.85
CA ARG H 114 28.77 35.86 -44.55
C ARG H 114 28.42 35.62 -46.04
N SER H 115 29.33 34.98 -46.80
CA SER H 115 29.16 34.74 -48.23
C SER H 115 28.07 33.75 -48.57
N ALA H 116 27.90 32.66 -47.76
CA ALA H 116 26.88 31.65 -48.01
C ALA H 116 25.46 32.22 -48.00
N ARG H 117 25.20 33.26 -47.16
CA ARG H 117 23.91 33.95 -47.05
C ARG H 117 22.73 32.97 -46.85
N ILE H 118 22.89 31.96 -45.95
CA ILE H 118 21.84 30.98 -45.70
C ILE H 118 21.05 31.36 -44.43
N PRO H 119 19.75 31.72 -44.53
CA PRO H 119 19.01 32.08 -43.31
C PRO H 119 18.57 30.84 -42.49
N CYS H 120 18.07 31.10 -41.26
CA CYS H 120 17.54 30.08 -40.36
C CYS H 120 16.39 29.35 -40.98
N PHE H 121 16.17 28.15 -40.50
CA PHE H 121 15.07 27.30 -40.92
C PHE H 121 13.79 27.66 -40.13
N LEU H 122 12.66 27.12 -40.54
CA LEU H 122 11.36 27.35 -39.94
C LEU H 122 10.73 26.02 -39.67
N ALA H 123 10.56 25.71 -38.38
CA ALA H 123 9.97 24.47 -37.91
C ALA H 123 8.95 24.77 -36.81
N GLY H 124 8.35 23.72 -36.22
CA GLY H 124 7.37 23.83 -35.14
C GLY H 124 7.91 24.54 -33.92
N ASP H 125 9.21 24.32 -33.63
CA ASP H 125 9.90 24.96 -32.52
C ASP H 125 10.91 25.93 -33.10
N THR H 126 11.08 27.11 -32.47
CA THR H 126 11.96 28.18 -32.93
C THR H 126 13.47 27.89 -32.88
N ARG H 127 13.89 26.88 -32.12
CA ARG H 127 15.32 26.56 -31.96
C ARG H 127 15.89 25.58 -33.00
N SER H 128 15.12 25.27 -34.05
CA SER H 128 15.44 24.28 -35.09
C SER H 128 16.80 24.39 -35.78
N SER H 129 17.42 25.57 -35.78
CA SER H 129 18.73 25.80 -36.37
C SER H 129 19.88 25.88 -35.35
N GLU H 130 19.60 25.71 -34.04
CA GLU H 130 20.66 25.88 -33.00
C GLU H 130 21.90 24.99 -33.28
N MET H 131 21.71 23.78 -33.82
CA MET H 131 22.80 22.91 -34.25
C MET H 131 22.33 22.05 -35.44
N PRO H 132 23.18 21.80 -36.50
CA PRO H 132 22.70 21.07 -37.69
C PRO H 132 22.17 19.65 -37.42
N GLU H 133 22.64 19.03 -36.34
CA GLU H 133 22.19 17.70 -35.92
C GLU H 133 20.71 17.79 -35.48
N LEU H 134 20.32 18.91 -34.84
CA LEU H 134 18.93 19.15 -34.44
C LEU H 134 18.12 19.43 -35.72
N THR H 135 18.67 20.30 -36.61
CA THR H 135 18.02 20.61 -37.89
C THR H 135 17.71 19.33 -38.67
N SER H 136 18.67 18.38 -38.70
CA SER H 136 18.53 17.10 -39.42
C SER H 136 17.39 16.26 -38.90
N MET H 137 17.20 16.24 -37.57
CA MET H 137 16.10 15.49 -36.94
C MET H 137 14.77 16.13 -37.30
N HIS H 138 14.71 17.47 -37.32
CA HIS H 138 13.51 18.21 -37.71
C HIS H 138 13.14 17.94 -39.16
N THR H 139 14.17 17.93 -40.05
CA THR H 139 14.01 17.66 -41.50
C THR H 139 13.52 16.22 -41.69
N LEU H 140 14.16 15.26 -40.99
CA LEU H 140 13.72 13.85 -41.05
C LEU H 140 12.20 13.72 -40.75
N LEU H 141 11.73 14.37 -39.68
CA LEU H 141 10.32 14.29 -39.27
C LEU H 141 9.37 15.01 -40.22
N LEU H 142 9.82 16.13 -40.81
CA LEU H 142 9.08 16.87 -41.84
C LEU H 142 8.84 15.92 -43.02
N ARG H 143 9.89 15.21 -43.45
CA ARG H 143 9.80 14.23 -44.56
C ARG H 143 8.89 13.07 -44.21
N GLU H 144 8.96 12.60 -42.96
CA GLU H 144 8.10 11.50 -42.51
C GLU H 144 6.61 11.89 -42.54
N HIS H 145 6.27 13.15 -42.21
CA HIS H 145 4.88 13.60 -42.27
C HIS H 145 4.39 13.53 -43.73
N ASN H 146 5.12 14.18 -44.66
CA ASN H 146 4.81 14.21 -46.09
C ASN H 146 4.72 12.83 -46.70
N ARG H 147 5.67 11.94 -46.40
CA ARG H 147 5.64 10.54 -46.86
C ARG H 147 4.38 9.81 -46.32
N LEU H 148 3.97 10.08 -45.06
CA LEU H 148 2.75 9.48 -44.50
C LEU H 148 1.49 10.03 -45.18
N ALA H 149 1.43 11.36 -45.38
CA ALA H 149 0.30 12.02 -46.05
C ALA H 149 0.15 11.53 -47.50
N THR H 150 1.28 11.24 -48.18
CA THR H 150 1.31 10.74 -49.56
C THR H 150 0.75 9.30 -49.61
N GLU H 151 1.22 8.43 -48.71
CA GLU H 151 0.79 7.04 -48.59
C GLU H 151 -0.71 6.94 -48.22
N LEU H 152 -1.19 7.88 -47.38
CA LEU H 152 -2.60 7.92 -46.97
C LEU H 152 -3.51 8.40 -48.09
N LYS H 153 -3.02 9.31 -48.97
CA LYS H 153 -3.77 9.83 -50.12
C LYS H 153 -4.05 8.69 -51.11
N SER H 154 -3.05 7.82 -51.37
CA SER H 154 -3.22 6.68 -52.26
C SER H 154 -4.15 5.60 -51.67
N LEU H 155 -4.19 5.47 -50.33
CA LEU H 155 -5.08 4.53 -49.66
C LEU H 155 -6.51 5.07 -49.60
N ASN H 156 -6.65 6.38 -49.35
CA ASN H 156 -7.95 7.05 -49.22
C ASN H 156 -7.99 8.31 -50.11
N PRO H 157 -8.32 8.15 -51.42
CA PRO H 157 -8.36 9.32 -52.31
C PRO H 157 -9.47 10.32 -51.98
N ARG H 158 -10.51 9.86 -51.26
CA ARG H 158 -11.65 10.70 -50.84
C ARG H 158 -11.31 11.71 -49.73
N TRP H 159 -10.24 11.44 -48.93
CA TRP H 159 -9.78 12.32 -47.85
C TRP H 159 -9.22 13.62 -48.40
N ASP H 160 -9.66 14.75 -47.84
CA ASP H 160 -9.15 16.07 -48.19
C ASP H 160 -7.84 16.38 -47.40
N GLY H 161 -7.25 17.53 -47.69
CA GLY H 161 -6.02 18.03 -47.09
C GLY H 161 -6.01 18.02 -45.57
N GLU H 162 -7.07 18.58 -44.94
CA GLU H 162 -7.21 18.63 -43.48
C GLU H 162 -7.14 17.23 -42.85
N ARG H 163 -7.87 16.26 -43.42
CA ARG H 163 -7.90 14.88 -42.94
C ARG H 163 -6.54 14.21 -43.11
N LEU H 164 -5.87 14.46 -44.23
CA LEU H 164 -4.55 13.89 -44.53
C LEU H 164 -3.50 14.45 -43.56
N TYR H 165 -3.52 15.79 -43.35
CA TYR H 165 -2.62 16.48 -42.42
C TYR H 165 -2.80 15.94 -40.99
N GLN H 166 -4.05 15.91 -40.49
CA GLN H 166 -4.36 15.45 -39.13
C GLN H 166 -4.04 13.98 -38.87
N GLU H 167 -4.32 13.11 -39.84
CA GLU H 167 -4.04 11.68 -39.70
C GLU H 167 -2.55 11.37 -39.72
N ALA H 168 -1.77 12.13 -40.52
CA ALA H 168 -0.31 11.99 -40.60
C ALA H 168 0.32 12.59 -39.33
N ARG H 169 -0.21 13.73 -38.86
CA ARG H 169 0.20 14.41 -37.62
C ARG H 169 0.04 13.45 -36.43
N LYS H 170 -1.11 12.76 -36.38
CA LYS H 170 -1.45 11.77 -35.33
C LYS H 170 -0.44 10.63 -35.31
N ILE H 171 0.00 10.15 -36.50
CA ILE H 171 0.98 9.06 -36.59
C ILE H 171 2.36 9.52 -36.12
N VAL H 172 2.78 10.70 -36.58
CA VAL H 172 4.08 11.29 -36.21
C VAL H 172 4.20 11.47 -34.69
N GLY H 173 3.16 12.01 -34.06
CA GLY H 173 3.10 12.16 -32.62
C GLY H 173 3.26 10.84 -31.91
N ALA H 174 2.55 9.80 -32.41
CA ALA H 174 2.62 8.45 -31.85
C ALA H 174 4.03 7.85 -31.97
N MET H 175 4.73 8.13 -33.10
CA MET H 175 6.09 7.63 -33.34
C MET H 175 7.05 8.26 -32.34
N VAL H 176 6.88 9.58 -32.06
CA VAL H 176 7.70 10.31 -31.07
C VAL H 176 7.49 9.68 -29.67
N GLN H 177 6.23 9.34 -29.33
CA GLN H 177 5.89 8.70 -28.06
C GLN H 177 6.51 7.32 -27.94
N ILE H 178 6.40 6.49 -29.02
CA ILE H 178 6.94 5.12 -29.03
C ILE H 178 8.46 5.16 -28.88
N ILE H 179 9.14 5.94 -29.71
CA ILE H 179 10.61 6.02 -29.64
C ILE H 179 11.05 6.52 -28.26
N THR H 180 10.40 7.57 -27.72
CA THR H 180 10.73 8.15 -26.41
C THR H 180 10.59 7.16 -25.24
N TYR H 181 9.44 6.51 -25.14
CA TYR H 181 9.12 5.64 -24.00
C TYR H 181 9.61 4.19 -24.14
N ARG H 182 9.65 3.65 -25.36
CA ARG H 182 10.15 2.29 -25.56
C ARG H 182 11.67 2.28 -25.66
N ASP H 183 12.31 3.26 -26.36
CA ASP H 183 13.75 3.20 -26.59
C ASP H 183 14.61 4.19 -25.84
N TYR H 184 14.16 5.45 -25.74
CA TYR H 184 14.97 6.50 -25.14
C TYR H 184 15.00 6.46 -23.59
N LEU H 185 13.85 6.65 -22.94
CA LEU H 185 13.74 6.73 -21.48
C LEU H 185 14.35 5.53 -20.73
N PRO H 186 14.17 4.24 -21.15
CA PRO H 186 14.84 3.14 -20.42
C PRO H 186 16.36 3.31 -20.35
N LEU H 187 16.94 3.94 -21.39
CA LEU H 187 18.38 4.16 -21.47
C LEU H 187 18.83 5.40 -20.72
N VAL H 188 17.89 6.33 -20.42
CA VAL H 188 18.22 7.50 -19.60
C VAL H 188 18.15 7.09 -18.13
N LEU H 189 17.05 6.45 -17.76
CA LEU H 189 16.74 6.13 -16.36
C LEU H 189 17.40 4.87 -15.80
N GLY H 190 17.56 3.84 -16.65
CA GLY H 190 18.04 2.55 -16.21
C GLY H 190 16.84 1.71 -15.85
N PRO H 191 16.98 0.37 -15.71
CA PRO H 191 15.79 -0.46 -15.49
C PRO H 191 15.07 -0.28 -14.15
N THR H 192 15.78 -0.06 -13.05
CA THR H 192 15.09 0.09 -11.76
C THR H 192 14.26 1.39 -11.70
N ALA H 193 14.83 2.53 -12.15
CA ALA H 193 14.09 3.80 -12.18
C ALA H 193 12.93 3.73 -13.19
N MET H 194 13.11 2.97 -14.27
CA MET H 194 12.08 2.80 -15.31
C MET H 194 10.86 2.12 -14.73
N ARG H 195 11.06 1.04 -13.94
CA ARG H 195 9.96 0.31 -13.29
C ARG H 195 9.33 1.16 -12.17
N LYS H 196 10.17 1.91 -11.44
CA LYS H 196 9.68 2.76 -10.34
C LYS H 196 8.82 3.93 -10.85
N TYR H 197 9.33 4.72 -11.81
CA TYR H 197 8.59 5.91 -12.27
C TYR H 197 7.71 5.70 -13.48
N LEU H 198 7.97 4.65 -14.28
CA LEU H 198 7.14 4.44 -15.45
C LEU H 198 6.63 3.00 -15.49
N PRO H 199 5.74 2.61 -14.54
CA PRO H 199 5.22 1.23 -14.56
C PRO H 199 4.30 1.07 -15.77
N THR H 200 3.97 -0.19 -16.16
CA THR H 200 3.10 -0.51 -17.30
C THR H 200 1.91 0.46 -17.40
N TYR H 201 1.70 1.07 -18.57
CA TYR H 201 0.58 1.97 -18.83
C TYR H 201 -0.76 1.23 -18.64
N ARG H 202 -1.74 1.89 -18.00
CA ARG H 202 -3.06 1.27 -17.83
C ARG H 202 -4.06 1.98 -18.74
N SER H 203 -4.33 3.28 -18.49
CA SER H 203 -5.26 4.10 -19.28
C SER H 203 -5.15 5.57 -18.91
N TYR H 204 -5.81 6.43 -19.68
CA TYR H 204 -5.83 7.86 -19.44
C TYR H 204 -6.44 8.17 -18.06
N ASN H 205 -5.81 9.09 -17.33
CA ASN H 205 -6.28 9.53 -16.03
C ASN H 205 -6.36 11.08 -16.07
N ASP H 206 -7.60 11.60 -16.12
CA ASP H 206 -7.84 13.03 -16.22
C ASP H 206 -7.46 13.83 -14.95
N SER H 207 -6.97 13.15 -13.90
CA SER H 207 -6.57 13.80 -12.64
C SER H 207 -5.05 13.92 -12.54
N VAL H 208 -4.34 13.41 -13.57
CA VAL H 208 -2.89 13.53 -13.65
C VAL H 208 -2.59 14.88 -14.32
N ASP H 209 -1.92 15.80 -13.60
CA ASP H 209 -1.55 17.11 -14.14
C ASP H 209 -0.43 16.91 -15.20
N PRO H 210 -0.69 17.22 -16.50
CA PRO H 210 0.33 16.99 -17.53
C PRO H 210 1.29 18.15 -17.75
N ARG H 211 1.24 19.21 -16.95
CA ARG H 211 2.14 20.34 -17.16
C ARG H 211 3.62 20.03 -16.91
N ILE H 212 4.50 20.80 -17.58
CA ILE H 212 5.92 20.71 -17.33
C ILE H 212 6.14 21.44 -16.00
N ALA H 213 6.92 20.84 -15.11
CA ALA H 213 7.28 21.47 -13.84
C ALA H 213 8.48 22.33 -14.11
N ASN H 214 8.54 23.48 -13.45
CA ASN H 214 9.62 24.43 -13.59
C ASN H 214 10.99 23.72 -13.45
N VAL H 215 11.16 22.87 -12.41
CA VAL H 215 12.42 22.12 -12.19
C VAL H 215 12.87 21.28 -13.41
N PHE H 216 11.91 20.65 -14.13
CA PHE H 216 12.22 19.82 -15.29
C PHE H 216 12.99 20.58 -16.37
N THR H 217 12.67 21.89 -16.58
CA THR H 217 13.34 22.73 -17.58
C THR H 217 14.84 22.84 -17.31
N ASN H 218 15.24 22.68 -16.04
CA ASN H 218 16.65 22.73 -15.65
C ASN H 218 17.24 21.32 -15.52
N ALA H 219 16.48 20.39 -14.92
CA ALA H 219 16.91 19.00 -14.72
C ALA H 219 17.14 18.26 -16.04
N PHE H 220 16.29 18.52 -17.07
CA PHE H 220 16.43 17.82 -18.35
C PHE H 220 17.66 18.29 -19.13
N ARG H 221 18.34 19.34 -18.64
CA ARG H 221 19.58 19.84 -19.21
C ARG H 221 20.76 18.91 -18.87
N TYR H 222 20.47 17.73 -18.26
CA TYR H 222 21.50 16.71 -17.98
C TYR H 222 22.18 16.35 -19.35
N GLY H 223 21.43 16.47 -20.45
CA GLY H 223 21.85 16.18 -21.81
C GLY H 223 23.09 16.96 -22.23
N HIS H 224 23.34 18.13 -21.58
CA HIS H 224 24.53 18.93 -21.87
C HIS H 224 25.84 18.12 -21.57
N THR H 225 25.77 17.11 -20.66
CA THR H 225 26.91 16.25 -20.31
C THR H 225 27.20 15.18 -21.39
N LEU H 226 26.29 15.02 -22.37
CA LEU H 226 26.39 14.04 -23.44
C LEU H 226 27.03 14.61 -24.71
N ILE H 227 27.11 15.92 -24.79
CA ILE H 227 27.56 16.67 -25.95
C ILE H 227 29.06 16.49 -26.28
N GLN H 228 29.33 16.10 -27.51
CA GLN H 228 30.69 15.91 -28.06
C GLN H 228 31.19 17.28 -28.56
N PRO H 229 32.52 17.54 -28.51
CA PRO H 229 33.02 18.84 -28.97
C PRO H 229 33.03 19.04 -30.49
N PHE H 230 32.52 18.05 -31.26
CA PHE H 230 32.46 18.18 -32.72
C PHE H 230 31.17 17.67 -33.28
N MET H 231 30.88 18.06 -34.54
CA MET H 231 29.80 17.52 -35.36
C MET H 231 30.56 16.59 -36.32
N PHE H 232 30.15 15.33 -36.33
CA PHE H 232 30.78 14.26 -37.08
C PHE H 232 29.98 13.95 -38.32
N ARG H 233 30.64 14.01 -39.49
CA ARG H 233 29.98 13.70 -40.76
C ARG H 233 30.64 12.52 -41.45
N LEU H 234 29.83 11.53 -41.86
CA LEU H 234 30.32 10.31 -42.49
C LEU H 234 29.64 10.02 -43.82
N ASP H 235 30.40 9.46 -44.78
CA ASP H 235 29.93 9.10 -46.13
C ASP H 235 29.11 7.81 -46.10
N ASN H 236 28.60 7.34 -47.27
CA ASN H 236 27.80 6.10 -47.40
C ASN H 236 28.51 4.82 -46.90
N ARG H 237 29.85 4.88 -46.72
CA ARG H 237 30.65 3.75 -46.23
C ARG H 237 30.97 3.92 -44.74
N TYR H 238 30.36 4.96 -44.11
CA TYR H 238 30.49 5.34 -42.69
C TYR H 238 31.91 5.70 -42.31
N GLN H 239 32.61 6.34 -43.25
CA GLN H 239 33.99 6.76 -43.09
C GLN H 239 34.03 8.29 -43.01
N PRO H 240 35.04 8.90 -42.35
CA PRO H 240 35.09 10.36 -42.26
C PRO H 240 34.87 11.05 -43.60
N MET H 241 33.89 11.95 -43.67
CA MET H 241 33.60 12.66 -44.90
C MET H 241 34.50 13.89 -45.02
N GLU H 242 35.60 13.74 -45.80
CA GLU H 242 36.57 14.80 -46.05
C GLU H 242 36.03 15.76 -47.14
N PRO H 243 36.25 17.08 -47.02
CA PRO H 243 36.96 17.78 -45.95
C PRO H 243 36.07 18.07 -44.73
N ASN H 244 36.73 18.32 -43.58
CA ASN H 244 36.12 18.65 -42.29
C ASN H 244 35.09 17.60 -41.81
N PRO H 245 35.53 16.34 -41.53
CA PRO H 245 34.57 15.36 -41.01
C PRO H 245 34.23 15.58 -39.52
N ARG H 246 35.07 16.38 -38.79
CA ARG H 246 34.93 16.71 -37.37
C ARG H 246 34.96 18.23 -37.21
N VAL H 247 33.80 18.88 -37.35
CA VAL H 247 33.77 20.35 -37.22
C VAL H 247 33.52 20.74 -35.75
N PRO H 248 34.37 21.60 -35.13
CA PRO H 248 34.13 22.00 -33.73
C PRO H 248 32.74 22.63 -33.59
N LEU H 249 31.97 22.26 -32.54
CA LEU H 249 30.62 22.78 -32.34
C LEU H 249 30.55 24.30 -32.40
N SER H 250 31.53 25.05 -31.84
CA SER H 250 31.57 26.52 -31.89
C SER H 250 31.56 27.10 -33.30
N ARG H 251 31.57 26.22 -34.34
CA ARG H 251 31.48 26.66 -35.74
C ARG H 251 30.26 26.04 -36.43
N VAL H 252 29.42 25.28 -35.67
CA VAL H 252 28.21 24.68 -36.23
C VAL H 252 26.93 25.34 -35.67
N PHE H 253 27.04 26.10 -34.54
CA PHE H 253 25.88 26.72 -33.91
C PHE H 253 25.17 27.66 -34.84
N PHE H 254 23.89 27.40 -35.14
CA PHE H 254 23.12 28.21 -36.09
C PHE H 254 23.69 28.16 -37.54
N ALA H 255 24.57 27.17 -37.87
CA ALA H 255 25.15 27.11 -39.23
C ALA H 255 24.30 26.32 -40.20
N SER H 256 23.12 26.91 -40.57
CA SER H 256 22.16 26.33 -41.51
C SER H 256 22.79 26.10 -42.92
N TRP H 257 23.87 26.81 -43.21
CA TRP H 257 24.62 26.69 -44.46
C TRP H 257 25.32 25.33 -44.57
N ARG H 258 25.65 24.67 -43.45
CA ARG H 258 26.32 23.36 -43.47
C ARG H 258 25.34 22.26 -43.91
N VAL H 259 24.02 22.53 -43.75
CA VAL H 259 22.98 21.60 -44.16
C VAL H 259 22.70 21.79 -45.67
N VAL H 260 22.59 23.05 -46.09
CA VAL H 260 22.30 23.40 -47.47
C VAL H 260 23.50 23.11 -48.42
N LEU H 261 24.69 23.58 -48.02
CA LEU H 261 25.90 23.55 -48.84
C LEU H 261 26.94 22.47 -48.53
N GLU H 262 26.85 21.74 -47.41
CA GLU H 262 27.89 20.76 -47.12
C GLU H 262 27.41 19.32 -47.05
N GLY H 263 26.46 18.96 -47.92
CA GLY H 263 26.00 17.58 -48.03
C GLY H 263 24.64 17.14 -47.55
N GLY H 264 23.83 18.08 -47.08
CA GLY H 264 22.50 17.70 -46.61
C GLY H 264 22.52 17.02 -45.25
N ILE H 265 21.47 16.23 -44.95
CA ILE H 265 21.31 15.63 -43.61
C ILE H 265 21.88 14.21 -43.48
N ASP H 266 21.99 13.44 -44.58
CA ASP H 266 22.50 12.05 -44.55
C ASP H 266 23.91 11.92 -43.87
N PRO H 267 24.93 12.78 -44.17
CA PRO H 267 26.21 12.64 -43.46
C PRO H 267 26.10 12.94 -41.96
N ILE H 268 25.16 13.85 -41.60
CA ILE H 268 24.90 14.25 -40.19
C ILE H 268 24.26 13.10 -39.43
N LEU H 269 23.20 12.49 -39.99
CA LEU H 269 22.51 11.37 -39.36
C LEU H 269 23.42 10.18 -39.14
N ARG H 270 24.34 9.91 -40.11
CA ARG H 270 25.32 8.81 -40.08
C ARG H 270 26.29 9.02 -38.95
N GLY H 271 26.75 10.26 -38.81
CA GLY H 271 27.63 10.67 -37.73
C GLY H 271 26.94 10.51 -36.39
N LEU H 272 25.61 10.80 -36.30
CA LEU H 272 24.88 10.63 -35.04
C LEU H 272 24.79 9.15 -34.66
N MET H 273 24.51 8.29 -35.64
CA MET H 273 24.38 6.84 -35.42
C MET H 273 25.67 6.11 -35.11
N ALA H 274 26.77 6.47 -35.76
CA ALA H 274 28.05 5.74 -35.65
C ALA H 274 29.11 6.38 -34.78
N THR H 275 28.77 7.46 -34.07
CA THR H 275 29.72 8.08 -33.15
C THR H 275 29.18 7.91 -31.76
N PRO H 276 30.02 7.59 -30.76
CA PRO H 276 29.49 7.47 -29.39
C PRO H 276 29.20 8.85 -28.81
N ALA H 277 28.23 8.91 -27.89
CA ALA H 277 27.94 10.14 -27.15
C ALA H 277 29.08 10.32 -26.14
N LYS H 278 29.26 11.53 -25.62
CA LYS H 278 30.24 11.76 -24.54
C LYS H 278 29.63 11.15 -23.29
N LEU H 279 30.47 10.55 -22.44
CA LEU H 279 30.00 9.97 -21.20
C LEU H 279 30.17 11.01 -20.09
N ASN H 280 29.14 11.16 -19.24
CA ASN H 280 29.23 12.05 -18.08
C ASN H 280 30.07 11.34 -17.03
N ARG H 281 31.14 11.99 -16.57
CA ARG H 281 32.04 11.48 -15.53
C ARG H 281 32.22 12.63 -14.56
N GLN H 282 32.35 12.34 -13.24
CA GLN H 282 32.43 13.34 -12.17
C GLN H 282 33.60 14.33 -12.32
N ASN H 283 34.63 14.00 -13.15
CA ASN H 283 35.72 14.94 -13.40
C ASN H 283 35.75 15.37 -14.88
N GLN H 284 34.72 14.96 -15.68
CA GLN H 284 34.56 15.28 -17.10
C GLN H 284 33.07 15.60 -17.36
N ILE H 285 32.56 16.66 -16.74
CA ILE H 285 31.12 16.97 -16.80
C ILE H 285 30.68 17.55 -18.15
N ALA H 286 31.29 18.66 -18.60
CA ALA H 286 30.87 19.24 -19.87
C ALA H 286 32.06 19.87 -20.61
N VAL H 287 32.06 19.76 -21.94
CA VAL H 287 33.16 20.23 -22.81
C VAL H 287 33.24 21.74 -22.99
N ASP H 288 34.46 22.23 -23.23
CA ASP H 288 34.72 23.66 -23.44
C ASP H 288 34.07 24.24 -24.71
N GLU H 289 33.64 23.41 -25.69
CA GLU H 289 32.94 23.96 -26.85
C GLU H 289 31.63 24.63 -26.42
N ILE H 290 30.96 24.10 -25.36
CA ILE H 290 29.73 24.68 -24.79
C ILE H 290 30.02 25.53 -23.53
N ARG H 291 31.09 25.19 -22.81
CA ARG H 291 31.47 25.86 -21.56
C ARG H 291 32.26 27.16 -21.77
N GLU H 292 32.90 27.31 -22.95
CA GLU H 292 33.75 28.46 -23.26
C GLU H 292 33.38 29.13 -24.56
N ARG H 293 32.88 28.37 -25.51
CA ARG H 293 32.69 28.87 -26.86
C ARG H 293 31.24 28.78 -27.37
N LEU H 294 30.24 28.76 -26.44
CA LEU H 294 28.85 28.66 -26.88
C LEU H 294 28.45 29.90 -27.65
N PHE H 295 27.99 29.71 -28.91
CA PHE H 295 27.50 30.73 -29.85
C PHE H 295 28.50 31.89 -30.02
N GLU H 296 29.82 31.59 -29.99
CA GLU H 296 30.83 32.64 -30.12
C GLU H 296 30.91 33.26 -31.53
N GLN H 297 30.38 32.59 -32.57
CA GLN H 297 30.40 33.18 -33.93
C GLN H 297 29.34 34.30 -34.07
N VAL H 298 28.21 34.17 -33.37
CA VAL H 298 27.08 35.11 -33.48
C VAL H 298 27.00 36.17 -32.38
N MET H 299 27.94 36.17 -31.43
CA MET H 299 27.87 37.04 -30.25
C MET H 299 29.16 37.73 -29.94
N ARG H 300 29.09 38.77 -29.08
CA ARG H 300 30.22 39.58 -28.62
C ARG H 300 31.18 38.78 -27.72
N ILE H 301 30.70 37.67 -27.14
CA ILE H 301 31.47 36.82 -26.23
C ILE H 301 30.93 35.40 -26.23
N GLY H 302 31.82 34.42 -26.14
CA GLY H 302 31.41 33.03 -26.06
C GLY H 302 30.74 32.80 -24.70
N LEU H 303 29.61 32.12 -24.68
CA LEU H 303 28.92 31.89 -23.40
C LEU H 303 29.38 30.59 -22.74
N ASP H 304 28.84 30.32 -21.56
CA ASP H 304 29.15 29.12 -20.78
C ASP H 304 27.80 28.46 -20.46
N LEU H 305 27.41 27.44 -21.25
CA LEU H 305 26.14 26.73 -21.06
C LEU H 305 25.97 26.20 -19.62
N PRO H 306 26.93 25.47 -18.99
CA PRO H 306 26.72 25.03 -17.60
C PRO H 306 26.43 26.19 -16.65
N ALA H 307 27.16 27.30 -16.78
CA ALA H 307 26.99 28.50 -15.94
C ALA H 307 25.61 29.12 -16.22
N LEU H 308 25.19 29.16 -17.49
CA LEU H 308 23.86 29.63 -17.87
C LEU H 308 22.77 28.79 -17.17
N ASN H 309 22.96 27.45 -17.08
CA ASN H 309 22.01 26.54 -16.45
C ASN H 309 21.83 26.90 -14.97
N MET H 310 22.94 27.19 -14.29
CA MET H 310 22.94 27.53 -12.87
C MET H 310 22.33 28.90 -12.60
N GLN H 311 22.64 29.90 -13.45
CA GLN H 311 22.07 31.23 -13.35
C GLN H 311 20.57 31.16 -13.64
N ARG H 312 20.16 30.29 -14.60
CA ARG H 312 18.76 30.09 -14.98
C ARG H 312 17.95 29.48 -13.83
N SER H 313 18.54 28.51 -13.09
CA SER H 313 17.85 27.88 -11.97
C SER H 313 17.61 28.89 -10.85
N ARG H 314 18.50 29.89 -10.73
CA ARG H 314 18.39 30.98 -9.74
C ARG H 314 17.34 31.98 -10.20
N ASP H 315 17.37 32.32 -11.49
CA ASP H 315 16.40 33.19 -12.16
C ASP H 315 14.97 32.62 -11.92
N HIS H 316 14.82 31.29 -12.06
CA HIS H 316 13.57 30.55 -11.86
C HIS H 316 13.23 30.29 -10.39
N GLY H 317 14.09 30.74 -9.48
CA GLY H 317 13.87 30.55 -8.05
C GLY H 317 13.78 29.09 -7.61
N LEU H 318 14.52 28.22 -8.27
CA LEU H 318 14.46 26.80 -7.92
C LEU H 318 15.16 26.51 -6.62
N PRO H 319 14.52 25.75 -5.71
CA PRO H 319 15.22 25.34 -4.48
C PRO H 319 16.53 24.56 -4.80
N GLY H 320 17.41 24.47 -3.83
CA GLY H 320 18.68 23.76 -3.97
C GLY H 320 18.59 22.25 -3.94
N TYR H 321 19.74 21.61 -4.12
CA TYR H 321 19.95 20.16 -4.20
C TYR H 321 19.22 19.36 -3.10
N ASN H 322 19.45 19.69 -1.83
CA ASN H 322 18.82 18.97 -0.70
C ASN H 322 17.31 18.98 -0.72
N ALA H 323 16.71 20.16 -1.00
CA ALA H 323 15.26 20.28 -1.06
C ALA H 323 14.72 19.31 -2.12
N TRP H 324 15.40 19.18 -3.27
CA TRP H 324 14.99 18.27 -4.34
C TRP H 324 15.20 16.80 -3.98
N ARG H 325 16.30 16.51 -3.24
CA ARG H 325 16.60 15.18 -2.69
C ARG H 325 15.42 14.78 -1.76
N ARG H 326 15.04 15.68 -0.81
CA ARG H 326 13.87 15.46 0.09
C ARG H 326 12.59 15.23 -0.74
N PHE H 327 12.34 16.10 -1.73
CA PHE H 327 11.16 15.96 -2.59
C PHE H 327 11.08 14.56 -3.15
N CYS H 328 12.25 14.05 -3.62
CA CYS H 328 12.39 12.74 -4.22
C CYS H 328 12.38 11.55 -3.22
N GLY H 329 12.48 11.82 -1.92
CA GLY H 329 12.52 10.77 -0.89
C GLY H 329 13.92 10.20 -0.76
N LEU H 330 14.93 11.04 -1.01
CA LEU H 330 16.32 10.67 -0.99
C LEU H 330 17.04 11.36 0.16
N PRO H 331 18.05 10.69 0.79
CA PRO H 331 18.78 11.30 1.90
C PRO H 331 19.42 12.63 1.51
N GLN H 332 19.42 13.58 2.44
CA GLN H 332 19.93 14.89 2.16
C GLN H 332 21.23 15.13 2.91
N PRO H 333 22.39 15.11 2.22
CA PRO H 333 23.66 15.29 2.93
C PRO H 333 23.78 16.72 3.46
N GLU H 334 24.25 16.87 4.71
CA GLU H 334 24.38 18.18 5.36
C GLU H 334 25.82 18.64 5.46
N THR H 335 26.77 17.74 5.18
CA THR H 335 28.19 18.02 5.37
C THR H 335 29.05 17.40 4.25
N VAL H 336 30.35 17.80 4.13
CA VAL H 336 31.24 17.25 3.09
C VAL H 336 31.36 15.71 3.20
N GLY H 337 31.43 15.22 4.44
CA GLY H 337 31.50 13.79 4.72
C GLY H 337 30.29 13.07 4.19
N GLN H 338 29.10 13.60 4.49
CA GLN H 338 27.86 13.01 3.98
C GLN H 338 27.75 13.15 2.46
N LEU H 339 28.19 14.28 1.88
CA LEU H 339 28.09 14.50 0.43
C LEU H 339 29.05 13.57 -0.34
N GLY H 340 30.22 13.30 0.24
CA GLY H 340 31.20 12.35 -0.31
C GLY H 340 30.62 10.98 -0.55
N THR H 341 29.83 10.49 0.42
CA THR H 341 29.14 9.21 0.40
C THR H 341 28.03 9.21 -0.63
N VAL H 342 27.19 10.30 -0.66
CA VAL H 342 26.11 10.35 -1.65
C VAL H 342 26.74 10.30 -3.06
N LEU H 343 27.78 11.09 -3.26
CA LEU H 343 28.41 11.16 -4.57
C LEU H 343 29.39 10.02 -4.89
N ARG H 344 29.79 9.20 -3.85
CA ARG H 344 30.82 8.13 -3.95
C ARG H 344 32.08 8.78 -4.51
N ASN H 345 32.42 10.00 -4.00
CA ASN H 345 33.51 10.82 -4.51
C ASN H 345 33.70 12.00 -3.58
N LEU H 346 34.54 11.80 -2.55
CA LEU H 346 34.83 12.84 -1.58
C LEU H 346 35.46 14.05 -2.26
N LYS H 347 36.24 13.81 -3.34
CA LYS H 347 36.95 14.87 -4.04
C LYS H 347 35.99 15.87 -4.69
N LEU H 348 34.93 15.39 -5.31
CA LEU H 348 33.90 16.25 -5.88
C LEU H 348 33.12 16.95 -4.74
N ALA H 349 32.85 16.22 -3.63
CA ALA H 349 32.13 16.81 -2.48
C ALA H 349 32.88 17.97 -1.89
N ARG H 350 34.20 17.86 -1.77
CA ARG H 350 35.03 18.92 -1.22
C ARG H 350 34.99 20.15 -2.11
N LYS H 351 35.06 19.94 -3.44
CA LYS H 351 35.03 21.04 -4.41
C LYS H 351 33.64 21.72 -4.37
N LEU H 352 32.55 20.92 -4.30
CA LEU H 352 31.17 21.40 -4.21
C LEU H 352 30.93 22.17 -2.89
N MET H 353 31.43 21.63 -1.74
CA MET H 353 31.29 22.29 -0.44
C MET H 353 32.01 23.59 -0.35
N GLU H 354 33.19 23.67 -0.96
CA GLU H 354 33.99 24.88 -1.01
C GLU H 354 33.23 25.99 -1.77
N GLN H 355 32.58 25.65 -2.90
CA GLN H 355 31.82 26.61 -3.72
C GLN H 355 30.53 27.06 -3.07
N TYR H 356 29.73 26.12 -2.56
CA TYR H 356 28.39 26.36 -2.04
C TYR H 356 28.20 26.54 -0.52
N GLY H 357 29.13 26.04 0.30
CA GLY H 357 29.02 26.14 1.76
C GLY H 357 28.13 25.09 2.39
N THR H 358 27.06 24.70 1.70
CA THR H 358 26.11 23.68 2.19
C THR H 358 25.53 22.94 1.01
N PRO H 359 25.20 21.62 1.10
CA PRO H 359 24.53 20.98 -0.06
C PRO H 359 23.08 21.48 -0.25
N ASN H 360 22.59 22.31 0.68
CA ASN H 360 21.27 22.92 0.55
C ASN H 360 21.25 23.93 -0.60
N ASN H 361 22.42 24.52 -0.91
CA ASN H 361 22.59 25.56 -1.90
C ASN H 361 23.10 25.11 -3.24
N ILE H 362 23.51 23.83 -3.39
CA ILE H 362 24.01 23.36 -4.68
C ILE H 362 22.88 23.47 -5.69
N ASP H 363 23.13 24.16 -6.81
CA ASP H 363 22.16 24.39 -7.88
C ASP H 363 21.73 23.05 -8.43
N ILE H 364 20.41 22.88 -8.69
CA ILE H 364 19.83 21.62 -9.13
C ILE H 364 20.62 20.94 -10.32
N TRP H 365 20.99 21.67 -11.40
CA TRP H 365 21.70 21.03 -12.52
C TRP H 365 23.04 20.49 -12.07
N MET H 366 23.82 21.33 -11.33
CA MET H 366 25.15 20.99 -10.80
C MET H 366 25.12 19.74 -9.92
N GLY H 367 24.23 19.71 -8.94
CA GLY H 367 24.10 18.56 -8.04
C GLY H 367 23.59 17.32 -8.77
N GLY H 368 22.64 17.53 -9.67
CA GLY H 368 22.05 16.44 -10.45
C GLY H 368 23.04 15.68 -11.31
N VAL H 369 23.87 16.41 -12.08
CA VAL H 369 24.89 15.85 -12.99
C VAL H 369 26.13 15.32 -12.23
N SER H 370 26.29 15.74 -10.94
CA SER H 370 27.39 15.37 -10.06
C SER H 370 27.19 13.97 -9.49
N GLU H 371 25.95 13.48 -9.44
CA GLU H 371 25.61 12.19 -8.85
C GLU H 371 26.08 11.03 -9.73
N PRO H 372 26.55 9.92 -9.09
CA PRO H 372 27.00 8.76 -9.90
C PRO H 372 25.79 8.19 -10.65
N LEU H 373 26.03 7.69 -11.86
CA LEU H 373 24.96 7.21 -12.74
C LEU H 373 24.35 5.92 -12.29
N LYS H 374 23.03 5.78 -12.45
CA LYS H 374 22.33 4.55 -12.12
C LYS H 374 22.73 3.47 -13.15
N ARG H 375 22.75 2.20 -12.72
CA ARG H 375 23.12 1.05 -13.55
C ARG H 375 22.28 1.04 -14.81
N LYS H 376 22.97 1.05 -15.97
CA LYS H 376 22.37 1.05 -17.32
C LYS H 376 21.55 2.34 -17.60
N GLY H 377 21.79 3.38 -16.81
CA GLY H 377 21.16 4.69 -16.95
C GLY H 377 22.22 5.74 -17.14
N ARG H 378 21.81 6.99 -17.48
CA ARG H 378 22.80 8.05 -17.67
C ARG H 378 22.52 9.27 -16.78
N VAL H 379 21.78 9.02 -15.68
CA VAL H 379 21.49 10.01 -14.63
C VAL H 379 21.56 9.32 -13.29
N GLY H 380 21.82 10.10 -12.24
CA GLY H 380 21.80 9.63 -10.87
C GLY H 380 20.40 9.54 -10.30
N PRO H 381 20.25 9.14 -9.01
CA PRO H 381 18.89 9.01 -8.43
C PRO H 381 18.01 10.28 -8.48
N LEU H 382 18.59 11.45 -8.18
CA LEU H 382 17.86 12.73 -8.19
C LEU H 382 17.22 13.06 -9.55
N LEU H 383 18.05 13.08 -10.62
CA LEU H 383 17.54 13.35 -11.97
C LEU H 383 16.61 12.26 -12.47
N ALA H 384 16.89 10.99 -12.12
CA ALA H 384 15.99 9.87 -12.52
C ALA H 384 14.58 10.12 -11.94
N CYS H 385 14.52 10.62 -10.71
CA CYS H 385 13.26 10.93 -10.06
C CYS H 385 12.53 12.09 -10.74
N ILE H 386 13.19 13.24 -10.92
CA ILE H 386 12.61 14.40 -11.58
C ILE H 386 12.15 14.06 -13.02
N ILE H 387 13.01 13.44 -13.83
CA ILE H 387 12.72 13.09 -15.20
C ILE H 387 11.62 12.02 -15.29
N GLY H 388 11.77 10.94 -14.52
CA GLY H 388 10.77 9.88 -14.49
C GLY H 388 9.38 10.37 -14.07
N THR H 389 9.31 11.21 -13.01
CA THR H 389 8.05 11.78 -12.55
C THR H 389 7.38 12.63 -13.65
N GLN H 390 8.17 13.45 -14.35
CA GLN H 390 7.65 14.29 -15.43
C GLN H 390 7.04 13.45 -16.55
N PHE H 391 7.79 12.44 -17.06
CA PHE H 391 7.34 11.62 -18.19
C PHE H 391 6.17 10.75 -17.83
N ARG H 392 6.03 10.33 -16.57
CA ARG H 392 4.82 9.58 -16.21
C ARG H 392 3.60 10.50 -16.31
N LYS H 393 3.74 11.75 -15.91
CA LYS H 393 2.65 12.72 -15.97
C LYS H 393 2.24 13.03 -17.41
N LEU H 394 3.24 13.21 -18.30
CA LEU H 394 3.04 13.45 -19.75
C LEU H 394 2.36 12.27 -20.43
N ARG H 395 2.54 11.09 -19.87
CA ARG H 395 1.96 9.89 -20.42
C ARG H 395 0.56 9.61 -19.85
N ASP H 396 0.42 9.49 -18.51
CA ASP H 396 -0.90 9.20 -17.91
C ASP H 396 -1.85 10.35 -17.99
N GLY H 397 -1.32 11.56 -18.16
CA GLY H 397 -2.16 12.75 -18.24
C GLY H 397 -2.47 13.20 -19.65
N ASP H 398 -2.16 12.35 -20.67
CA ASP H 398 -2.41 12.70 -22.07
C ASP H 398 -3.62 11.93 -22.61
N ARG H 399 -4.71 12.65 -22.94
CA ARG H 399 -5.94 12.02 -23.48
C ARG H 399 -5.71 11.36 -24.83
N PHE H 400 -4.77 11.92 -25.59
CA PHE H 400 -4.39 11.46 -26.91
C PHE H 400 -3.13 10.59 -26.91
N TRP H 401 -2.76 10.01 -25.74
CA TRP H 401 -1.63 9.06 -25.66
C TRP H 401 -1.97 7.89 -26.63
N TRP H 402 -0.97 7.43 -27.41
CA TRP H 402 -1.18 6.45 -28.49
C TRP H 402 -1.86 5.14 -28.04
N GLU H 403 -1.62 4.69 -26.80
CA GLU H 403 -2.25 3.46 -26.27
C GLU H 403 -3.62 3.69 -25.63
N ASN H 404 -4.06 4.94 -25.50
CA ASN H 404 -5.35 5.22 -24.87
C ASN H 404 -6.50 4.75 -25.75
N GLU H 405 -7.48 4.05 -25.15
CA GLU H 405 -8.67 3.54 -25.85
C GLU H 405 -9.36 4.65 -26.63
N GLY H 406 -9.61 4.42 -27.91
CA GLY H 406 -10.28 5.39 -28.77
C GLY H 406 -9.39 6.25 -29.64
N VAL H 407 -8.09 6.33 -29.31
CA VAL H 407 -7.14 7.15 -30.08
C VAL H 407 -6.85 6.43 -31.40
N PHE H 408 -6.40 5.17 -31.29
CA PHE H 408 -6.14 4.30 -32.43
C PHE H 408 -6.92 3.01 -32.23
N SER H 409 -7.12 2.23 -33.31
CA SER H 409 -7.78 0.93 -33.24
C SER H 409 -6.75 -0.10 -32.78
N MET H 410 -7.20 -1.30 -32.36
CA MET H 410 -6.31 -2.39 -31.94
C MET H 410 -5.27 -2.69 -33.04
N GLN H 411 -5.75 -2.72 -34.30
CA GLN H 411 -4.95 -3.00 -35.50
C GLN H 411 -3.93 -1.90 -35.77
N GLN H 412 -4.37 -0.62 -35.71
CA GLN H 412 -3.48 0.54 -35.91
C GLN H 412 -2.36 0.54 -34.86
N ARG H 413 -2.67 0.16 -33.59
CA ARG H 413 -1.68 0.07 -32.51
C ARG H 413 -0.68 -1.05 -32.76
N GLN H 414 -1.14 -2.22 -33.29
CA GLN H 414 -0.28 -3.35 -33.64
C GLN H 414 0.72 -2.89 -34.71
N ALA H 415 0.20 -2.19 -35.74
CA ALA H 415 1.00 -1.62 -36.82
C ALA H 415 2.05 -0.62 -36.29
N LEU H 416 1.61 0.33 -35.41
CA LEU H 416 2.47 1.35 -34.80
C LEU H 416 3.60 0.78 -33.98
N ALA H 417 3.39 -0.34 -33.29
CA ALA H 417 4.40 -1.01 -32.46
C ALA H 417 5.64 -1.43 -33.25
N GLN H 418 5.52 -1.53 -34.60
CA GLN H 418 6.59 -1.94 -35.49
C GLN H 418 7.53 -0.80 -35.88
N ILE H 419 7.16 0.46 -35.55
CA ILE H 419 7.98 1.61 -35.94
C ILE H 419 9.29 1.65 -35.16
N SER H 420 10.27 2.34 -35.72
CA SER H 420 11.58 2.57 -35.10
C SER H 420 12.22 3.77 -35.80
N LEU H 421 13.12 4.47 -35.10
CA LEU H 421 13.85 5.60 -35.65
C LEU H 421 14.75 5.15 -36.83
N PRO H 422 15.49 3.99 -36.76
CA PRO H 422 16.27 3.55 -37.95
C PRO H 422 15.38 3.38 -39.19
N ARG H 423 14.21 2.73 -39.04
CA ARG H 423 13.25 2.59 -40.14
C ARG H 423 12.80 3.93 -40.75
N ILE H 424 12.60 4.98 -39.89
CA ILE H 424 12.23 6.34 -40.31
C ILE H 424 13.36 6.93 -41.17
N ILE H 425 14.61 6.68 -40.77
CA ILE H 425 15.81 7.13 -41.49
C ILE H 425 15.85 6.49 -42.91
N CYS H 426 15.54 5.18 -43.02
CA CYS H 426 15.51 4.43 -44.26
C CYS H 426 14.53 5.03 -45.26
N ASP H 427 13.28 5.23 -44.79
CA ASP H 427 12.17 5.77 -45.57
C ASP H 427 12.29 7.21 -46.03
N ASN H 428 13.24 8.00 -45.50
CA ASN H 428 13.27 9.43 -45.83
C ASN H 428 14.66 9.99 -46.19
N THR H 429 15.66 9.11 -46.34
CA THR H 429 17.01 9.52 -46.71
C THR H 429 17.58 8.55 -47.76
N GLY H 430 18.82 8.83 -48.18
CA GLY H 430 19.56 7.98 -49.10
C GLY H 430 20.39 6.96 -48.36
N ILE H 431 20.27 6.89 -47.01
CA ILE H 431 21.00 5.95 -46.15
C ILE H 431 20.39 4.57 -46.28
N THR H 432 21.23 3.57 -46.59
CA THR H 432 20.82 2.18 -46.83
C THR H 432 21.23 1.23 -45.72
N THR H 433 22.17 1.69 -44.88
CA THR H 433 22.65 0.94 -43.72
C THR H 433 22.42 1.80 -42.48
N VAL H 434 21.69 1.26 -41.48
CA VAL H 434 21.32 1.99 -40.26
C VAL H 434 21.59 1.17 -39.02
N SER H 435 21.56 1.82 -37.84
CA SER H 435 21.76 1.22 -36.53
C SER H 435 20.77 0.10 -36.26
N LYS H 436 21.22 -0.93 -35.59
CA LYS H 436 20.34 -2.02 -35.16
C LYS H 436 19.62 -1.47 -33.92
N ASN H 437 18.41 -1.96 -33.64
CA ASN H 437 17.69 -1.56 -32.43
C ASN H 437 18.47 -2.14 -31.24
N ASN H 438 18.77 -1.37 -30.17
CA ASN H 438 18.28 -0.02 -29.90
C ASN H 438 19.23 1.01 -30.50
N ILE H 439 18.71 1.91 -31.37
CA ILE H 439 19.47 3.02 -32.01
C ILE H 439 20.25 3.89 -31.01
N PHE H 440 19.74 4.03 -29.77
CA PHE H 440 20.39 4.88 -28.75
C PHE H 440 21.58 4.22 -28.11
N MET H 441 21.63 2.89 -28.17
CA MET H 441 22.73 2.07 -27.67
C MET H 441 23.79 1.82 -28.78
N SER H 442 23.33 1.33 -29.97
CA SER H 442 24.15 1.05 -31.15
C SER H 442 25.01 2.28 -31.54
N ASN H 443 26.36 2.14 -31.55
CA ASN H 443 27.25 3.26 -31.88
C ASN H 443 28.52 2.88 -32.66
N SER H 444 28.68 1.59 -33.03
CA SER H 444 29.88 1.16 -33.74
C SER H 444 29.62 0.54 -35.09
N TYR H 445 30.18 1.15 -36.15
CA TYR H 445 30.07 0.64 -37.51
C TYR H 445 31.26 -0.30 -37.82
N PRO H 446 31.03 -1.50 -38.38
CA PRO H 446 29.76 -2.09 -38.81
C PRO H 446 29.07 -2.98 -37.79
N ARG H 447 29.73 -3.29 -36.66
CA ARG H 447 29.22 -4.19 -35.60
C ARG H 447 27.74 -3.99 -35.24
N ASP H 448 27.29 -2.73 -35.04
CA ASP H 448 25.92 -2.47 -34.61
C ASP H 448 25.00 -1.97 -35.73
N PHE H 449 25.36 -2.26 -36.98
CA PHE H 449 24.59 -1.78 -38.12
C PHE H 449 23.98 -2.90 -38.92
N VAL H 450 22.79 -2.65 -39.47
CA VAL H 450 22.04 -3.61 -40.30
C VAL H 450 21.55 -2.95 -41.59
N ASN H 451 20.95 -3.76 -42.47
CA ASN H 451 20.43 -3.30 -43.75
C ASN H 451 18.96 -2.95 -43.64
N CYS H 452 18.58 -1.87 -44.33
CA CYS H 452 17.23 -1.30 -44.41
C CYS H 452 16.16 -2.29 -44.86
N SER H 453 16.58 -3.35 -45.54
CA SER H 453 15.71 -4.44 -45.99
C SER H 453 15.34 -5.38 -44.83
N THR H 454 16.21 -5.49 -43.80
CA THR H 454 15.96 -6.34 -42.62
C THR H 454 14.99 -5.70 -41.61
N LEU H 455 14.66 -4.40 -41.80
CA LEU H 455 13.76 -3.64 -40.94
C LEU H 455 12.33 -3.58 -41.48
N PRO H 456 11.32 -3.97 -40.68
CA PRO H 456 9.93 -3.90 -41.16
C PRO H 456 9.44 -2.47 -41.24
N ALA H 457 8.69 -2.13 -42.30
CA ALA H 457 8.14 -0.80 -42.51
C ALA H 457 6.78 -0.67 -41.81
N LEU H 458 6.24 0.55 -41.72
CA LEU H 458 4.94 0.77 -41.11
C LEU H 458 3.84 0.40 -42.09
N ASN H 459 3.08 -0.64 -41.75
CA ASN H 459 1.96 -1.08 -42.54
C ASN H 459 0.74 -0.20 -42.23
N LEU H 460 0.32 0.60 -43.21
CA LEU H 460 -0.82 1.51 -43.09
C LEU H 460 -2.16 0.91 -43.50
N ALA H 461 -2.23 -0.42 -43.77
CA ALA H 461 -3.47 -1.10 -44.19
C ALA H 461 -4.68 -0.81 -43.27
N SER H 462 -4.48 -0.83 -41.95
CA SER H 462 -5.55 -0.57 -40.98
C SER H 462 -6.07 0.88 -40.98
N TRP H 463 -5.50 1.76 -41.84
CA TRP H 463 -5.95 3.15 -41.99
C TRP H 463 -6.92 3.33 -43.19
N ARG H 464 -7.20 2.25 -43.94
CA ARG H 464 -8.11 2.29 -45.09
C ARG H 464 -9.56 2.48 -44.64
N GLU H 465 -10.22 3.53 -45.16
CA GLU H 465 -11.61 3.87 -44.85
C GLU H 465 -12.50 3.59 -46.06
C1 NAG I . -26.19 6.92 35.90
C2 NAG I . -27.65 6.46 35.92
C3 NAG I . -28.42 7.22 37.02
C4 NAG I . -27.68 7.22 38.36
C5 NAG I . -26.19 7.53 38.17
C6 NAG I . -25.36 7.38 39.43
C7 NAG I . -28.77 5.98 33.78
C8 NAG I . -29.23 6.57 32.48
N2 NAG I . -28.16 6.84 34.61
O3 NAG I . -29.70 6.64 37.19
O4 NAG I . -28.20 8.29 39.14
O5 NAG I . -25.62 6.67 37.18
O6 NAG I . -24.07 7.98 39.24
O7 NAG I . -28.94 4.80 34.07
C1 NAG I . -29.06 8.05 40.23
C2 NAG I . -28.90 9.23 41.18
C3 NAG I . -29.85 9.07 42.37
C4 NAG I . -31.29 8.93 41.88
C5 NAG I . -31.40 7.84 40.82
C6 NAG I . -32.75 7.83 40.13
C7 NAG I . -26.71 10.37 41.19
C8 NAG I . -25.35 10.44 41.84
N2 NAG I . -27.53 9.40 41.65
O3 NAG I . -29.76 10.21 43.22
O4 NAG I . -32.14 8.61 42.99
O5 NAG I . -30.42 8.05 39.79
O6 NAG I . -32.74 6.97 38.98
O7 NAG I . -27.04 11.15 40.31
C1 NAG J . 1.97 -37.29 19.36
C2 NAG J . 1.76 -38.79 19.17
C3 NAG J . 2.05 -38.96 17.67
C4 NAG J . 1.09 -38.15 16.81
C5 NAG J . 1.04 -36.68 17.25
C6 NAG J . -0.15 -35.94 16.68
C7 NAG J . 2.35 -40.21 21.09
C8 NAG J . 3.43 -41.05 21.72
N2 NAG J . 2.69 -39.57 19.97
O3 NAG J . 1.91 -40.35 17.32
O4 NAG J . 1.53 -38.22 15.46
O5 NAG J . 0.93 -36.61 18.67
O6 NAG J . -1.33 -36.72 16.83
O7 NAG J . 1.22 -40.15 21.57
C1 NAG J . 0.62 -38.57 14.49
C2 NAG J . 1.10 -37.97 13.17
C3 NAG J . 0.12 -38.41 12.08
C4 NAG J . 0.03 -39.93 12.06
C5 NAG J . -0.43 -40.44 13.42
C6 NAG J . -0.47 -41.95 13.53
C7 NAG J . 2.24 -35.80 13.45
C8 NAG J . 2.05 -34.31 13.51
N2 NAG J . 1.12 -36.51 13.25
O3 NAG J . 0.57 -37.90 10.82
O4 NAG J . -0.86 -40.39 11.04
O5 NAG J . 0.51 -40.00 14.41
O6 NAG J . 0.83 -42.52 13.36
O7 NAG J . 3.35 -36.32 13.55
C1 BMA J . -0.28 -40.97 9.92
C2 BMA J . -1.18 -42.09 9.41
C3 BMA J . -0.64 -42.67 8.10
C4 BMA J . -0.29 -41.57 7.09
C5 BMA J . 0.58 -40.51 7.73
C6 BMA J . 0.89 -39.31 6.85
O2 BMA J . -2.49 -41.57 9.23
O3 BMA J . -1.61 -43.54 7.56
O4 BMA J . 0.42 -42.16 6.00
O5 BMA J . -0.08 -39.99 8.90
O6 BMA J . -0.27 -38.70 6.30
C1 MAN J . -1.18 -44.77 6.97
C2 MAN J . -2.37 -45.37 6.19
C3 MAN J . -3.46 -45.83 7.15
C4 MAN J . -2.89 -46.81 8.17
C5 MAN J . -1.69 -46.20 8.89
C6 MAN J . -0.97 -47.18 9.78
O2 MAN J . -1.90 -46.42 5.36
O3 MAN J . -4.57 -46.39 6.47
O4 MAN J . -3.91 -47.10 9.12
O5 MAN J . -0.72 -45.73 7.94
O6 MAN J . 0.36 -46.75 10.06
C1 MAN J . -0.98 -37.79 7.10
C2 MAN J . -2.45 -38.20 7.04
C3 MAN J . -3.00 -37.95 5.64
C4 MAN J . -2.81 -36.48 5.23
C5 MAN J . -1.34 -36.08 5.37
C6 MAN J . -1.09 -34.60 5.17
O2 MAN J . -3.21 -37.50 8.02
O3 MAN J . -4.36 -38.34 5.56
O4 MAN J . -3.23 -36.31 3.88
O5 MAN J . -0.84 -36.41 6.67
O6 MAN J . -1.75 -33.80 6.16
C1 FUC J . -2.51 -36.12 16.42
C2 FUC J . -3.54 -37.21 16.17
C3 FUC J . -3.97 -37.88 17.47
C4 FUC J . -4.48 -36.85 18.47
C5 FUC J . -3.42 -35.76 18.69
C6 FUC J . -3.92 -34.60 19.53
O2 FUC J . -3.04 -38.18 15.26
O3 FUC J . -4.98 -38.84 17.19
O4 FUC J . -5.71 -36.29 18.01
O5 FUC J . -3.00 -35.22 17.43
C1 NAG K . 33.45 -25.84 -28.38
C2 NAG K . 34.41 -26.91 -27.88
C3 NAG K . 35.33 -27.39 -29.00
C4 NAG K . 34.51 -27.85 -30.21
C5 NAG K . 33.48 -26.79 -30.59
C6 NAG K . 32.50 -27.24 -31.65
C7 NAG K . 35.10 -26.74 -25.53
C8 NAG K . 35.88 -25.94 -24.53
N2 NAG K . 35.20 -26.35 -26.79
O3 NAG K . 36.09 -28.48 -28.50
O4 NAG K . 35.38 -28.02 -31.33
O5 NAG K . 32.69 -26.41 -29.45
O6 NAG K . 31.81 -26.12 -32.20
O7 NAG K . 34.42 -27.71 -25.19
C1 NAG K . 35.74 -29.33 -31.73
C2 NAG K . 35.92 -29.34 -33.25
C3 NAG K . 36.26 -30.78 -33.63
C4 NAG K . 37.56 -31.22 -32.95
C5 NAG K . 37.48 -30.99 -31.45
C6 NAG K . 38.84 -31.11 -30.77
C7 NAG K . 34.67 -27.65 -34.53
C8 NAG K . 33.43 -27.40 -35.34
N2 NAG K . 34.76 -28.88 -33.97
O3 NAG K . 36.38 -30.89 -35.05
O4 NAG K . 37.82 -32.60 -33.23
O5 NAG K . 37.01 -29.66 -31.16
O6 NAG K . 38.82 -30.57 -29.46
O7 NAG K . 35.55 -26.81 -34.40
C1 NAG L . -12.11 -36.83 0.07
C2 NAG L . -12.77 -37.97 0.83
C3 NAG L . -12.90 -37.42 2.25
C4 NAG L . -11.54 -37.04 2.84
C5 NAG L . -10.75 -36.13 1.89
C6 NAG L . -9.27 -36.03 2.26
C7 NAG L . -14.29 -39.36 -0.52
C8 NAG L . -15.69 -39.52 -1.02
N2 NAG L . -14.08 -38.32 0.31
O3 NAG L . -13.52 -38.40 3.10
O4 NAG L . -11.78 -36.31 4.05
O5 NAG L . -10.78 -36.67 0.57
O6 NAG L . -8.77 -37.32 2.60
O7 NAG L . -13.38 -40.12 -0.86
C1 NAG L . -11.12 -36.71 5.19
C2 NAG L . -10.99 -35.49 6.09
C3 NAG L . -10.35 -35.94 7.41
C4 NAG L . -11.16 -37.09 8.01
C5 NAG L . -11.24 -38.25 7.03
C6 NAG L . -12.10 -39.41 7.50
C7 NAG L . -10.75 -33.37 4.88
C8 NAG L . -9.78 -32.40 4.26
N2 NAG L . -10.21 -34.45 5.45
O3 NAG L . -10.33 -34.84 8.33
O4 NAG L . -10.57 -37.54 9.22
O5 NAG L . -11.83 -37.79 5.80
O6 NAG L . -13.45 -38.99 7.68
O7 NAG L . -11.97 -33.16 4.85
C1 BMA L . -11.25 -37.22 10.41
C2 BMA L . -11.02 -38.37 11.41
C3 BMA L . -11.58 -38.02 12.79
C4 BMA L . -11.14 -36.63 13.26
C5 BMA L . -11.36 -35.59 12.16
C6 BMA L . -10.82 -34.21 12.49
O2 BMA L . -9.63 -38.64 11.50
O3 BMA L . -11.14 -39.01 13.71
O4 BMA L . -11.89 -36.26 14.41
O5 BMA L . -10.73 -36.00 10.95
O6 BMA L . -9.45 -34.22 12.92
C1 MAN L . -12.00 -39.48 14.72
C2 MAN L . -11.20 -40.38 15.66
C3 MAN L . -10.88 -41.71 14.97
C4 MAN L . -12.13 -42.38 14.42
C5 MAN L . -12.92 -41.41 13.53
C6 MAN L . -14.28 -41.95 13.15
O2 MAN L . -11.93 -40.59 16.86
O3 MAN L . -10.23 -42.59 15.87
O4 MAN L . -11.75 -43.52 13.67
O5 MAN L . -13.16 -40.18 14.22
O6 MAN L . -15.13 -40.90 12.67
C1 MAN L . -8.46 -34.25 11.89
C2 MAN L . -7.50 -35.37 12.25
C3 MAN L . -6.72 -35.00 13.50
C4 MAN L . -5.99 -33.68 13.31
C5 MAN L . -6.98 -32.59 12.92
C6 MAN L . -6.34 -31.27 12.56
O2 MAN L . -6.63 -35.64 11.14
O3 MAN L . -5.84 -36.05 13.87
O4 MAN L . -5.34 -33.32 14.52
O5 MAN L . -7.75 -33.01 11.77
O6 MAN L . -5.52 -31.35 11.39
C1 FUC L . -7.40 -37.38 2.88
C2 FUC L . -7.15 -38.68 3.66
C3 FUC L . -7.37 -39.89 2.74
C4 FUC L . -6.48 -39.81 1.50
C5 FUC L . -6.74 -38.50 0.76
C6 FUC L . -5.80 -38.26 -0.39
O2 FUC L . -7.99 -38.75 4.80
O3 FUC L . -7.12 -41.11 3.42
O4 FUC L . -5.10 -39.92 1.87
O5 FUC L . -6.62 -37.38 1.67
C1 NAG M . -31.34 51.07 20.37
C2 NAG M . -32.44 50.09 20.79
C3 NAG M . -33.34 50.79 21.82
C4 NAG M . -32.54 51.34 22.99
C5 NAG M . -31.30 52.11 22.50
C6 NAG M . -30.34 52.48 23.60
C7 NAG M . -33.40 48.53 19.14
C8 NAG M . -34.11 48.42 17.82
N2 NAG M . -33.19 49.77 19.58
O3 NAG M . -34.32 49.88 22.31
O4 NAG M . -33.35 52.28 23.68
O5 NAG M . -30.57 51.32 21.54
O6 NAG M . -29.39 53.43 23.15
O7 NAG M . -33.06 47.54 19.77
C1 NAG M . -33.83 51.99 24.98
C2 NAG M . -34.04 53.33 25.70
C3 NAG M . -34.62 53.06 27.09
C4 NAG M . -35.90 52.21 26.99
C5 NAG M . -35.62 50.94 26.18
C6 NAG M . -36.86 50.13 25.91
C7 NAG M . -32.53 55.16 25.03
C8 NAG M . -31.23 55.86 25.33
N2 NAG M . -32.81 54.09 25.80
O3 NAG M . -34.91 54.30 27.72
O4 NAG M . -36.36 51.88 28.30
O5 NAG M . -35.07 51.29 24.90
O6 NAG M . -36.62 49.13 24.91
O7 NAG M . -33.27 55.53 24.13
C1 NAG N . 9.33 17.11 6.09
C2 NAG N . 9.65 15.62 6.13
C3 NAG N . 9.87 15.32 4.64
C4 NAG N . 8.59 15.57 3.83
C5 NAG N . 8.04 16.97 4.10
C6 NAG N . 6.61 17.15 3.65
C7 NAG N . 10.95 15.10 8.19
C8 NAG N . 12.33 14.91 8.75
N2 NAG N . 10.89 15.44 6.87
O3 NAG N . 10.26 13.97 4.44
O4 NAG N . 8.92 15.50 2.44
O5 NAG N . 8.02 17.21 5.52
O6 NAG N . 5.87 15.97 3.89
O7 NAG N . 9.95 14.99 8.87
C1 NAG N . 8.15 14.69 1.61
C2 NAG N . 8.29 15.21 0.17
C3 NAG N . 7.50 14.27 -0.73
C4 NAG N . 8.00 12.83 -0.54
C5 NAG N . 7.80 12.41 0.92
C6 NAG N . 8.30 11.02 1.24
C7 NAG N . 8.61 17.65 0.06
C8 NAG N . 7.94 18.99 0.19
N2 NAG N . 7.80 16.57 0.07
O3 NAG N . 7.58 14.69 -2.08
O4 NAG N . 7.29 11.94 -1.40
O5 NAG N . 8.54 13.32 1.75
O6 NAG N . 9.72 10.92 1.02
O7 NAG N . 9.83 17.55 -0.03
C1 BMA N . 7.97 11.38 -2.47
C2 BMA N . 7.47 9.95 -2.67
C3 BMA N . 8.03 9.34 -3.96
C4 BMA N . 7.88 10.28 -5.14
C5 BMA N . 8.37 11.68 -4.81
C6 BMA N . 8.11 12.72 -5.89
O2 BMA N . 6.05 9.96 -2.70
O3 BMA N . 7.35 8.11 -4.20
O4 BMA N . 8.64 9.77 -6.23
O5 BMA N . 7.71 12.15 -3.62
O6 BMA N . 6.75 12.74 -6.34
C1 MAN N . 8.08 6.99 -4.66
C2 MAN N . 7.09 5.90 -5.06
C3 MAN N . 6.44 5.30 -3.82
C4 MAN N . 7.49 4.80 -2.82
C5 MAN N . 8.48 5.92 -2.50
C6 MAN N . 9.66 5.44 -1.69
O2 MAN N . 7.75 4.89 -5.81
O3 MAN N . 5.56 4.24 -4.16
O4 MAN N . 6.82 4.40 -1.64
O5 MAN N . 9.03 6.49 -3.71
O6 MAN N . 10.72 6.38 -1.71
C1 MAN N . 5.83 13.49 -5.58
C2 MAN N . 4.63 12.59 -5.33
C3 MAN N . 3.89 12.36 -6.64
C4 MAN N . 3.46 13.69 -7.25
C5 MAN N . 4.69 14.57 -7.46
C6 MAN N . 4.34 15.97 -7.94
O2 MAN N . 3.75 13.15 -4.34
O3 MAN N . 2.78 11.50 -6.44
O4 MAN N . 2.80 13.46 -8.49
O5 MAN N . 5.42 14.70 -6.23
O6 MAN N . 3.66 16.74 -6.94
C1 FUC N . 4.51 16.05 3.55
C2 FUC N . 3.95 14.64 3.65
C3 FUC N . 3.98 14.18 5.10
C4 FUC N . 3.23 15.17 6.00
C5 FUC N . 3.84 16.57 5.85
C6 FUC N . 3.10 17.63 6.62
O2 FUC N . 4.71 13.75 2.84
O3 FUC N . 3.40 12.89 5.22
O4 FUC N . 1.86 15.19 5.65
O5 FUC N . 3.82 16.94 4.45
C1 NAG O . -5.30 9.20 -11.13
C2 NAG O . -5.46 8.08 -10.11
C3 NAG O . -5.69 8.81 -8.80
C4 NAG O . -4.52 9.72 -8.46
C5 NAG O . -4.16 10.66 -9.62
C6 NAG O . -2.82 11.33 -9.47
C7 NAG O . -6.53 6.08 -11.09
C8 NAG O . -7.84 5.40 -11.39
N2 NAG O . -6.61 7.25 -10.44
O3 NAG O . -5.92 7.89 -7.73
O4 NAG O . -4.89 10.54 -7.35
O5 NAG O . -4.09 9.91 -10.84
O6 NAG O . -1.86 10.35 -9.04
O7 NAG O . -5.46 5.60 -11.44
C1 NAG O . -4.04 10.60 -6.25
C2 NAG O . -4.32 11.91 -5.54
C3 NAG O . -3.43 11.96 -4.30
C4 NAG O . -3.71 10.74 -3.42
C5 NAG O . -3.46 9.46 -4.22
C6 NAG O . -3.79 8.19 -3.48
C7 NAG O . -4.96 13.73 -7.07
C8 NAG O . -4.47 14.84 -7.95
N2 NAG O . -4.01 13.04 -6.42
O3 NAG O . -3.66 13.16 -3.57
O4 NAG O . -2.90 10.76 -2.26
O5 NAG O . -4.26 9.47 -5.40
O6 NAG O . -5.18 8.11 -3.20
O7 NAG O . -6.16 13.47 -6.96
C1 BMA O . -3.57 11.02 -1.04
C2 BMA O . -2.88 10.22 0.06
C3 BMA O . -3.43 10.60 1.43
C4 BMA O . -3.48 12.11 1.66
C5 BMA O . -4.13 12.81 0.46
C6 BMA O . -4.09 14.32 0.52
O2 BMA O . -1.47 10.45 0.01
O3 BMA O . -2.62 9.98 2.43
O4 BMA O . -4.26 12.38 2.81
O5 BMA O . -3.48 12.42 -0.76
O6 BMA O . -2.80 14.87 0.75
C1 MAN O . -3.20 9.42 3.59
C2 MAN O . -2.09 9.01 4.55
C3 MAN O . -1.37 7.78 4.01
C4 MAN O . -2.33 6.64 3.72
C5 MAN O . -3.45 7.11 2.80
C6 MAN O . -4.57 6.10 2.66
O2 MAN O . -2.64 8.75 5.84
O3 MAN O . -0.32 7.35 4.88
O4 MAN O . -1.61 5.59 3.09
O5 MAN O . -4.07 8.31 3.32
O6 MAN O . -5.74 6.70 2.12
C1 MAN O . -1.95 15.00 -0.38
C2 MAN O . -0.61 14.34 -0.01
C3 MAN O . 0.08 15.16 1.06
C4 MAN O . 0.27 16.61 0.60
C5 MAN O . -1.07 17.21 0.19
C6 MAN O . -0.95 18.59 -0.44
O2 MAN O . 0.22 14.20 -1.17
O3 MAN O . 1.32 14.57 1.42
O4 MAN O . 0.85 17.38 1.66
O5 MAN O . -1.73 16.37 -0.79
O6 MAN O . -0.21 18.57 -1.65
C1 FUC O . -0.54 10.82 -8.88
C2 FUC O . 0.22 9.83 -7.97
C3 FUC O . 0.40 8.50 -8.68
C4 FUC O . 1.10 8.68 -10.02
C5 FUC O . 0.31 9.68 -10.87
C6 FUC O . 1.00 10.05 -12.17
O2 FUC O . -0.46 9.64 -6.73
O3 FUC O . 1.18 7.63 -7.84
O4 FUC O . 2.43 9.13 -9.83
O5 FUC O . 0.12 10.91 -10.14
CL CL P . -9.49 -23.47 9.98
CHA HEM Q . -16.54 -12.83 19.44
CHB HEM Q . -19.73 -10.27 21.94
CHC HEM Q . -20.48 -14.09 24.73
CHD HEM Q . -17.27 -16.57 22.25
C1A HEM Q . -17.48 -11.87 19.80
C2A HEM Q . -17.56 -10.60 19.21
C3A HEM Q . -18.49 -9.91 19.85
C4A HEM Q . -18.93 -10.73 20.88
CMA HEM Q . -18.93 -8.49 19.53
CAA HEM Q . -16.80 -10.07 17.99
CBA HEM Q . -17.84 -10.11 16.81
CGA HEM Q . -17.24 -9.97 15.39
O1A HEM Q . -17.21 -8.87 14.84
O2A HEM Q . -16.73 -10.99 14.69
C1B HEM Q . -20.13 -11.10 23.00
C2B HEM Q . -20.92 -10.60 24.10
C3B HEM Q . -21.16 -11.67 24.89
C4B HEM Q . -20.44 -12.82 24.25
CMB HEM Q . -21.42 -9.17 24.28
CAB HEM Q . -21.94 -11.74 26.17
CBB HEM Q . -21.80 -10.78 27.09
C1C HEM Q . -19.78 -15.12 24.19
C2C HEM Q . -19.78 -16.44 24.76
C3C HEM Q . -18.91 -17.20 23.98
C4C HEM Q . -18.33 -16.28 23.02
CMC HEM Q . -20.60 -16.86 25.97
CAC HEM Q . -18.51 -18.56 24.11
CBC HEM Q . -18.91 -19.46 24.95
C1D HEM Q . -16.72 -15.64 21.34
C2D HEM Q . -15.44 -15.87 20.61
C3D HEM Q . -15.38 -14.95 19.67
C4D HEM Q . -16.51 -14.06 19.94
CMD HEM Q . -14.43 -16.91 20.92
CAD HEM Q . -14.18 -14.71 18.76
CBD HEM Q . -13.06 -14.01 19.57
CGD HEM Q . -11.90 -13.62 18.68
O1D HEM Q . -11.10 -14.44 18.34
O2D HEM Q . -11.71 -12.41 18.20
NA HEM Q . -18.42 -12.03 20.78
NB HEM Q . -19.84 -12.43 23.11
NC HEM Q . -18.97 -15.06 23.07
ND HEM Q . -17.25 -14.49 20.97
FE HEM Q . -18.88 -13.65 21.79
C1 NAG R . 0.22 -2.77 46.26
C2 NAG R . -1.02 -1.91 46.02
C3 NAG R . -1.42 -1.10 47.25
C4 NAG R . -1.54 -2.01 48.46
C5 NAG R . -0.24 -2.78 48.66
C6 NAG R . -0.29 -3.77 49.81
C7 NAG R . -1.60 -1.26 43.72
C8 NAG R . -1.35 -0.28 42.61
N2 NAG R . -0.87 -1.07 44.85
O3 NAG R . -2.66 -0.45 47.00
O4 NAG R . -1.90 -1.27 49.63
O5 NAG R . 0.06 -3.54 47.47
O6 NAG R . -1.26 -4.78 49.59
O7 NAG R . -2.41 -2.18 43.62
CA CA S . -4.14 -18.14 26.77
CL CL T . -6.64 3.02 39.30
C13 XS1 U . -14.41 -5.48 21.87
C18 XS1 U . -10.93 -1.41 23.67
C17 XS1 U . -11.01 -0.06 23.33
C16 XS1 U . -12.17 0.46 22.77
C15 XS1 U . -13.28 -0.37 22.56
C19 XS1 U . -12.02 -2.26 23.46
C20 XS1 U . -13.21 -1.70 22.95
C21 XS1 U . -14.88 -1.45 20.19
C22 XS1 U . -17.29 -0.97 20.07
C23 XS1 U . -16.57 0.14 20.86
C24 XS1 U . -16.22 1.31 20.00
C11 XS1 U . -13.14 -4.95 21.96
C12 XS1 U . -14.88 -5.41 23.21
C1 XS1 U . -14.16 -8.07 19.68
C2 XS1 U . -13.96 -9.47 19.66
N1 XS1 U . -14.56 -10.31 20.53
C3 XS1 U . -15.37 -9.69 21.40
C4 XS1 U . -15.64 -8.34 21.51
C5 XS1 U . -15.01 -7.44 20.62
N2 XS1 U . -13.13 -10.00 18.65
C6 XS1 U . -15.14 -5.92 20.63
N3 XS1 U . -16.10 -10.26 22.40
N4 XS1 U . -16.78 -9.34 23.10
N5 XS1 U . -16.50 -8.15 22.56
C7 XS1 U . -16.60 -5.44 20.54
C8 XS1 U . -16.79 -3.91 20.58
N6 XS1 U . -16.38 -3.26 19.34
C9 XS1 U . -16.16 -1.80 19.41
C10 XS1 U . -15.36 -0.65 21.42
O1 XS1 U . -14.37 0.22 21.96
N7 XS1 U . -12.97 -4.55 23.25
N8 XS1 U . -14.00 -4.88 24.06
C14 XS1 U . -11.89 -3.74 23.79
H19 XS1 U . -10.00 -1.80 24.08
H18 XS1 U . -10.15 0.59 23.50
H17 XS1 U . -12.22 1.51 22.49
H20 XS1 U . -14.08 -2.33 22.84
H21 XS1 U . -14.29 -2.33 20.48
H22 XS1 U . -14.21 -0.84 19.58
H24 XS1 U . -17.89 -1.56 20.76
H23 XS1 U . -17.98 -0.57 19.31
H25 XS1 U . -17.19 0.50 21.69
H26 XS1 U . -17.00 1.90 19.55
H27 XS1 U . -15.18 1.63 19.86
H13 XS1 U . -12.38 -4.76 21.20
H14 XS1 U . -15.85 -5.72 23.60
H1 XS1 U . -13.65 -7.45 18.94
H2 XS1 U . -12.99 -11.00 18.77
H3 XS1 U . -12.27 -9.49 18.54
H4 XS1 U . -14.61 -5.53 19.75
H5 XS1 U . -16.19 -11.24 22.66
H6 XS1 U . -17.18 -5.85 21.38
H7 XS1 U . -17.07 -5.85 19.64
H9 XS1 U . -16.25 -3.50 21.45
H8 XS1 U . -17.85 -3.71 20.74
H33 XS1 U . -15.53 -3.70 18.97
H11 XS1 U . -16.03 -1.46 18.38
H12 XS1 U . -15.75 -1.31 22.20
H16 XS1 U . -10.96 -4.14 23.37
H15 XS1 U . -11.88 -3.87 24.87
CHA HEM V . 16.82 -29.27 -6.74
CHB HEM V . 20.53 -30.13 -9.63
CHC HEM V . 18.65 -34.43 -10.70
CHD HEM V . 14.90 -33.45 -7.92
C1A HEM V . 18.05 -29.23 -7.32
C2A HEM V . 18.95 -28.11 -7.22
C3A HEM V . 20.01 -28.39 -7.96
C4A HEM V . 19.76 -29.63 -8.58
CMA HEM V . 21.20 -27.48 -8.14
CAA HEM V . 18.75 -26.84 -6.40
CBA HEM V . 19.71 -27.00 -5.20
CGA HEM V . 19.52 -26.07 -3.99
O1A HEM V . 20.20 -25.07 -3.90
O2A HEM V . 18.60 -26.30 -2.99
C1B HEM V . 20.25 -31.36 -10.24
C2B HEM V . 21.03 -31.82 -11.37
C3B HEM V . 20.55 -33.06 -11.65
C4B HEM V . 19.42 -33.29 -10.69
CMB HEM V . 22.17 -31.06 -12.02
CAB HEM V . 20.93 -33.98 -12.73
CBB HEM V . 21.38 -33.49 -13.91
C1C HEM V . 17.53 -34.59 -9.89
C2C HEM V . 16.72 -35.76 -9.90
C3C HEM V . 15.66 -35.51 -9.04
C4C HEM V . 15.86 -34.15 -8.61
CMC HEM V . 16.98 -37.01 -10.74
CAC HEM V . 14.50 -36.33 -8.64
CBC HEM V . 14.22 -37.55 -8.97
C1D HEM V . 15.09 -32.12 -7.49
C2D HEM V . 14.04 -31.30 -6.93
C3D HEM V . 14.62 -30.27 -6.39
C4D HEM V . 16.02 -30.38 -6.78
CMD HEM V . 12.55 -31.61 -7.02
CAD HEM V . 13.91 -29.07 -5.77
CBD HEM V . 13.27 -28.24 -6.89
CGD HEM V . 12.66 -26.97 -6.29
O1D HEM V . 11.59 -27.00 -5.71
O2D HEM V . 13.28 -25.78 -6.42
NA HEM V . 18.61 -30.24 -8.10
NB HEM V . 19.28 -32.25 -9.85
NC HEM V . 17.05 -33.66 -9.03
ND HEM V . 16.26 -31.46 -7.49
FE HEM V . 17.96 -32.06 -8.36
C1 NAG W . 5.58 -22.49 -37.26
C2 NAG W . 7.11 -22.42 -37.19
C3 NAG W . 7.78 -22.48 -38.56
C4 NAG W . 7.25 -23.66 -39.35
C5 NAG W . 5.72 -23.57 -39.45
C6 NAG W . 5.09 -24.74 -40.18
C7 NAG W . 8.16 -21.39 -35.21
C8 NAG W . 8.60 -20.11 -34.57
N2 NAG W . 7.58 -21.28 -36.41
O3 NAG W . 9.18 -22.62 -38.38
O4 NAG W . 7.86 -23.72 -40.64
O5 NAG W . 5.16 -23.56 -38.12
O6 NAG W . 5.32 -25.97 -39.50
O7 NAG W . 8.31 -22.49 -34.66
CA CA X . 2.74 -28.91 -13.16
C13 XS1 Y . 18.81 -23.49 -12.12
C18 XS1 Y . 18.14 -19.10 -15.57
C17 XS1 Y . 19.05 -18.05 -15.73
C16 XS1 Y . 20.37 -18.17 -15.29
C15 XS1 Y . 20.80 -19.36 -14.69
C19 XS1 Y . 18.56 -20.31 -14.99
C20 XS1 Y . 19.91 -20.44 -14.61
C21 XS1 Y . 21.68 -20.23 -11.93
C22 XS1 Y . 23.94 -21.14 -11.58
C23 XS1 Y . 23.92 -20.23 -12.83
C24 XS1 Y . 24.39 -18.80 -12.50
C11 XS1 Y . 18.02 -22.42 -12.52
C12 XS1 Y . 19.10 -24.16 -13.34
C27 XS1 Y . 27.09 -17.89 -15.02
C1 XS1 Y . 17.43 -24.45 -9.16
C2 XS1 Y . 16.53 -25.38 -8.60
N1 XS1 Y . 16.46 -26.69 -8.97
C3 XS1 Y . 17.36 -27.01 -9.91
C4 XS1 Y . 18.28 -26.19 -10.54
C5 XS1 Y . 18.35 -24.82 -10.17
N2 XS1 Y . 15.68 -24.94 -7.56
C6 XS1 Y . 19.30 -23.79 -10.74
N3 XS1 Y . 17.55 -28.22 -10.49
N4 XS1 Y . 18.52 -28.17 -11.43
N5 XS1 Y . 18.98 -26.93 -11.45
C7 XS1 Y . 20.78 -24.27 -10.69
C8 XS1 Y . 21.81 -23.24 -11.21
N6 XS1 Y . 21.96 -22.11 -10.30
C9 XS1 Y . 22.58 -20.91 -10.89
C10 XS1 Y . 22.44 -20.35 -13.27
O1 XS1 Y . 22.08 -19.35 -14.22
N7 XS1 Y . 17.99 -22.46 -13.90
N8 XS1 Y . 18.58 -23.55 -14.41
C14 XS1 Y . 17.53 -21.41 -14.79
C25 XS1 Y . 25.09 -18.16 -13.67
C26 XS1 Y . 26.44 -18.46 -13.93
C28 XS1 Y . 26.40 -17.03 -15.87
C29 XS1 Y . 25.07 -16.72 -15.62
C30 XS1 Y . 24.41 -17.29 -14.52
H19 XS1 Y . 17.12 -18.97 -15.90
H18 XS1 Y . 18.71 -17.12 -16.18
H17 XS1 Y . 21.04 -17.33 -15.38
H20 XS1 Y . 20.25 -21.38 -14.21
H21 XS1 Y . 20.68 -20.66 -11.98
H22 XS1 Y . 21.53 -19.17 -11.67
H24 XS1 Y . 24.07 -22.18 -11.92
H23 XS1 Y . 24.79 -20.93 -10.91
H25 XS1 Y . 24.57 -20.67 -13.59
H26 XS1 Y . 25.10 -18.81 -11.66
H27 XS1 Y . 23.56 -18.17 -12.16
H13 XS1 Y . 17.59 -21.60 -11.97
H14 XS1 Y . 19.68 -25.05 -13.49
H29 XS1 Y . 28.13 -18.13 -15.19
H1 XS1 Y . 17.43 -23.43 -8.80
H2 XS1 Y . 15.02 -25.66 -7.27
H3 XS1 Y . 15.24 -24.05 -7.74
H4 XS1 Y . 19.22 -22.88 -10.14
H5 XS1 Y . 17.08 -29.10 -10.32
H6 XS1 Y . 20.90 -25.17 -11.29
H7 XS1 Y . 21.03 -24.55 -9.66
H9 XS1 Y . 21.51 -22.93 -12.21
H8 XS1 Y . 22.76 -23.76 -11.30
H33 XS1 Y . 21.06 -21.85 -9.90
H11 XS1 Y . 22.74 -20.20 -10.07
H12 XS1 Y . 22.32 -21.35 -13.70
H16 XS1 Y . 16.62 -21.01 -14.36
H15 XS1 Y . 17.30 -21.87 -15.76
H28 XS1 Y . 26.99 -19.13 -13.27
H30 XS1 Y . 26.91 -16.59 -16.72
H31 XS1 Y . 24.54 -16.04 -16.28
H32 XS1 Y . 23.38 -17.03 -14.34
CL CL Z . -6.99 24.32 -3.67
CHA HEM AA . -16.69 33.12 5.16
CHB HEM AA . -20.28 34.83 7.79
CHC HEM AA . -19.38 31.55 11.17
CHD HEM AA . -15.67 29.98 8.58
C1A HEM AA . -17.83 33.78 5.55
C2A HEM AA . -18.46 34.80 4.77
C3A HEM AA . -19.52 35.20 5.47
C4A HEM AA . -19.50 34.48 6.69
CMA HEM AA . -20.53 36.31 5.06
CAA HEM AA . -18.04 35.36 3.43
CBA HEM AA . -19.09 34.79 2.45
CGA HEM AA . -18.80 34.89 0.94
O1A HEM AA . -19.25 35.84 0.25
O2A HEM AA . -18.13 33.93 0.29
C1B HEM AA . -20.24 34.12 9.02
C2B HEM AA . -21.05 34.54 10.14
C3B HEM AA . -20.91 33.55 11.04
C4B HEM AA . -19.88 32.62 10.46
CMB HEM AA . -21.97 35.72 10.20
CAB HEM AA . -21.52 33.43 12.38
CBB HEM AA . -21.73 34.46 13.16
C1C HEM AA . -18.37 30.73 10.66
C2C HEM AA . -17.85 29.62 11.40
C3C HEM AA . -16.79 29.11 10.60
C4C HEM AA . -16.71 29.99 9.48
CMC HEM AA . -18.34 29.17 12.78
CAC HEM AA . -15.88 27.99 10.83
CBC HEM AA . -15.89 27.17 11.87
C1D HEM AA . -15.57 30.87 7.52
C2D HEM AA . -14.38 31.02 6.67
C3D HEM AA . -14.76 31.67 5.58
C4D HEM AA . -16.13 32.10 5.86
CMD HEM AA . -12.99 30.52 7.01
CAD HEM AA . -13.82 32.15 4.49
CBD HEM AA . -13.01 33.36 5.03
CGD HEM AA . -12.15 33.94 3.92
O1D HEM AA . -11.13 33.39 3.55
O2D HEM AA . -12.49 35.09 3.31
NA HEM AA . -18.54 33.48 6.70
NB HEM AA . -19.54 32.98 9.23
NC HEM AA . -17.75 30.90 9.47
ND HEM AA . -16.53 31.65 7.08
FE HEM AA . -18.29 32.02 7.95
C1 NAG BA . -2.71 53.07 27.80
C2 NAG BA . -4.19 53.40 27.61
C3 NAG BA . -4.76 54.28 28.74
C4 NAG BA . -4.41 53.69 30.09
C5 NAG BA . -2.91 53.43 30.20
C6 NAG BA . -2.50 52.73 31.48
C7 NAG BA . -5.16 53.33 25.35
C8 NAG BA . -5.39 54.10 24.08
N2 NAG BA . -4.47 53.98 26.31
O3 NAG BA . -6.17 54.34 28.59
O4 NAG BA . -4.86 54.56 31.13
O5 NAG BA . -2.46 52.59 29.12
O6 NAG BA . -3.08 51.44 31.59
O7 NAG BA . -5.58 52.18 25.49
CA CA CA . -2.60 34.07 11.50
CL CL DA . -11.73 54.91 21.21
C13 XS1 EA . -17.14 41.13 6.32
C18 XS1 EA . -15.35 46.41 7.18
C17 XS1 EA . -15.98 47.55 6.70
C16 XS1 EA . -17.30 47.50 6.23
C15 XS1 EA . -18.00 46.30 6.27
C19 XS1 EA . -16.03 45.19 7.21
C20 XS1 EA . -17.38 45.17 6.81
C21 XS1 EA . -19.20 44.29 4.32
C22 XS1 EA . -21.61 43.82 4.39
C23 XS1 EA . -21.32 45.23 4.93
C24 XS1 EA . -21.48 46.30 3.83
C11 XS1 EA . -16.15 42.07 6.18
C12 XS1 EA . -17.51 41.23 7.69
C27 XS1 EA . -23.74 49.06 5.14
C1 XS1 EA . -16.07 38.45 4.45
C2 XS1 EA . -15.39 37.23 4.58
N1 XS1 EA . -15.59 36.37 5.61
C3 XS1 EA . -16.47 36.81 6.51
C4 XS1 EA . -17.19 38.00 6.50
C5 XS1 EA . -17.00 38.90 5.43
N2 XS1 EA . -14.51 36.84 3.54
C6 XS1 EA . -17.71 40.23 5.25
N3 XS1 EA . -16.86 36.20 7.66
N4 XS1 EA . -17.76 36.95 8.33
N5 XS1 EA . -17.97 38.05 7.62
C7 XS1 EA . -19.24 40.07 5.29
C8 XS1 EA . -20.04 41.38 5.14
N6 XS1 EA . -19.98 41.96 3.80
C9 XS1 EA . -20.29 43.39 3.71
C10 XS1 EA . -19.89 45.06 5.46
O1 XS1 EA . -19.27 46.32 5.75
N7 XS1 EA . -16.05 42.71 7.39
N8 XS1 EA . -16.85 42.18 8.34
C14 XS1 EA . -15.31 43.94 7.69
C25 XS1 EA . -21.93 47.63 4.38
C26 XS1 EA . -23.30 47.84 4.63
C28 XS1 EA . -22.83 50.06 5.44
C29 XS1 EA . -21.47 49.85 5.21
C30 XS1 EA . -21.02 48.65 4.67
H19 XS1 EA . -14.31 46.46 7.51
H18 XS1 EA . -15.43 48.49 6.67
H17 XS1 EA . -17.75 48.40 5.82
H20 XS1 EA . -17.95 44.25 6.91
H21 XS1 EA . -18.33 43.72 4.68
H22 XS1 EA . -18.80 44.97 3.56
H24 XS1 EA . -21.87 43.18 5.24
H23 XS1 EA . -22.45 43.79 3.70
H25 XS1 EA . -22.01 45.46 5.77
H26 XS1 EA . -22.23 45.98 3.10
H27 XS1 EA . -20.56 46.43 3.26
H13 XS1 EA . -15.56 42.39 5.33
H14 XS1 EA . -18.26 40.68 8.22
H29 XS1 EA . -24.81 49.21 5.31
H1 XS1 EA . -15.88 39.09 3.57
H2 XS1 EA . -14.02 35.99 3.76
H3 XS1 EA . -13.89 37.60 3.25
H4 XS1 EA . -17.43 40.64 4.27
H5 XS1 EA . -16.58 35.31 8.04
H6 XS1 EA . -19.56 39.60 6.22
H7 XS1 EA . -19.56 39.37 4.49
H9 XS1 EA . -19.69 42.09 5.90
H8 XS1 EA . -21.09 41.16 5.37
H33 XS1 EA . -19.06 41.80 3.40
H11 XS1 EA . -20.37 43.63 2.64
H12 XS1 EA . -19.95 44.46 6.37
H16 XS1 EA . -14.34 43.85 7.19
H15 XS1 EA . -15.16 43.98 8.77
H28 XS1 EA . -24.03 47.06 4.41
H30 XS1 EA . -23.17 51.01 5.85
H31 XS1 EA . -20.76 50.64 5.43
H32 XS1 EA . -19.96 48.51 4.47
CHA HEM FA . 18.27 24.96 -22.64
CHB HEM FA . 21.80 24.93 -25.86
CHC HEM FA . 21.44 20.16 -26.14
CHD HEM FA . 17.88 20.26 -22.97
C1A HEM FA . 19.35 25.33 -23.43
C2A HEM FA . 19.78 26.66 -23.57
C3A HEM FA . 20.84 26.66 -24.41
C4A HEM FA . 20.98 25.31 -24.80
CMA HEM FA . 21.65 27.85 -24.89
CAA HEM FA . 19.15 27.87 -22.89
CBA HEM FA . 20.21 28.38 -21.91
CGA HEM FA . 19.78 29.40 -20.86
O1A HEM FA . 20.06 30.59 -20.97
O2A HEM FA . 19.11 29.06 -19.71
C1B HEM FA . 21.95 23.59 -26.27
C2B HEM FA . 22.81 23.23 -27.39
C3B HEM FA . 22.78 21.88 -27.42
C4B HEM FA . 21.80 21.47 -26.36
CMB HEM FA . 23.61 24.17 -28.25
CAB HEM FA . 23.46 20.95 -28.37
CBB HEM FA . 23.58 21.24 -29.69
C1C HEM FA . 20.52 19.77 -25.20
C2C HEM FA . 20.23 18.40 -24.91
C3C HEM FA . 19.24 18.43 -23.94
C4C HEM FA . 18.97 19.82 -23.72
CMC HEM FA . 20.88 17.21 -25.57
CAC HEM FA . 18.51 17.35 -23.25
CBC HEM FA . 18.66 16.06 -23.43
C1D HEM FA . 17.61 21.61 -22.77
C2D HEM FA . 16.36 22.12 -22.22
C3D HEM FA . 16.60 23.37 -21.84
C4D HEM FA . 17.89 23.68 -22.41
CMD HEM FA . 15.09 21.33 -22.04
CAD HEM FA . 15.53 24.34 -21.34
CBD HEM FA . 14.56 24.69 -22.51
CGD HEM FA . 13.55 25.73 -22.04
O1D HEM FA . 12.61 25.43 -21.35
O2D HEM FA . 13.70 27.03 -22.37
NA HEM FA . 20.18 24.42 -24.10
NB HEM FA . 21.37 22.52 -25.67
NC HEM FA . 19.84 20.63 -24.35
ND HEM FA . 18.44 22.60 -23.01
FE HEM FA . 20.21 22.48 -24.02
C1 NAG GA . 3.17 22.02 -52.06
C2 NAG GA . 4.59 22.59 -52.16
C3 NAG GA . 5.15 22.54 -53.58
C4 NAG GA . 4.99 21.14 -54.17
C5 NAG GA . 3.53 20.68 -54.06
C6 NAG GA . 3.32 19.26 -54.53
C7 NAG GA . 5.37 24.22 -50.50
C8 NAG GA . 5.40 25.67 -50.10
N2 NAG GA . 4.68 23.94 -51.62
O3 NAG GA . 6.53 22.89 -53.54
O4 NAG GA . 5.43 21.14 -55.53
O5 NAG GA . 3.11 20.73 -52.69
O6 NAG GA . 4.06 18.33 -53.74
O7 NAG GA . 5.95 23.35 -49.84
C1 NAG HA . 31.25 29.65 -46.27
C2 NAG HA . 32.61 29.25 -45.73
C3 NAG HA . 33.53 28.97 -46.92
C4 NAG HA . 32.94 27.87 -47.79
C5 NAG HA . 31.52 28.23 -48.23
C6 NAG HA . 30.80 27.08 -48.89
C7 NAG HA . 33.36 30.23 -43.60
C8 NAG HA . 33.71 31.51 -42.90
N2 NAG HA . 33.14 30.33 -44.92
O3 NAG HA . 34.81 28.58 -46.43
O4 NAG HA . 33.75 27.68 -48.94
O5 NAG HA . 30.71 28.62 -47.10
O6 NAG HA . 29.69 27.53 -49.61
O7 NAG HA . 33.26 29.17 -43.00
CA CA IA . 4.64 19.33 -27.14
C13 XS1 JA . 17.67 29.97 -28.98
C18 XS1 JA . 15.21 33.02 -32.98
C17 XS1 JA . 15.61 34.30 -33.40
C16 XS1 JA . 16.90 34.76 -33.12
C15 XS1 JA . 17.79 33.93 -32.44
C19 XS1 JA . 16.10 32.19 -32.30
C20 XS1 JA . 17.41 32.64 -32.09
C21 XS1 JA . 19.15 33.96 -29.73
C22 XS1 JA . 21.60 33.95 -29.59
C23 XS1 JA . 21.15 34.56 -30.92
C24 XS1 JA . 21.07 36.10 -30.87
C11 XS1 JA . 16.61 30.67 -29.53
C12 XS1 JA . 18.06 29.11 -30.05
C27 XS1 JA . 23.04 37.44 -33.83
C1 XS1 JA . 16.84 29.21 -25.78
C2 XS1 JA . 16.34 28.16 -24.99
N1 XS1 JA . 16.74 26.88 -25.13
C3 XS1 JA . 17.65 26.70 -26.09
C4 XS1 JA . 18.21 27.66 -26.92
C5 XS1 JA . 17.79 28.99 -26.79
N2 XS1 JA . 15.42 28.48 -23.96
C6 XS1 JA . 18.30 30.15 -27.65
N3 XS1 JA . 18.21 25.53 -26.50
N4 XS1 JA . 19.08 25.73 -27.50
N5 XS1 JA . 19.10 27.03 -27.76
C7 XS1 JA . 19.84 30.24 -27.70
C8 XS1 JA . 20.38 31.40 -28.55
N6 XS1 JA . 20.22 32.67 -27.87
C9 XS1 JA . 20.31 33.86 -28.74
C10 XS1 JA . 19.78 33.86 -31.12
O1 XS1 JA . 19.01 34.48 -32.14
N7 XS1 JA . 16.47 30.24 -30.82
N8 XS1 JA . 17.32 29.25 -31.15
C14 XS1 JA . 15.62 30.83 -31.85
C25 XS1 JA . 21.39 36.71 -32.22
C26 XS1 JA . 22.73 36.89 -32.59
C28 XS1 JA . 22.01 37.78 -34.72
C29 XS1 JA . 20.68 37.60 -34.36
C30 XS1 JA . 20.37 37.08 -33.10
H19 XS1 JA . 14.19 32.70 -33.19
H18 XS1 JA . 14.91 34.94 -33.93
H17 XS1 JA . 17.18 35.75 -33.43
H20 XS1 JA . 18.12 31.97 -31.62
H21 XS1 JA . 18.38 33.19 -29.56
H22 XS1 JA . 18.63 34.92 -29.60
H24 XS1 JA . 22.04 32.97 -29.79
H23 XS1 JA . 22.37 34.54 -29.09
H25 XS1 JA . 21.83 34.25 -31.71
H26 XS1 JA . 21.80 36.49 -30.15
H27 XS1 JA . 20.09 36.45 -30.53
H13 XS1 JA . 15.98 31.47 -29.12
H14 XS1 JA . 18.87 28.40 -30.07
H29 XS1 JA . 24.08 37.58 -34.11
H1 XS1 JA . 16.48 30.23 -25.60
H2 XS1 JA . 15.07 27.64 -23.50
H3 XS1 JA . 14.69 29.11 -24.25
H4 XS1 JA . 17.93 31.08 -27.20
H5 XS1 JA . 18.06 24.59 -26.15
H6 XS1 JA . 20.26 29.30 -28.11
H7 XS1 JA . 20.24 30.30 -26.68
H9 XS1 JA . 19.90 31.37 -29.53
H8 XS1 JA . 21.45 31.21 -28.71
H33 XS1 JA . 19.32 32.71 -27.39
H11 XS1 JA . 20.27 34.74 -28.08
H12 XS1 JA . 20.00 32.82 -31.40
H16 XS1 JA . 14.61 30.88 -31.42
H15 XS1 JA . 15.62 30.14 -32.70
H28 XS1 JA . 23.53 36.61 -31.91
H30 XS1 JA . 22.25 38.20 -35.69
H31 XS1 JA . 19.88 37.87 -35.05
H32 XS1 JA . 19.33 36.97 -32.83
#